data_8YZ5
#
_entry.id   8YZ5
#
_cell.length_a   1.00
_cell.length_b   1.00
_cell.length_c   1.00
_cell.angle_alpha   90.00
_cell.angle_beta   90.00
_cell.angle_gamma   90.00
#
_symmetry.space_group_name_H-M   'P 1'
#
loop_
_entity.id
_entity.type
_entity.pdbx_description
1 polymer 'Spike glycoprotein'
2 polymer 'Fab heavy chain of JE-5C'
3 polymer 'Fab light chain of JE-5C'
#
loop_
_entity_poly.entity_id
_entity_poly.type
_entity_poly.pdbx_seq_one_letter_code
_entity_poly.pdbx_strand_id
1 'polypeptide(L)'
;MKVKLLVLLCTFTATYAGTQCVNLRTRTQLPPAYTNSFTRGVYYPDKVFRSSVLHSTQDLFLPFFSNVTWFHAIHVSGTN
GTKRFDNPVLPFNDGVYFASTEKSNIIRGWIFGTTLDSKTQSLLIVNNATNVVIKVCEFQFCNDPFLDVYYHKNNKSWME
SGVYSSANNCTFEYVSQPFLMDLEGKQGNFKNLREFVFKNIDGYFKIYSKHTPINLVRDLPQGFSALEPLVDLPIGINIT
RFQTLLALHRSYLTPGDSSSGWTAGAAAYYVGYLQPRTFLLKYNENGTITDAVDCALDPLSETKCTLKSFTVEKGIYQTS
NFRVQPTESIVRFPNITNLCPFGEVFNATRFASVYAWNRKRISNCVADYSVLYNSASFSTFKCYGVSPTKLNDLCFTNVY
ADSFVIRGDEVRQIAPGQTGKIADYNYKLPDDFTGCVIAWNSNNLDSKVGGNYNYRYRLFRKSNLKPFERDISTEIYQAG
SKPCNGVEGFNCYFPLQSYGFQPTNGVGYQPYRVVVLSFELLHAPATVCGPKKSTNLVKNKCVNFNFNGLTGTGVLTESN
KKFLPFQQFGRDIADTTDAVRDPQTLEILDITPCSFGGVSVITPGTNTSNQVAVLYQGVNCTEVPVAIHADQLTPTWRVY
STGSNVFQTRAGCLIGAEHVNNSYECDIPIGAGICASYQTQTNSRGSAGSVASQSIIAYTMSLGAENSVAYSNNSIAIPT
NFTISVTTEILPVSMTKTSVDCTMYICGDSTECSNLLLQYGSFCTQLNRALTGIAVEQDKNTQEVFAQVKQIYKTPPIKD
FGGFNFSQILPDPSKPSKRSFIEDLLFNKVTLADAGFIKQYGDCLGDIAARDLICAQKFNGLTVLPPLLTDEMIAQYTSA
LLAGTITSGWTFGAGAALQIPFAMQMAYRFNGIGVTQNVLYENQKLIANQFNSAIGKIQDSLSSTASALGKLQNVVNQNA
QALNTLVKQLSSNFGAISSVLNDILSRLDPPEAEVQIDRLITGRLQSLQTYVTQQLIRAAEIRASANLAATKMSECVLGQ
SKRVDFCGKGYHLMSFPQSAPHGVVFLHVTYVPAQEKNFTTAPAICHDGKAHFPREGVFVSNGTHWFVTQRNFYEPQIIT
TDNTFVSGNCDVVIGIVNNTVYDPLQPELDSFKEELDKYFKNHTSPDVDLGDISGINASVVNIQKEIDRLNEVAKNLNES
LIDLQELGKYEQDIRSLVPRGSPGSGYIPEAPRDGQAYVRKDGEWVLLSTFLGHHHHHH
;
C,A,D
2 'polypeptide(L)'
;EVQLLESGGGLVQPGGSLRLSCAASGVTVTSNYMSWVRQAPGKGLEWVSVIYSGGSTYYADSVKGRFTISRHNSKNTLYL
QMNSLRAEDTAVYYCARDLREAGGMDVWGQGTTVTVSSA
;
G,I
3 'polypeptide(L)'
;DIVMTQSPSSLSASVGDRVTITCQASQDINNYLNWYQQKPGKAPKLLIYDASNLETGVPSRFSGSGSGTDFTFTISSLQP
EDIATYYCQQFDNLPWTFGQGTKVEIR
;
K,J
#
# COMPACT_ATOMS: atom_id res chain seq x y z
N THR A 26 -60.56 -16.93 -39.00
CA THR A 26 -61.23 -17.32 -37.77
C THR A 26 -60.23 -17.55 -36.64
N ARG A 27 -59.37 -16.57 -36.41
CA ARG A 27 -58.35 -16.65 -35.37
C ARG A 27 -58.87 -15.99 -34.10
N THR A 28 -59.01 -16.77 -33.03
CA THR A 28 -59.50 -16.29 -31.75
C THR A 28 -58.52 -16.68 -30.66
N GLN A 29 -58.26 -15.76 -29.74
CA GLN A 29 -57.29 -15.96 -28.67
C GLN A 29 -58.00 -16.21 -27.35
N LEU A 30 -57.64 -17.31 -26.70
CA LEU A 30 -58.16 -17.64 -25.39
C LEU A 30 -57.49 -16.78 -24.32
N PRO A 31 -58.13 -16.63 -23.14
CA PRO A 31 -57.53 -15.84 -22.09
C PRO A 31 -56.19 -16.43 -21.67
N PRO A 32 -55.22 -15.58 -21.31
CA PRO A 32 -53.89 -16.08 -20.96
C PRO A 32 -53.82 -16.64 -19.54
N ALA A 33 -54.21 -17.90 -19.37
CA ALA A 33 -54.18 -18.52 -18.06
C ALA A 33 -52.76 -18.58 -17.52
N TYR A 34 -52.62 -18.33 -16.23
CA TYR A 34 -51.32 -18.28 -15.56
C TYR A 34 -51.25 -19.39 -14.51
N THR A 35 -50.02 -19.77 -14.16
CA THR A 35 -49.80 -20.82 -13.18
C THR A 35 -48.59 -20.45 -12.34
N ASN A 36 -48.49 -21.04 -11.15
CA ASN A 36 -47.38 -20.78 -10.23
C ASN A 36 -46.39 -21.94 -10.27
N SER A 37 -45.11 -21.60 -10.39
CA SER A 37 -44.02 -22.56 -10.35
C SER A 37 -43.45 -22.61 -8.94
N PHE A 38 -43.49 -23.80 -8.33
CA PHE A 38 -43.02 -23.96 -6.95
C PHE A 38 -41.51 -24.12 -6.87
N THR A 39 -41.00 -25.24 -7.39
CA THR A 39 -39.59 -25.60 -7.26
C THR A 39 -39.01 -26.09 -8.58
N ARG A 40 -39.45 -25.52 -9.69
CA ARG A 40 -39.00 -25.93 -11.01
C ARG A 40 -37.91 -25.00 -11.52
N GLY A 41 -36.91 -25.57 -12.16
CA GLY A 41 -35.85 -24.80 -12.80
C GLY A 41 -34.46 -24.95 -12.22
N VAL A 42 -34.19 -26.01 -11.45
CA VAL A 42 -32.88 -26.23 -10.86
C VAL A 42 -31.99 -26.95 -11.86
N TYR A 43 -30.79 -26.42 -12.08
CA TYR A 43 -29.88 -27.04 -13.03
C TYR A 43 -28.44 -26.74 -12.64
N TYR A 44 -27.54 -27.55 -13.19
CA TYR A 44 -26.11 -27.38 -12.93
C TYR A 44 -25.62 -26.12 -13.63
N PRO A 45 -24.99 -25.18 -12.90
CA PRO A 45 -24.60 -23.91 -13.52
C PRO A 45 -23.47 -24.01 -14.53
N ASP A 46 -22.73 -25.13 -14.55
CA ASP A 46 -21.57 -25.26 -15.43
C ASP A 46 -21.35 -26.73 -15.71
N LYS A 47 -20.27 -27.03 -16.44
CA LYS A 47 -19.91 -28.40 -16.77
C LYS A 47 -19.06 -29.05 -15.69
N VAL A 48 -18.74 -28.34 -14.61
CA VAL A 48 -17.90 -28.87 -13.55
C VAL A 48 -18.77 -29.57 -12.53
N PHE A 49 -18.41 -30.81 -12.19
CA PHE A 49 -19.16 -31.61 -11.23
C PHE A 49 -18.57 -31.43 -9.84
N ARG A 50 -19.43 -31.56 -8.83
CA ARG A 50 -19.04 -31.33 -7.45
C ARG A 50 -19.67 -32.41 -6.59
N SER A 51 -19.13 -32.61 -5.40
CA SER A 51 -19.61 -33.65 -4.50
C SER A 51 -19.55 -33.18 -3.06
N SER A 52 -20.65 -33.35 -2.33
CA SER A 52 -20.75 -33.04 -0.91
C SER A 52 -20.35 -31.58 -0.60
N VAL A 53 -20.87 -30.65 -1.39
CA VAL A 53 -20.60 -29.23 -1.21
C VAL A 53 -21.92 -28.48 -1.09
N LEU A 54 -21.82 -27.22 -0.64
CA LEU A 54 -22.94 -26.29 -0.57
C LEU A 54 -22.47 -25.03 -1.28
N HIS A 55 -22.69 -24.97 -2.59
CA HIS A 55 -22.06 -23.96 -3.42
C HIS A 55 -23.07 -22.90 -3.86
N SER A 56 -22.63 -21.65 -3.89
CA SER A 56 -23.44 -20.53 -4.36
C SER A 56 -23.00 -20.12 -5.76
N THR A 57 -23.96 -19.66 -6.56
CA THR A 57 -23.65 -19.14 -7.88
C THR A 57 -24.70 -18.12 -8.31
N GLN A 58 -24.24 -17.09 -9.01
CA GLN A 58 -25.09 -16.06 -9.58
C GLN A 58 -25.34 -16.42 -11.04
N ASP A 59 -26.58 -16.79 -11.36
CA ASP A 59 -26.90 -17.18 -12.72
C ASP A 59 -28.36 -16.85 -13.01
N LEU A 60 -28.71 -16.91 -14.29
CA LEU A 60 -30.08 -16.71 -14.71
C LEU A 60 -30.89 -17.96 -14.37
N PHE A 61 -31.88 -17.81 -13.51
CA PHE A 61 -32.65 -18.94 -12.99
C PHE A 61 -34.14 -18.67 -13.14
N LEU A 62 -34.94 -19.57 -12.58
CA LEU A 62 -36.35 -19.33 -12.35
C LEU A 62 -36.54 -19.08 -10.87
N PRO A 63 -36.91 -17.88 -10.44
CA PRO A 63 -37.15 -17.64 -9.01
C PRO A 63 -38.24 -18.58 -8.50
N PHE A 64 -38.06 -19.02 -7.26
CA PHE A 64 -39.02 -19.95 -6.66
C PHE A 64 -40.38 -19.29 -6.54
N PHE A 65 -41.43 -20.09 -6.76
CA PHE A 65 -42.81 -19.62 -6.64
C PHE A 65 -43.04 -18.42 -7.57
N SER A 66 -42.83 -18.65 -8.86
CA SER A 66 -42.88 -17.59 -9.86
C SER A 66 -44.07 -17.79 -10.80
N ASN A 67 -44.20 -16.87 -11.76
CA ASN A 67 -45.25 -16.91 -12.75
C ASN A 67 -44.81 -17.69 -13.98
N VAL A 68 -45.68 -18.56 -14.48
CA VAL A 68 -45.48 -19.24 -15.75
C VAL A 68 -46.75 -19.10 -16.57
N THR A 69 -46.59 -18.73 -17.85
CA THR A 69 -47.72 -18.63 -18.75
C THR A 69 -48.07 -20.02 -19.26
N TRP A 70 -49.29 -20.46 -18.98
CA TRP A 70 -49.74 -21.82 -19.30
C TRP A 70 -50.80 -21.72 -20.39
N PHE A 71 -50.43 -22.15 -21.60
CA PHE A 71 -51.25 -21.97 -22.78
C PHE A 71 -51.88 -23.29 -23.18
N HIS A 72 -53.13 -23.22 -23.66
CA HIS A 72 -53.94 -24.38 -23.99
C HIS A 72 -54.26 -24.41 -25.48
N ALA A 73 -54.66 -25.59 -25.95
CA ALA A 73 -55.27 -25.77 -27.26
C ALA A 73 -56.42 -26.76 -27.16
N ILE A 74 -57.24 -26.62 -26.12
CA ILE A 74 -58.27 -27.60 -25.77
C ILE A 74 -59.64 -27.02 -26.07
N HIS A 75 -60.54 -27.88 -26.53
CA HIS A 75 -61.93 -27.48 -26.82
C HIS A 75 -62.63 -26.94 -25.58
N LYS A 83 -60.99 -22.33 -35.30
CA LYS A 83 -61.65 -21.25 -34.57
C LYS A 83 -60.90 -20.93 -33.29
N ARG A 84 -60.76 -21.94 -32.43
CA ARG A 84 -60.04 -21.79 -31.17
C ARG A 84 -58.55 -22.08 -31.36
N PHE A 85 -57.91 -21.21 -32.16
CA PHE A 85 -56.51 -21.37 -32.54
C PHE A 85 -55.70 -20.26 -31.86
N ASP A 86 -54.81 -20.65 -30.95
CA ASP A 86 -53.96 -19.70 -30.25
C ASP A 86 -52.60 -19.60 -30.91
N ASN A 87 -52.03 -18.39 -30.88
CA ASN A 87 -50.72 -18.10 -31.48
C ASN A 87 -49.86 -17.30 -30.51
N PRO A 88 -49.43 -17.90 -29.40
CA PRO A 88 -48.65 -17.15 -28.40
C PRO A 88 -47.23 -16.89 -28.89
N VAL A 89 -46.78 -15.65 -28.74
CA VAL A 89 -45.44 -15.22 -29.13
C VAL A 89 -44.82 -14.52 -27.93
N LEU A 90 -43.60 -14.91 -27.58
CA LEU A 90 -43.00 -14.38 -26.36
C LEU A 90 -41.58 -13.90 -26.60
N PRO A 91 -41.15 -12.87 -25.87
CA PRO A 91 -39.80 -12.33 -26.06
C PRO A 91 -38.72 -13.21 -25.43
N PHE A 92 -37.50 -13.01 -25.92
CA PHE A 92 -36.32 -13.76 -25.49
C PHE A 92 -35.20 -12.80 -25.10
N ASN A 93 -35.53 -11.79 -24.27
CA ASN A 93 -34.50 -10.87 -23.80
C ASN A 93 -33.58 -11.53 -22.79
N ASP A 94 -34.17 -12.09 -21.73
CA ASP A 94 -33.40 -12.69 -20.64
C ASP A 94 -33.38 -14.22 -20.67
N GLY A 95 -34.41 -14.85 -21.23
CA GLY A 95 -34.47 -16.30 -21.25
C GLY A 95 -35.76 -16.81 -20.63
N VAL A 96 -36.20 -17.99 -21.04
CA VAL A 96 -37.48 -18.56 -20.61
C VAL A 96 -37.32 -20.06 -20.44
N TYR A 97 -38.35 -20.68 -19.86
CA TYR A 97 -38.49 -22.12 -19.79
C TYR A 97 -39.55 -22.60 -20.77
N PHE A 98 -39.45 -23.86 -21.16
CA PHE A 98 -40.47 -24.52 -21.96
C PHE A 98 -40.77 -25.88 -21.33
N ALA A 99 -42.00 -26.06 -20.87
CA ALA A 99 -42.40 -27.26 -20.15
C ALA A 99 -43.57 -27.90 -20.88
N SER A 100 -43.43 -29.17 -21.21
CA SER A 100 -44.48 -29.95 -21.85
C SER A 100 -44.82 -31.14 -20.96
N THR A 101 -46.11 -31.32 -20.68
CA THR A 101 -46.61 -32.48 -19.94
C THR A 101 -47.74 -33.07 -20.79
N GLU A 102 -47.37 -33.93 -21.73
CA GLU A 102 -48.34 -34.55 -22.62
C GLU A 102 -47.69 -35.78 -23.24
N LYS A 103 -48.54 -36.64 -23.81
CA LYS A 103 -48.11 -37.91 -24.38
C LYS A 103 -48.02 -37.90 -25.90
N SER A 104 -48.84 -37.07 -26.57
CA SER A 104 -48.87 -37.07 -28.03
C SER A 104 -47.66 -36.37 -28.65
N ASN A 105 -46.98 -35.52 -27.89
CA ASN A 105 -45.81 -34.77 -28.39
C ASN A 105 -46.19 -33.98 -29.64
N ILE A 106 -47.25 -33.18 -29.53
CA ILE A 106 -47.69 -32.39 -30.67
C ILE A 106 -46.70 -31.26 -30.96
N ILE A 107 -46.25 -30.56 -29.92
CA ILE A 107 -45.31 -29.46 -30.10
C ILE A 107 -43.94 -30.02 -30.44
N ARG A 108 -43.35 -29.54 -31.53
CA ARG A 108 -42.09 -30.09 -32.03
C ARG A 108 -40.99 -29.08 -32.25
N GLY A 109 -41.26 -27.77 -32.17
CA GLY A 109 -40.17 -26.86 -32.47
C GLY A 109 -40.50 -25.42 -32.16
N TRP A 110 -39.52 -24.57 -32.49
CA TRP A 110 -39.60 -23.14 -32.21
C TRP A 110 -39.11 -22.34 -33.41
N ILE A 111 -39.63 -21.12 -33.52
CA ILE A 111 -39.26 -20.16 -34.55
C ILE A 111 -38.72 -18.94 -33.84
N PHE A 112 -37.50 -18.54 -34.15
CA PHE A 112 -36.81 -17.45 -33.47
C PHE A 112 -36.56 -16.31 -34.46
N GLY A 113 -36.68 -15.08 -33.98
CA GLY A 113 -36.33 -13.95 -34.84
C GLY A 113 -36.87 -12.65 -34.29
N THR A 114 -37.07 -11.70 -35.20
CA THR A 114 -37.62 -10.39 -34.89
C THR A 114 -38.91 -10.11 -35.65
N THR A 115 -38.94 -10.38 -36.95
CA THR A 115 -40.15 -10.20 -37.76
C THR A 115 -40.56 -11.44 -38.53
N LEU A 116 -39.69 -12.45 -38.65
CA LEU A 116 -39.99 -13.70 -39.35
C LEU A 116 -40.39 -13.45 -40.80
N ASP A 117 -39.52 -12.74 -41.52
CA ASP A 117 -39.76 -12.44 -42.93
C ASP A 117 -38.41 -12.31 -43.63
N SER A 118 -38.41 -11.73 -44.82
CA SER A 118 -37.19 -11.57 -45.61
C SER A 118 -36.22 -10.57 -44.99
N LYS A 119 -36.69 -9.71 -44.09
CA LYS A 119 -35.81 -8.69 -43.51
C LYS A 119 -34.72 -9.31 -42.65
N THR A 120 -35.09 -10.22 -41.76
CA THR A 120 -34.15 -10.87 -40.85
C THR A 120 -34.17 -12.37 -41.09
N GLN A 121 -32.98 -12.97 -41.10
CA GLN A 121 -32.87 -14.42 -41.22
C GLN A 121 -33.47 -15.08 -39.99
N SER A 122 -34.50 -15.89 -40.20
CA SER A 122 -35.30 -16.44 -39.11
C SER A 122 -34.82 -17.85 -38.76
N LEU A 123 -34.61 -18.09 -37.48
CA LEU A 123 -34.17 -19.40 -37.01
C LEU A 123 -35.36 -20.35 -36.89
N LEU A 124 -35.15 -21.59 -37.29
CA LEU A 124 -36.14 -22.65 -37.21
C LEU A 124 -35.49 -23.86 -36.57
N ILE A 125 -36.01 -24.29 -35.42
CA ILE A 125 -35.53 -25.50 -34.76
C ILE A 125 -36.70 -26.47 -34.68
N VAL A 126 -36.50 -27.68 -35.21
CA VAL A 126 -37.55 -28.69 -35.26
C VAL A 126 -36.97 -30.03 -34.84
N ASN A 127 -37.65 -30.70 -33.91
CA ASN A 127 -37.26 -32.04 -33.45
C ASN A 127 -38.45 -32.96 -33.68
N ASN A 128 -38.28 -33.94 -34.59
CA ASN A 128 -39.33 -34.90 -34.92
C ASN A 128 -39.26 -36.15 -34.07
N ALA A 129 -38.76 -36.04 -32.85
CA ALA A 129 -38.57 -37.13 -31.89
C ALA A 129 -37.50 -38.13 -32.33
N THR A 130 -36.72 -37.79 -33.35
CA THR A 130 -35.56 -38.59 -33.75
C THR A 130 -34.29 -37.77 -33.85
N ASN A 131 -34.38 -36.52 -34.31
CA ASN A 131 -33.21 -35.66 -34.45
C ASN A 131 -33.68 -34.21 -34.55
N VAL A 132 -32.74 -33.29 -34.33
CA VAL A 132 -33.02 -31.86 -34.28
C VAL A 132 -32.39 -31.19 -35.50
N VAL A 133 -33.17 -30.36 -36.18
CA VAL A 133 -32.72 -29.64 -37.37
C VAL A 133 -32.91 -28.15 -37.12
N ILE A 134 -31.86 -27.37 -37.39
CA ILE A 134 -31.87 -25.91 -37.22
C ILE A 134 -31.48 -25.28 -38.55
N LYS A 135 -32.30 -24.33 -39.01
CA LYS A 135 -32.03 -23.62 -40.25
C LYS A 135 -32.37 -22.15 -40.08
N VAL A 136 -31.47 -21.28 -40.52
CA VAL A 136 -31.68 -19.83 -40.47
C VAL A 136 -31.53 -19.32 -41.90
N CYS A 137 -32.64 -19.28 -42.64
CA CYS A 137 -32.63 -18.85 -44.04
C CYS A 137 -33.88 -18.02 -44.31
N GLU A 138 -34.09 -17.72 -45.59
CA GLU A 138 -35.26 -16.95 -46.02
C GLU A 138 -36.44 -17.88 -46.24
N PHE A 139 -36.98 -18.36 -45.13
CA PHE A 139 -38.17 -19.21 -45.17
C PHE A 139 -39.41 -18.34 -45.31
N GLN A 140 -40.16 -18.55 -46.39
CA GLN A 140 -41.39 -17.80 -46.64
C GLN A 140 -42.50 -18.39 -45.79
N PHE A 141 -42.48 -18.03 -44.50
CA PHE A 141 -43.47 -18.53 -43.57
C PHE A 141 -44.84 -17.98 -43.90
N CYS A 142 -45.86 -18.82 -43.73
CA CYS A 142 -47.23 -18.43 -44.02
C CYS A 142 -47.73 -17.42 -43.00
N ASN A 143 -48.85 -16.76 -43.34
CA ASN A 143 -49.45 -15.79 -42.43
C ASN A 143 -49.94 -16.47 -41.16
N ASP A 144 -50.39 -17.72 -41.27
CA ASP A 144 -50.84 -18.52 -40.13
C ASP A 144 -50.03 -19.81 -40.15
N PRO A 145 -48.77 -19.77 -39.72
CA PRO A 145 -47.93 -20.97 -39.81
C PRO A 145 -48.31 -22.02 -38.78
N PHE A 146 -48.14 -23.28 -39.15
CA PHE A 146 -48.32 -24.42 -38.27
C PHE A 146 -47.65 -25.63 -38.93
N LEU A 147 -47.48 -26.69 -38.15
CA LEU A 147 -46.86 -27.92 -38.64
C LEU A 147 -47.92 -28.83 -39.27
N ASP A 148 -48.49 -28.36 -40.37
CA ASP A 148 -49.44 -29.16 -41.12
C ASP A 148 -48.75 -30.14 -42.05
N VAL A 149 -49.01 -31.43 -41.84
CA VAL A 149 -48.42 -32.50 -42.64
C VAL A 149 -49.51 -33.44 -43.10
N TYR A 150 -49.21 -34.20 -44.16
CA TYR A 150 -50.18 -35.11 -44.77
C TYR A 150 -49.43 -36.34 -45.26
N TYR A 151 -50.11 -37.14 -46.08
CA TYR A 151 -49.55 -38.36 -46.65
C TYR A 151 -49.13 -39.33 -45.55
N HIS A 152 -49.98 -39.45 -44.53
CA HIS A 152 -49.77 -40.43 -43.47
C HIS A 152 -50.50 -41.74 -43.70
N GLY A 162 -44.94 -28.99 -43.72
CA GLY A 162 -44.34 -28.19 -44.77
C GLY A 162 -44.52 -26.70 -44.53
N VAL A 163 -43.62 -26.12 -43.72
CA VAL A 163 -43.70 -24.70 -43.42
C VAL A 163 -43.18 -23.83 -44.56
N TYR A 164 -42.41 -24.40 -45.49
CA TYR A 164 -41.80 -23.64 -46.56
C TYR A 164 -42.02 -24.35 -47.89
N SER A 165 -41.95 -23.58 -48.97
CA SER A 165 -41.93 -24.11 -50.32
C SER A 165 -40.52 -24.21 -50.89
N SER A 166 -39.64 -23.28 -50.51
CA SER A 166 -38.25 -23.32 -50.93
C SER A 166 -37.40 -22.59 -49.90
N ALA A 167 -36.10 -22.86 -49.93
CA ALA A 167 -35.16 -22.25 -49.01
C ALA A 167 -33.87 -21.91 -49.75
N ASN A 168 -33.35 -20.70 -49.50
CA ASN A 168 -32.13 -20.22 -50.14
C ASN A 168 -31.70 -18.94 -49.44
N ASN A 169 -30.60 -18.36 -49.92
CA ASN A 169 -30.11 -17.06 -49.47
C ASN A 169 -29.75 -17.08 -47.98
N CYS A 170 -28.94 -18.06 -47.59
CA CYS A 170 -28.46 -18.14 -46.22
C CYS A 170 -27.08 -18.77 -46.19
N THR A 171 -26.40 -18.59 -45.06
CA THR A 171 -25.09 -19.18 -44.83
C THR A 171 -25.06 -20.10 -43.62
N PHE A 172 -26.22 -20.51 -43.10
CA PHE A 172 -26.30 -21.34 -41.91
C PHE A 172 -27.21 -22.53 -42.14
N GLU A 173 -26.85 -23.65 -41.52
CA GLU A 173 -27.61 -24.88 -41.54
C GLU A 173 -26.99 -25.85 -40.55
N TYR A 174 -27.82 -26.62 -39.85
CA TYR A 174 -27.31 -27.61 -38.90
C TYR A 174 -28.31 -28.74 -38.74
N VAL A 175 -27.79 -29.96 -38.68
CA VAL A 175 -28.58 -31.15 -38.38
C VAL A 175 -27.91 -31.88 -37.23
N SER A 176 -28.64 -32.10 -36.15
CA SER A 176 -28.07 -32.77 -34.99
C SER A 176 -27.93 -34.26 -35.27
N GLN A 177 -26.96 -34.87 -34.59
CA GLN A 177 -26.77 -36.31 -34.70
C GLN A 177 -27.94 -37.04 -34.04
N PRO A 178 -28.33 -38.20 -34.56
CA PRO A 178 -29.52 -38.88 -34.05
C PRO A 178 -29.35 -39.32 -32.61
N PHE A 179 -30.46 -39.31 -31.88
CA PHE A 179 -30.48 -39.71 -30.47
C PHE A 179 -31.78 -40.46 -30.21
N LEU A 180 -31.77 -41.23 -29.12
CA LEU A 180 -32.88 -42.12 -28.78
C LEU A 180 -33.82 -41.38 -27.84
N MET A 181 -34.96 -40.96 -28.36
CA MET A 181 -36.05 -40.45 -27.53
C MET A 181 -36.97 -41.62 -27.14
N ASP A 182 -37.49 -41.56 -25.93
CA ASP A 182 -38.39 -42.62 -25.45
C ASP A 182 -39.72 -42.50 -26.18
N LEU A 183 -39.87 -43.28 -27.25
CA LEU A 183 -41.07 -43.25 -28.06
C LEU A 183 -42.09 -44.31 -27.65
N GLU A 184 -41.83 -45.04 -26.56
CA GLU A 184 -42.77 -46.03 -26.08
C GLU A 184 -44.06 -45.35 -25.64
N GLY A 185 -45.19 -45.87 -26.10
CA GLY A 185 -46.48 -45.22 -25.85
C GLY A 185 -47.15 -45.64 -24.57
N LYS A 186 -47.47 -44.66 -23.72
CA LYS A 186 -48.23 -44.89 -22.50
C LYS A 186 -49.68 -44.50 -22.71
N GLN A 187 -50.55 -45.08 -21.89
CA GLN A 187 -51.99 -44.83 -21.93
C GLN A 187 -52.45 -44.27 -20.61
N GLY A 188 -53.67 -43.73 -20.61
CA GLY A 188 -54.26 -43.18 -19.41
C GLY A 188 -53.85 -41.75 -19.11
N ASN A 189 -53.26 -41.53 -17.94
CA ASN A 189 -52.87 -40.19 -17.52
C ASN A 189 -51.54 -39.80 -18.18
N PHE A 190 -51.22 -38.51 -18.06
CA PHE A 190 -50.04 -37.97 -18.73
C PHE A 190 -48.79 -38.38 -17.97
N LYS A 191 -47.86 -39.06 -18.66
CA LYS A 191 -46.71 -39.68 -18.01
C LYS A 191 -45.38 -39.23 -18.62
N ASN A 192 -45.32 -38.04 -19.20
CA ASN A 192 -44.09 -37.53 -19.78
C ASN A 192 -43.89 -36.08 -19.38
N LEU A 193 -42.62 -35.68 -19.23
CA LEU A 193 -42.26 -34.31 -18.89
C LEU A 193 -41.05 -33.89 -19.70
N ARG A 194 -41.16 -32.74 -20.37
CA ARG A 194 -40.11 -32.17 -21.18
C ARG A 194 -39.81 -30.76 -20.68
N GLU A 195 -38.54 -30.48 -20.41
CA GLU A 195 -38.11 -29.15 -19.97
C GLU A 195 -36.97 -28.69 -20.87
N PHE A 196 -37.09 -27.48 -21.41
CA PHE A 196 -36.09 -26.92 -22.30
C PHE A 196 -35.77 -25.48 -21.89
N VAL A 197 -34.49 -25.14 -21.92
CA VAL A 197 -34.01 -23.83 -21.51
C VAL A 197 -33.04 -23.33 -22.57
N PHE A 198 -33.14 -22.04 -22.90
CA PHE A 198 -32.22 -21.39 -23.84
C PHE A 198 -31.53 -20.25 -23.08
N LYS A 199 -30.26 -20.43 -22.76
CA LYS A 199 -29.48 -19.39 -22.11
C LYS A 199 -28.60 -18.67 -23.11
N ASN A 200 -28.31 -17.40 -22.82
CA ASN A 200 -27.53 -16.53 -23.69
C ASN A 200 -26.25 -16.13 -22.95
N ILE A 201 -25.20 -16.92 -23.11
CA ILE A 201 -23.91 -16.67 -22.47
C ILE A 201 -23.05 -15.92 -23.49
N ASP A 202 -22.98 -14.59 -23.34
CA ASP A 202 -22.13 -13.74 -24.16
C ASP A 202 -22.36 -13.98 -25.66
N GLY A 203 -23.63 -14.07 -26.04
CA GLY A 203 -24.00 -14.27 -27.43
C GLY A 203 -24.10 -15.71 -27.87
N TYR A 204 -23.61 -16.65 -27.06
CA TYR A 204 -23.68 -18.07 -27.38
C TYR A 204 -24.94 -18.64 -26.75
N PHE A 205 -25.78 -19.28 -27.56
CA PHE A 205 -27.09 -19.73 -27.09
C PHE A 205 -27.03 -21.22 -26.75
N LYS A 206 -27.02 -21.52 -25.46
CA LYS A 206 -26.90 -22.90 -24.99
C LYS A 206 -28.28 -23.44 -24.66
N ILE A 207 -28.58 -24.64 -25.19
CA ILE A 207 -29.86 -25.29 -25.01
C ILE A 207 -29.68 -26.43 -24.01
N TYR A 208 -30.46 -26.37 -22.93
CA TYR A 208 -30.45 -27.36 -21.86
C TYR A 208 -31.76 -28.12 -21.90
N SER A 209 -31.71 -29.42 -21.62
CA SER A 209 -32.88 -30.27 -21.75
C SER A 209 -33.00 -31.18 -20.52
N LYS A 210 -34.24 -31.60 -20.27
CA LYS A 210 -34.53 -32.55 -19.20
C LYS A 210 -35.82 -33.27 -19.58
N HIS A 211 -35.71 -34.55 -19.95
CA HIS A 211 -36.85 -35.34 -20.37
C HIS A 211 -36.99 -36.52 -19.42
N THR A 212 -38.12 -36.58 -18.71
CA THR A 212 -38.27 -37.61 -17.69
C THR A 212 -39.73 -38.05 -17.60
N PRO A 213 -39.97 -39.31 -17.24
CA PRO A 213 -41.35 -39.75 -16.98
C PRO A 213 -41.81 -39.31 -15.59
N ILE A 214 -43.00 -38.73 -15.55
CA ILE A 214 -43.60 -38.20 -14.33
C ILE A 214 -45.04 -38.74 -14.26
N ASN A 215 -45.69 -38.57 -13.11
CA ASN A 215 -47.07 -39.00 -12.92
C ASN A 215 -47.88 -37.79 -12.45
N LEU A 216 -48.51 -37.10 -13.41
CA LEU A 216 -49.33 -35.94 -13.07
C LEU A 216 -50.51 -36.36 -12.22
N VAL A 217 -50.90 -35.50 -11.28
CA VAL A 217 -51.94 -35.81 -10.30
C VAL A 217 -53.17 -34.91 -10.48
N ARG A 218 -53.01 -33.62 -10.23
CA ARG A 218 -54.16 -32.70 -10.21
C ARG A 218 -53.79 -31.39 -10.91
N ASP A 219 -53.13 -31.51 -12.06
CA ASP A 219 -52.79 -30.40 -12.94
C ASP A 219 -51.94 -29.33 -12.26
N LEU A 220 -51.37 -29.62 -11.10
CA LEU A 220 -50.54 -28.68 -10.35
C LEU A 220 -49.13 -29.24 -10.23
N PRO A 221 -48.15 -28.68 -10.94
CA PRO A 221 -46.85 -29.35 -11.05
C PRO A 221 -46.08 -29.34 -9.73
N GLN A 222 -45.65 -30.52 -9.30
CA GLN A 222 -44.68 -30.71 -8.23
C GLN A 222 -43.52 -31.54 -8.76
N GLY A 223 -42.46 -31.62 -7.98
CA GLY A 223 -41.35 -32.49 -8.30
C GLY A 223 -40.02 -31.87 -7.94
N PHE A 224 -38.95 -32.54 -8.38
CA PHE A 224 -37.58 -32.12 -8.11
C PHE A 224 -36.61 -32.86 -9.01
N SER A 225 -35.75 -32.11 -9.72
CA SER A 225 -34.77 -32.71 -10.63
C SER A 225 -33.74 -31.65 -10.98
N ALA A 226 -32.87 -31.98 -11.93
CA ALA A 226 -31.83 -31.08 -12.40
C ALA A 226 -31.72 -31.18 -13.91
N LEU A 227 -31.34 -30.08 -14.55
CA LEU A 227 -31.26 -30.01 -16.00
C LEU A 227 -29.80 -30.13 -16.43
N GLU A 228 -29.53 -31.09 -17.32
CA GLU A 228 -28.23 -31.31 -17.94
C GLU A 228 -28.13 -30.52 -19.23
N PRO A 229 -26.99 -29.88 -19.50
CA PRO A 229 -26.84 -29.14 -20.76
C PRO A 229 -26.82 -30.09 -21.94
N LEU A 230 -27.57 -29.73 -22.99
CA LEU A 230 -27.71 -30.58 -24.15
C LEU A 230 -26.79 -30.17 -25.30
N VAL A 231 -26.87 -28.92 -25.74
CA VAL A 231 -26.14 -28.50 -26.95
C VAL A 231 -25.87 -27.01 -26.82
N ASP A 232 -24.97 -26.50 -27.66
CA ASP A 232 -24.69 -25.07 -27.71
C ASP A 232 -24.73 -24.60 -29.16
N LEU A 233 -25.13 -23.34 -29.33
CA LEU A 233 -25.13 -22.67 -30.63
C LEU A 233 -24.15 -21.51 -30.54
N PRO A 234 -22.94 -21.68 -31.06
CA PRO A 234 -21.93 -20.61 -31.02
C PRO A 234 -22.00 -19.72 -32.27
N ILE A 235 -23.12 -19.03 -32.44
CA ILE A 235 -23.31 -18.17 -33.59
C ILE A 235 -22.96 -16.73 -33.21
N GLY A 236 -23.63 -16.21 -32.20
CA GLY A 236 -23.39 -14.85 -31.74
C GLY A 236 -24.32 -13.81 -32.29
N ILE A 237 -25.49 -14.19 -32.80
CA ILE A 237 -26.48 -13.25 -33.32
C ILE A 237 -27.67 -13.23 -32.36
N ASN A 238 -27.95 -12.08 -31.79
CA ASN A 238 -29.02 -11.95 -30.81
C ASN A 238 -30.39 -12.12 -31.48
N ILE A 239 -31.29 -12.78 -30.76
CA ILE A 239 -32.65 -13.02 -31.23
C ILE A 239 -33.62 -12.35 -30.26
N THR A 240 -34.59 -11.62 -30.80
CA THR A 240 -35.49 -10.83 -29.96
C THR A 240 -36.59 -11.69 -29.35
N ARG A 241 -37.42 -12.33 -30.17
CA ARG A 241 -38.54 -13.08 -29.64
C ARG A 241 -38.71 -14.38 -30.41
N PHE A 242 -39.70 -15.17 -29.98
CA PHE A 242 -39.87 -16.53 -30.47
C PHE A 242 -41.35 -16.91 -30.46
N GLN A 243 -41.64 -17.96 -31.23
CA GLN A 243 -42.96 -18.57 -31.31
C GLN A 243 -42.80 -20.08 -31.22
N THR A 244 -43.77 -20.74 -30.59
CA THR A 244 -43.77 -22.18 -30.45
C THR A 244 -44.66 -22.81 -31.52
N LEU A 245 -44.30 -24.01 -31.96
CA LEU A 245 -45.01 -24.67 -33.04
C LEU A 245 -46.14 -25.55 -32.50
N LEU A 246 -47.33 -25.38 -33.05
CA LEU A 246 -48.48 -26.23 -32.77
C LEU A 246 -48.82 -26.99 -34.03
N ALA A 247 -48.81 -28.32 -33.94
CA ALA A 247 -48.90 -29.18 -35.10
C ALA A 247 -50.33 -29.69 -35.33
N LEU A 248 -50.57 -30.15 -36.56
CA LEU A 248 -51.81 -30.83 -36.93
C LEU A 248 -51.44 -32.19 -37.50
N HIS A 249 -52.04 -33.25 -36.94
CA HIS A 249 -51.68 -34.61 -37.30
C HIS A 249 -52.93 -35.42 -37.60
N ARG A 250 -52.84 -36.27 -38.62
CA ARG A 250 -53.94 -37.12 -39.03
C ARG A 250 -53.40 -38.50 -39.37
N SER A 251 -54.20 -39.52 -39.08
CA SER A 251 -53.80 -40.90 -39.32
C SER A 251 -53.68 -41.20 -40.82
N SER A 259 -57.07 -27.23 -46.24
CA SER A 259 -57.73 -26.34 -45.28
C SER A 259 -58.61 -27.15 -44.32
N SER A 260 -59.55 -27.90 -44.88
CA SER A 260 -60.46 -28.73 -44.09
C SER A 260 -59.99 -30.17 -43.98
N GLY A 261 -58.80 -30.48 -44.50
CA GLY A 261 -58.25 -31.82 -44.44
C GLY A 261 -57.22 -32.06 -43.37
N TRP A 262 -56.97 -31.09 -42.49
CA TRP A 262 -56.00 -31.22 -41.42
C TRP A 262 -56.72 -31.17 -40.08
N THR A 263 -56.51 -32.20 -39.26
CA THR A 263 -57.07 -32.30 -37.93
C THR A 263 -55.96 -32.48 -36.91
N ALA A 264 -56.33 -32.34 -35.63
CA ALA A 264 -55.38 -32.52 -34.54
C ALA A 264 -56.15 -32.66 -33.23
N GLY A 265 -55.43 -33.05 -32.19
CA GLY A 265 -55.97 -33.16 -30.86
C GLY A 265 -55.72 -31.91 -30.04
N ALA A 266 -55.75 -32.08 -28.72
CA ALA A 266 -55.54 -30.99 -27.78
C ALA A 266 -54.12 -31.03 -27.24
N ALA A 267 -53.58 -29.85 -26.94
CA ALA A 267 -52.24 -29.74 -26.39
C ALA A 267 -52.16 -28.50 -25.51
N ALA A 268 -51.16 -28.48 -24.63
CA ALA A 268 -50.94 -27.36 -23.74
C ALA A 268 -49.49 -27.38 -23.29
N TYR A 269 -48.99 -26.21 -22.87
CA TYR A 269 -47.59 -26.13 -22.43
C TYR A 269 -47.37 -24.90 -21.57
N TYR A 270 -46.35 -24.99 -20.72
CA TYR A 270 -45.93 -23.93 -19.82
C TYR A 270 -44.71 -23.21 -20.38
N VAL A 271 -44.61 -21.92 -20.07
CA VAL A 271 -43.42 -21.14 -20.36
C VAL A 271 -43.07 -20.31 -19.13
N GLY A 272 -41.81 -20.39 -18.70
CA GLY A 272 -41.32 -19.63 -17.57
C GLY A 272 -40.63 -18.35 -17.98
N TYR A 273 -39.98 -17.72 -17.00
CA TYR A 273 -39.27 -16.47 -17.23
C TYR A 273 -38.07 -16.41 -16.29
N LEU A 274 -36.87 -16.43 -16.85
CA LEU A 274 -35.66 -16.38 -16.05
C LEU A 274 -35.42 -14.98 -15.51
N GLN A 275 -34.66 -14.91 -14.42
CA GLN A 275 -34.26 -13.69 -13.76
C GLN A 275 -32.83 -13.85 -13.29
N PRO A 276 -32.06 -12.76 -13.19
CA PRO A 276 -30.67 -12.84 -12.71
C PRO A 276 -30.56 -12.88 -11.18
N ARG A 277 -30.68 -14.08 -10.62
CA ARG A 277 -30.62 -14.29 -9.18
C ARG A 277 -29.41 -15.15 -8.82
N THR A 278 -29.35 -15.53 -7.55
CA THR A 278 -28.27 -16.33 -6.99
C THR A 278 -28.86 -17.49 -6.22
N PHE A 279 -28.34 -18.69 -6.44
CA PHE A 279 -28.79 -19.86 -5.72
C PHE A 279 -27.65 -20.53 -4.97
N LEU A 280 -28.02 -21.23 -3.89
CA LEU A 280 -27.20 -22.28 -3.32
C LEU A 280 -27.66 -23.65 -3.80
N LEU A 281 -26.70 -24.56 -3.85
CA LEU A 281 -26.89 -25.92 -4.36
C LEU A 281 -26.23 -26.87 -3.39
N LYS A 282 -27.02 -27.82 -2.87
CA LYS A 282 -26.52 -28.87 -1.99
C LYS A 282 -26.21 -30.12 -2.80
N TYR A 283 -25.05 -30.70 -2.55
CA TYR A 283 -24.63 -31.92 -3.23
C TYR A 283 -24.58 -33.06 -2.23
N ASN A 284 -25.10 -34.22 -2.63
CA ASN A 284 -25.15 -35.40 -1.78
C ASN A 284 -23.95 -36.29 -2.05
N GLU A 285 -23.98 -37.50 -1.47
CA GLU A 285 -22.84 -38.42 -1.61
C GLU A 285 -22.59 -38.79 -3.06
N ASN A 286 -23.66 -39.05 -3.82
CA ASN A 286 -23.51 -39.31 -5.24
C ASN A 286 -23.25 -38.03 -6.04
N GLY A 287 -23.34 -36.87 -5.41
CA GLY A 287 -23.01 -35.61 -6.06
C GLY A 287 -24.11 -34.99 -6.89
N THR A 288 -25.33 -35.53 -6.84
CA THR A 288 -26.44 -34.93 -7.55
C THR A 288 -27.07 -33.82 -6.74
N ILE A 289 -27.63 -32.83 -7.44
CA ILE A 289 -28.26 -31.71 -6.77
C ILE A 289 -29.51 -32.22 -6.06
N THR A 290 -29.48 -32.26 -4.73
CA THR A 290 -30.63 -32.68 -3.95
C THR A 290 -31.42 -31.52 -3.37
N ASP A 291 -30.87 -30.31 -3.41
CA ASP A 291 -31.58 -29.14 -2.92
C ASP A 291 -30.97 -27.89 -3.56
N ALA A 292 -31.82 -26.93 -3.89
CA ALA A 292 -31.38 -25.63 -4.36
C ALA A 292 -32.26 -24.57 -3.72
N VAL A 293 -31.66 -23.44 -3.34
CA VAL A 293 -32.37 -22.39 -2.62
C VAL A 293 -32.04 -21.03 -3.22
N ASP A 294 -33.05 -20.17 -3.30
CA ASP A 294 -32.88 -18.80 -3.75
C ASP A 294 -32.20 -17.96 -2.66
N CYS A 295 -31.58 -16.87 -3.10
CA CYS A 295 -30.95 -15.91 -2.20
C CYS A 295 -31.73 -14.61 -2.09
N ALA A 296 -32.93 -14.54 -2.66
CA ALA A 296 -33.76 -13.34 -2.54
C ALA A 296 -35.24 -13.65 -2.36
N LEU A 297 -35.61 -14.91 -2.09
CA LEU A 297 -37.02 -15.25 -2.00
C LEU A 297 -37.64 -14.71 -0.70
N ASP A 298 -37.16 -15.18 0.43
CA ASP A 298 -37.61 -14.72 1.74
C ASP A 298 -36.41 -14.62 2.65
N PRO A 299 -36.53 -13.88 3.76
CA PRO A 299 -35.36 -13.71 4.65
C PRO A 299 -34.77 -15.03 5.14
N LEU A 300 -35.56 -16.10 5.24
CA LEU A 300 -34.98 -17.40 5.56
C LEU A 300 -34.03 -17.86 4.45
N SER A 301 -34.43 -17.67 3.19
CA SER A 301 -33.56 -18.03 2.08
C SER A 301 -32.30 -17.16 2.05
N GLU A 302 -32.45 -15.88 2.36
CA GLU A 302 -31.28 -15.01 2.45
C GLU A 302 -30.35 -15.46 3.57
N THR A 303 -30.93 -15.86 4.71
CA THR A 303 -30.13 -16.35 5.83
C THR A 303 -29.33 -17.58 5.44
N LYS A 304 -29.99 -18.56 4.83
CA LYS A 304 -29.28 -19.78 4.46
C LYS A 304 -28.27 -19.51 3.35
N CYS A 305 -28.56 -18.58 2.45
CA CYS A 305 -27.57 -18.21 1.44
C CYS A 305 -26.34 -17.59 2.07
N THR A 306 -26.52 -16.74 3.07
CA THR A 306 -25.36 -16.09 3.69
C THR A 306 -24.56 -17.07 4.53
N LEU A 307 -25.23 -17.96 5.28
CA LEU A 307 -24.51 -18.90 6.13
C LEU A 307 -24.00 -20.13 5.37
N LYS A 308 -24.41 -20.33 4.12
CA LYS A 308 -24.03 -21.51 3.34
C LYS A 308 -24.35 -22.79 4.09
N SER A 309 -25.52 -22.82 4.74
CA SER A 309 -25.96 -23.98 5.51
C SER A 309 -27.46 -24.14 5.36
N PHE A 310 -27.92 -25.39 5.42
CA PHE A 310 -29.33 -25.71 5.27
C PHE A 310 -29.96 -26.24 6.55
N THR A 311 -29.27 -26.13 7.68
CA THR A 311 -29.82 -26.49 8.99
C THR A 311 -29.43 -25.36 9.94
N VAL A 312 -30.33 -24.39 10.10
CA VAL A 312 -30.04 -23.17 10.85
C VAL A 312 -30.79 -23.25 12.18
N GLU A 313 -30.03 -23.20 13.27
CA GLU A 313 -30.59 -23.30 14.61
C GLU A 313 -30.89 -21.92 15.17
N LYS A 314 -31.16 -21.87 16.47
CA LYS A 314 -31.53 -20.64 17.15
C LYS A 314 -30.44 -19.57 17.04
N GLY A 315 -30.86 -18.33 16.90
CA GLY A 315 -29.93 -17.21 16.97
C GLY A 315 -30.42 -16.03 16.15
N ILE A 316 -29.83 -14.87 16.44
CA ILE A 316 -30.07 -13.64 15.72
C ILE A 316 -28.93 -13.44 14.74
N TYR A 317 -29.27 -13.14 13.49
CA TYR A 317 -28.34 -13.24 12.37
C TYR A 317 -28.30 -11.93 11.61
N GLN A 318 -27.45 -11.87 10.60
CA GLN A 318 -27.39 -10.74 9.68
C GLN A 318 -27.44 -11.26 8.24
N THR A 319 -28.20 -10.57 7.39
CA THR A 319 -28.29 -10.90 5.99
C THR A 319 -27.78 -9.79 5.08
N SER A 320 -28.22 -8.56 5.29
CA SER A 320 -27.79 -7.43 4.48
C SER A 320 -28.02 -6.15 5.28
N ASN A 321 -27.96 -5.02 4.59
CA ASN A 321 -28.19 -3.72 5.22
C ASN A 321 -29.45 -3.08 4.65
N PHE A 322 -30.28 -2.54 5.54
CA PHE A 322 -31.47 -1.82 5.12
C PHE A 322 -31.12 -0.37 4.80
N ARG A 323 -31.84 0.20 3.85
CA ARG A 323 -31.51 1.55 3.42
C ARG A 323 -32.71 2.16 2.72
N VAL A 324 -33.12 3.35 3.17
CA VAL A 324 -34.17 4.08 2.48
C VAL A 324 -33.60 4.61 1.16
N GLN A 325 -34.35 4.38 0.09
CA GLN A 325 -33.88 4.73 -1.25
C GLN A 325 -33.80 6.26 -1.40
N PRO A 326 -32.98 6.74 -2.34
CA PRO A 326 -32.95 8.19 -2.61
C PRO A 326 -34.23 8.64 -3.28
N THR A 327 -35.25 8.91 -2.47
CA THR A 327 -36.59 9.20 -3.01
C THR A 327 -36.56 10.40 -3.93
N GLU A 328 -35.86 11.46 -3.54
CA GLU A 328 -35.64 12.61 -4.41
C GLU A 328 -34.18 13.07 -4.29
N SER A 329 -33.80 13.98 -5.18
CA SER A 329 -32.53 14.67 -5.12
C SER A 329 -32.80 16.16 -4.95
N ILE A 330 -32.19 16.77 -3.96
CA ILE A 330 -32.51 18.12 -3.53
C ILE A 330 -31.38 19.03 -3.98
N VAL A 331 -31.66 19.82 -5.01
CA VAL A 331 -30.83 20.96 -5.38
C VAL A 331 -31.58 22.22 -4.96
N ARG A 332 -30.85 23.23 -4.52
CA ARG A 332 -31.46 24.42 -3.96
C ARG A 332 -30.89 25.65 -4.67
N PHE A 333 -31.60 26.78 -4.52
CA PHE A 333 -31.17 28.03 -5.14
C PHE A 333 -31.78 29.19 -4.37
N PRO A 334 -31.02 30.26 -4.14
CA PRO A 334 -31.58 31.41 -3.41
C PRO A 334 -32.82 31.96 -4.09
N ASN A 335 -33.81 32.33 -3.27
CA ASN A 335 -35.06 32.85 -3.79
C ASN A 335 -34.88 34.28 -4.32
N ILE A 336 -35.81 34.69 -5.17
CA ILE A 336 -35.78 36.02 -5.75
C ILE A 336 -36.93 36.86 -5.21
N LEU A 339 -27.42 34.37 -4.70
CA LEU A 339 -28.15 34.47 -5.96
C LEU A 339 -27.20 34.52 -7.14
N CYS A 340 -27.18 33.44 -7.93
CA CYS A 340 -26.34 33.41 -9.12
C CYS A 340 -26.87 34.45 -10.11
N PRO A 341 -26.03 35.39 -10.57
CA PRO A 341 -26.50 36.50 -11.41
C PRO A 341 -26.75 36.11 -12.87
N PHE A 342 -27.41 34.97 -13.07
CA PHE A 342 -27.72 34.53 -14.42
C PHE A 342 -28.89 35.32 -15.00
N GLY A 343 -29.92 35.56 -14.19
CA GLY A 343 -31.10 36.27 -14.69
C GLY A 343 -30.81 37.70 -15.07
N GLU A 344 -29.92 38.36 -14.32
CA GLU A 344 -29.57 39.74 -14.64
C GLU A 344 -28.92 39.86 -16.02
N VAL A 345 -28.06 38.90 -16.36
CA VAL A 345 -27.27 39.02 -17.59
C VAL A 345 -27.99 38.42 -18.79
N PHE A 346 -28.64 37.25 -18.64
CA PHE A 346 -29.28 36.62 -19.79
C PHE A 346 -30.38 37.50 -20.37
N ASN A 347 -31.23 38.06 -19.51
CA ASN A 347 -32.34 38.90 -19.96
C ASN A 347 -31.99 40.38 -19.98
N ALA A 348 -30.72 40.72 -20.21
CA ALA A 348 -30.32 42.12 -20.24
C ALA A 348 -30.93 42.84 -21.44
N THR A 349 -30.77 44.17 -21.45
CA THR A 349 -31.36 44.99 -22.50
C THR A 349 -30.67 44.74 -23.84
N ARG A 350 -29.38 45.04 -23.92
CA ARG A 350 -28.61 44.85 -25.14
C ARG A 350 -27.23 44.31 -24.78
N PHE A 351 -26.80 43.28 -25.50
CA PHE A 351 -25.48 42.70 -25.31
C PHE A 351 -24.44 43.46 -26.11
N ALA A 352 -23.18 43.29 -25.72
CA ALA A 352 -22.08 43.76 -26.54
C ALA A 352 -21.84 42.77 -27.68
N SER A 353 -21.10 43.22 -28.68
CA SER A 353 -20.83 42.38 -29.83
C SER A 353 -19.86 41.26 -29.44
N VAL A 354 -19.72 40.28 -30.34
CA VAL A 354 -18.93 39.10 -30.02
C VAL A 354 -17.44 39.42 -29.96
N TYR A 355 -16.98 40.40 -30.75
CA TYR A 355 -15.56 40.77 -30.65
C TYR A 355 -15.24 41.33 -29.27
N ALA A 356 -16.10 42.21 -28.76
CA ALA A 356 -16.02 42.67 -27.37
C ALA A 356 -16.99 41.88 -26.50
N TRP A 357 -16.82 40.56 -26.54
CA TRP A 357 -17.68 39.66 -25.79
C TRP A 357 -17.55 39.93 -24.30
N ASN A 358 -18.69 39.87 -23.59
CA ASN A 358 -18.73 40.24 -22.19
C ASN A 358 -18.26 39.09 -21.32
N ARG A 359 -17.41 39.41 -20.34
CA ARG A 359 -16.75 38.42 -19.50
C ARG A 359 -17.23 38.65 -18.07
N LYS A 360 -17.77 37.60 -17.44
CA LYS A 360 -18.10 37.68 -16.02
C LYS A 360 -17.61 36.44 -15.30
N ARG A 361 -17.39 36.60 -14.00
CA ARG A 361 -16.97 35.51 -13.13
C ARG A 361 -18.13 35.06 -12.26
N ILE A 362 -18.35 33.75 -12.20
CA ILE A 362 -19.44 33.17 -11.40
C ILE A 362 -18.81 32.26 -10.35
N SER A 363 -19.19 32.46 -9.10
CA SER A 363 -18.74 31.63 -8.00
C SER A 363 -19.57 31.94 -6.76
N ASN A 364 -19.50 31.03 -5.78
CA ASN A 364 -20.06 31.23 -4.46
C ASN A 364 -21.57 31.47 -4.49
N CYS A 365 -22.27 30.64 -5.26
CA CYS A 365 -23.72 30.56 -5.18
C CYS A 365 -24.14 29.13 -5.45
N VAL A 366 -25.28 28.74 -4.88
CA VAL A 366 -25.72 27.35 -4.93
C VAL A 366 -26.36 27.09 -6.29
N ALA A 367 -25.91 26.02 -6.95
CA ALA A 367 -26.28 25.77 -8.34
C ALA A 367 -27.78 25.53 -8.48
N ASP A 368 -28.34 26.02 -9.58
CA ASP A 368 -29.72 25.79 -9.99
C ASP A 368 -29.74 25.26 -11.40
N TYR A 369 -28.84 24.34 -11.71
CA TYR A 369 -28.62 23.93 -13.08
C TYR A 369 -29.68 22.96 -13.59
N SER A 370 -30.44 22.31 -12.71
CA SER A 370 -31.52 21.45 -13.16
C SER A 370 -32.59 22.24 -13.90
N VAL A 371 -32.90 23.44 -13.40
CA VAL A 371 -33.83 24.32 -14.10
C VAL A 371 -33.28 24.70 -15.46
N LEU A 372 -31.97 24.96 -15.54
CA LEU A 372 -31.35 25.25 -16.83
C LEU A 372 -31.45 24.06 -17.78
N TYR A 373 -31.32 22.84 -17.25
CA TYR A 373 -31.41 21.65 -18.08
C TYR A 373 -32.81 21.47 -18.64
N ASN A 374 -33.82 21.52 -17.76
CA ASN A 374 -35.18 21.17 -18.13
C ASN A 374 -36.02 22.37 -18.54
N SER A 375 -35.44 23.56 -18.65
CA SER A 375 -36.19 24.73 -19.05
C SER A 375 -36.71 24.61 -20.48
N ALA A 376 -35.88 24.08 -21.38
CA ALA A 376 -36.18 23.94 -22.80
C ALA A 376 -36.47 25.28 -23.46
N SER A 377 -36.10 26.38 -22.82
CA SER A 377 -36.23 27.71 -23.39
C SER A 377 -34.96 28.15 -24.10
N PHE A 378 -33.91 27.34 -24.06
CA PHE A 378 -32.66 27.63 -24.75
C PHE A 378 -32.63 26.81 -26.03
N SER A 379 -32.38 27.49 -27.16
CA SER A 379 -32.38 26.80 -28.45
C SER A 379 -31.25 25.79 -28.56
N THR A 380 -30.18 25.94 -27.78
CA THR A 380 -29.11 24.96 -27.75
C THR A 380 -28.50 24.92 -26.36
N PHE A 381 -28.23 23.71 -25.88
CA PHE A 381 -27.64 23.53 -24.55
C PHE A 381 -26.79 22.27 -24.58
N LYS A 382 -25.47 22.44 -24.53
CA LYS A 382 -24.56 21.31 -24.64
C LYS A 382 -23.49 21.40 -23.55
N CYS A 383 -23.42 20.38 -22.70
CA CYS A 383 -22.40 20.27 -21.66
C CYS A 383 -21.48 19.11 -22.00
N TYR A 384 -20.22 19.40 -22.30
CA TYR A 384 -19.28 18.42 -22.81
C TYR A 384 -18.41 17.81 -21.71
N GLY A 385 -17.62 18.65 -21.03
CA GLY A 385 -16.62 18.13 -20.11
C GLY A 385 -17.16 17.59 -18.80
N VAL A 386 -18.22 18.19 -18.28
CA VAL A 386 -18.80 17.81 -17.00
C VAL A 386 -20.21 17.30 -17.23
N SER A 387 -20.54 16.17 -16.62
CA SER A 387 -21.89 15.64 -16.74
C SER A 387 -22.88 16.57 -16.05
N PRO A 388 -24.02 16.85 -16.69
CA PRO A 388 -24.98 17.80 -16.08
C PRO A 388 -25.47 17.38 -14.72
N THR A 389 -25.62 16.07 -14.47
CA THR A 389 -26.22 15.61 -13.22
C THR A 389 -25.39 16.02 -12.01
N LYS A 390 -24.07 15.89 -12.11
CA LYS A 390 -23.18 16.25 -11.01
C LYS A 390 -22.71 17.70 -11.06
N LEU A 391 -23.11 18.45 -12.08
CA LEU A 391 -22.71 19.85 -12.16
C LEU A 391 -23.38 20.68 -11.07
N ASN A 392 -24.50 20.19 -10.51
CA ASN A 392 -25.14 20.88 -9.40
C ASN A 392 -24.24 20.94 -8.16
N ASP A 393 -23.44 19.89 -7.94
CA ASP A 393 -22.72 19.72 -6.68
C ASP A 393 -21.24 19.46 -6.92
N LEU A 394 -20.63 20.18 -7.87
CA LEU A 394 -19.21 20.06 -8.13
C LEU A 394 -18.56 21.41 -7.89
N CYS A 395 -17.46 21.41 -7.14
CA CYS A 395 -16.82 22.64 -6.71
C CYS A 395 -15.81 23.10 -7.75
N PHE A 396 -16.01 24.32 -8.25
CA PHE A 396 -15.06 24.99 -9.13
C PHE A 396 -14.82 26.39 -8.60
N THR A 397 -13.54 26.81 -8.59
CA THR A 397 -13.20 28.10 -8.00
C THR A 397 -13.81 29.25 -8.80
N ASN A 398 -13.83 29.13 -10.13
CA ASN A 398 -14.37 30.18 -10.98
C ASN A 398 -15.12 29.58 -12.14
N VAL A 399 -16.12 30.31 -12.62
CA VAL A 399 -16.82 30.00 -13.86
C VAL A 399 -16.68 31.22 -14.75
N TYR A 400 -16.03 31.03 -15.90
CA TYR A 400 -15.90 32.06 -16.92
C TYR A 400 -17.21 32.04 -17.71
N ALA A 401 -18.07 33.03 -17.46
CA ALA A 401 -19.32 33.14 -18.19
C ALA A 401 -19.12 34.20 -19.27
N ASP A 402 -19.11 33.76 -20.52
CA ASP A 402 -18.86 34.62 -21.67
C ASP A 402 -20.18 34.82 -22.39
N SER A 403 -20.66 36.07 -22.42
CA SER A 403 -21.96 36.39 -22.98
C SER A 403 -21.78 37.24 -24.24
N PHE A 404 -22.55 36.90 -25.27
CA PHE A 404 -22.46 37.54 -26.59
C PHE A 404 -23.66 37.08 -27.41
N VAL A 405 -23.73 37.54 -28.66
CA VAL A 405 -24.83 37.20 -29.56
C VAL A 405 -24.26 36.84 -30.92
N ILE A 406 -24.68 35.68 -31.44
CA ILE A 406 -24.22 35.23 -32.75
C ILE A 406 -25.38 34.68 -33.57
N ARG A 407 -25.05 34.11 -34.74
CA ARG A 407 -26.04 33.49 -35.60
C ARG A 407 -26.42 32.12 -35.07
N GLY A 408 -27.61 31.65 -35.46
CA GLY A 408 -28.22 30.52 -34.79
C GLY A 408 -27.44 29.22 -34.91
N ASP A 409 -27.01 28.88 -36.14
CA ASP A 409 -26.44 27.57 -36.38
C ASP A 409 -25.04 27.42 -35.80
N GLU A 410 -24.33 28.52 -35.57
CA GLU A 410 -22.94 28.46 -35.17
C GLU A 410 -22.74 28.05 -33.71
N VAL A 411 -23.83 27.87 -32.95
CA VAL A 411 -23.70 27.56 -31.53
C VAL A 411 -23.09 26.18 -31.33
N ARG A 412 -23.59 25.18 -32.05
CA ARG A 412 -23.07 23.82 -31.90
C ARG A 412 -21.62 23.73 -32.32
N GLN A 413 -21.17 24.63 -33.21
CA GLN A 413 -19.77 24.68 -33.59
C GLN A 413 -18.86 25.14 -32.46
N ILE A 414 -19.43 25.69 -31.39
CA ILE A 414 -18.65 26.12 -30.22
C ILE A 414 -18.53 24.90 -29.31
N ALA A 415 -17.50 24.09 -29.55
CA ALA A 415 -17.27 22.86 -28.81
C ALA A 415 -15.80 22.76 -28.45
N PRO A 416 -15.46 22.06 -27.36
CA PRO A 416 -14.06 21.90 -26.98
C PRO A 416 -13.26 21.14 -28.02
N GLY A 417 -12.31 21.81 -28.66
CA GLY A 417 -11.49 21.23 -29.70
C GLY A 417 -12.01 21.48 -31.11
N GLN A 418 -13.29 21.84 -31.25
CA GLN A 418 -13.84 22.15 -32.55
C GLN A 418 -13.21 23.42 -33.10
N THR A 419 -12.97 23.43 -34.42
CA THR A 419 -12.33 24.56 -35.09
C THR A 419 -13.23 25.07 -36.20
N GLY A 420 -13.09 26.35 -36.52
CA GLY A 420 -13.91 26.95 -37.54
C GLY A 420 -13.58 28.41 -37.72
N LYS A 421 -14.53 29.14 -38.30
CA LYS A 421 -14.35 30.56 -38.59
C LYS A 421 -14.25 31.41 -37.33
N ILE A 422 -14.80 30.94 -36.21
CA ILE A 422 -14.82 31.73 -34.99
C ILE A 422 -13.70 31.26 -34.07
N ALA A 423 -13.28 30.01 -34.23
CA ALA A 423 -12.24 29.43 -33.40
C ALA A 423 -10.84 29.93 -33.72
N ASP A 424 -10.67 30.88 -34.64
CA ASP A 424 -9.36 31.40 -34.99
C ASP A 424 -9.22 32.91 -34.86
N TYR A 425 -10.32 33.65 -34.78
CA TYR A 425 -10.26 35.10 -34.72
C TYR A 425 -11.10 35.74 -33.63
N ASN A 426 -12.16 35.10 -33.14
CA ASN A 426 -13.05 35.71 -32.16
C ASN A 426 -13.02 35.00 -30.82
N TYR A 427 -13.27 33.70 -30.79
CA TYR A 427 -13.35 32.98 -29.51
C TYR A 427 -13.14 31.50 -29.77
N LYS A 428 -12.07 30.94 -29.21
CA LYS A 428 -11.78 29.52 -29.30
C LYS A 428 -11.80 28.91 -27.90
N LEU A 429 -12.52 27.79 -27.76
CA LEU A 429 -12.50 27.09 -26.49
C LEU A 429 -11.19 26.35 -26.31
N PRO A 430 -10.71 26.23 -25.07
CA PRO A 430 -9.47 25.48 -24.83
C PRO A 430 -9.66 24.00 -25.10
N ASP A 431 -8.55 23.33 -25.37
CA ASP A 431 -8.57 21.90 -25.65
C ASP A 431 -8.97 21.06 -24.44
N ASP A 432 -9.01 21.65 -23.26
CA ASP A 432 -9.50 20.99 -22.05
C ASP A 432 -10.68 21.75 -21.46
N PHE A 433 -11.60 22.18 -22.33
CA PHE A 433 -12.77 22.93 -21.90
C PHE A 433 -13.74 22.00 -21.18
N THR A 434 -13.89 22.20 -19.88
CA THR A 434 -14.82 21.44 -19.05
C THR A 434 -15.92 22.39 -18.60
N GLY A 435 -17.03 22.42 -19.33
CA GLY A 435 -18.11 23.33 -19.01
C GLY A 435 -19.37 23.11 -19.83
N CYS A 436 -20.02 24.21 -20.21
CA CYS A 436 -21.30 24.14 -20.91
C CYS A 436 -21.40 25.29 -21.90
N VAL A 437 -22.29 25.13 -22.87
CA VAL A 437 -22.64 26.16 -23.84
C VAL A 437 -24.15 26.29 -23.86
N ILE A 438 -24.65 27.52 -23.71
CA ILE A 438 -26.07 27.81 -23.67
C ILE A 438 -26.37 28.86 -24.74
N ALA A 439 -27.50 28.71 -25.41
CA ALA A 439 -27.91 29.67 -26.42
C ALA A 439 -29.43 29.68 -26.52
N TRP A 440 -30.00 30.89 -26.49
CA TRP A 440 -31.45 31.04 -26.62
C TRP A 440 -31.76 32.10 -27.67
N ASN A 441 -32.81 31.82 -28.45
CA ASN A 441 -33.20 32.72 -29.52
C ASN A 441 -33.77 34.03 -28.97
N SER A 442 -33.38 35.13 -29.58
CA SER A 442 -33.87 36.45 -29.19
C SER A 442 -34.25 37.26 -30.43
N ASN A 443 -34.89 36.60 -31.40
CA ASN A 443 -35.29 37.29 -32.63
C ASN A 443 -36.32 38.37 -32.37
N ASN A 444 -37.15 38.21 -31.35
CA ASN A 444 -38.20 39.19 -31.07
C ASN A 444 -37.61 40.53 -30.70
N LEU A 445 -36.55 40.55 -29.90
CA LEU A 445 -35.97 41.78 -29.39
C LEU A 445 -34.76 42.26 -30.20
N ASP A 446 -33.90 41.34 -30.64
CA ASP A 446 -32.64 41.70 -31.30
C ASP A 446 -32.74 41.65 -32.82
N SER A 447 -33.89 42.02 -33.38
CA SER A 447 -34.06 42.10 -34.81
C SER A 447 -34.91 43.31 -35.15
N LYS A 448 -34.44 44.11 -36.11
CA LYS A 448 -35.10 45.34 -36.52
C LYS A 448 -35.78 45.15 -37.86
N VAL A 449 -36.89 45.87 -38.07
CA VAL A 449 -37.59 45.82 -39.35
C VAL A 449 -36.68 46.29 -40.47
N GLY A 450 -35.98 47.40 -40.25
CA GLY A 450 -34.99 47.86 -41.22
C GLY A 450 -33.66 47.15 -41.16
N GLY A 451 -33.44 46.32 -40.13
CA GLY A 451 -32.20 45.59 -40.00
C GLY A 451 -31.39 46.00 -38.78
N ASN A 452 -31.25 45.09 -37.82
CA ASN A 452 -30.47 45.35 -36.61
C ASN A 452 -29.00 45.04 -36.93
N TYR A 453 -28.23 46.07 -37.21
CA TYR A 453 -26.83 45.95 -37.60
C TYR A 453 -25.89 46.47 -36.52
N ASN A 454 -26.27 46.28 -35.25
CA ASN A 454 -25.48 46.80 -34.14
C ASN A 454 -24.43 45.82 -33.63
N TYR A 455 -24.57 44.54 -33.95
CA TYR A 455 -23.66 43.51 -33.47
C TYR A 455 -22.61 43.20 -34.54
N ARG A 456 -21.35 43.07 -34.12
CA ARG A 456 -20.24 42.90 -35.05
C ARG A 456 -19.39 41.71 -34.61
N TYR A 457 -18.71 41.12 -35.59
CA TYR A 457 -17.80 40.01 -35.38
C TYR A 457 -16.45 40.36 -36.01
N ARG A 458 -15.37 39.87 -35.42
CA ARG A 458 -14.04 40.26 -35.87
C ARG A 458 -13.49 39.20 -36.83
N LEU A 459 -12.94 39.66 -37.95
CA LEU A 459 -12.53 38.81 -39.06
C LEU A 459 -11.04 38.50 -39.09
N PHE A 460 -10.19 39.50 -38.84
CA PHE A 460 -8.75 39.33 -38.95
C PHE A 460 -8.08 39.46 -37.59
N ARG A 461 -6.93 38.81 -37.46
CA ARG A 461 -6.15 38.84 -36.22
C ARG A 461 -4.68 38.61 -36.56
N LYS A 462 -3.81 39.22 -35.75
CA LYS A 462 -2.37 39.15 -36.03
C LYS A 462 -1.79 37.78 -35.70
N SER A 463 -2.51 36.94 -34.98
CA SER A 463 -2.02 35.62 -34.60
C SER A 463 -3.20 34.70 -34.36
N ASN A 464 -2.92 33.41 -34.33
CA ASN A 464 -3.96 32.42 -34.08
C ASN A 464 -4.37 32.42 -32.62
N LEU A 465 -5.59 31.97 -32.36
CA LEU A 465 -6.15 31.99 -31.00
C LEU A 465 -5.52 30.90 -30.15
N LYS A 466 -4.94 31.30 -29.03
CA LYS A 466 -4.52 30.40 -27.97
C LYS A 466 -5.63 30.22 -26.96
N PRO A 467 -5.56 29.17 -26.12
CA PRO A 467 -6.60 28.98 -25.10
C PRO A 467 -6.87 30.22 -24.26
N PHE A 468 -8.07 30.78 -24.41
CA PHE A 468 -8.52 31.95 -23.66
C PHE A 468 -7.56 33.14 -23.82
N GLU A 469 -7.49 33.62 -25.06
CA GLU A 469 -6.77 34.85 -25.39
C GLU A 469 -7.75 35.89 -25.90
N ARG A 470 -7.58 37.13 -25.46
CA ARG A 470 -8.44 38.24 -25.85
C ARG A 470 -7.60 39.30 -26.52
N ASP A 471 -7.73 39.41 -27.84
CA ASP A 471 -7.11 40.48 -28.62
C ASP A 471 -8.23 41.40 -29.10
N ILE A 472 -8.21 42.65 -28.64
CA ILE A 472 -9.26 43.60 -29.00
C ILE A 472 -8.63 44.85 -29.62
N SER A 473 -7.48 44.67 -30.29
CA SER A 473 -6.80 45.81 -30.89
C SER A 473 -7.62 46.36 -32.05
N THR A 474 -7.79 47.69 -32.07
CA THR A 474 -8.53 48.37 -33.12
C THR A 474 -7.63 48.94 -34.20
N GLU A 475 -6.32 48.74 -34.09
CA GLU A 475 -5.40 49.24 -35.11
C GLU A 475 -5.56 48.43 -36.40
N ILE A 476 -5.70 49.14 -37.52
CA ILE A 476 -5.97 48.49 -38.80
C ILE A 476 -4.75 47.68 -39.22
N TYR A 477 -4.99 46.42 -39.59
CA TYR A 477 -3.91 45.56 -40.05
C TYR A 477 -3.31 46.08 -41.35
N GLN A 478 -2.00 45.90 -41.50
CA GLN A 478 -1.27 46.28 -42.70
C GLN A 478 -0.86 44.99 -43.42
N ALA A 479 -1.64 44.60 -44.42
CA ALA A 479 -1.39 43.38 -45.17
C ALA A 479 -0.53 43.62 -46.42
N GLY A 480 -0.06 44.84 -46.62
CA GLY A 480 0.79 45.16 -47.75
C GLY A 480 1.65 46.36 -47.43
N SER A 481 2.07 47.07 -48.48
CA SER A 481 2.89 48.27 -48.32
C SER A 481 2.07 49.55 -48.27
N LYS A 482 0.74 49.45 -48.41
CA LYS A 482 -0.11 50.63 -48.37
C LYS A 482 -0.31 51.07 -46.92
N PRO A 483 0.01 52.32 -46.57
CA PRO A 483 -0.25 52.78 -45.20
C PRO A 483 -1.74 52.89 -44.93
N CYS A 484 -2.17 52.34 -43.79
CA CYS A 484 -3.57 52.36 -43.39
C CYS A 484 -3.78 53.52 -42.43
N ASN A 485 -4.19 54.66 -42.98
CA ASN A 485 -4.42 55.87 -42.18
C ASN A 485 -5.86 55.98 -41.70
N GLY A 486 -6.36 54.91 -41.09
CA GLY A 486 -7.68 54.92 -40.50
C GLY A 486 -8.83 54.70 -41.46
N VAL A 487 -8.56 54.55 -42.76
CA VAL A 487 -9.60 54.42 -43.76
C VAL A 487 -9.62 52.99 -44.29
N GLU A 488 -10.77 52.62 -44.85
CA GLU A 488 -10.95 51.28 -45.41
C GLU A 488 -10.27 51.16 -46.77
N GLY A 489 -10.13 49.93 -47.23
CA GLY A 489 -9.53 49.66 -48.52
C GLY A 489 -8.88 48.30 -48.52
N PHE A 490 -8.21 48.00 -49.64
CA PHE A 490 -7.50 46.74 -49.77
C PHE A 490 -6.30 46.72 -48.84
N ASN A 491 -6.11 45.61 -48.14
CA ASN A 491 -5.06 45.42 -47.13
C ASN A 491 -5.17 46.42 -45.97
N CYS A 492 -6.26 47.18 -45.91
CA CYS A 492 -6.53 48.12 -44.81
C CYS A 492 -7.97 47.88 -44.39
N TYR A 493 -8.17 46.92 -43.49
CA TYR A 493 -9.49 46.51 -43.05
C TYR A 493 -9.61 46.69 -41.54
N PHE A 494 -10.69 47.32 -41.11
CA PHE A 494 -11.06 47.28 -39.71
C PHE A 494 -11.69 45.93 -39.43
N PRO A 495 -11.15 45.13 -38.50
CA PRO A 495 -11.48 43.69 -38.47
C PRO A 495 -12.93 43.37 -38.13
N LEU A 496 -13.78 44.37 -37.92
CA LEU A 496 -15.13 44.15 -37.42
C LEU A 496 -16.14 44.32 -38.56
N GLN A 497 -17.05 43.35 -38.69
CA GLN A 497 -18.11 43.38 -39.68
C GLN A 497 -19.45 43.11 -38.99
N SER A 498 -20.48 43.82 -39.42
CA SER A 498 -21.76 43.81 -38.71
C SER A 498 -22.53 42.52 -38.95
N TYR A 499 -23.15 42.02 -37.88
CA TYR A 499 -24.07 40.89 -37.98
C TYR A 499 -25.36 41.31 -38.68
N GLY A 500 -25.86 40.43 -39.54
CA GLY A 500 -27.14 40.66 -40.19
C GLY A 500 -28.30 40.10 -39.39
N PHE A 501 -28.64 40.75 -38.29
CA PHE A 501 -29.68 40.27 -37.39
C PHE A 501 -31.02 40.87 -37.83
N GLN A 502 -31.84 40.06 -38.49
CA GLN A 502 -33.11 40.49 -39.02
C GLN A 502 -34.17 39.44 -38.73
N PRO A 503 -35.45 39.83 -38.63
CA PRO A 503 -36.50 38.84 -38.40
C PRO A 503 -36.66 37.84 -39.53
N THR A 504 -36.19 38.17 -40.73
CA THR A 504 -36.30 37.28 -41.87
C THR A 504 -35.53 35.98 -41.67
N ASN A 505 -34.53 35.98 -40.78
CA ASN A 505 -33.69 34.81 -40.59
C ASN A 505 -34.51 33.64 -40.06
N GLY A 506 -34.14 32.43 -40.50
CA GLY A 506 -34.77 31.22 -40.01
C GLY A 506 -34.32 30.87 -38.61
N VAL A 507 -35.03 29.91 -38.02
CA VAL A 507 -34.77 29.54 -36.63
C VAL A 507 -33.32 29.15 -36.42
N GLY A 508 -32.76 28.38 -37.35
CA GLY A 508 -31.36 28.00 -37.26
C GLY A 508 -30.38 29.11 -37.60
N TYR A 509 -30.88 30.27 -38.05
CA TYR A 509 -30.02 31.39 -38.37
C TYR A 509 -30.48 32.70 -37.72
N GLN A 510 -31.40 32.63 -36.76
CA GLN A 510 -31.82 33.81 -36.02
C GLN A 510 -30.76 34.20 -35.01
N PRO A 511 -30.73 35.47 -34.58
CA PRO A 511 -29.77 35.87 -33.55
C PRO A 511 -30.00 35.15 -32.24
N TYR A 512 -29.02 34.35 -31.83
CA TYR A 512 -29.05 33.65 -30.56
C TYR A 512 -28.14 34.37 -29.57
N ARG A 513 -28.67 34.63 -28.38
CA ARG A 513 -27.84 35.07 -27.26
C ARG A 513 -27.16 33.84 -26.67
N VAL A 514 -25.83 33.86 -26.64
CA VAL A 514 -25.02 32.69 -26.32
C VAL A 514 -24.14 33.04 -25.13
N VAL A 515 -24.13 32.14 -24.14
CA VAL A 515 -23.26 32.24 -22.98
C VAL A 515 -22.51 30.92 -22.82
N VAL A 516 -21.19 31.01 -22.73
CA VAL A 516 -20.33 29.85 -22.53
C VAL A 516 -19.84 29.86 -21.09
N LEU A 517 -20.03 28.75 -20.39
CA LEU A 517 -19.67 28.59 -18.98
C LEU A 517 -18.46 27.66 -18.91
N SER A 518 -17.28 28.24 -18.70
CA SER A 518 -16.05 27.47 -18.60
C SER A 518 -15.66 27.35 -17.14
N PHE A 519 -15.71 26.14 -16.61
CA PHE A 519 -15.43 25.91 -15.20
C PHE A 519 -13.93 25.70 -15.01
N GLU A 520 -13.38 26.29 -13.95
CA GLU A 520 -11.95 26.22 -13.68
C GLU A 520 -11.69 25.39 -12.44
N LEU A 521 -10.73 24.47 -12.53
CA LEU A 521 -10.34 23.62 -11.42
C LEU A 521 -8.82 23.54 -11.36
N LEU A 522 -8.27 23.52 -10.15
CA LEU A 522 -6.83 23.45 -9.97
C LEU A 522 -6.33 22.02 -10.09
N SER A 534 -33.05 23.49 -9.46
CA SER A 534 -33.23 23.24 -8.04
C SER A 534 -34.59 22.59 -7.77
N THR A 535 -34.76 22.07 -6.55
CA THR A 535 -36.00 21.43 -6.14
C THR A 535 -36.40 21.96 -4.77
N ASN A 536 -37.66 21.71 -4.40
CA ASN A 536 -38.19 22.16 -3.13
C ASN A 536 -37.73 21.25 -2.00
N LEU A 537 -37.91 21.72 -0.77
CA LEU A 537 -37.43 21.02 0.41
C LEU A 537 -38.48 20.04 0.93
N VAL A 538 -38.02 18.88 1.39
CA VAL A 538 -38.88 17.87 1.97
C VAL A 538 -38.32 17.49 3.33
N LYS A 539 -39.22 17.13 4.25
CA LYS A 539 -38.85 16.78 5.61
C LYS A 539 -39.18 15.32 5.88
N ASN A 540 -38.38 14.72 6.77
CA ASN A 540 -38.58 13.33 7.20
C ASN A 540 -38.60 12.37 6.02
N LYS A 541 -37.63 12.52 5.13
CA LYS A 541 -37.52 11.66 3.96
C LYS A 541 -36.06 11.61 3.51
N CYS A 542 -35.56 10.41 3.25
CA CYS A 542 -34.17 10.24 2.83
C CYS A 542 -34.02 10.69 1.38
N VAL A 543 -33.30 11.79 1.18
CA VAL A 543 -33.10 12.36 -0.14
C VAL A 543 -31.64 12.73 -0.31
N ASN A 544 -31.21 12.79 -1.57
CA ASN A 544 -29.86 13.24 -1.88
C ASN A 544 -29.75 14.75 -1.69
N PHE A 545 -28.56 15.20 -1.32
CA PHE A 545 -28.26 16.61 -1.11
C PHE A 545 -27.21 17.03 -2.13
N ASN A 546 -27.55 18.01 -2.98
CA ASN A 546 -26.65 18.47 -4.03
C ASN A 546 -26.62 20.00 -3.95
N PHE A 547 -25.79 20.54 -3.07
CA PHE A 547 -25.63 21.98 -2.90
C PHE A 547 -24.44 22.47 -3.73
N ASN A 548 -24.03 23.72 -3.49
CA ASN A 548 -22.97 24.32 -4.29
C ASN A 548 -21.69 23.49 -4.23
N GLY A 549 -21.25 23.13 -3.03
CA GLY A 549 -20.06 22.33 -2.87
C GLY A 549 -20.23 21.21 -1.87
N LEU A 550 -21.47 20.97 -1.44
CA LEU A 550 -21.78 19.94 -0.47
C LEU A 550 -22.63 18.86 -1.13
N THR A 551 -22.19 17.62 -1.00
CA THR A 551 -22.89 16.47 -1.54
C THR A 551 -23.18 15.47 -0.42
N GLY A 552 -24.28 14.74 -0.56
CA GLY A 552 -24.55 13.69 0.42
C GLY A 552 -25.94 13.13 0.25
N THR A 553 -26.42 12.49 1.32
CA THR A 553 -27.77 11.93 1.37
C THR A 553 -28.22 11.87 2.82
N GLY A 554 -29.42 12.36 3.09
CA GLY A 554 -29.90 12.37 4.46
C GLY A 554 -31.33 12.85 4.57
N VAL A 555 -31.67 13.33 5.78
CA VAL A 555 -32.99 13.81 6.12
C VAL A 555 -32.87 15.22 6.67
N LEU A 556 -33.63 16.14 6.10
CA LEU A 556 -33.62 17.55 6.50
C LEU A 556 -34.81 17.81 7.42
N THR A 557 -34.53 18.27 8.64
CA THR A 557 -35.58 18.61 9.60
C THR A 557 -35.37 20.03 10.10
N GLU A 558 -36.45 20.65 10.59
CA GLU A 558 -36.33 21.97 11.16
C GLU A 558 -35.52 21.91 12.45
N SER A 559 -34.81 23.01 12.73
CA SER A 559 -33.86 23.05 13.85
C SER A 559 -33.88 24.42 14.49
N ASN A 560 -33.07 24.59 15.54
CA ASN A 560 -33.03 25.81 16.32
C ASN A 560 -31.65 26.47 16.34
N LYS A 561 -30.69 25.96 15.57
CA LYS A 561 -29.36 26.54 15.56
C LYS A 561 -29.38 27.89 14.84
N LYS A 562 -28.31 28.66 15.05
CA LYS A 562 -28.13 29.95 14.42
C LYS A 562 -26.75 30.02 13.79
N PHE A 563 -26.68 30.66 12.62
CA PHE A 563 -25.46 30.76 11.84
C PHE A 563 -25.05 32.22 11.71
N LEU A 564 -23.76 32.43 11.48
CA LEU A 564 -23.30 33.78 11.22
C LEU A 564 -23.62 34.19 9.78
N PRO A 565 -23.79 35.49 9.51
CA PRO A 565 -24.17 35.94 8.17
C PRO A 565 -23.28 35.42 7.05
N PHE A 566 -21.98 35.24 7.29
CA PHE A 566 -21.04 34.86 6.25
C PHE A 566 -20.70 33.38 6.29
N GLN A 567 -21.69 32.54 6.60
CA GLN A 567 -21.49 31.10 6.66
C GLN A 567 -22.44 30.41 5.68
N GLN A 568 -22.06 29.20 5.27
CA GLN A 568 -22.85 28.40 4.34
C GLN A 568 -23.36 27.12 4.96
N PHE A 569 -22.47 26.30 5.53
CA PHE A 569 -22.85 25.00 6.07
C PHE A 569 -22.10 24.75 7.38
N GLY A 570 -22.72 23.98 8.26
CA GLY A 570 -22.12 23.62 9.53
C GLY A 570 -21.55 22.20 9.53
N ARG A 571 -20.79 21.92 10.58
CA ARG A 571 -20.19 20.61 10.78
C ARG A 571 -20.31 20.22 12.24
N ASP A 572 -19.98 18.97 12.53
CA ASP A 572 -19.82 18.47 13.87
C ASP A 572 -18.33 18.38 14.19
N ILE A 573 -17.99 17.74 15.32
CA ILE A 573 -16.60 17.64 15.73
C ILE A 573 -15.80 16.82 14.73
N ALA A 574 -16.42 15.80 14.14
CA ALA A 574 -15.74 14.89 13.22
C ALA A 574 -15.85 15.34 11.76
N ASP A 575 -16.01 16.63 11.52
CA ASP A 575 -16.14 17.19 10.16
C ASP A 575 -17.32 16.58 9.40
N THR A 576 -18.38 16.25 10.11
CA THR A 576 -19.60 15.70 9.51
C THR A 576 -20.73 16.71 9.68
N THR A 577 -21.37 17.06 8.57
CA THR A 577 -22.43 18.06 8.62
C THR A 577 -23.62 17.56 9.41
N ASP A 578 -24.17 18.43 10.26
CA ASP A 578 -25.39 18.12 10.99
C ASP A 578 -26.40 19.26 10.95
N ALA A 579 -26.11 20.35 10.25
CA ALA A 579 -27.04 21.47 10.12
C ALA A 579 -26.51 22.40 9.03
N VAL A 580 -27.42 22.88 8.18
CA VAL A 580 -27.08 23.78 7.09
C VAL A 580 -28.14 24.87 6.96
N ARG A 581 -27.75 25.97 6.32
CA ARG A 581 -28.72 26.99 5.96
C ARG A 581 -29.29 26.69 4.58
N ASP A 582 -30.58 26.93 4.43
CA ASP A 582 -31.19 27.01 3.11
C ASP A 582 -30.65 28.24 2.40
N PRO A 583 -30.02 28.11 1.24
CA PRO A 583 -29.63 29.30 0.47
C PRO A 583 -30.82 30.13 0.02
N GLN A 584 -32.03 29.56 0.00
CA GLN A 584 -33.21 30.30 -0.42
C GLN A 584 -33.76 31.15 0.72
N THR A 585 -34.18 30.53 1.81
CA THR A 585 -34.82 31.21 2.92
C THR A 585 -33.89 31.25 4.12
N LEU A 586 -34.22 32.14 5.06
CA LEU A 586 -33.43 32.34 6.27
C LEU A 586 -33.86 31.28 7.29
N GLU A 587 -33.27 30.09 7.19
CA GLU A 587 -33.61 29.00 8.09
C GLU A 587 -32.40 28.08 8.25
N ILE A 588 -32.39 27.37 9.37
CA ILE A 588 -31.35 26.41 9.70
C ILE A 588 -32.01 25.05 9.84
N LEU A 589 -31.53 24.07 9.08
CA LEU A 589 -32.11 22.74 9.04
C LEU A 589 -31.08 21.71 9.47
N ASP A 590 -31.45 20.87 10.43
CA ASP A 590 -30.60 19.77 10.83
C ASP A 590 -30.59 18.68 9.77
N ILE A 591 -29.43 18.11 9.53
CA ILE A 591 -29.25 16.98 8.63
C ILE A 591 -29.04 15.75 9.51
N THR A 592 -30.08 14.96 9.69
CA THR A 592 -29.91 13.64 10.28
C THR A 592 -29.67 12.64 9.15
N PRO A 593 -28.53 11.95 9.12
CA PRO A 593 -28.27 11.03 8.01
C PRO A 593 -29.40 10.04 7.86
N CYS A 594 -29.91 9.90 6.65
CA CYS A 594 -31.23 9.31 6.46
C CYS A 594 -31.25 7.88 6.96
N SER A 595 -32.37 7.52 7.58
CA SER A 595 -32.50 6.37 8.45
C SER A 595 -31.85 5.14 7.84
N PHE A 596 -30.83 4.62 8.52
CA PHE A 596 -29.91 3.66 7.94
C PHE A 596 -29.57 2.61 8.98
N GLY A 597 -29.10 1.46 8.52
CA GLY A 597 -28.71 0.40 9.43
C GLY A 597 -28.71 -0.95 8.73
N GLY A 598 -28.55 -1.99 9.55
CA GLY A 598 -28.50 -3.35 9.05
C GLY A 598 -29.85 -4.05 9.13
N VAL A 599 -29.84 -5.33 8.74
CA VAL A 599 -31.03 -6.17 8.79
C VAL A 599 -30.68 -7.41 9.59
N SER A 600 -31.37 -7.60 10.72
CA SER A 600 -31.27 -8.81 11.51
C SER A 600 -32.48 -9.69 11.20
N VAL A 601 -32.25 -10.99 11.10
CA VAL A 601 -33.31 -11.96 10.86
C VAL A 601 -33.36 -12.91 12.04
N ILE A 602 -34.55 -13.14 12.57
CA ILE A 602 -34.77 -14.07 13.66
C ILE A 602 -35.54 -15.25 13.08
N THR A 603 -34.86 -16.39 12.99
CA THR A 603 -35.48 -17.64 12.58
C THR A 603 -35.16 -18.69 13.62
N PRO A 604 -36.16 -19.35 14.20
CA PRO A 604 -35.87 -20.44 15.14
C PRO A 604 -35.29 -21.65 14.42
N GLY A 605 -35.08 -22.74 15.14
CA GLY A 605 -34.59 -23.96 14.53
C GLY A 605 -35.47 -24.40 13.38
N THR A 606 -34.85 -24.67 12.22
CA THR A 606 -35.62 -25.00 11.04
C THR A 606 -36.48 -26.24 11.28
N ASN A 607 -35.98 -27.20 12.04
CA ASN A 607 -36.76 -28.39 12.37
C ASN A 607 -37.88 -28.09 13.36
N THR A 608 -37.84 -26.95 14.04
CA THR A 608 -38.85 -26.56 15.01
C THR A 608 -39.89 -25.60 14.45
N SER A 609 -39.47 -24.63 13.64
CA SER A 609 -40.38 -23.66 13.08
C SER A 609 -39.77 -23.07 11.81
N ASN A 610 -40.60 -22.36 11.05
CA ASN A 610 -40.16 -21.69 9.84
C ASN A 610 -40.55 -20.23 9.77
N GLN A 611 -41.20 -19.70 10.81
CA GLN A 611 -41.57 -18.29 10.81
C GLN A 611 -40.35 -17.43 11.04
N VAL A 612 -40.15 -16.43 10.18
CA VAL A 612 -38.98 -15.57 10.21
C VAL A 612 -39.44 -14.14 10.49
N ALA A 613 -38.88 -13.54 11.53
CA ALA A 613 -39.10 -12.13 11.82
C ALA A 613 -37.89 -11.33 11.35
N VAL A 614 -38.12 -10.07 10.99
CA VAL A 614 -37.06 -9.22 10.49
C VAL A 614 -37.03 -7.93 11.31
N LEU A 615 -35.86 -7.64 11.88
CA LEU A 615 -35.60 -6.39 12.56
C LEU A 615 -34.71 -5.54 11.67
N TYR A 616 -35.08 -4.27 11.51
CA TYR A 616 -34.32 -3.32 10.72
C TYR A 616 -33.62 -2.43 11.73
N GLN A 617 -32.31 -2.68 11.90
CA GLN A 617 -31.50 -2.00 12.91
C GLN A 617 -31.30 -0.54 12.57
N GLY A 618 -31.38 0.32 13.59
CA GLY A 618 -31.03 1.71 13.44
C GLY A 618 -32.01 2.55 12.66
N VAL A 619 -33.17 2.00 12.32
CA VAL A 619 -34.16 2.72 11.54
C VAL A 619 -35.51 2.62 12.23
N ASN A 620 -36.36 3.61 11.98
CA ASN A 620 -37.76 3.52 12.34
C ASN A 620 -38.53 2.87 11.20
N CYS A 621 -39.82 2.61 11.44
CA CYS A 621 -40.64 1.94 10.44
C CYS A 621 -40.98 2.92 9.31
N THR A 622 -40.17 2.93 8.25
CA THR A 622 -40.33 3.87 7.17
C THR A 622 -40.74 3.20 5.86
N GLU A 623 -39.99 2.19 5.40
CA GLU A 623 -40.28 1.50 4.16
C GLU A 623 -41.01 0.19 4.37
N VAL A 624 -41.37 -0.15 5.60
CA VAL A 624 -42.10 -1.38 5.87
C VAL A 624 -43.56 -1.24 5.44
N ASN A 645 -48.06 -7.33 14.68
CA ASN A 645 -47.88 -6.93 13.29
C ASN A 645 -46.52 -6.26 13.09
N VAL A 646 -46.43 -4.99 13.45
CA VAL A 646 -45.19 -4.23 13.36
C VAL A 646 -44.99 -3.47 14.66
N PHE A 647 -43.76 -3.50 15.19
CA PHE A 647 -43.44 -2.90 16.47
C PHE A 647 -42.22 -2.00 16.32
N GLN A 648 -42.16 -0.97 17.17
CA GLN A 648 -41.08 0.01 17.14
C GLN A 648 -40.20 -0.18 18.36
N THR A 649 -38.91 -0.42 18.13
CA THR A 649 -37.92 -0.56 19.18
C THR A 649 -36.84 0.51 19.02
N ARG A 650 -36.07 0.69 20.08
CA ARG A 650 -34.97 1.65 20.05
C ARG A 650 -33.91 1.23 19.03
N ALA A 651 -33.67 -0.07 18.91
CA ALA A 651 -32.66 -0.55 17.97
C ALA A 651 -33.17 -0.49 16.52
N GLY A 652 -34.48 -0.61 16.32
CA GLY A 652 -35.00 -0.57 14.96
C GLY A 652 -36.45 -1.02 14.92
N CYS A 653 -36.92 -1.23 13.69
CA CYS A 653 -38.29 -1.65 13.43
C CYS A 653 -38.39 -3.17 13.34
N LEU A 654 -39.31 -3.76 14.09
CA LEU A 654 -39.46 -5.21 14.16
C LEU A 654 -40.75 -5.62 13.48
N ILE A 655 -40.64 -6.45 12.43
CA ILE A 655 -41.81 -6.96 11.72
C ILE A 655 -41.81 -8.48 11.85
N GLY A 656 -42.99 -9.04 12.06
CA GLY A 656 -43.14 -10.46 12.25
C GLY A 656 -43.18 -10.90 13.70
N ALA A 657 -43.27 -9.98 14.64
CA ALA A 657 -43.34 -10.31 16.06
C ALA A 657 -44.33 -9.40 16.75
N GLU A 658 -44.98 -9.93 17.78
CA GLU A 658 -45.99 -9.22 18.54
C GLU A 658 -45.48 -9.01 19.96
N HIS A 659 -45.46 -7.75 20.40
CA HIS A 659 -44.99 -7.44 21.75
C HIS A 659 -45.92 -8.03 22.79
N VAL A 660 -45.32 -8.51 23.89
CA VAL A 660 -46.07 -9.09 25.00
C VAL A 660 -45.60 -8.45 26.30
N ASN A 661 -46.52 -8.34 27.25
CA ASN A 661 -46.25 -7.70 28.53
C ASN A 661 -45.89 -8.69 29.63
N ASN A 662 -45.93 -9.99 29.36
CA ASN A 662 -45.70 -10.99 30.39
C ASN A 662 -44.20 -11.16 30.63
N SER A 663 -43.85 -12.18 31.41
CA SER A 663 -42.46 -12.47 31.74
C SER A 663 -42.21 -13.95 31.52
N TYR A 664 -41.54 -14.29 30.43
CA TYR A 664 -41.11 -15.66 30.13
C TYR A 664 -39.59 -15.71 30.11
N GLU A 665 -39.06 -16.90 29.84
CA GLU A 665 -37.61 -17.08 29.75
C GLU A 665 -37.08 -16.33 28.53
N CYS A 666 -36.04 -15.52 28.75
CA CYS A 666 -35.45 -14.74 27.68
C CYS A 666 -34.56 -15.65 26.83
N ASP A 667 -35.00 -15.94 25.61
CA ASP A 667 -34.38 -16.96 24.77
C ASP A 667 -33.46 -16.36 23.71
N ILE A 668 -33.99 -15.49 22.85
CA ILE A 668 -33.19 -14.89 21.79
C ILE A 668 -33.11 -13.38 22.01
N PRO A 669 -31.96 -12.87 22.46
CA PRO A 669 -31.82 -11.41 22.63
C PRO A 669 -31.93 -10.68 21.30
N ILE A 670 -32.62 -9.54 21.33
CA ILE A 670 -32.80 -8.69 20.16
C ILE A 670 -32.02 -7.39 20.31
N GLY A 671 -32.29 -6.63 21.35
CA GLY A 671 -31.59 -5.38 21.57
C GLY A 671 -32.39 -4.43 22.42
N ALA A 672 -31.68 -3.49 23.04
CA ALA A 672 -32.25 -2.50 23.93
C ALA A 672 -33.08 -3.14 25.04
N GLY A 673 -32.70 -4.34 25.45
CA GLY A 673 -33.40 -5.07 26.48
C GLY A 673 -34.56 -5.91 26.00
N ILE A 674 -35.00 -5.74 24.76
CA ILE A 674 -36.07 -6.56 24.20
C ILE A 674 -35.46 -7.84 23.66
N CYS A 675 -36.05 -8.97 24.03
CA CYS A 675 -35.62 -10.27 23.51
C CYS A 675 -36.84 -11.10 23.14
N ALA A 676 -36.62 -12.03 22.22
CA ALA A 676 -37.68 -12.81 21.60
C ALA A 676 -37.70 -14.25 22.09
N SER A 677 -38.86 -14.86 21.96
CA SER A 677 -39.05 -16.27 22.25
C SER A 677 -40.15 -16.82 21.35
N TYR A 678 -40.10 -18.12 21.10
CA TYR A 678 -41.10 -18.78 20.25
C TYR A 678 -42.20 -19.32 21.17
N GLN A 679 -43.30 -18.58 21.27
CA GLN A 679 -44.34 -18.90 22.23
C GLN A 679 -45.69 -18.54 21.65
N THR A 680 -46.74 -18.81 22.42
CA THR A 680 -48.10 -18.49 22.02
C THR A 680 -48.43 -17.03 22.35
N SER A 693 -51.90 -20.49 17.97
CA SER A 693 -50.71 -20.74 17.17
C SER A 693 -49.47 -20.16 17.84
N GLN A 694 -48.31 -20.66 17.42
CA GLN A 694 -47.04 -20.21 17.97
C GLN A 694 -46.41 -19.17 17.04
N SER A 695 -45.73 -18.20 17.64
CA SER A 695 -45.09 -17.13 16.89
C SER A 695 -43.99 -16.52 17.74
N ILE A 696 -43.33 -15.51 17.18
CA ILE A 696 -42.19 -14.85 17.82
C ILE A 696 -42.72 -13.69 18.65
N ILE A 697 -42.40 -13.68 19.94
CA ILE A 697 -42.82 -12.63 20.85
C ILE A 697 -41.58 -11.96 21.44
N ALA A 698 -41.52 -10.64 21.32
CA ALA A 698 -40.41 -9.85 21.84
C ALA A 698 -40.89 -9.01 23.01
N TYR A 699 -40.18 -9.10 24.13
CA TYR A 699 -40.62 -8.44 25.35
C TYR A 699 -39.41 -7.94 26.13
N THR A 700 -39.69 -7.20 27.20
CA THR A 700 -38.63 -6.69 28.07
C THR A 700 -38.04 -7.83 28.91
N MET A 701 -36.71 -7.94 28.89
CA MET A 701 -36.05 -9.11 29.48
C MET A 701 -36.37 -9.16 30.98
N SER A 702 -36.39 -10.38 31.51
CA SER A 702 -36.98 -10.65 32.82
C SER A 702 -36.35 -9.80 33.91
N LEU A 703 -37.18 -9.02 34.60
CA LEU A 703 -36.74 -8.17 35.69
C LEU A 703 -36.83 -8.87 37.04
N GLY A 704 -37.38 -10.08 37.09
CA GLY A 704 -37.33 -10.91 38.27
C GLY A 704 -38.09 -10.41 39.48
N ALA A 705 -38.11 -11.21 40.54
CA ALA A 705 -38.76 -10.85 41.78
C ALA A 705 -37.79 -10.12 42.70
N GLU A 706 -38.30 -9.10 43.37
CA GLU A 706 -37.49 -8.30 44.28
C GLU A 706 -37.44 -8.99 45.64
N ASN A 707 -36.24 -9.15 46.19
CA ASN A 707 -36.05 -9.99 47.37
C ASN A 707 -35.29 -9.27 48.49
N SER A 708 -35.18 -7.94 48.41
CA SER A 708 -34.46 -7.17 49.41
C SER A 708 -35.46 -6.46 50.33
N VAL A 709 -35.51 -6.87 51.59
CA VAL A 709 -36.36 -6.24 52.58
C VAL A 709 -35.47 -5.71 53.71
N ALA A 710 -36.11 -5.15 54.73
CA ALA A 710 -35.38 -4.73 55.90
C ALA A 710 -34.79 -5.93 56.62
N TYR A 711 -33.50 -5.85 56.96
CA TYR A 711 -32.84 -6.90 57.70
C TYR A 711 -32.19 -6.29 58.94
N SER A 712 -32.00 -7.13 59.96
CA SER A 712 -31.48 -6.68 61.24
C SER A 712 -30.72 -7.83 61.89
N ASN A 713 -30.35 -7.66 63.15
CA ASN A 713 -29.57 -8.62 63.92
C ASN A 713 -30.34 -9.89 64.26
N ASN A 714 -31.58 -10.07 63.79
CA ASN A 714 -32.42 -11.18 64.21
C ASN A 714 -32.88 -12.06 63.06
N SER A 715 -32.33 -11.88 61.86
CA SER A 715 -32.76 -12.64 60.69
C SER A 715 -31.57 -13.18 59.93
N ILE A 716 -31.78 -14.32 59.27
CA ILE A 716 -30.78 -14.98 58.46
C ILE A 716 -31.51 -15.85 57.45
N ALA A 717 -30.84 -16.19 56.36
CA ALA A 717 -31.40 -17.08 55.34
C ALA A 717 -30.54 -18.35 55.28
N ILE A 718 -30.91 -19.32 56.10
CA ILE A 718 -30.13 -20.57 56.19
C ILE A 718 -30.30 -21.36 54.90
N PRO A 719 -29.21 -21.78 54.25
CA PRO A 719 -29.29 -22.77 53.17
C PRO A 719 -29.47 -24.16 53.77
N THR A 720 -30.61 -24.78 53.50
CA THR A 720 -30.89 -26.10 54.05
C THR A 720 -30.39 -27.22 53.14
N ASN A 721 -30.51 -27.04 51.83
CA ASN A 721 -30.06 -28.04 50.88
C ASN A 721 -29.33 -27.33 49.74
N PHE A 722 -28.43 -28.07 49.10
CA PHE A 722 -27.66 -27.54 47.98
C PHE A 722 -27.56 -28.56 46.87
N THR A 723 -26.70 -28.29 45.89
CA THR A 723 -26.37 -29.26 44.86
C THR A 723 -24.89 -29.15 44.55
N ILE A 724 -24.23 -30.31 44.47
CA ILE A 724 -22.87 -30.40 43.97
C ILE A 724 -22.99 -30.56 42.46
N SER A 725 -22.84 -29.46 41.74
CA SER A 725 -23.09 -29.41 40.31
C SER A 725 -21.79 -29.55 39.55
N VAL A 726 -21.82 -30.33 38.47
CA VAL A 726 -20.65 -30.50 37.64
C VAL A 726 -20.85 -29.67 36.37
N THR A 727 -20.45 -28.42 36.42
CA THR A 727 -20.61 -27.55 35.25
C THR A 727 -19.59 -27.93 34.19
N THR A 728 -20.03 -27.96 32.94
CA THR A 728 -19.14 -28.24 31.83
C THR A 728 -18.62 -26.92 31.27
N GLU A 729 -17.31 -26.71 31.38
CA GLU A 729 -16.68 -25.51 30.86
C GLU A 729 -15.65 -25.91 29.81
N ILE A 730 -15.53 -25.12 28.76
CA ILE A 730 -14.73 -25.50 27.61
C ILE A 730 -13.67 -24.42 27.41
N LEU A 731 -12.42 -24.84 27.28
CA LEU A 731 -11.31 -23.90 27.08
C LEU A 731 -10.47 -24.36 25.90
N PRO A 732 -10.45 -23.63 24.82
CA PRO A 732 -9.54 -24.02 23.72
C PRO A 732 -8.10 -23.76 24.13
N VAL A 733 -7.39 -24.80 24.55
CA VAL A 733 -6.05 -24.63 25.10
C VAL A 733 -5.05 -24.72 23.95
N SER A 734 -5.01 -25.86 23.29
CA SER A 734 -4.26 -25.94 22.06
C SER A 734 -5.13 -25.46 20.91
N MET A 735 -4.48 -25.03 19.84
CA MET A 735 -5.14 -24.59 18.63
C MET A 735 -4.70 -25.50 17.51
N THR A 736 -5.16 -25.22 16.28
CA THR A 736 -4.66 -25.96 15.14
C THR A 736 -3.20 -25.56 14.95
N LYS A 737 -2.29 -26.42 15.39
CA LYS A 737 -0.87 -26.15 15.20
C LYS A 737 -0.58 -26.17 13.71
N THR A 738 -0.44 -24.99 13.12
CA THR A 738 -0.28 -24.88 11.68
C THR A 738 1.04 -24.19 11.37
N SER A 739 1.56 -24.52 10.19
CA SER A 739 2.71 -23.85 9.63
C SER A 739 2.36 -23.46 8.21
N VAL A 740 2.62 -22.22 7.87
CA VAL A 740 2.29 -21.69 6.56
C VAL A 740 3.62 -21.25 5.94
N ASP A 741 4.27 -22.18 5.25
CA ASP A 741 5.49 -21.86 4.53
C ASP A 741 5.15 -20.99 3.33
N CYS A 742 5.90 -19.90 3.16
CA CYS A 742 5.53 -18.94 2.13
C CYS A 742 5.57 -19.58 0.74
N THR A 743 6.57 -20.42 0.50
CA THR A 743 6.73 -21.04 -0.81
C THR A 743 5.49 -21.84 -1.20
N MET A 744 5.18 -22.90 -0.45
CA MET A 744 4.05 -23.75 -0.83
C MET A 744 2.72 -23.04 -0.69
N TYR A 745 2.52 -22.27 0.38
CA TYR A 745 1.24 -21.60 0.56
C TYR A 745 0.96 -20.61 -0.57
N ILE A 746 1.81 -19.60 -0.71
CA ILE A 746 1.52 -18.54 -1.65
C ILE A 746 1.84 -18.95 -3.08
N CYS A 747 3.01 -19.54 -3.28
CA CYS A 747 3.48 -19.90 -4.61
C CYS A 747 3.06 -21.33 -4.95
N GLY A 748 2.37 -21.50 -6.07
CA GLY A 748 1.89 -22.80 -6.47
C GLY A 748 2.99 -23.70 -6.99
N ASP A 749 3.88 -24.14 -6.10
CA ASP A 749 5.05 -24.93 -6.46
C ASP A 749 5.89 -24.18 -7.48
N SER A 750 6.15 -22.91 -7.20
CA SER A 750 6.87 -22.01 -8.10
C SER A 750 8.06 -21.42 -7.36
N THR A 751 9.26 -21.79 -7.77
CA THR A 751 10.46 -21.19 -7.19
C THR A 751 10.63 -19.75 -7.63
N GLU A 752 10.30 -19.45 -8.89
CA GLU A 752 10.38 -18.08 -9.39
C GLU A 752 9.53 -17.15 -8.55
N CYS A 753 8.40 -17.66 -8.06
CA CYS A 753 7.59 -16.91 -7.09
C CYS A 753 8.39 -16.61 -5.82
N SER A 754 9.07 -17.60 -5.26
CA SER A 754 9.74 -17.41 -3.98
C SER A 754 10.93 -16.46 -4.10
N ASN A 755 11.65 -16.52 -5.24
CA ASN A 755 12.80 -15.65 -5.40
C ASN A 755 12.43 -14.18 -5.39
N LEU A 756 11.19 -13.86 -5.76
CA LEU A 756 10.70 -12.49 -5.69
C LEU A 756 9.92 -12.19 -4.43
N LEU A 757 9.30 -13.20 -3.82
CA LEU A 757 8.65 -13.00 -2.53
C LEU A 757 9.66 -12.69 -1.43
N LEU A 758 10.83 -13.34 -1.48
CA LEU A 758 11.89 -13.02 -0.53
C LEU A 758 12.38 -11.58 -0.71
N GLN A 759 12.19 -10.99 -1.90
CA GLN A 759 12.52 -9.59 -2.13
C GLN A 759 11.44 -8.64 -1.63
N TYR A 760 10.31 -9.17 -1.16
CA TYR A 760 9.27 -8.36 -0.52
C TYR A 760 9.51 -8.19 0.97
N GLY A 761 10.77 -8.16 1.36
CA GLY A 761 11.13 -8.30 2.75
C GLY A 761 11.33 -9.75 3.09
N SER A 762 11.78 -9.98 4.32
CA SER A 762 12.03 -11.34 4.78
C SER A 762 10.77 -11.98 5.35
N PHE A 763 9.60 -11.52 4.91
CA PHE A 763 8.33 -11.89 5.55
C PHE A 763 8.11 -13.38 5.62
N CYS A 764 8.73 -14.16 4.73
CA CYS A 764 8.78 -15.60 4.96
C CYS A 764 9.32 -15.89 6.35
N THR A 765 10.38 -15.19 6.77
CA THR A 765 11.00 -15.51 8.05
C THR A 765 10.12 -15.12 9.24
N GLN A 766 9.64 -13.87 9.28
CA GLN A 766 8.82 -13.48 10.43
C GLN A 766 7.51 -14.25 10.47
N LEU A 767 6.86 -14.45 9.31
CA LEU A 767 5.68 -15.31 9.31
C LEU A 767 6.03 -16.72 9.79
N ASN A 768 7.17 -17.24 9.35
CA ASN A 768 7.53 -18.62 9.68
C ASN A 768 7.76 -18.78 11.17
N ARG A 769 8.60 -17.95 11.78
CA ARG A 769 8.77 -18.16 13.22
C ARG A 769 7.66 -17.54 14.03
N ALA A 770 6.80 -16.70 13.45
CA ALA A 770 5.59 -16.31 14.17
C ALA A 770 4.66 -17.50 14.32
N LEU A 771 4.39 -18.20 13.22
CA LEU A 771 3.55 -19.39 13.32
C LEU A 771 4.25 -20.54 14.04
N THR A 772 5.59 -20.60 13.97
CA THR A 772 6.32 -21.60 14.72
C THR A 772 6.29 -21.28 16.21
N GLY A 773 6.40 -20.00 16.57
CA GLY A 773 6.17 -19.60 17.94
C GLY A 773 4.78 -19.95 18.40
N ILE A 774 3.79 -19.77 17.53
CA ILE A 774 2.43 -20.18 17.86
C ILE A 774 2.37 -21.68 18.14
N ALA A 775 2.99 -22.48 17.26
CA ALA A 775 2.95 -23.93 17.43
C ALA A 775 3.63 -24.34 18.74
N VAL A 776 4.83 -23.83 18.97
CA VAL A 776 5.51 -24.17 20.22
C VAL A 776 4.79 -23.56 21.40
N GLU A 777 3.98 -22.53 21.19
CA GLU A 777 3.16 -22.00 22.26
C GLU A 777 2.04 -22.96 22.63
N GLN A 778 1.38 -23.56 21.63
CA GLN A 778 0.42 -24.61 21.97
C GLN A 778 1.10 -25.78 22.67
N ASP A 779 2.31 -26.13 22.22
CA ASP A 779 3.07 -27.14 22.94
C ASP A 779 3.34 -26.71 24.37
N LYS A 780 3.64 -25.43 24.57
CA LYS A 780 3.90 -24.91 25.91
C LYS A 780 2.64 -24.95 26.77
N ASN A 781 1.49 -24.58 26.19
CA ASN A 781 0.24 -24.65 26.94
C ASN A 781 -0.07 -26.09 27.31
N THR A 782 0.18 -27.03 26.41
CA THR A 782 -0.01 -28.43 26.77
C THR A 782 1.00 -28.87 27.84
N GLN A 783 2.20 -28.30 27.84
CA GLN A 783 3.19 -28.68 28.84
C GLN A 783 2.96 -28.02 30.20
N GLU A 784 2.17 -26.96 30.26
CA GLU A 784 1.81 -26.35 31.53
C GLU A 784 0.39 -26.70 31.97
N VAL A 785 -0.42 -27.25 31.07
CA VAL A 785 -1.81 -27.61 31.34
C VAL A 785 -1.99 -29.12 31.42
N PHE A 786 -1.64 -29.82 30.34
CA PHE A 786 -1.67 -31.28 30.35
C PHE A 786 -0.40 -31.85 30.96
N ALA A 787 0.77 -31.41 30.48
CA ALA A 787 2.03 -31.95 30.97
C ALA A 787 2.52 -31.17 32.19
N GLN A 788 1.60 -30.93 33.10
CA GLN A 788 1.93 -30.29 34.37
C GLN A 788 2.76 -31.21 35.25
N VAL A 789 2.75 -32.51 34.94
CA VAL A 789 3.65 -33.48 35.54
C VAL A 789 4.52 -34.07 34.44
N LYS A 790 5.80 -34.24 34.74
CA LYS A 790 6.71 -34.89 33.80
C LYS A 790 6.84 -36.39 34.05
N GLN A 791 6.15 -36.92 35.05
CA GLN A 791 6.14 -38.35 35.34
C GLN A 791 4.70 -38.85 35.26
N ILE A 792 4.46 -39.79 34.35
CA ILE A 792 3.09 -40.24 34.06
C ILE A 792 2.61 -41.17 35.15
N TYR A 793 1.42 -40.89 35.66
CA TYR A 793 0.70 -41.80 36.54
C TYR A 793 -0.38 -42.51 35.73
N LYS A 794 -0.73 -43.72 36.15
CA LYS A 794 -1.81 -44.45 35.51
C LYS A 794 -2.68 -45.11 36.56
N THR A 795 -3.98 -45.10 36.32
CA THR A 795 -4.93 -45.67 37.26
C THR A 795 -4.92 -47.20 37.15
N PRO A 796 -4.73 -47.91 38.25
CA PRO A 796 -4.80 -49.37 38.20
C PRO A 796 -6.22 -49.84 37.96
N PRO A 797 -6.41 -51.08 37.49
CA PRO A 797 -7.78 -51.58 37.30
C PRO A 797 -8.60 -51.58 38.57
N ILE A 798 -7.98 -51.74 39.73
CA ILE A 798 -8.68 -51.66 41.01
C ILE A 798 -8.83 -50.18 41.40
N LYS A 799 -9.95 -49.59 41.00
CA LYS A 799 -10.19 -48.16 41.20
C LYS A 799 -10.96 -47.97 42.51
N ASP A 800 -10.21 -47.94 43.61
CA ASP A 800 -10.77 -47.77 44.94
C ASP A 800 -10.80 -46.29 45.29
N PHE A 801 -12.00 -45.76 45.53
CA PHE A 801 -12.19 -44.39 45.98
C PHE A 801 -12.93 -44.38 47.31
N GLY A 802 -12.57 -45.31 48.20
CA GLY A 802 -13.35 -45.52 49.40
C GLY A 802 -14.69 -46.17 49.13
N GLY A 803 -14.77 -47.01 48.10
CA GLY A 803 -16.03 -47.58 47.68
C GLY A 803 -16.87 -46.69 46.80
N PHE A 804 -16.38 -45.51 46.45
CA PHE A 804 -17.17 -44.54 45.68
C PHE A 804 -17.08 -44.89 44.20
N ASN A 805 -18.24 -45.18 43.60
CA ASN A 805 -18.31 -45.58 42.20
C ASN A 805 -18.11 -44.34 41.33
N PHE A 806 -16.85 -43.98 41.11
CA PHE A 806 -16.50 -42.79 40.36
C PHE A 806 -15.73 -43.11 39.09
N SER A 807 -15.69 -44.38 38.68
CA SER A 807 -14.75 -44.82 37.65
C SER A 807 -15.06 -44.26 36.26
N GLN A 808 -16.25 -43.71 36.04
CA GLN A 808 -16.59 -43.20 34.72
C GLN A 808 -15.73 -42.00 34.34
N ILE A 809 -15.14 -41.32 35.33
CA ILE A 809 -14.29 -40.18 35.04
C ILE A 809 -13.00 -40.64 34.39
N LEU A 810 -12.42 -41.73 34.88
CA LEU A 810 -11.15 -42.22 34.38
C LEU A 810 -11.34 -43.03 33.10
N PRO A 811 -10.31 -43.14 32.28
CA PRO A 811 -10.41 -43.99 31.09
C PRO A 811 -10.50 -45.46 31.43
N ASP A 812 -11.15 -46.22 30.54
CA ASP A 812 -11.28 -47.66 30.70
C ASP A 812 -10.15 -48.34 29.96
N PRO A 813 -9.29 -49.13 30.63
CA PRO A 813 -8.14 -49.73 29.95
C PRO A 813 -8.50 -50.80 28.92
N SER A 814 -9.77 -51.13 28.73
CA SER A 814 -10.16 -52.12 27.75
C SER A 814 -10.33 -51.55 26.35
N LYS A 815 -10.30 -50.22 26.20
CA LYS A 815 -10.50 -49.57 24.91
C LYS A 815 -9.19 -49.47 24.13
N PRO A 816 -9.26 -49.40 22.79
CA PRO A 816 -8.03 -49.20 22.01
C PRO A 816 -7.31 -47.89 22.35
N SER A 817 -8.07 -46.84 22.67
CA SER A 817 -7.51 -45.59 23.16
C SER A 817 -7.99 -45.37 24.58
N LYS A 818 -7.06 -45.04 25.48
CA LYS A 818 -7.37 -44.93 26.90
C LYS A 818 -8.05 -43.59 27.18
N ARG A 819 -9.33 -43.52 26.80
CA ARG A 819 -10.16 -42.36 27.04
C ARG A 819 -11.35 -42.75 27.91
N SER A 820 -11.95 -41.75 28.54
CA SER A 820 -13.02 -41.99 29.49
C SER A 820 -14.36 -42.14 28.76
N PHE A 821 -15.43 -42.26 29.55
CA PHE A 821 -16.77 -42.33 28.98
C PHE A 821 -17.09 -41.09 28.16
N ILE A 822 -16.85 -39.92 28.75
CA ILE A 822 -17.26 -38.66 28.13
C ILE A 822 -16.38 -38.36 26.91
N GLU A 823 -15.09 -38.69 26.99
CA GLU A 823 -14.12 -38.20 26.01
C GLU A 823 -14.39 -38.72 24.60
N ASP A 824 -14.88 -39.95 24.47
CA ASP A 824 -15.14 -40.49 23.13
C ASP A 824 -16.24 -39.70 22.43
N LEU A 825 -17.36 -39.46 23.13
CA LEU A 825 -18.41 -38.64 22.54
C LEU A 825 -17.96 -37.19 22.38
N LEU A 826 -17.03 -36.73 23.22
CA LEU A 826 -16.46 -35.41 23.00
C LEU A 826 -15.72 -35.35 21.68
N PHE A 827 -14.94 -36.40 21.37
CA PHE A 827 -14.26 -36.46 20.08
C PHE A 827 -15.26 -36.52 18.95
N ASN A 828 -16.32 -37.31 19.10
CA ASN A 828 -17.28 -37.48 18.02
C ASN A 828 -18.12 -36.24 17.77
N LYS A 829 -18.41 -35.46 18.82
CA LYS A 829 -19.21 -34.25 18.66
C LYS A 829 -18.44 -33.13 17.96
N VAL A 830 -17.13 -33.22 17.90
CA VAL A 830 -16.30 -32.20 17.27
C VAL A 830 -15.96 -32.70 15.87
N THR A 831 -16.58 -32.09 14.87
CA THR A 831 -16.36 -32.47 13.48
C THR A 831 -16.25 -31.24 12.59
N LYS A 858 -7.07 -29.80 2.34
CA LYS A 858 -6.20 -29.67 3.50
C LYS A 858 -4.74 -29.66 3.07
N PHE A 859 -4.52 -29.62 1.76
CA PHE A 859 -3.18 -29.71 1.16
C PHE A 859 -2.92 -28.51 0.26
N ASN A 860 -3.41 -27.33 0.67
CA ASN A 860 -3.32 -26.12 -0.16
C ASN A 860 -2.14 -25.24 0.24
N GLY A 861 -1.03 -25.84 0.67
CA GLY A 861 0.15 -25.13 1.09
C GLY A 861 0.28 -24.99 2.59
N LEU A 862 -0.84 -24.99 3.31
CA LEU A 862 -0.79 -25.04 4.76
C LEU A 862 -0.28 -26.40 5.21
N THR A 863 0.13 -26.48 6.46
CA THR A 863 0.55 -27.77 7.02
C THR A 863 0.09 -27.81 8.48
N VAL A 864 -0.90 -28.64 8.77
CA VAL A 864 -1.32 -28.83 10.15
C VAL A 864 -0.33 -29.79 10.77
N LEU A 865 0.70 -29.23 11.40
CA LEU A 865 1.71 -30.06 12.03
C LEU A 865 1.08 -30.88 13.15
N PRO A 866 1.33 -32.19 13.20
CA PRO A 866 0.77 -33.00 14.27
C PRO A 866 1.26 -32.51 15.62
N PRO A 867 0.42 -32.57 16.65
CA PRO A 867 0.85 -32.10 17.97
C PRO A 867 2.02 -32.93 18.46
N LEU A 868 2.97 -32.25 19.12
CA LEU A 868 4.07 -32.97 19.74
C LEU A 868 3.56 -34.03 20.69
N LEU A 869 2.63 -33.65 21.56
CA LEU A 869 1.93 -34.63 22.38
C LEU A 869 0.86 -35.29 21.53
N THR A 870 0.97 -36.60 21.34
CA THR A 870 0.01 -37.33 20.53
C THR A 870 -1.36 -37.27 21.19
N ASP A 871 -2.41 -37.32 20.35
CA ASP A 871 -3.77 -37.34 20.88
C ASP A 871 -3.93 -38.42 21.94
N GLU A 872 -3.41 -39.62 21.65
CA GLU A 872 -3.34 -40.65 22.68
C GLU A 872 -2.40 -40.24 23.81
N MET A 873 -1.32 -39.52 23.50
CA MET A 873 -0.43 -39.09 24.58
C MET A 873 -1.04 -37.93 25.37
N ILE A 874 -1.80 -37.05 24.71
CA ILE A 874 -2.54 -36.05 25.46
C ILE A 874 -3.56 -36.71 26.38
N ALA A 875 -4.20 -37.77 25.89
CA ALA A 875 -5.10 -38.53 26.74
C ALA A 875 -4.34 -39.18 27.89
N GLN A 876 -3.11 -39.61 27.64
CA GLN A 876 -2.31 -40.20 28.71
C GLN A 876 -1.95 -39.15 29.76
N TYR A 877 -1.59 -37.94 29.34
CA TYR A 877 -1.40 -36.85 30.29
C TYR A 877 -2.68 -36.56 31.07
N THR A 878 -3.83 -36.55 30.39
CA THR A 878 -5.07 -36.28 31.09
C THR A 878 -5.37 -37.36 32.12
N SER A 879 -5.12 -38.63 31.76
CA SER A 879 -5.29 -39.72 32.71
C SER A 879 -4.32 -39.58 33.88
N ALA A 880 -3.09 -39.17 33.60
CA ALA A 880 -2.13 -38.93 34.68
C ALA A 880 -2.59 -37.80 35.59
N LEU A 881 -3.16 -36.75 35.00
CA LEU A 881 -3.65 -35.63 35.80
C LEU A 881 -4.80 -36.06 36.68
N LEU A 882 -5.71 -36.88 36.13
CA LEU A 882 -6.80 -37.42 36.93
C LEU A 882 -6.27 -38.32 38.03
N ALA A 883 -5.31 -39.19 37.72
CA ALA A 883 -4.70 -40.01 38.75
C ALA A 883 -4.10 -39.14 39.83
N GLY A 884 -3.47 -38.03 39.44
CA GLY A 884 -2.89 -37.13 40.42
C GLY A 884 -3.94 -36.47 41.30
N THR A 885 -5.01 -35.98 40.69
CA THR A 885 -5.97 -35.15 41.42
C THR A 885 -7.03 -35.95 42.15
N ILE A 886 -7.13 -37.25 41.91
CA ILE A 886 -7.94 -38.14 42.75
C ILE A 886 -7.08 -38.95 43.71
N THR A 887 -6.02 -39.58 43.23
CA THR A 887 -5.19 -40.38 44.14
C THR A 887 -4.25 -39.49 44.96
N SER A 888 -3.35 -38.77 44.29
CA SER A 888 -2.32 -38.06 45.04
C SER A 888 -2.84 -36.81 45.73
N GLY A 889 -3.77 -36.09 45.09
CA GLY A 889 -4.32 -34.92 45.73
C GLY A 889 -3.92 -33.61 45.09
N TRP A 890 -3.71 -32.59 45.92
CA TRP A 890 -3.34 -31.26 45.47
C TRP A 890 -1.83 -31.08 45.39
N THR A 891 -1.06 -32.17 45.35
CA THR A 891 0.38 -32.11 45.57
C THR A 891 1.20 -32.61 44.39
N PHE A 892 0.60 -33.02 43.29
CA PHE A 892 1.36 -33.66 42.22
C PHE A 892 1.97 -32.67 41.23
N GLY A 893 1.66 -31.38 41.35
CA GLY A 893 2.24 -30.37 40.51
C GLY A 893 3.39 -29.59 41.13
N ALA A 894 3.80 -29.96 42.34
CA ALA A 894 4.87 -29.31 43.07
C ALA A 894 6.01 -30.29 43.33
N GLY A 895 6.37 -31.06 42.31
CA GLY A 895 7.35 -32.12 42.48
C GLY A 895 6.74 -33.49 42.27
N ALA A 896 6.97 -34.39 43.22
CA ALA A 896 6.41 -35.73 43.15
C ALA A 896 5.09 -35.80 43.91
N ALA A 897 4.33 -36.86 43.63
CA ALA A 897 3.02 -37.05 44.24
C ALA A 897 3.16 -37.38 45.73
N LEU A 898 2.02 -37.53 46.39
CA LEU A 898 1.99 -37.86 47.82
C LEU A 898 0.64 -38.51 48.11
N GLN A 899 0.59 -39.33 49.16
CA GLN A 899 -0.62 -40.09 49.46
C GLN A 899 -1.67 -39.21 50.12
N ILE A 900 -2.82 -39.06 49.46
CA ILE A 900 -3.96 -38.33 49.99
C ILE A 900 -5.24 -39.03 49.55
N PRO A 901 -5.91 -39.78 50.41
CA PRO A 901 -7.17 -40.43 50.03
C PRO A 901 -8.21 -39.42 49.56
N PHE A 902 -9.03 -39.86 48.58
CA PHE A 902 -9.94 -38.96 47.89
C PHE A 902 -11.00 -38.38 48.82
N ALA A 903 -11.51 -39.18 49.74
CA ALA A 903 -12.53 -38.67 50.66
C ALA A 903 -11.97 -37.52 51.47
N MET A 904 -10.71 -37.61 51.88
CA MET A 904 -10.07 -36.48 52.54
C MET A 904 -9.64 -35.39 51.57
N GLN A 905 -9.57 -35.67 50.26
CA GLN A 905 -9.53 -34.57 49.30
C GLN A 905 -10.80 -33.74 49.39
N MET A 906 -11.96 -34.41 49.42
CA MET A 906 -13.22 -33.69 49.57
C MET A 906 -13.27 -33.00 50.93
N ALA A 907 -12.72 -33.63 51.96
CA ALA A 907 -12.65 -32.97 53.27
C ALA A 907 -11.79 -31.71 53.21
N TYR A 908 -10.65 -31.78 52.52
CA TYR A 908 -9.77 -30.62 52.41
C TYR A 908 -10.45 -29.50 51.64
N ARG A 909 -11.15 -29.83 50.56
CA ARG A 909 -11.85 -28.81 49.80
C ARG A 909 -13.04 -28.23 50.57
N PHE A 910 -13.71 -29.07 51.37
CA PHE A 910 -14.76 -28.58 52.26
C PHE A 910 -14.20 -27.61 53.29
N ASN A 911 -13.00 -27.90 53.81
CA ASN A 911 -12.29 -26.91 54.60
C ASN A 911 -11.95 -25.67 53.77
N GLY A 912 -11.72 -25.87 52.47
CA GLY A 912 -11.40 -24.76 51.60
C GLY A 912 -12.53 -23.75 51.48
N ILE A 913 -13.77 -24.23 51.37
CA ILE A 913 -14.90 -23.30 51.30
C ILE A 913 -15.87 -23.49 52.47
N GLY A 914 -15.41 -24.07 53.57
CA GLY A 914 -16.17 -24.07 54.80
C GLY A 914 -17.32 -25.05 54.87
N VAL A 915 -17.04 -26.35 54.82
CA VAL A 915 -18.04 -27.39 54.95
C VAL A 915 -17.54 -28.43 55.94
N THR A 916 -18.47 -28.98 56.74
CA THR A 916 -18.13 -29.89 57.82
C THR A 916 -18.05 -31.33 57.34
N GLN A 917 -17.36 -32.15 58.13
CA GLN A 917 -17.10 -33.54 57.75
C GLN A 917 -17.69 -34.55 58.73
N ASN A 918 -18.51 -34.12 59.69
CA ASN A 918 -19.18 -35.08 60.57
C ASN A 918 -20.32 -35.78 59.84
N VAL A 919 -21.26 -35.00 59.31
CA VAL A 919 -22.27 -35.56 58.43
C VAL A 919 -21.62 -36.20 57.22
N LEU A 920 -20.41 -35.75 56.85
CA LEU A 920 -19.64 -36.48 55.84
C LEU A 920 -19.30 -37.89 56.31
N TYR A 921 -18.85 -38.02 57.56
CA TYR A 921 -18.61 -39.36 58.10
C TYR A 921 -19.87 -40.20 58.03
N GLU A 922 -21.01 -39.62 58.40
CA GLU A 922 -22.24 -40.41 58.46
C GLU A 922 -22.84 -40.71 57.08
N ASN A 923 -22.58 -39.88 56.06
CA ASN A 923 -23.22 -40.04 54.77
C ASN A 923 -22.22 -39.87 53.63
N GLN A 924 -21.03 -40.48 53.78
CA GLN A 924 -20.13 -40.64 52.63
C GLN A 924 -20.89 -41.20 51.44
N LYS A 925 -21.68 -42.25 51.67
CA LYS A 925 -22.43 -42.87 50.59
C LYS A 925 -23.40 -41.90 49.95
N LEU A 926 -24.15 -41.15 50.76
CA LEU A 926 -25.14 -40.24 50.22
C LEU A 926 -24.48 -39.14 49.38
N ILE A 927 -23.38 -38.58 49.88
CA ILE A 927 -22.71 -37.52 49.14
C ILE A 927 -22.07 -38.08 47.87
N ALA A 928 -21.54 -39.30 47.94
CA ALA A 928 -20.96 -39.92 46.76
C ALA A 928 -22.02 -40.16 45.69
N ASN A 929 -23.19 -40.65 46.08
CA ASN A 929 -24.27 -40.82 45.11
C ASN A 929 -24.79 -39.49 44.60
N GLN A 930 -24.74 -38.43 45.41
CA GLN A 930 -25.05 -37.10 44.88
C GLN A 930 -24.07 -36.73 43.77
N PHE A 931 -22.78 -36.97 43.99
CA PHE A 931 -21.78 -36.73 42.96
C PHE A 931 -22.04 -37.58 41.72
N ASN A 932 -22.35 -38.87 41.90
CA ASN A 932 -22.61 -39.75 40.76
C ASN A 932 -23.85 -39.31 40.00
N SER A 933 -24.89 -38.86 40.71
CA SER A 933 -26.08 -38.37 40.03
C SER A 933 -25.75 -37.12 39.22
N ALA A 934 -24.91 -36.24 39.77
CA ALA A 934 -24.48 -35.08 39.00
C ALA A 934 -23.72 -35.48 37.74
N ILE A 935 -22.82 -36.46 37.88
CA ILE A 935 -22.06 -36.93 36.72
C ILE A 935 -22.99 -37.54 35.68
N GLY A 936 -23.98 -38.31 36.14
CA GLY A 936 -24.93 -38.90 35.22
C GLY A 936 -25.79 -37.86 34.51
N LYS A 937 -26.22 -36.83 35.24
CA LYS A 937 -26.96 -35.74 34.61
C LYS A 937 -26.12 -35.06 33.55
N ILE A 938 -24.83 -34.85 33.85
CA ILE A 938 -23.98 -34.18 32.88
C ILE A 938 -23.71 -35.07 31.67
N GLN A 939 -23.56 -36.37 31.88
CA GLN A 939 -23.37 -37.26 30.73
C GLN A 939 -24.63 -37.31 29.87
N ASP A 940 -25.80 -37.27 30.51
CA ASP A 940 -27.05 -37.20 29.75
C ASP A 940 -27.14 -35.91 28.96
N SER A 941 -26.77 -34.79 29.57
CA SER A 941 -26.79 -33.51 28.88
C SER A 941 -25.82 -33.50 27.71
N LEU A 942 -24.63 -34.06 27.90
CA LEU A 942 -23.63 -34.08 26.84
C LEU A 942 -24.06 -34.99 25.70
N SER A 943 -24.69 -36.12 26.01
CA SER A 943 -25.23 -36.98 24.97
C SER A 943 -26.45 -36.36 24.29
N SER A 944 -27.14 -35.45 24.97
CA SER A 944 -28.34 -34.83 24.43
C SER A 944 -28.03 -33.54 23.66
N THR A 945 -27.26 -32.64 24.27
CA THR A 945 -26.93 -31.35 23.68
C THR A 945 -25.57 -31.44 23.01
N ALA A 946 -25.56 -31.45 21.67
CA ALA A 946 -24.32 -31.47 20.92
C ALA A 946 -23.69 -30.09 20.79
N SER A 947 -24.46 -29.03 21.03
CA SER A 947 -23.93 -27.67 20.95
C SER A 947 -23.19 -27.24 22.19
N ALA A 948 -23.17 -28.08 23.24
CA ALA A 948 -22.45 -27.72 24.46
C ALA A 948 -20.95 -27.60 24.21
N LEU A 949 -20.42 -28.33 23.23
CA LEU A 949 -19.02 -28.23 22.84
C LEU A 949 -18.78 -27.13 21.82
N GLY A 950 -19.79 -26.27 21.60
CA GLY A 950 -19.63 -25.19 20.65
C GLY A 950 -18.44 -24.30 20.96
N LYS A 951 -18.07 -24.21 22.25
CA LYS A 951 -16.92 -23.40 22.62
C LYS A 951 -15.63 -23.91 21.96
N LEU A 952 -15.46 -25.23 21.86
CA LEU A 952 -14.46 -25.73 20.92
C LEU A 952 -14.87 -25.43 19.50
N GLN A 953 -16.10 -25.79 19.14
CA GLN A 953 -16.52 -25.72 17.75
C GLN A 953 -16.35 -24.31 17.20
N ASN A 954 -16.91 -23.30 17.90
CA ASN A 954 -16.76 -21.94 17.39
C ASN A 954 -15.29 -21.63 17.17
N VAL A 955 -14.43 -21.98 18.13
CA VAL A 955 -13.01 -21.73 17.96
C VAL A 955 -12.49 -22.40 16.70
N VAL A 956 -12.77 -23.69 16.53
CA VAL A 956 -12.21 -24.36 15.37
C VAL A 956 -12.82 -23.77 14.10
N ASN A 957 -14.03 -23.20 14.21
CA ASN A 957 -14.62 -22.52 13.07
C ASN A 957 -13.82 -21.27 12.70
N GLN A 958 -13.48 -20.41 13.66
CA GLN A 958 -12.61 -19.33 13.19
C GLN A 958 -11.20 -19.84 12.92
N ASN A 959 -10.91 -21.10 13.24
CA ASN A 959 -9.80 -21.77 12.59
C ASN A 959 -10.23 -22.30 11.22
N ALA A 960 -11.39 -22.97 11.17
CA ALA A 960 -11.92 -23.53 9.92
C ALA A 960 -12.17 -22.47 8.86
N GLN A 961 -13.10 -21.53 9.10
CA GLN A 961 -13.38 -20.53 8.08
C GLN A 961 -12.14 -19.73 7.73
N ALA A 962 -11.30 -19.41 8.72
CA ALA A 962 -10.03 -18.79 8.41
C ALA A 962 -9.26 -19.63 7.40
N LEU A 963 -9.07 -20.92 7.70
CA LEU A 963 -8.48 -21.83 6.73
C LEU A 963 -9.30 -21.89 5.47
N ASN A 964 -10.63 -21.79 5.56
CA ASN A 964 -11.44 -21.63 4.36
C ASN A 964 -11.10 -20.33 3.65
N THR A 965 -11.10 -19.21 4.38
CA THR A 965 -10.78 -17.93 3.75
C THR A 965 -9.44 -18.00 3.05
N LEU A 966 -8.44 -18.57 3.73
CA LEU A 966 -7.14 -18.78 3.11
C LEU A 966 -7.29 -19.51 1.79
N VAL A 967 -7.99 -20.64 1.81
CA VAL A 967 -8.29 -21.35 0.57
C VAL A 967 -9.09 -20.46 -0.36
N LYS A 968 -10.12 -19.80 0.17
CA LYS A 968 -10.90 -18.87 -0.63
C LYS A 968 -10.04 -17.74 -1.16
N GLN A 969 -8.96 -17.40 -0.44
CA GLN A 969 -8.10 -16.33 -0.93
C GLN A 969 -7.39 -16.72 -2.22
N LEU A 970 -7.26 -18.01 -2.51
CA LEU A 970 -6.76 -18.41 -3.82
C LEU A 970 -7.75 -18.01 -4.91
N SER A 971 -9.04 -18.15 -4.65
CA SER A 971 -10.06 -17.76 -5.61
C SER A 971 -10.20 -16.25 -5.74
N SER A 972 -9.58 -15.48 -4.85
CA SER A 972 -9.63 -14.03 -4.92
C SER A 972 -8.43 -13.53 -5.71
N ASN A 973 -8.69 -12.92 -6.86
CA ASN A 973 -7.63 -12.48 -7.75
C ASN A 973 -7.12 -11.08 -7.46
N PHE A 974 -7.92 -10.23 -6.83
CA PHE A 974 -7.55 -8.85 -6.53
C PHE A 974 -7.11 -8.11 -7.79
N GLY A 975 -7.88 -8.27 -8.85
CA GLY A 975 -7.61 -7.58 -10.10
C GLY A 975 -6.77 -8.35 -11.09
N ALA A 976 -6.55 -9.64 -10.87
CA ALA A 976 -5.77 -10.43 -11.81
C ALA A 976 -6.60 -10.72 -13.06
N ILE A 977 -5.88 -11.06 -14.14
CA ILE A 977 -6.54 -11.49 -15.36
C ILE A 977 -6.83 -12.98 -15.33
N SER A 978 -6.09 -13.75 -14.55
CA SER A 978 -6.34 -15.17 -14.36
C SER A 978 -5.83 -15.60 -13.00
N SER A 979 -6.32 -16.76 -12.54
CA SER A 979 -5.90 -17.31 -11.25
C SER A 979 -4.91 -18.46 -11.38
N VAL A 980 -4.89 -19.16 -12.52
CA VAL A 980 -3.96 -20.26 -12.72
C VAL A 980 -2.54 -19.71 -12.80
N LEU A 981 -1.61 -20.38 -12.12
CA LEU A 981 -0.24 -19.90 -12.09
C LEU A 981 0.39 -19.92 -13.48
N ASN A 982 0.16 -20.97 -14.24
CA ASN A 982 0.77 -21.06 -15.57
C ASN A 982 0.10 -20.11 -16.56
N ASP A 983 -1.18 -19.83 -16.38
CA ASP A 983 -1.88 -18.93 -17.31
C ASP A 983 -1.47 -17.48 -17.17
N ILE A 984 -0.42 -17.17 -16.42
CA ILE A 984 0.09 -15.81 -16.31
C ILE A 984 1.43 -15.67 -17.04
N LEU A 985 2.34 -16.64 -16.83
CA LEU A 985 3.66 -16.56 -17.44
C LEU A 985 3.60 -16.71 -18.96
N SER A 986 2.87 -17.71 -19.44
CA SER A 986 2.95 -18.09 -20.84
C SER A 986 2.33 -17.07 -21.79
N ARG A 987 1.55 -16.11 -21.29
CA ARG A 987 0.84 -15.19 -22.17
C ARG A 987 1.52 -13.83 -22.30
N LEU A 988 1.88 -13.21 -21.20
CA LEU A 988 2.50 -11.89 -21.22
C LEU A 988 4.02 -12.01 -21.09
N ASP A 989 4.70 -10.93 -21.44
CA ASP A 989 6.15 -10.90 -21.35
C ASP A 989 6.60 -10.94 -19.90
N PRO A 990 7.75 -11.53 -19.63
CA PRO A 990 8.27 -11.57 -18.25
C PRO A 990 8.39 -10.18 -17.63
N PRO A 991 8.80 -9.14 -18.38
CA PRO A 991 8.79 -7.79 -17.78
C PRO A 991 7.43 -7.36 -17.27
N GLU A 992 6.34 -7.87 -17.84
CA GLU A 992 5.00 -7.61 -17.33
C GLU A 992 4.44 -8.76 -16.51
N ALA A 993 4.64 -9.99 -16.97
CA ALA A 993 4.08 -11.15 -16.26
C ALA A 993 4.68 -11.28 -14.87
N GLU A 994 5.99 -11.07 -14.73
CA GLU A 994 6.63 -11.18 -13.43
C GLU A 994 6.11 -10.12 -12.47
N VAL A 995 5.88 -8.89 -12.96
CA VAL A 995 5.36 -7.84 -12.10
C VAL A 995 3.91 -8.14 -11.71
N GLN A 996 3.12 -8.67 -12.65
CA GLN A 996 1.77 -9.11 -12.31
C GLN A 996 1.80 -10.15 -11.20
N ILE A 997 2.67 -11.16 -11.36
CA ILE A 997 2.81 -12.19 -10.33
C ILE A 997 3.24 -11.57 -9.02
N ASP A 998 4.15 -10.60 -9.07
CA ASP A 998 4.65 -9.97 -7.85
C ASP A 998 3.54 -9.26 -7.10
N ARG A 999 2.68 -8.51 -7.80
CA ARG A 999 1.59 -7.86 -7.09
C ARG A 999 0.51 -8.85 -6.65
N LEU A 1000 0.29 -9.93 -7.40
CA LEU A 1000 -0.66 -10.94 -6.94
C LEU A 1000 -0.15 -11.63 -5.68
N ILE A 1001 1.14 -11.96 -5.65
CA ILE A 1001 1.76 -12.53 -4.46
C ILE A 1001 1.78 -11.50 -3.34
N THR A 1002 1.83 -10.21 -3.68
CA THR A 1002 1.68 -9.15 -2.68
C THR A 1002 0.31 -9.21 -2.04
N GLY A 1003 -0.73 -9.38 -2.86
CA GLY A 1003 -2.07 -9.54 -2.32
C GLY A 1003 -2.17 -10.77 -1.43
N ARG A 1004 -1.55 -11.87 -1.86
CA ARG A 1004 -1.52 -13.07 -1.03
C ARG A 1004 -0.78 -12.82 0.28
N LEU A 1005 0.31 -12.06 0.24
CA LEU A 1005 1.06 -11.77 1.46
C LEU A 1005 0.27 -10.85 2.38
N GLN A 1006 -0.50 -9.93 1.81
CA GLN A 1006 -1.41 -9.12 2.62
C GLN A 1006 -2.46 -10.01 3.28
N SER A 1007 -2.99 -10.98 2.55
CA SER A 1007 -3.93 -11.94 3.13
C SER A 1007 -3.27 -12.72 4.25
N LEU A 1008 -2.03 -13.14 4.04
CA LEU A 1008 -1.31 -13.88 5.07
C LEU A 1008 -1.05 -13.03 6.30
N GLN A 1009 -0.67 -11.76 6.10
CA GLN A 1009 -0.47 -10.87 7.23
C GLN A 1009 -1.77 -10.69 8.01
N THR A 1010 -2.87 -10.46 7.30
CA THR A 1010 -4.16 -10.32 7.99
C THR A 1010 -4.53 -11.59 8.72
N TYR A 1011 -4.35 -12.75 8.06
CA TYR A 1011 -4.68 -14.01 8.69
C TYR A 1011 -3.84 -14.25 9.92
N VAL A 1012 -2.53 -14.00 9.84
CA VAL A 1012 -1.67 -14.27 10.98
C VAL A 1012 -1.91 -13.25 12.08
N THR A 1013 -2.25 -12.01 11.73
CA THR A 1013 -2.51 -11.02 12.76
C THR A 1013 -3.78 -11.35 13.53
N GLN A 1014 -4.89 -11.59 12.83
CA GLN A 1014 -6.11 -11.99 13.53
C GLN A 1014 -5.97 -13.38 14.14
N GLN A 1015 -5.17 -14.25 13.54
CA GLN A 1015 -4.94 -15.57 14.09
C GLN A 1015 -4.08 -15.51 15.35
N LEU A 1016 -3.21 -14.51 15.43
CA LEU A 1016 -2.34 -14.37 16.59
C LEU A 1016 -2.97 -13.54 17.69
N ILE A 1017 -3.92 -12.66 17.37
CA ILE A 1017 -4.79 -12.13 18.41
C ILE A 1017 -5.76 -13.20 18.90
N ARG A 1018 -6.25 -14.04 17.98
CA ARG A 1018 -7.04 -15.20 18.40
C ARG A 1018 -6.22 -16.14 19.25
N ALA A 1019 -4.96 -16.34 18.89
CA ALA A 1019 -4.03 -17.12 19.70
C ALA A 1019 -3.61 -16.39 20.95
N ALA A 1020 -3.72 -15.07 20.99
CA ALA A 1020 -3.60 -14.34 22.24
C ALA A 1020 -4.79 -14.62 23.14
N GLU A 1021 -5.98 -14.72 22.56
CA GLU A 1021 -7.13 -15.21 23.32
C GLU A 1021 -6.90 -16.64 23.78
N ILE A 1022 -6.36 -17.48 22.90
CA ILE A 1022 -6.08 -18.87 23.23
C ILE A 1022 -5.02 -18.95 24.32
N ARG A 1023 -4.03 -18.06 24.29
CA ARG A 1023 -2.95 -18.05 25.27
C ARG A 1023 -3.38 -17.42 26.59
N ALA A 1024 -4.25 -16.41 26.55
CA ALA A 1024 -4.87 -15.93 27.78
C ALA A 1024 -5.70 -17.02 28.40
N SER A 1025 -6.48 -17.73 27.59
CA SER A 1025 -7.22 -18.89 28.05
C SER A 1025 -6.31 -20.05 28.40
N ALA A 1026 -5.09 -20.07 27.90
CA ALA A 1026 -4.17 -21.17 28.18
C ALA A 1026 -3.43 -20.96 29.49
N ASN A 1027 -2.99 -19.73 29.75
CA ASN A 1027 -2.56 -19.37 31.10
C ASN A 1027 -3.73 -19.47 32.07
N LEU A 1028 -4.94 -19.15 31.60
CA LEU A 1028 -6.14 -19.34 32.40
C LEU A 1028 -6.35 -20.82 32.73
N ALA A 1029 -6.15 -21.69 31.75
CA ALA A 1029 -6.30 -23.12 31.96
C ALA A 1029 -5.14 -23.69 32.75
N ALA A 1030 -3.96 -23.09 32.68
CA ALA A 1030 -2.88 -23.47 33.58
C ALA A 1030 -3.24 -23.13 35.02
N THR A 1031 -3.82 -21.95 35.22
CA THR A 1031 -4.28 -21.57 36.55
C THR A 1031 -5.51 -22.36 36.98
N LYS A 1032 -6.24 -22.96 36.04
CA LYS A 1032 -7.32 -23.87 36.42
C LYS A 1032 -6.81 -25.29 36.65
N MET A 1033 -5.76 -25.69 35.95
CA MET A 1033 -5.09 -26.96 36.15
C MET A 1033 -4.27 -26.96 37.43
N SER A 1034 -3.95 -25.78 37.94
CA SER A 1034 -3.21 -25.66 39.18
C SER A 1034 -4.09 -25.16 40.32
N GLU A 1035 -4.70 -23.98 40.17
CA GLU A 1035 -5.55 -23.42 41.21
C GLU A 1035 -6.75 -24.31 41.49
N CYS A 1036 -7.35 -24.86 40.44
CA CYS A 1036 -8.58 -25.64 40.59
C CYS A 1036 -8.35 -27.14 40.59
N VAL A 1037 -7.23 -27.61 40.05
CA VAL A 1037 -6.93 -29.04 40.06
C VAL A 1037 -5.88 -29.38 41.10
N LEU A 1038 -4.76 -28.67 41.10
CA LEU A 1038 -3.75 -28.84 42.16
C LEU A 1038 -4.15 -28.22 43.47
N GLY A 1039 -5.40 -27.80 43.56
CA GLY A 1039 -5.91 -27.19 44.77
C GLY A 1039 -7.33 -26.75 44.54
N GLN A 1040 -7.85 -25.97 45.48
CA GLN A 1040 -9.16 -25.35 45.33
C GLN A 1040 -8.96 -23.86 45.13
N SER A 1041 -9.32 -23.37 43.95
CA SER A 1041 -9.17 -21.95 43.67
C SER A 1041 -10.11 -21.15 44.56
N LYS A 1042 -9.58 -20.08 45.15
CA LYS A 1042 -10.37 -19.16 45.95
C LYS A 1042 -10.95 -18.02 45.12
N ARG A 1043 -10.76 -18.08 43.81
CA ARG A 1043 -11.34 -17.10 42.89
C ARG A 1043 -12.75 -17.55 42.56
N VAL A 1044 -13.75 -16.85 43.09
CA VAL A 1044 -15.14 -17.23 42.89
C VAL A 1044 -15.52 -16.99 41.43
N ASP A 1045 -16.38 -17.85 40.89
CA ASP A 1045 -16.84 -17.76 39.50
C ASP A 1045 -15.66 -17.72 38.53
N PHE A 1046 -14.61 -18.47 38.87
CA PHE A 1046 -13.44 -18.63 38.01
C PHE A 1046 -13.37 -20.04 37.43
N CYS A 1047 -13.61 -21.04 38.25
CA CYS A 1047 -13.73 -22.43 37.82
C CYS A 1047 -15.15 -22.96 38.03
N GLY A 1048 -16.15 -22.18 37.65
CA GLY A 1048 -17.51 -22.66 37.69
C GLY A 1048 -18.45 -21.76 38.47
N LYS A 1049 -19.69 -21.64 37.99
CA LYS A 1049 -20.69 -20.85 38.70
C LYS A 1049 -20.89 -21.41 40.10
N GLY A 1050 -20.80 -20.54 41.09
CA GLY A 1050 -20.87 -20.95 42.48
C GLY A 1050 -19.49 -21.24 43.06
N TYR A 1051 -19.49 -21.50 44.37
CA TYR A 1051 -18.26 -21.89 45.05
C TYR A 1051 -17.70 -23.15 44.39
N HIS A 1052 -16.41 -23.12 44.09
CA HIS A 1052 -15.77 -24.23 43.39
C HIS A 1052 -15.13 -25.19 44.37
N LEU A 1053 -15.31 -26.48 44.11
CA LEU A 1053 -14.64 -27.54 44.89
C LEU A 1053 -13.48 -28.16 44.13
N MET A 1054 -13.74 -28.71 42.94
CA MET A 1054 -12.74 -29.53 42.28
C MET A 1054 -12.92 -29.38 40.77
N SER A 1055 -11.91 -29.80 40.02
CA SER A 1055 -12.00 -29.79 38.57
C SER A 1055 -11.44 -31.09 38.01
N PHE A 1056 -12.07 -31.56 36.94
CA PHE A 1056 -11.60 -32.75 36.23
C PHE A 1056 -11.33 -32.38 34.77
N PRO A 1057 -10.09 -32.46 34.31
CA PRO A 1057 -9.82 -32.22 32.90
C PRO A 1057 -10.25 -33.39 32.04
N GLN A 1058 -10.60 -33.07 30.80
CA GLN A 1058 -10.90 -34.08 29.79
C GLN A 1058 -10.44 -33.51 28.46
N SER A 1059 -9.42 -34.11 27.87
CA SER A 1059 -8.89 -33.58 26.62
C SER A 1059 -9.97 -33.63 25.54
N ALA A 1060 -9.86 -32.72 24.58
CA ALA A 1060 -10.83 -32.61 23.51
C ALA A 1060 -10.13 -32.01 22.31
N PRO A 1061 -10.66 -32.21 21.10
CA PRO A 1061 -9.91 -31.78 19.90
C PRO A 1061 -9.55 -30.31 19.95
N HIS A 1062 -8.25 -30.05 20.10
CA HIS A 1062 -7.72 -28.70 20.21
C HIS A 1062 -8.35 -27.95 21.38
N GLY A 1063 -8.34 -28.57 22.56
CA GLY A 1063 -8.81 -27.90 23.74
C GLY A 1063 -8.98 -28.84 24.91
N VAL A 1064 -9.49 -28.29 26.01
CA VAL A 1064 -9.75 -29.05 27.21
C VAL A 1064 -11.18 -28.77 27.66
N VAL A 1065 -11.74 -29.74 28.39
CA VAL A 1065 -13.07 -29.64 28.96
C VAL A 1065 -12.92 -29.83 30.46
N PHE A 1066 -13.27 -28.82 31.23
CA PHE A 1066 -13.23 -28.89 32.67
C PHE A 1066 -14.61 -29.27 33.20
N LEU A 1067 -14.66 -30.36 33.96
CA LEU A 1067 -15.83 -30.69 34.76
C LEU A 1067 -15.63 -30.02 36.11
N HIS A 1068 -16.37 -28.94 36.35
CA HIS A 1068 -16.21 -28.14 37.56
C HIS A 1068 -17.19 -28.65 38.61
N VAL A 1069 -16.66 -29.30 39.64
CA VAL A 1069 -17.45 -29.70 40.80
C VAL A 1069 -17.57 -28.50 41.72
N THR A 1070 -18.78 -27.94 41.81
CA THR A 1070 -19.04 -26.69 42.50
C THR A 1070 -20.22 -26.85 43.45
N TYR A 1071 -20.15 -26.17 44.60
CA TYR A 1071 -21.21 -26.20 45.60
C TYR A 1071 -22.16 -25.04 45.35
N VAL A 1072 -23.40 -25.33 44.96
CA VAL A 1072 -24.37 -24.27 44.66
C VAL A 1072 -25.64 -24.50 45.48
N PRO A 1073 -25.99 -23.61 46.40
CA PRO A 1073 -27.24 -23.78 47.15
C PRO A 1073 -28.45 -23.63 46.25
N ALA A 1074 -29.50 -24.39 46.57
CA ALA A 1074 -30.74 -24.34 45.81
C ALA A 1074 -31.93 -23.88 46.66
N GLN A 1075 -32.15 -24.50 47.81
CA GLN A 1075 -33.30 -24.21 48.65
C GLN A 1075 -32.88 -23.42 49.88
N GLU A 1076 -33.75 -22.50 50.31
CA GLU A 1076 -33.47 -21.54 51.36
C GLU A 1076 -34.59 -21.55 52.37
N LYS A 1077 -34.26 -21.28 53.64
CA LYS A 1077 -35.29 -21.06 54.65
C LYS A 1077 -34.84 -19.95 55.60
N ASN A 1078 -35.74 -19.03 55.91
CA ASN A 1078 -35.42 -17.93 56.80
C ASN A 1078 -35.48 -18.37 58.25
N PHE A 1079 -34.48 -17.96 59.04
CA PHE A 1079 -34.37 -18.32 60.44
C PHE A 1079 -33.85 -17.12 61.21
N THR A 1080 -33.64 -17.31 62.51
CA THR A 1080 -33.45 -16.22 63.46
C THR A 1080 -32.05 -16.24 64.06
N THR A 1081 -31.51 -15.06 64.31
CA THR A 1081 -30.26 -14.85 65.02
C THR A 1081 -30.52 -13.98 66.26
N ALA A 1082 -29.46 -13.59 66.95
CA ALA A 1082 -29.56 -12.76 68.14
C ALA A 1082 -28.50 -11.68 68.10
N PRO A 1083 -28.80 -10.48 68.64
CA PRO A 1083 -27.80 -9.40 68.64
C PRO A 1083 -26.66 -9.63 69.62
N ALA A 1084 -27.00 -10.01 70.86
CA ALA A 1084 -26.01 -10.22 71.90
C ALA A 1084 -26.70 -10.84 73.11
N ILE A 1085 -25.89 -11.35 74.03
CA ILE A 1085 -26.34 -11.87 75.32
C ILE A 1085 -25.48 -11.27 76.42
N CYS A 1086 -26.12 -10.74 77.46
CA CYS A 1086 -25.44 -10.12 78.58
C CYS A 1086 -25.89 -10.82 79.87
N HIS A 1087 -24.95 -11.46 80.56
CA HIS A 1087 -25.28 -12.21 81.77
C HIS A 1087 -24.94 -11.44 83.04
N ASP A 1088 -23.68 -11.06 83.21
CA ASP A 1088 -23.22 -10.45 84.46
C ASP A 1088 -22.29 -9.28 84.17
N GLY A 1089 -22.60 -8.49 83.14
CA GLY A 1089 -21.82 -7.32 82.80
C GLY A 1089 -20.92 -7.48 81.61
N LYS A 1090 -20.73 -8.69 81.10
CA LYS A 1090 -19.88 -8.95 79.94
C LYS A 1090 -20.77 -9.27 78.75
N ALA A 1091 -20.65 -8.48 77.68
CA ALA A 1091 -21.34 -8.78 76.44
C ALA A 1091 -20.72 -10.01 75.79
N HIS A 1092 -21.56 -10.85 75.20
CA HIS A 1092 -21.14 -12.15 74.69
C HIS A 1092 -21.29 -12.17 73.17
N PHE A 1093 -20.15 -12.19 72.45
CA PHE A 1093 -20.30 -12.51 71.04
C PHE A 1093 -19.87 -13.94 70.77
N PRO A 1094 -20.50 -14.62 69.84
CA PRO A 1094 -20.05 -15.97 69.45
C PRO A 1094 -18.89 -15.88 68.47
N ARG A 1095 -17.69 -16.21 68.94
CA ARG A 1095 -16.53 -16.20 68.06
C ARG A 1095 -16.65 -17.28 66.98
N GLU A 1096 -17.16 -18.45 67.33
CA GLU A 1096 -17.55 -19.47 66.37
C GLU A 1096 -18.94 -19.96 66.75
N GLY A 1097 -19.81 -20.09 65.75
CA GLY A 1097 -21.23 -20.29 66.01
C GLY A 1097 -21.95 -18.97 66.16
N VAL A 1098 -23.25 -19.07 66.46
CA VAL A 1098 -24.10 -17.90 66.63
C VAL A 1098 -25.41 -18.35 67.27
N PHE A 1099 -26.04 -17.45 68.03
CA PHE A 1099 -27.29 -17.74 68.72
C PHE A 1099 -28.43 -17.78 67.71
N VAL A 1100 -29.10 -18.94 67.63
CA VAL A 1100 -30.15 -19.17 66.65
C VAL A 1100 -31.36 -19.79 67.32
N SER A 1101 -32.51 -19.63 66.65
CA SER A 1101 -33.78 -20.21 67.07
C SER A 1101 -34.42 -20.90 65.88
N ASN A 1102 -34.82 -22.16 66.08
CA ASN A 1102 -35.49 -22.94 65.04
C ASN A 1102 -37.00 -22.80 65.08
N GLY A 1103 -37.53 -21.95 65.95
CA GLY A 1103 -38.95 -21.77 66.08
C GLY A 1103 -39.44 -22.09 67.48
N THR A 1104 -38.87 -23.13 68.08
CA THR A 1104 -39.23 -23.54 69.43
C THR A 1104 -38.03 -23.66 70.37
N HIS A 1105 -36.81 -23.77 69.86
CA HIS A 1105 -35.64 -24.02 70.67
C HIS A 1105 -34.54 -23.01 70.36
N TRP A 1106 -33.70 -22.76 71.36
CA TRP A 1106 -32.58 -21.83 71.24
C TRP A 1106 -31.28 -22.61 71.32
N PHE A 1107 -30.40 -22.45 70.33
CA PHE A 1107 -29.11 -23.12 70.35
C PHE A 1107 -28.06 -22.20 69.75
N VAL A 1108 -26.86 -22.73 69.57
CA VAL A 1108 -25.77 -22.06 68.87
C VAL A 1108 -25.36 -22.93 67.70
N THR A 1109 -25.36 -22.35 66.50
CA THR A 1109 -25.07 -23.11 65.29
C THR A 1109 -24.14 -22.31 64.41
N GLN A 1110 -23.55 -22.98 63.43
CA GLN A 1110 -22.59 -22.36 62.54
C GLN A 1110 -23.28 -21.37 61.61
N ARG A 1111 -22.46 -20.63 60.86
CA ARG A 1111 -23.00 -19.68 59.90
C ARG A 1111 -23.74 -20.37 58.77
N ASN A 1112 -23.14 -21.38 58.16
CA ASN A 1112 -23.65 -21.93 56.92
C ASN A 1112 -24.48 -23.20 57.10
N PHE A 1113 -24.26 -23.97 58.16
CA PHE A 1113 -25.04 -25.16 58.45
C PHE A 1113 -25.69 -25.04 59.81
N TYR A 1114 -26.85 -25.69 59.95
CA TYR A 1114 -27.67 -25.61 61.15
C TYR A 1114 -27.44 -26.88 61.96
N GLU A 1115 -26.59 -26.79 62.97
CA GLU A 1115 -26.25 -27.94 63.83
C GLU A 1115 -26.49 -27.55 65.28
N PRO A 1116 -27.64 -27.90 65.84
CA PRO A 1116 -27.96 -27.47 67.21
C PRO A 1116 -26.91 -27.94 68.21
N GLN A 1117 -26.56 -27.05 69.14
CA GLN A 1117 -25.52 -27.30 70.12
C GLN A 1117 -25.90 -26.67 71.44
N ILE A 1118 -25.22 -27.11 72.50
CA ILE A 1118 -25.46 -26.59 73.84
C ILE A 1118 -24.83 -25.21 73.97
N ILE A 1119 -25.50 -24.31 74.68
CA ILE A 1119 -25.01 -22.96 74.91
C ILE A 1119 -24.11 -23.00 76.14
N THR A 1120 -22.83 -22.73 75.95
CA THR A 1120 -21.86 -22.75 77.04
C THR A 1120 -20.68 -21.86 76.67
N THR A 1121 -19.62 -21.92 77.48
CA THR A 1121 -18.41 -21.16 77.17
C THR A 1121 -17.76 -21.63 75.88
N ASP A 1122 -18.00 -22.87 75.46
CA ASP A 1122 -17.43 -23.37 74.22
C ASP A 1122 -18.04 -22.72 72.98
N ASN A 1123 -19.18 -22.07 73.12
CA ASN A 1123 -19.87 -21.45 72.00
C ASN A 1123 -20.02 -19.94 72.14
N THR A 1124 -19.33 -19.33 73.11
CA THR A 1124 -19.43 -17.90 73.34
C THR A 1124 -18.05 -17.34 73.63
N PHE A 1125 -17.94 -16.01 73.65
CA PHE A 1125 -16.72 -15.33 74.00
C PHE A 1125 -17.05 -13.94 74.52
N VAL A 1126 -16.23 -13.46 75.46
CA VAL A 1126 -16.45 -12.15 76.05
C VAL A 1126 -15.83 -11.08 75.15
N SER A 1127 -16.68 -10.21 74.62
CA SER A 1127 -16.23 -9.10 73.80
C SER A 1127 -17.33 -8.05 73.76
N GLY A 1128 -16.96 -6.85 73.35
CA GLY A 1128 -17.93 -5.77 73.37
C GLY A 1128 -18.24 -5.32 74.79
N ASN A 1129 -19.40 -4.71 74.93
CA ASN A 1129 -19.84 -4.23 76.24
C ASN A 1129 -21.35 -4.12 76.24
N CYS A 1130 -21.92 -4.05 77.44
CA CYS A 1130 -23.36 -3.93 77.63
C CYS A 1130 -23.78 -2.50 77.93
N ASP A 1131 -22.87 -1.53 77.76
CA ASP A 1131 -23.17 -0.13 78.04
C ASP A 1131 -24.06 0.51 76.99
N VAL A 1132 -24.06 0.00 75.76
CA VAL A 1132 -24.74 0.63 74.65
C VAL A 1132 -25.97 -0.15 74.19
N VAL A 1133 -25.95 -1.49 74.31
CA VAL A 1133 -26.99 -2.33 73.73
C VAL A 1133 -28.36 -1.90 74.21
N ILE A 1134 -29.27 -1.69 73.26
CA ILE A 1134 -30.68 -1.42 73.54
C ILE A 1134 -31.46 -2.69 73.30
N GLY A 1135 -32.26 -3.09 74.28
CA GLY A 1135 -32.89 -4.39 74.24
C GLY A 1135 -32.10 -5.47 74.93
N ILE A 1136 -31.42 -5.15 76.02
CA ILE A 1136 -30.54 -6.11 76.69
C ILE A 1136 -31.36 -7.27 77.23
N VAL A 1137 -30.76 -8.47 77.20
CA VAL A 1137 -31.38 -9.68 77.68
C VAL A 1137 -30.37 -10.45 78.52
N ASN A 1138 -30.88 -11.34 79.36
CA ASN A 1138 -30.06 -12.19 80.20
C ASN A 1138 -30.29 -13.66 79.83
N ASN A 1139 -29.25 -14.47 79.96
CA ASN A 1139 -29.34 -15.88 79.64
C ASN A 1139 -28.38 -16.65 80.56
N THR A 1140 -28.29 -17.95 80.34
CA THR A 1140 -27.53 -18.84 81.22
C THR A 1140 -26.13 -19.06 80.67
N VAL A 1141 -25.13 -18.96 81.56
CA VAL A 1141 -23.74 -19.25 81.23
C VAL A 1141 -23.31 -20.42 82.10
N TYR A 1142 -22.74 -21.45 81.46
CA TYR A 1142 -22.43 -22.70 82.13
C TYR A 1142 -21.04 -22.67 82.75
N ASP A 1143 -20.96 -23.00 84.03
CA ASP A 1143 -19.68 -23.15 84.73
C ASP A 1143 -19.45 -24.63 85.01
N PRO A 1144 -18.44 -25.26 84.39
CA PRO A 1144 -18.26 -26.71 84.57
C PRO A 1144 -17.98 -27.12 86.01
N LEU A 1145 -17.32 -26.29 86.79
CA LEU A 1145 -16.83 -26.67 88.12
C LEU A 1145 -17.75 -26.20 89.25
N GLN A 1146 -18.94 -25.70 88.92
CA GLN A 1146 -19.89 -25.27 89.95
C GLN A 1146 -20.38 -26.47 90.77
N ASN B 23 53.39 -30.61 -31.64
CA ASN B 23 53.17 -30.58 -30.20
C ASN B 23 54.44 -30.91 -29.44
N LEU B 24 54.46 -30.57 -28.16
CA LEU B 24 55.61 -30.88 -27.31
C LEU B 24 55.75 -32.39 -27.13
N ARG B 25 57.00 -32.84 -27.00
CA ARG B 25 57.27 -34.27 -26.92
C ARG B 25 56.69 -34.89 -25.65
N THR B 26 56.54 -34.10 -24.59
CA THR B 26 56.07 -34.61 -23.31
C THR B 26 54.55 -34.56 -23.16
N ARG B 27 53.84 -34.05 -24.17
CA ARG B 27 52.38 -33.83 -24.07
C ARG B 27 51.66 -35.17 -24.03
N THR B 28 51.24 -35.58 -22.83
CA THR B 28 50.38 -36.75 -22.66
C THR B 28 49.82 -36.72 -21.25
N GLN B 29 48.52 -37.00 -21.13
CA GLN B 29 47.82 -36.90 -19.85
C GLN B 29 48.08 -38.12 -18.98
N LEU B 30 47.72 -38.00 -17.71
CA LEU B 30 47.84 -39.03 -16.69
C LEU B 30 46.52 -39.13 -15.93
N PRO B 31 46.24 -40.29 -15.31
CA PRO B 31 44.95 -40.46 -14.63
C PRO B 31 44.78 -39.46 -13.50
N PRO B 32 43.57 -38.89 -13.35
CA PRO B 32 43.27 -37.86 -12.33
C PRO B 32 42.91 -38.41 -10.95
N ALA B 33 43.93 -38.69 -10.14
CA ALA B 33 43.70 -39.10 -8.76
C ALA B 33 43.08 -37.96 -7.97
N TYR B 34 42.28 -38.32 -6.97
CA TYR B 34 41.54 -37.34 -6.17
C TYR B 34 41.77 -37.58 -4.69
N THR B 35 41.44 -36.55 -3.90
CA THR B 35 41.61 -36.59 -2.45
C THR B 35 40.51 -35.71 -1.83
N ASN B 36 40.62 -35.48 -0.52
CA ASN B 36 39.59 -34.79 0.24
C ASN B 36 40.11 -33.48 0.80
N SER B 37 39.22 -32.51 0.94
CA SER B 37 39.52 -31.22 1.55
C SER B 37 38.56 -31.01 2.72
N PHE B 38 39.10 -30.55 3.85
CA PHE B 38 38.27 -30.41 5.04
C PHE B 38 37.49 -29.09 5.03
N THR B 39 38.20 -27.96 5.07
CA THR B 39 37.53 -26.66 5.18
C THR B 39 38.21 -25.58 4.34
N ARG B 40 38.81 -25.95 3.21
CA ARG B 40 39.48 -24.97 2.38
C ARG B 40 38.50 -24.32 1.40
N GLY B 41 38.91 -23.18 0.86
CA GLY B 41 38.09 -22.41 -0.07
C GLY B 41 37.45 -21.17 0.51
N VAL B 42 37.49 -20.98 1.84
CA VAL B 42 36.89 -19.82 2.47
C VAL B 42 37.66 -18.56 2.09
N TYR B 43 36.92 -17.49 1.80
CA TYR B 43 37.55 -16.25 1.37
C TYR B 43 36.66 -15.07 1.71
N TYR B 44 37.25 -13.88 1.68
CA TYR B 44 36.49 -12.64 1.78
C TYR B 44 35.70 -12.46 0.49
N PRO B 45 34.38 -12.38 0.54
CA PRO B 45 33.61 -12.50 -0.71
C PRO B 45 33.73 -11.30 -1.64
N ASP B 46 33.65 -10.08 -1.09
CA ASP B 46 33.47 -8.87 -1.88
C ASP B 46 33.95 -7.71 -1.02
N LYS B 47 33.48 -6.50 -1.35
CA LYS B 47 33.74 -5.34 -0.50
C LYS B 47 33.01 -5.44 0.86
N VAL B 48 32.48 -6.62 1.15
CA VAL B 48 31.81 -6.92 2.41
C VAL B 48 32.90 -6.96 3.48
N PHE B 49 33.11 -5.84 4.16
CA PHE B 49 34.20 -5.67 5.11
C PHE B 49 33.60 -5.29 6.47
N ARG B 50 33.65 -6.24 7.41
CA ARG B 50 33.07 -6.03 8.74
C ARG B 50 34.09 -6.31 9.84
N SER B 51 33.62 -6.40 11.09
CA SER B 51 34.49 -6.68 12.22
C SER B 51 33.69 -7.29 13.35
N SER B 52 34.16 -8.44 13.85
CA SER B 52 33.56 -9.13 15.00
C SER B 52 32.07 -9.43 14.74
N VAL B 53 31.83 -10.16 13.65
CA VAL B 53 30.49 -10.37 13.13
C VAL B 53 30.32 -11.85 12.75
N LEU B 54 29.15 -12.15 12.19
CA LEU B 54 28.79 -13.48 11.70
C LEU B 54 27.90 -13.25 10.49
N HIS B 55 28.36 -13.64 9.30
CA HIS B 55 27.59 -13.38 8.08
C HIS B 55 27.25 -14.66 7.33
N SER B 56 25.96 -14.82 7.05
CA SER B 56 25.51 -15.74 6.01
C SER B 56 25.51 -15.01 4.68
N THR B 57 26.16 -15.59 3.69
CA THR B 57 26.21 -14.96 2.38
C THR B 57 26.22 -16.04 1.31
N GLN B 58 25.45 -15.79 0.24
CA GLN B 58 25.34 -16.73 -0.86
C GLN B 58 26.18 -16.21 -2.03
N ASP B 59 27.02 -17.09 -2.56
CA ASP B 59 27.89 -16.79 -3.69
C ASP B 59 28.46 -18.11 -4.18
N LEU B 60 29.45 -18.04 -5.07
CA LEU B 60 30.09 -19.24 -5.58
C LEU B 60 31.20 -19.64 -4.62
N PHE B 61 30.99 -20.76 -3.91
CA PHE B 61 31.93 -21.21 -2.88
C PHE B 61 32.38 -22.64 -3.17
N LEU B 62 33.44 -23.05 -2.49
CA LEU B 62 33.91 -24.42 -2.55
C LEU B 62 33.20 -25.26 -1.50
N PRO B 63 32.47 -26.31 -1.88
CA PRO B 63 31.78 -27.13 -0.89
C PRO B 63 32.77 -27.82 0.04
N PHE B 64 32.35 -27.99 1.30
CA PHE B 64 33.17 -28.69 2.28
C PHE B 64 33.13 -30.20 2.04
N PHE B 65 34.19 -30.87 2.50
CA PHE B 65 34.28 -32.33 2.46
C PHE B 65 34.07 -32.88 1.04
N SER B 66 34.45 -32.10 0.04
CA SER B 66 34.27 -32.48 -1.35
C SER B 66 35.55 -33.10 -1.90
N ASN B 67 35.39 -33.85 -2.99
CA ASN B 67 36.53 -34.47 -3.65
C ASN B 67 37.22 -33.46 -4.56
N VAL B 68 38.53 -33.34 -4.41
CA VAL B 68 39.34 -32.41 -5.19
C VAL B 68 40.36 -33.21 -5.97
N THR B 69 40.58 -32.82 -7.23
CA THR B 69 41.44 -33.59 -8.12
C THR B 69 42.90 -33.24 -7.87
N TRP B 70 43.73 -34.27 -7.70
CA TRP B 70 45.17 -34.11 -7.50
C TRP B 70 45.86 -34.19 -8.86
N PHE B 71 46.74 -33.24 -9.14
CA PHE B 71 47.55 -33.26 -10.35
C PHE B 71 49.02 -33.12 -9.95
N HIS B 72 49.82 -34.11 -10.31
CA HIS B 72 51.25 -34.14 -10.03
C HIS B 72 51.99 -34.44 -11.32
N ALA B 73 52.99 -33.63 -11.63
CA ALA B 73 53.63 -33.69 -12.95
C ALA B 73 55.15 -33.63 -12.80
N ILE B 74 55.82 -34.28 -13.76
CA ILE B 74 57.28 -34.25 -13.84
C ILE B 74 57.65 -34.59 -15.28
N HIS B 75 58.85 -34.18 -15.69
CA HIS B 75 59.34 -34.48 -17.03
C HIS B 75 59.93 -35.89 -17.11
N LYS B 83 58.06 -38.29 -17.95
CA LYS B 83 57.98 -37.86 -19.34
C LYS B 83 56.54 -37.53 -19.72
N ARG B 84 55.88 -36.71 -18.91
CA ARG B 84 54.47 -36.41 -19.12
C ARG B 84 54.25 -34.93 -18.95
N PHE B 85 53.20 -34.40 -19.58
CA PHE B 85 52.85 -32.98 -19.52
C PHE B 85 51.40 -32.91 -19.04
N ASP B 86 51.22 -32.75 -17.73
CA ASP B 86 49.90 -32.78 -17.10
C ASP B 86 49.26 -31.40 -17.21
N ASN B 87 48.22 -31.30 -18.04
CA ASN B 87 47.48 -30.05 -18.20
C ASN B 87 46.05 -30.39 -18.57
N PRO B 88 45.17 -30.54 -17.58
CA PRO B 88 43.80 -30.92 -17.88
C PRO B 88 43.01 -29.76 -18.48
N VAL B 89 41.98 -30.13 -19.23
CA VAL B 89 41.07 -29.15 -19.85
C VAL B 89 39.81 -29.15 -19.00
N LEU B 90 39.76 -28.25 -18.00
CA LEU B 90 38.68 -28.21 -17.04
C LEU B 90 37.74 -27.04 -17.32
N PRO B 91 36.45 -27.19 -17.06
CA PRO B 91 35.49 -26.13 -17.35
C PRO B 91 35.59 -24.97 -16.38
N PHE B 92 34.90 -23.89 -16.73
CA PHE B 92 34.84 -22.65 -15.96
C PHE B 92 33.39 -22.28 -15.71
N ASN B 93 32.61 -23.24 -15.22
CA ASN B 93 31.17 -23.02 -15.04
C ASN B 93 30.90 -21.84 -14.11
N ASP B 94 31.50 -21.87 -12.91
CA ASP B 94 31.31 -20.78 -11.96
C ASP B 94 32.58 -20.42 -11.20
N GLY B 95 33.73 -20.90 -11.63
CA GLY B 95 34.98 -20.60 -10.94
C GLY B 95 35.65 -21.85 -10.42
N VAL B 96 36.98 -21.82 -10.36
CA VAL B 96 37.75 -22.98 -9.93
C VAL B 96 38.72 -22.53 -8.85
N TYR B 97 38.96 -23.41 -7.88
CA TYR B 97 39.88 -23.16 -6.78
C TYR B 97 41.13 -24.00 -7.01
N PHE B 98 42.27 -23.34 -7.15
CA PHE B 98 43.56 -23.98 -7.38
C PHE B 98 44.41 -23.84 -6.14
N ALA B 99 44.96 -24.96 -5.67
CA ALA B 99 45.89 -24.95 -4.54
C ALA B 99 47.18 -25.59 -5.00
N SER B 100 48.21 -24.78 -5.27
CA SER B 100 49.45 -25.26 -5.86
C SER B 100 50.56 -25.21 -4.82
N THR B 101 51.23 -26.34 -4.61
CA THR B 101 52.37 -26.43 -3.72
C THR B 101 53.62 -26.36 -4.60
N GLU B 102 54.19 -25.16 -4.72
CA GLU B 102 55.20 -24.87 -5.72
C GLU B 102 56.49 -24.38 -5.06
N LYS B 103 57.62 -24.82 -5.60
CA LYS B 103 58.93 -24.33 -5.17
C LYS B 103 59.60 -23.45 -6.20
N SER B 104 59.40 -23.73 -7.50
CA SER B 104 60.06 -22.98 -8.57
C SER B 104 59.08 -22.54 -9.64
N ASN B 105 57.80 -22.44 -9.32
CA ASN B 105 56.80 -21.81 -10.19
C ASN B 105 56.78 -22.44 -11.58
N ILE B 106 56.47 -23.74 -11.61
CA ILE B 106 56.42 -24.46 -12.88
C ILE B 106 55.30 -23.92 -13.76
N ILE B 107 54.13 -23.67 -13.17
CA ILE B 107 53.01 -23.16 -13.95
C ILE B 107 53.27 -21.70 -14.32
N ARG B 108 53.08 -21.38 -15.59
CA ARG B 108 53.49 -20.08 -16.13
C ARG B 108 52.40 -19.50 -17.03
N GLY B 109 51.15 -19.57 -16.58
CA GLY B 109 50.11 -18.80 -17.22
C GLY B 109 48.86 -19.52 -17.68
N TRP B 110 47.82 -18.74 -17.92
CA TRP B 110 46.54 -19.22 -18.45
C TRP B 110 46.15 -18.38 -19.66
N ILE B 111 45.24 -18.94 -20.46
CA ILE B 111 44.62 -18.26 -21.59
C ILE B 111 43.12 -18.47 -21.47
N PHE B 112 42.36 -17.39 -21.55
CA PHE B 112 40.91 -17.40 -21.35
C PHE B 112 40.20 -16.96 -22.62
N GLY B 113 39.06 -17.60 -22.87
CA GLY B 113 38.25 -17.27 -24.03
C GLY B 113 37.15 -18.29 -24.22
N THR B 114 36.33 -18.03 -25.24
CA THR B 114 35.26 -18.94 -25.62
C THR B 114 35.40 -19.44 -27.05
N THR B 115 35.79 -18.58 -27.98
CA THR B 115 36.00 -18.97 -29.37
C THR B 115 37.47 -18.99 -29.78
N LEU B 116 38.26 -18.05 -29.26
CA LEU B 116 39.68 -17.91 -29.60
C LEU B 116 39.85 -17.80 -31.12
N ASP B 117 39.22 -16.77 -31.68
CA ASP B 117 39.22 -16.53 -33.11
C ASP B 117 39.29 -15.02 -33.33
N SER B 118 39.27 -14.61 -34.60
CA SER B 118 39.34 -13.19 -34.94
C SER B 118 38.07 -12.43 -34.59
N LYS B 119 36.99 -13.13 -34.20
CA LYS B 119 35.75 -12.44 -33.88
C LYS B 119 35.82 -11.72 -32.53
N THR B 120 36.64 -12.22 -31.60
CA THR B 120 36.74 -11.65 -30.27
C THR B 120 38.21 -11.64 -29.85
N GLN B 121 38.47 -11.05 -28.68
CA GLN B 121 39.80 -10.97 -28.11
C GLN B 121 40.00 -12.07 -27.09
N SER B 122 41.18 -12.69 -27.10
CA SER B 122 41.52 -13.78 -26.20
C SER B 122 42.40 -13.25 -25.08
N LEU B 123 41.99 -13.50 -23.84
CA LEU B 123 42.74 -13.03 -22.68
C LEU B 123 43.95 -13.93 -22.45
N LEU B 124 45.11 -13.33 -22.20
CA LEU B 124 46.32 -14.07 -21.89
C LEU B 124 46.91 -13.53 -20.60
N ILE B 125 47.14 -14.41 -19.62
CA ILE B 125 47.80 -14.06 -18.38
C ILE B 125 49.05 -14.93 -18.30
N VAL B 126 50.22 -14.29 -18.28
CA VAL B 126 51.48 -15.01 -18.31
C VAL B 126 52.40 -14.43 -17.24
N ASN B 127 53.22 -15.28 -16.65
CA ASN B 127 54.28 -14.87 -15.74
C ASN B 127 55.61 -15.13 -16.44
N ASN B 128 56.28 -14.07 -16.86
CA ASN B 128 57.50 -14.16 -17.65
C ASN B 128 58.75 -14.21 -16.80
N ALA B 129 58.64 -14.67 -15.55
CA ALA B 129 59.76 -14.81 -14.61
C ALA B 129 60.34 -13.46 -14.21
N THR B 130 59.77 -12.39 -14.72
CA THR B 130 60.14 -11.03 -14.32
C THR B 130 58.93 -10.19 -13.94
N ASN B 131 57.82 -10.32 -14.66
CA ASN B 131 56.61 -9.56 -14.37
C ASN B 131 55.40 -10.38 -14.79
N VAL B 132 54.24 -10.03 -14.22
CA VAL B 132 52.98 -10.66 -14.57
C VAL B 132 52.35 -9.83 -15.68
N VAL B 133 52.37 -10.36 -16.90
CA VAL B 133 51.88 -9.65 -18.08
C VAL B 133 50.50 -10.20 -18.45
N ILE B 134 49.53 -9.30 -18.53
CA ILE B 134 48.16 -9.64 -18.92
C ILE B 134 47.82 -8.85 -20.18
N LYS B 135 47.28 -9.53 -21.18
CA LYS B 135 46.93 -8.91 -22.44
C LYS B 135 45.54 -9.33 -22.87
N VAL B 136 44.83 -8.44 -23.53
CA VAL B 136 43.62 -8.82 -24.29
C VAL B 136 43.73 -8.22 -25.69
N CYS B 137 43.86 -9.09 -26.69
CA CYS B 137 43.91 -8.70 -28.08
C CYS B 137 43.35 -9.85 -28.91
N GLU B 138 43.12 -9.58 -30.19
CA GLU B 138 42.74 -10.63 -31.14
C GLU B 138 44.01 -11.33 -31.63
N PHE B 139 44.59 -12.12 -30.74
CA PHE B 139 45.86 -12.77 -31.01
C PHE B 139 45.72 -13.86 -32.06
N GLN B 140 46.85 -14.21 -32.69
CA GLN B 140 46.87 -15.28 -33.66
C GLN B 140 46.67 -16.63 -32.98
N PHE B 141 45.89 -17.51 -33.63
CA PHE B 141 45.60 -18.81 -33.07
C PHE B 141 46.85 -19.69 -33.11
N CYS B 142 47.26 -20.20 -31.95
CA CYS B 142 48.44 -21.04 -31.84
C CYS B 142 48.08 -22.34 -31.12
N ASN B 143 48.73 -23.43 -31.54
CA ASN B 143 48.45 -24.72 -30.93
C ASN B 143 48.95 -24.78 -29.49
N ASP B 144 50.20 -24.37 -29.25
CA ASP B 144 50.76 -24.43 -27.90
C ASP B 144 51.94 -23.48 -27.77
N PRO B 145 51.71 -22.21 -27.45
CA PRO B 145 52.83 -21.33 -27.08
C PRO B 145 53.40 -21.74 -25.73
N PHE B 146 54.66 -21.37 -25.51
CA PHE B 146 55.35 -21.77 -24.30
C PHE B 146 56.46 -20.77 -23.98
N LEU B 147 56.92 -20.81 -22.74
CA LEU B 147 58.02 -19.97 -22.27
C LEU B 147 59.16 -20.87 -21.81
N ASP B 148 60.33 -20.70 -22.44
CA ASP B 148 61.51 -21.46 -22.08
C ASP B 148 62.63 -20.54 -21.65
N VAL B 149 63.48 -21.04 -20.77
CA VAL B 149 64.61 -20.29 -20.23
C VAL B 149 65.91 -20.99 -20.64
N GLY B 162 57.46 -18.62 -29.33
CA GLY B 162 56.57 -17.54 -29.72
C GLY B 162 55.28 -17.52 -28.91
N VAL B 163 55.20 -16.57 -27.97
CA VAL B 163 54.00 -16.46 -27.15
C VAL B 163 52.80 -16.05 -28.00
N TYR B 164 52.99 -15.11 -28.91
CA TYR B 164 51.93 -14.69 -29.82
C TYR B 164 52.55 -14.29 -31.14
N SER B 165 51.83 -14.56 -32.23
CA SER B 165 52.30 -14.21 -33.57
C SER B 165 51.82 -12.84 -34.01
N SER B 166 50.58 -12.47 -33.69
CA SER B 166 50.03 -11.18 -34.06
C SER B 166 49.06 -10.72 -33.00
N ALA B 167 48.77 -9.43 -33.00
CA ALA B 167 47.83 -8.84 -32.05
C ALA B 167 46.96 -7.82 -32.77
N ASN B 168 45.66 -7.86 -32.49
CA ASN B 168 44.71 -6.96 -33.12
C ASN B 168 43.67 -6.52 -32.10
N ASN B 169 43.16 -5.30 -32.29
CA ASN B 169 42.17 -4.69 -31.41
C ASN B 169 42.62 -4.74 -29.95
N CYS B 170 43.90 -4.43 -29.72
CA CYS B 170 44.45 -4.45 -28.38
C CYS B 170 43.81 -3.37 -27.53
N THR B 171 43.31 -3.76 -26.35
CA THR B 171 42.57 -2.85 -25.49
C THR B 171 42.99 -2.85 -24.04
N PHE B 172 43.89 -3.75 -23.62
CA PHE B 172 44.30 -3.79 -22.23
C PHE B 172 45.57 -4.63 -22.07
N GLU B 173 46.54 -4.05 -21.36
CA GLU B 173 47.74 -4.74 -20.90
C GLU B 173 47.99 -4.33 -19.45
N TYR B 174 48.37 -5.32 -18.63
CA TYR B 174 48.53 -5.15 -17.19
C TYR B 174 49.88 -5.72 -16.77
N VAL B 175 50.61 -4.96 -15.95
CA VAL B 175 51.89 -5.39 -15.41
C VAL B 175 51.86 -5.11 -13.90
N SER B 176 52.15 -6.14 -13.11
CA SER B 176 52.19 -5.99 -11.66
C SER B 176 53.60 -5.57 -11.23
N GLN B 177 53.86 -5.63 -9.92
CA GLN B 177 55.17 -5.28 -9.41
C GLN B 177 56.22 -6.28 -9.91
N PRO B 178 57.45 -5.83 -10.12
CA PRO B 178 58.50 -6.77 -10.56
C PRO B 178 58.68 -7.90 -9.58
N PHE B 179 58.82 -9.11 -10.10
CA PHE B 179 58.84 -10.32 -9.30
C PHE B 179 60.08 -11.14 -9.64
N LEU B 180 60.66 -11.76 -8.62
CA LEU B 180 61.88 -12.55 -8.76
C LEU B 180 61.61 -13.97 -8.26
N MET B 181 61.55 -14.92 -9.19
CA MET B 181 61.32 -16.32 -8.87
C MET B 181 62.51 -17.16 -9.33
N ASP B 182 62.45 -18.45 -9.03
CA ASP B 182 63.45 -19.43 -9.45
C ASP B 182 62.84 -20.35 -10.50
N LEU B 183 63.60 -20.61 -11.57
CA LEU B 183 63.12 -21.39 -12.69
C LEU B 183 63.79 -22.76 -12.80
N GLU B 184 64.44 -23.22 -11.75
CA GLU B 184 65.12 -24.51 -11.79
C GLU B 184 64.11 -25.65 -11.69
N GLY B 185 64.23 -26.62 -12.59
CA GLY B 185 63.40 -27.81 -12.53
C GLY B 185 64.06 -28.92 -11.73
N LYS B 186 63.47 -29.26 -10.59
CA LYS B 186 64.08 -30.22 -9.68
C LYS B 186 63.00 -30.93 -8.88
N GLN B 187 63.27 -32.19 -8.53
CA GLN B 187 62.39 -32.95 -7.65
C GLN B 187 62.76 -32.72 -6.19
N GLY B 188 61.75 -32.49 -5.37
CA GLY B 188 61.96 -32.23 -3.96
C GLY B 188 60.76 -31.52 -3.36
N ASN B 189 60.93 -31.09 -2.12
CA ASN B 189 59.86 -30.42 -1.41
C ASN B 189 59.61 -29.02 -1.97
N PHE B 190 58.36 -28.60 -1.89
CA PHE B 190 57.93 -27.28 -2.37
C PHE B 190 57.70 -26.38 -1.16
N LYS B 191 58.35 -25.22 -1.14
CA LYS B 191 58.25 -24.34 0.02
C LYS B 191 57.07 -23.36 -0.09
N ASN B 192 56.78 -22.87 -1.29
CA ASN B 192 55.70 -21.92 -1.49
C ASN B 192 54.37 -22.63 -1.69
N LEU B 193 53.29 -22.00 -1.25
CA LEU B 193 51.94 -22.48 -1.47
C LEU B 193 51.08 -21.32 -1.92
N ARG B 194 50.37 -21.51 -3.03
CA ARG B 194 49.54 -20.48 -3.65
C ARG B 194 48.12 -21.00 -3.82
N GLU B 195 47.16 -20.32 -3.20
CA GLU B 195 45.75 -20.50 -3.53
C GLU B 195 45.31 -19.41 -4.50
N PHE B 196 44.67 -19.84 -5.59
CA PHE B 196 44.05 -18.95 -6.56
C PHE B 196 42.57 -19.28 -6.68
N VAL B 197 41.75 -18.26 -6.77
CA VAL B 197 40.33 -18.44 -7.07
C VAL B 197 40.05 -17.76 -8.41
N PHE B 198 39.61 -18.54 -9.39
CA PHE B 198 39.31 -18.02 -10.72
C PHE B 198 37.80 -17.97 -10.89
N LYS B 199 37.22 -16.77 -10.84
CA LYS B 199 35.78 -16.65 -10.99
C LYS B 199 35.40 -15.22 -11.36
N ASN B 200 34.19 -15.10 -11.91
CA ASN B 200 33.56 -13.84 -12.25
C ASN B 200 32.33 -13.66 -11.36
N ILE B 201 32.28 -12.57 -10.61
CA ILE B 201 31.18 -12.26 -9.71
C ILE B 201 30.66 -10.88 -10.06
N ASP B 202 29.34 -10.78 -10.29
CA ASP B 202 28.68 -9.51 -10.52
C ASP B 202 29.33 -8.73 -11.68
N GLY B 203 29.77 -9.46 -12.69
CA GLY B 203 30.49 -8.88 -13.82
C GLY B 203 31.98 -8.75 -13.62
N TYR B 204 32.40 -8.39 -12.41
CA TYR B 204 33.81 -8.19 -12.13
C TYR B 204 34.53 -9.53 -12.01
N PHE B 205 35.64 -9.68 -12.73
CA PHE B 205 36.46 -10.87 -12.62
C PHE B 205 37.32 -10.75 -11.37
N LYS B 206 37.03 -11.56 -10.37
CA LYS B 206 37.65 -11.42 -9.06
C LYS B 206 38.60 -12.59 -8.82
N ILE B 207 39.86 -12.28 -8.49
CA ILE B 207 40.84 -13.29 -8.14
C ILE B 207 41.32 -13.02 -6.73
N TYR B 208 41.06 -13.98 -5.85
CA TYR B 208 41.55 -13.99 -4.48
C TYR B 208 42.67 -15.00 -4.40
N SER B 209 43.81 -14.59 -3.85
CA SER B 209 44.98 -15.44 -3.79
C SER B 209 45.56 -15.42 -2.38
N LYS B 210 46.35 -16.44 -2.09
CA LYS B 210 46.95 -16.61 -0.78
C LYS B 210 48.32 -17.25 -0.94
N HIS B 211 49.34 -16.64 -0.36
CA HIS B 211 50.71 -17.10 -0.46
C HIS B 211 51.22 -17.42 0.93
N THR B 212 51.76 -18.62 1.10
CA THR B 212 52.23 -19.00 2.44
C THR B 212 53.29 -20.09 2.34
N PRO B 213 54.28 -20.07 3.22
CA PRO B 213 55.15 -21.24 3.38
C PRO B 213 54.47 -22.32 4.19
N ILE B 214 54.86 -23.57 3.93
CA ILE B 214 54.23 -24.72 4.57
C ILE B 214 55.27 -25.75 4.97
N ASN B 215 54.87 -26.63 5.88
CA ASN B 215 55.58 -27.87 6.21
C ASN B 215 54.59 -29.00 5.95
N LEU B 216 54.56 -29.48 4.71
CA LEU B 216 53.53 -30.43 4.29
C LEU B 216 53.87 -31.84 4.73
N VAL B 217 52.85 -32.57 5.18
CA VAL B 217 53.00 -33.97 5.58
C VAL B 217 52.03 -34.90 4.87
N ARG B 218 50.91 -34.42 4.34
CA ARG B 218 49.91 -35.28 3.73
C ARG B 218 49.24 -34.51 2.60
N ASP B 219 48.09 -34.99 2.15
CA ASP B 219 47.37 -34.36 1.04
C ASP B 219 47.06 -32.89 1.35
N LEU B 220 46.24 -32.66 2.37
CA LEU B 220 45.84 -31.31 2.76
C LEU B 220 45.69 -31.28 4.27
N PRO B 221 46.16 -30.21 4.92
CA PRO B 221 46.14 -30.18 6.39
C PRO B 221 44.75 -29.98 6.95
N GLN B 222 44.62 -30.31 8.24
CA GLN B 222 43.39 -30.08 8.99
C GLN B 222 43.57 -28.80 9.79
N GLY B 223 42.81 -27.76 9.43
CA GLY B 223 42.96 -26.47 10.07
C GLY B 223 42.11 -25.44 9.35
N PHE B 224 42.53 -24.18 9.46
CA PHE B 224 41.80 -23.09 8.82
C PHE B 224 42.75 -22.02 8.33
N SER B 225 42.41 -21.44 7.17
CA SER B 225 43.12 -20.29 6.61
C SER B 225 42.29 -19.65 5.51
N ALA B 226 42.04 -18.34 5.62
CA ALA B 226 41.20 -17.64 4.66
C ALA B 226 42.00 -17.22 3.44
N LEU B 227 41.28 -16.82 2.39
CA LEU B 227 41.87 -16.36 1.14
C LEU B 227 41.52 -14.88 0.97
N GLU B 228 42.42 -14.01 1.42
CA GLU B 228 42.19 -12.59 1.34
C GLU B 228 42.23 -12.12 -0.11
N PRO B 229 41.44 -11.11 -0.46
CA PRO B 229 41.39 -10.66 -1.86
C PRO B 229 42.68 -9.98 -2.29
N LEU B 230 43.02 -10.16 -3.55
CA LEU B 230 44.13 -9.43 -4.16
C LEU B 230 43.71 -8.58 -5.35
N VAL B 231 42.97 -9.12 -6.32
CA VAL B 231 42.65 -8.35 -7.51
C VAL B 231 41.18 -8.51 -7.86
N ASP B 232 40.56 -7.41 -8.29
CA ASP B 232 39.16 -7.37 -8.70
C ASP B 232 39.12 -6.56 -10.00
N LEU B 233 39.33 -7.22 -11.13
CA LEU B 233 39.41 -6.53 -12.40
C LEU B 233 38.03 -6.37 -13.02
N PRO B 234 37.59 -5.16 -13.34
CA PRO B 234 36.26 -4.96 -13.95
C PRO B 234 36.26 -5.30 -15.44
N ILE B 235 36.28 -6.60 -15.73
CA ILE B 235 36.31 -7.05 -17.12
C ILE B 235 34.90 -7.07 -17.71
N GLY B 236 33.98 -7.77 -17.04
CA GLY B 236 32.58 -7.76 -17.44
C GLY B 236 32.26 -8.44 -18.76
N ILE B 237 32.88 -9.59 -19.04
CA ILE B 237 32.55 -10.40 -20.20
C ILE B 237 32.36 -11.84 -19.76
N ASN B 238 31.81 -12.65 -20.65
CA ASN B 238 31.57 -14.06 -20.38
C ASN B 238 32.78 -14.88 -20.80
N ILE B 239 33.39 -15.56 -19.84
CA ILE B 239 34.55 -16.41 -20.08
C ILE B 239 34.18 -17.84 -19.69
N THR B 240 34.33 -18.77 -20.62
CA THR B 240 33.90 -20.15 -20.41
C THR B 240 35.02 -21.18 -20.50
N ARG B 241 36.10 -20.89 -21.23
CA ARG B 241 37.17 -21.86 -21.43
C ARG B 241 38.53 -21.24 -21.14
N PHE B 242 39.45 -22.08 -20.65
CA PHE B 242 40.79 -21.64 -20.35
C PHE B 242 41.78 -22.79 -20.60
N GLN B 243 43.03 -22.41 -20.80
CA GLN B 243 44.13 -23.34 -21.03
C GLN B 243 45.32 -22.87 -20.21
N THR B 244 46.30 -23.75 -20.04
CA THR B 244 47.45 -23.47 -19.20
C THR B 244 48.75 -23.71 -19.96
N LEU B 245 49.74 -22.85 -19.71
CA LEU B 245 51.08 -22.99 -20.27
C LEU B 245 52.09 -23.13 -19.14
N LEU B 246 53.12 -23.93 -19.35
CA LEU B 246 54.10 -24.26 -18.33
C LEU B 246 55.46 -23.66 -18.65
N ALA B 247 56.38 -23.80 -17.70
CA ALA B 247 57.76 -23.37 -17.87
C ALA B 247 58.58 -24.48 -18.51
N LEU B 248 59.53 -24.08 -19.35
CA LEU B 248 60.38 -25.03 -20.06
C LEU B 248 61.84 -24.67 -19.86
N HIS B 249 62.68 -25.69 -19.68
CA HIS B 249 64.10 -25.46 -19.43
C HIS B 249 64.90 -26.61 -20.03
N ARG B 250 66.08 -26.28 -20.56
CA ARG B 250 66.98 -27.27 -21.13
C ARG B 250 68.37 -26.65 -21.20
N SER B 251 69.36 -27.50 -21.47
CA SER B 251 70.75 -27.07 -21.59
C SER B 251 70.93 -26.12 -22.78
N SER B 259 61.52 -24.71 -28.66
CA SER B 259 61.42 -25.98 -29.36
C SER B 259 60.65 -27.01 -28.55
N SER B 260 60.69 -28.27 -28.99
CA SER B 260 59.97 -29.34 -28.32
C SER B 260 60.83 -30.15 -27.37
N GLY B 261 62.16 -30.08 -27.50
CA GLY B 261 63.07 -30.85 -26.67
C GLY B 261 63.28 -30.31 -25.27
N TRP B 262 62.55 -29.27 -24.88
CA TRP B 262 62.70 -28.65 -23.58
C TRP B 262 62.13 -29.56 -22.49
N THR B 263 62.48 -29.25 -21.24
CA THR B 263 62.01 -30.01 -20.09
C THR B 263 61.34 -29.08 -19.10
N ALA B 264 60.31 -29.61 -18.42
CA ALA B 264 59.56 -28.88 -17.41
C ALA B 264 59.77 -29.53 -16.04
N GLY B 265 59.77 -28.69 -15.01
CA GLY B 265 60.01 -29.18 -13.66
C GLY B 265 58.80 -29.88 -13.06
N ALA B 266 59.01 -30.43 -11.89
CA ALA B 266 57.96 -31.16 -11.18
C ALA B 266 57.05 -30.19 -10.43
N ALA B 267 55.76 -30.51 -10.41
CA ALA B 267 54.77 -29.65 -9.77
C ALA B 267 53.66 -30.50 -9.17
N ALA B 268 52.97 -29.93 -8.18
CA ALA B 268 51.86 -30.60 -7.53
C ALA B 268 50.80 -29.57 -7.15
N TYR B 269 49.54 -29.90 -7.43
CA TYR B 269 48.45 -28.99 -7.11
C TYR B 269 47.13 -29.74 -7.03
N TYR B 270 46.13 -29.06 -6.48
CA TYR B 270 44.79 -29.57 -6.30
C TYR B 270 43.79 -28.64 -6.97
N VAL B 271 42.71 -29.22 -7.47
CA VAL B 271 41.68 -28.50 -8.20
C VAL B 271 40.33 -28.80 -7.57
N GLY B 272 39.59 -27.75 -7.24
CA GLY B 272 38.25 -27.90 -6.69
C GLY B 272 37.26 -27.03 -7.43
N TYR B 273 35.99 -27.46 -7.39
CA TYR B 273 34.92 -26.83 -8.14
C TYR B 273 33.98 -26.10 -7.19
N LEU B 274 33.60 -24.89 -7.58
CA LEU B 274 32.66 -24.07 -6.81
C LEU B 274 31.23 -24.36 -7.22
N GLN B 275 30.31 -24.02 -6.33
CA GLN B 275 28.88 -24.13 -6.56
C GLN B 275 28.20 -22.89 -5.99
N PRO B 276 27.00 -22.55 -6.50
CA PRO B 276 26.27 -21.40 -5.94
C PRO B 276 25.65 -21.72 -4.59
N ARG B 277 26.46 -21.58 -3.55
CA ARG B 277 26.10 -22.04 -2.22
C ARG B 277 26.14 -20.88 -1.25
N THR B 278 25.58 -21.10 -0.06
CA THR B 278 25.60 -20.11 1.01
C THR B 278 26.55 -20.57 2.10
N PHE B 279 27.24 -19.62 2.72
CA PHE B 279 28.24 -19.91 3.74
C PHE B 279 28.08 -18.96 4.93
N LEU B 280 28.37 -19.49 6.11
CA LEU B 280 28.53 -18.71 7.32
C LEU B 280 30.01 -18.40 7.51
N LEU B 281 30.32 -17.14 7.77
CA LEU B 281 31.67 -16.68 8.05
C LEU B 281 31.68 -16.10 9.45
N LYS B 282 32.65 -16.53 10.26
CA LYS B 282 32.80 -16.04 11.63
C LYS B 282 34.01 -15.12 11.70
N TYR B 283 33.78 -13.87 12.07
CA TYR B 283 34.83 -12.87 12.19
C TYR B 283 35.24 -12.73 13.66
N ASN B 284 36.47 -12.26 13.86
CA ASN B 284 36.98 -11.98 15.20
C ASN B 284 37.05 -10.47 15.41
N GLU B 285 37.53 -10.08 16.59
CA GLU B 285 37.63 -8.66 16.92
C GLU B 285 38.60 -7.92 16.01
N ASN B 286 39.56 -8.61 15.42
CA ASN B 286 40.49 -8.00 14.47
C ASN B 286 39.93 -7.94 13.05
N GLY B 287 38.82 -8.61 12.78
CA GLY B 287 38.19 -8.56 11.48
C GLY B 287 38.55 -9.68 10.53
N THR B 288 39.17 -10.75 11.02
CA THR B 288 39.61 -11.85 10.17
C THR B 288 38.66 -13.02 10.30
N ILE B 289 38.40 -13.70 9.18
CA ILE B 289 37.56 -14.91 9.23
C ILE B 289 38.31 -15.97 10.00
N THR B 290 37.71 -16.43 11.11
CA THR B 290 38.31 -17.48 11.91
C THR B 290 37.77 -18.86 11.57
N ASP B 291 36.54 -18.94 11.03
CA ASP B 291 35.99 -20.23 10.61
C ASP B 291 34.85 -19.99 9.64
N ALA B 292 34.52 -21.04 8.89
CA ALA B 292 33.46 -21.00 7.89
C ALA B 292 32.63 -22.26 7.98
N VAL B 293 31.38 -22.15 7.53
CA VAL B 293 30.41 -23.25 7.57
C VAL B 293 29.60 -23.23 6.28
N ASP B 294 29.27 -24.40 5.76
CA ASP B 294 28.42 -24.48 4.59
C ASP B 294 26.95 -24.37 4.99
N CYS B 295 26.07 -24.23 3.99
CA CYS B 295 24.65 -24.12 4.24
C CYS B 295 23.80 -25.20 3.61
N ALA B 296 24.35 -26.02 2.70
CA ALA B 296 23.56 -27.03 2.03
C ALA B 296 24.32 -28.35 1.87
N LEU B 297 25.31 -28.60 2.70
CA LEU B 297 26.10 -29.82 2.58
C LEU B 297 25.58 -30.93 3.48
N ASP B 298 25.61 -30.72 4.79
CA ASP B 298 25.16 -31.68 5.78
C ASP B 298 24.25 -30.98 6.77
N PRO B 299 23.36 -31.73 7.41
CA PRO B 299 22.33 -31.07 8.25
C PRO B 299 22.90 -30.23 9.38
N LEU B 300 24.09 -30.55 9.88
CA LEU B 300 24.71 -29.70 10.88
C LEU B 300 24.98 -28.30 10.33
N SER B 301 25.55 -28.23 9.13
CA SER B 301 25.86 -26.94 8.53
C SER B 301 24.59 -26.18 8.18
N GLU B 302 23.56 -26.89 7.71
CA GLU B 302 22.29 -26.24 7.41
C GLU B 302 21.65 -25.68 8.68
N THR B 303 21.73 -26.41 9.78
CA THR B 303 21.24 -25.89 11.06
C THR B 303 22.02 -24.66 11.50
N LYS B 304 23.35 -24.71 11.36
CA LYS B 304 24.17 -23.54 11.69
C LYS B 304 23.75 -22.33 10.88
N CYS B 305 23.53 -22.53 9.57
CA CYS B 305 23.13 -21.41 8.72
C CYS B 305 21.76 -20.87 9.10
N THR B 306 20.80 -21.76 9.36
CA THR B 306 19.45 -21.31 9.70
C THR B 306 19.44 -20.54 11.02
N LEU B 307 20.13 -21.06 12.03
CA LEU B 307 20.19 -20.37 13.31
C LEU B 307 21.13 -19.18 13.31
N LYS B 308 21.90 -18.99 12.23
CA LYS B 308 22.75 -17.82 12.06
C LYS B 308 23.77 -17.72 13.19
N SER B 309 24.52 -18.80 13.39
CA SER B 309 25.49 -18.88 14.47
C SER B 309 26.48 -19.98 14.14
N PHE B 310 27.61 -19.97 14.84
CA PHE B 310 28.65 -20.97 14.63
C PHE B 310 28.57 -22.12 15.62
N THR B 311 27.80 -21.97 16.70
CA THR B 311 27.60 -23.03 17.68
C THR B 311 26.10 -23.19 17.89
N VAL B 312 25.58 -24.35 17.48
CA VAL B 312 24.16 -24.65 17.58
C VAL B 312 23.94 -25.54 18.79
N GLU B 313 22.93 -25.20 19.60
CA GLU B 313 22.69 -25.93 20.83
C GLU B 313 21.85 -27.18 20.55
N LYS B 314 21.55 -27.92 21.63
CA LYS B 314 20.72 -29.11 21.52
C LYS B 314 19.33 -28.76 20.99
N GLY B 315 18.83 -29.54 20.05
CA GLY B 315 17.42 -29.43 19.72
C GLY B 315 17.15 -29.71 18.25
N ILE B 316 15.87 -29.56 17.90
CA ILE B 316 15.39 -29.68 16.54
C ILE B 316 15.18 -28.29 15.98
N TYR B 317 15.54 -28.09 14.72
CA TYR B 317 15.48 -26.78 14.11
C TYR B 317 14.96 -26.93 12.70
N GLN B 318 13.98 -26.12 12.32
CA GLN B 318 13.43 -26.18 10.98
C GLN B 318 14.44 -25.64 9.98
N THR B 319 14.52 -26.27 8.82
CA THR B 319 15.41 -25.82 7.75
C THR B 319 14.65 -25.38 6.51
N SER B 320 13.80 -26.25 5.96
CA SER B 320 13.05 -25.93 4.76
C SER B 320 11.90 -26.93 4.64
N ASN B 321 11.21 -26.90 3.50
CA ASN B 321 10.15 -27.85 3.22
C ASN B 321 10.68 -29.03 2.42
N PHE B 322 9.95 -30.14 2.48
CA PHE B 322 10.30 -31.35 1.75
C PHE B 322 9.31 -31.55 0.62
N ARG B 323 9.81 -31.73 -0.59
CA ARG B 323 8.97 -31.87 -1.76
C ARG B 323 9.41 -33.11 -2.52
N VAL B 324 8.46 -33.89 -3.01
CA VAL B 324 8.77 -35.02 -3.88
C VAL B 324 8.63 -34.55 -5.33
N GLN B 325 9.73 -34.63 -6.08
CA GLN B 325 9.71 -34.23 -7.46
C GLN B 325 8.83 -35.18 -8.27
N PRO B 326 8.15 -34.67 -9.30
CA PRO B 326 7.26 -35.55 -10.09
C PRO B 326 8.04 -36.65 -10.78
N THR B 327 7.49 -37.87 -10.71
CA THR B 327 8.12 -39.00 -11.38
C THR B 327 7.98 -38.89 -12.90
N GLU B 328 6.85 -38.37 -13.37
CA GLU B 328 6.60 -38.23 -14.80
C GLU B 328 5.59 -37.12 -15.00
N SER B 329 5.46 -36.69 -16.26
CA SER B 329 4.51 -35.64 -16.64
C SER B 329 3.24 -36.30 -17.17
N ILE B 330 2.09 -35.82 -16.70
CA ILE B 330 0.79 -36.38 -17.06
C ILE B 330 0.09 -35.37 -17.96
N VAL B 331 0.08 -35.64 -19.26
CA VAL B 331 -0.57 -34.80 -20.25
C VAL B 331 -1.36 -35.71 -21.18
N ARG B 332 -2.62 -35.35 -21.44
CA ARG B 332 -3.47 -36.10 -22.34
C ARG B 332 -4.19 -35.15 -23.28
N PHE B 333 -4.41 -35.59 -24.53
CA PHE B 333 -5.13 -34.83 -25.53
C PHE B 333 -5.90 -35.80 -26.44
N PRO B 334 -7.18 -35.51 -26.73
CA PRO B 334 -8.00 -36.48 -27.45
C PRO B 334 -7.51 -36.68 -28.88
N ASN B 335 -7.89 -37.84 -29.44
CA ASN B 335 -7.44 -38.26 -30.76
C ASN B 335 -8.14 -37.45 -31.84
N ILE B 336 -7.57 -36.31 -32.21
CA ILE B 336 -8.05 -35.48 -33.30
C ILE B 336 -7.00 -35.50 -34.41
N THR B 337 -7.42 -35.86 -35.62
CA THR B 337 -6.51 -36.01 -36.75
C THR B 337 -6.71 -34.97 -37.84
N ASN B 338 -7.75 -34.13 -37.74
CA ASN B 338 -7.98 -33.13 -38.77
C ASN B 338 -6.94 -32.01 -38.69
N LEU B 339 -6.79 -31.29 -39.79
CA LEU B 339 -5.86 -30.18 -39.89
C LEU B 339 -6.62 -28.86 -40.00
N CYS B 340 -6.14 -27.85 -39.29
CA CYS B 340 -6.80 -26.55 -39.32
C CYS B 340 -6.52 -25.83 -40.63
N PRO B 341 -7.46 -24.99 -41.10
CA PRO B 341 -7.23 -24.17 -42.31
C PRO B 341 -6.42 -22.92 -41.99
N PHE B 342 -5.09 -23.08 -41.98
CA PHE B 342 -4.20 -21.99 -41.64
C PHE B 342 -4.32 -20.84 -42.64
N GLY B 343 -4.37 -21.15 -43.94
CA GLY B 343 -4.38 -20.12 -44.96
C GLY B 343 -5.74 -19.52 -45.25
N GLU B 344 -6.82 -20.17 -44.82
CA GLU B 344 -8.16 -19.70 -45.10
C GLU B 344 -8.64 -18.63 -44.13
N VAL B 345 -7.79 -18.23 -43.17
CA VAL B 345 -8.17 -17.26 -42.14
C VAL B 345 -7.54 -15.90 -42.41
N PHE B 346 -6.21 -15.86 -42.52
CA PHE B 346 -5.48 -14.60 -42.66
C PHE B 346 -5.23 -14.22 -44.10
N ASN B 347 -4.99 -15.18 -44.97
CA ASN B 347 -4.59 -14.94 -46.36
C ASN B 347 -5.75 -15.06 -47.33
N ALA B 348 -6.96 -14.67 -46.92
CA ALA B 348 -8.11 -14.72 -47.81
C ALA B 348 -7.96 -13.73 -48.95
N THR B 349 -8.51 -14.10 -50.11
CA THR B 349 -8.39 -13.25 -51.30
C THR B 349 -9.18 -11.96 -51.14
N ARG B 350 -10.40 -12.04 -50.62
CA ARG B 350 -11.27 -10.88 -50.47
C ARG B 350 -11.78 -10.79 -49.04
N PHE B 351 -11.94 -9.55 -48.57
CA PHE B 351 -12.44 -9.27 -47.23
C PHE B 351 -13.78 -8.54 -47.32
N ALA B 352 -14.51 -8.57 -46.23
CA ALA B 352 -15.85 -7.99 -46.17
C ALA B 352 -15.80 -6.59 -45.56
N SER B 353 -16.96 -5.99 -45.36
CA SER B 353 -17.10 -4.66 -44.79
C SER B 353 -17.42 -4.73 -43.30
N VAL B 354 -17.37 -3.56 -42.65
CA VAL B 354 -17.68 -3.52 -41.22
C VAL B 354 -19.17 -3.74 -40.99
N TYR B 355 -20.03 -3.33 -41.94
CA TYR B 355 -21.46 -3.56 -41.79
C TYR B 355 -21.79 -5.04 -41.80
N ALA B 356 -21.14 -5.81 -42.68
CA ALA B 356 -21.32 -7.25 -42.77
C ALA B 356 -19.94 -7.88 -42.85
N TRP B 357 -19.34 -8.16 -41.70
CA TRP B 357 -18.00 -8.74 -41.62
C TRP B 357 -18.10 -10.25 -41.59
N ASN B 358 -17.16 -10.91 -42.27
CA ASN B 358 -17.24 -12.36 -42.41
C ASN B 358 -16.48 -13.05 -41.28
N ARG B 359 -17.03 -14.16 -40.80
CA ARG B 359 -16.55 -14.84 -39.61
C ARG B 359 -16.03 -16.23 -40.00
N LYS B 360 -14.79 -16.52 -39.63
CA LYS B 360 -14.18 -17.81 -39.88
C LYS B 360 -13.85 -18.48 -38.54
N ARG B 361 -14.25 -19.74 -38.40
CA ARG B 361 -14.12 -20.45 -37.13
C ARG B 361 -13.11 -21.59 -37.25
N ILE B 362 -12.30 -21.76 -36.20
CA ILE B 362 -11.31 -22.81 -36.10
C ILE B 362 -11.63 -23.65 -34.87
N SER B 363 -11.77 -24.96 -35.08
CA SER B 363 -12.05 -25.93 -34.02
C SER B 363 -11.95 -27.32 -34.62
N ASN B 364 -11.69 -28.30 -33.74
CA ASN B 364 -11.61 -29.72 -34.11
C ASN B 364 -10.55 -29.97 -35.18
N CYS B 365 -9.31 -29.65 -34.83
CA CYS B 365 -8.15 -29.87 -35.71
C CYS B 365 -6.90 -29.71 -34.87
N VAL B 366 -5.74 -29.67 -35.53
CA VAL B 366 -4.45 -29.49 -34.88
C VAL B 366 -3.83 -28.21 -35.41
N ALA B 367 -3.44 -27.31 -34.50
CA ALA B 367 -2.96 -25.99 -34.87
C ALA B 367 -1.62 -25.70 -34.20
N ASP B 368 -0.58 -25.50 -35.00
CA ASP B 368 0.72 -25.04 -34.52
C ASP B 368 0.90 -23.60 -35.03
N TYR B 369 0.60 -22.63 -34.15
CA TYR B 369 0.62 -21.23 -34.53
C TYR B 369 2.01 -20.60 -34.46
N SER B 370 3.04 -21.33 -34.03
CA SER B 370 4.37 -20.76 -33.98
C SER B 370 4.88 -20.40 -35.38
N VAL B 371 4.83 -21.37 -36.30
CA VAL B 371 5.27 -21.11 -37.66
C VAL B 371 4.34 -20.12 -38.35
N LEU B 372 3.04 -20.17 -38.04
CA LEU B 372 2.09 -19.26 -38.67
C LEU B 372 2.31 -17.82 -38.20
N TYR B 373 2.75 -17.65 -36.94
CA TYR B 373 3.04 -16.30 -36.44
C TYR B 373 4.43 -15.83 -36.86
N ASN B 374 5.35 -16.75 -37.13
CA ASN B 374 6.73 -16.37 -37.42
C ASN B 374 6.83 -15.50 -38.66
N SER B 375 5.98 -15.75 -39.66
CA SER B 375 6.02 -14.97 -40.88
C SER B 375 5.53 -13.55 -40.62
N ALA B 376 6.30 -12.56 -41.05
CA ALA B 376 5.95 -11.15 -40.87
C ALA B 376 5.17 -10.63 -42.07
N SER B 377 4.01 -11.26 -42.30
CA SER B 377 3.17 -10.94 -43.45
C SER B 377 2.02 -10.00 -43.10
N PHE B 378 2.01 -9.44 -41.89
CA PHE B 378 0.94 -8.56 -41.44
C PHE B 378 1.49 -7.19 -41.12
N SER B 379 0.83 -6.15 -41.62
CA SER B 379 1.29 -4.79 -41.36
C SER B 379 1.17 -4.43 -39.88
N THR B 380 0.08 -4.84 -39.24
CA THR B 380 -0.12 -4.53 -37.83
C THR B 380 -0.80 -5.72 -37.15
N PHE B 381 -0.28 -6.14 -36.01
CA PHE B 381 -0.88 -7.20 -35.22
C PHE B 381 -0.71 -6.82 -33.76
N LYS B 382 -1.80 -6.45 -33.09
CA LYS B 382 -1.75 -5.90 -31.75
C LYS B 382 -2.47 -6.83 -30.77
N CYS B 383 -1.77 -7.13 -29.67
CA CYS B 383 -2.30 -7.82 -28.51
C CYS B 383 -1.86 -7.04 -27.27
N TYR B 384 -2.75 -6.91 -26.29
CA TYR B 384 -2.47 -6.11 -25.11
C TYR B 384 -2.41 -6.94 -23.83
N GLY B 385 -3.47 -7.69 -23.51
CA GLY B 385 -3.49 -8.42 -22.26
C GLY B 385 -3.64 -9.93 -22.41
N VAL B 386 -3.50 -10.43 -23.64
CA VAL B 386 -3.71 -11.84 -23.92
C VAL B 386 -2.57 -12.33 -24.81
N SER B 387 -2.37 -13.65 -24.79
CA SER B 387 -1.22 -14.27 -25.45
C SER B 387 -1.30 -14.12 -26.96
N PRO B 388 -0.30 -13.53 -27.62
CA PRO B 388 -0.26 -13.54 -29.08
C PRO B 388 0.38 -14.80 -29.65
N THR B 389 1.27 -15.42 -28.87
CA THR B 389 2.17 -16.44 -29.39
C THR B 389 1.94 -17.83 -28.83
N LYS B 390 1.44 -17.95 -27.60
CA LYS B 390 1.32 -19.25 -26.93
C LYS B 390 -0.03 -19.89 -27.11
N LEU B 391 -0.70 -19.67 -28.25
CA LEU B 391 -1.90 -20.43 -28.58
C LEU B 391 -1.63 -21.93 -28.65
N ASN B 392 -0.36 -22.32 -28.89
CA ASN B 392 -0.02 -23.73 -28.94
C ASN B 392 0.06 -24.35 -27.55
N ASP B 393 0.53 -23.59 -26.56
CA ASP B 393 0.69 -24.12 -25.21
C ASP B 393 -0.63 -24.13 -24.45
N LEU B 394 -1.21 -22.95 -24.24
CA LEU B 394 -2.48 -22.81 -23.53
C LEU B 394 -3.52 -22.33 -24.54
N CYS B 395 -4.23 -23.29 -25.14
CA CYS B 395 -5.11 -23.00 -26.25
C CYS B 395 -6.53 -22.75 -25.76
N PHE B 396 -7.46 -22.59 -26.71
CA PHE B 396 -8.87 -22.37 -26.40
C PHE B 396 -9.72 -23.23 -27.32
N THR B 397 -10.97 -23.45 -26.89
CA THR B 397 -11.85 -24.37 -27.60
C THR B 397 -12.23 -23.83 -28.97
N ASN B 398 -12.81 -22.64 -29.02
CA ASN B 398 -13.30 -22.03 -30.25
C ASN B 398 -12.38 -20.88 -30.64
N VAL B 399 -12.02 -20.80 -31.91
CA VAL B 399 -11.24 -19.69 -32.45
C VAL B 399 -12.10 -18.96 -33.46
N TYR B 400 -12.21 -17.64 -33.33
CA TYR B 400 -13.02 -16.82 -34.21
C TYR B 400 -12.15 -15.76 -34.88
N ALA B 401 -12.37 -15.55 -36.17
CA ALA B 401 -11.71 -14.48 -36.93
C ALA B 401 -12.79 -13.68 -37.66
N ASP B 402 -12.99 -12.45 -37.22
CA ASP B 402 -13.97 -11.54 -37.82
C ASP B 402 -13.23 -10.55 -38.71
N SER B 403 -13.43 -10.64 -40.02
CA SER B 403 -12.70 -9.82 -40.97
C SER B 403 -13.64 -8.79 -41.60
N PHE B 404 -13.18 -7.55 -41.62
CA PHE B 404 -13.93 -6.40 -42.15
C PHE B 404 -12.91 -5.37 -42.63
N VAL B 405 -13.38 -4.17 -42.94
CA VAL B 405 -12.53 -3.04 -43.32
C VAL B 405 -12.96 -1.81 -42.53
N ILE B 406 -12.01 -1.14 -41.89
CA ILE B 406 -12.29 0.04 -41.08
C ILE B 406 -11.19 1.07 -41.29
N ARG B 407 -11.28 2.16 -40.54
CA ARG B 407 -10.24 3.19 -40.55
C ARG B 407 -9.04 2.75 -39.75
N GLY B 408 -7.84 3.03 -40.28
CA GLY B 408 -6.63 2.60 -39.63
C GLY B 408 -6.35 3.28 -38.31
N ASP B 409 -6.67 4.57 -38.21
CA ASP B 409 -6.38 5.31 -36.98
C ASP B 409 -7.13 4.77 -35.78
N GLU B 410 -8.32 4.19 -36.01
CA GLU B 410 -9.06 3.55 -34.93
C GLU B 410 -8.68 2.10 -34.73
N VAL B 411 -7.85 1.53 -35.60
CA VAL B 411 -7.38 0.16 -35.39
C VAL B 411 -6.49 0.07 -34.17
N ARG B 412 -5.52 0.98 -34.06
CA ARG B 412 -4.68 1.03 -32.87
C ARG B 412 -5.42 1.56 -31.66
N GLN B 413 -6.61 2.13 -31.86
CA GLN B 413 -7.49 2.52 -30.76
C GLN B 413 -8.26 1.34 -30.18
N ILE B 414 -8.14 0.15 -30.78
CA ILE B 414 -8.81 -1.02 -30.25
C ILE B 414 -8.01 -1.54 -29.07
N ALA B 415 -8.32 -1.05 -27.87
CA ALA B 415 -7.63 -1.39 -26.64
C ALA B 415 -8.61 -1.20 -25.50
N PRO B 416 -8.46 -1.93 -24.39
CA PRO B 416 -9.39 -1.75 -23.27
C PRO B 416 -9.35 -0.33 -22.75
N GLY B 417 -10.53 0.20 -22.43
CA GLY B 417 -10.66 1.58 -21.98
C GLY B 417 -10.70 2.61 -23.07
N GLN B 418 -10.62 2.21 -24.33
CA GLN B 418 -10.67 3.13 -25.46
C GLN B 418 -12.04 3.05 -26.14
N THR B 419 -12.38 4.12 -26.86
CA THR B 419 -13.66 4.22 -27.55
C THR B 419 -13.45 4.88 -28.90
N GLY B 420 -14.50 4.84 -29.71
CA GLY B 420 -14.45 5.44 -31.03
C GLY B 420 -15.79 5.30 -31.73
N LYS B 421 -15.86 5.83 -32.95
CA LYS B 421 -17.10 5.75 -33.71
C LYS B 421 -17.43 4.31 -34.06
N ILE B 422 -16.46 3.53 -34.54
CA ILE B 422 -16.69 2.12 -34.79
C ILE B 422 -16.83 1.36 -33.48
N ALA B 423 -16.04 1.72 -32.48
CA ALA B 423 -16.10 1.06 -31.18
C ALA B 423 -17.43 1.28 -30.48
N ASP B 424 -18.20 2.29 -30.88
CA ASP B 424 -19.48 2.58 -30.26
C ASP B 424 -20.67 2.05 -31.08
N TYR B 425 -20.58 2.09 -32.41
CA TYR B 425 -21.72 1.79 -33.26
C TYR B 425 -21.55 0.47 -34.02
N ASN B 426 -20.49 0.35 -34.81
CA ASN B 426 -20.36 -0.78 -35.73
C ASN B 426 -19.83 -2.02 -35.03
N TYR B 427 -18.64 -1.93 -34.45
CA TYR B 427 -17.95 -3.08 -33.87
C TYR B 427 -17.57 -2.76 -32.44
N LYS B 428 -18.32 -3.31 -31.48
CA LYS B 428 -18.08 -3.11 -30.06
C LYS B 428 -17.65 -4.43 -29.42
N LEU B 429 -16.86 -4.32 -28.37
CA LEU B 429 -16.28 -5.46 -27.68
C LEU B 429 -16.60 -5.39 -26.20
N PRO B 430 -16.62 -6.52 -25.50
CA PRO B 430 -16.95 -6.50 -24.08
C PRO B 430 -15.80 -5.94 -23.24
N ASP B 431 -16.08 -5.77 -21.95
CA ASP B 431 -15.10 -5.17 -21.05
C ASP B 431 -13.85 -6.02 -20.93
N ASP B 432 -14.01 -7.35 -20.88
CA ASP B 432 -12.90 -8.29 -20.76
C ASP B 432 -12.59 -8.98 -22.08
N PHE B 433 -12.64 -8.24 -23.19
CA PHE B 433 -12.42 -8.76 -24.54
C PHE B 433 -11.21 -9.68 -24.59
N THR B 434 -11.45 -10.93 -24.99
CA THR B 434 -10.41 -11.96 -25.08
C THR B 434 -10.07 -12.14 -26.56
N GLY B 435 -9.13 -11.33 -27.05
CA GLY B 435 -8.75 -11.44 -28.44
C GLY B 435 -7.69 -10.42 -28.80
N CYS B 436 -7.44 -10.33 -30.11
CA CYS B 436 -6.40 -9.47 -30.67
C CYS B 436 -6.88 -8.89 -31.99
N VAL B 437 -6.14 -7.91 -32.50
CA VAL B 437 -6.51 -7.21 -33.72
C VAL B 437 -5.38 -7.32 -34.74
N ILE B 438 -5.75 -7.45 -36.02
CA ILE B 438 -4.80 -7.47 -37.12
C ILE B 438 -5.30 -6.52 -38.19
N ALA B 439 -4.38 -5.75 -38.78
CA ALA B 439 -4.71 -4.77 -39.80
C ALA B 439 -3.68 -4.79 -40.91
N TRP B 440 -4.17 -4.76 -42.15
CA TRP B 440 -3.33 -4.68 -43.34
C TRP B 440 -3.94 -3.68 -44.31
N ASN B 441 -3.08 -2.87 -44.94
CA ASN B 441 -3.55 -1.80 -45.81
C ASN B 441 -3.86 -2.34 -47.20
N SER B 442 -5.07 -2.05 -47.68
CA SER B 442 -5.55 -2.50 -49.00
C SER B 442 -6.29 -1.38 -49.71
N ASN B 443 -5.67 -0.19 -49.78
CA ASN B 443 -6.36 0.97 -50.32
C ASN B 443 -6.54 0.86 -51.84
N ASN B 444 -5.56 0.31 -52.54
CA ASN B 444 -5.54 0.33 -54.00
C ASN B 444 -6.22 -0.88 -54.62
N LEU B 445 -6.75 -1.80 -53.82
CA LEU B 445 -7.45 -2.97 -54.33
C LEU B 445 -8.93 -2.99 -53.99
N ASP B 446 -9.32 -2.45 -52.83
CA ASP B 446 -10.73 -2.41 -52.45
C ASP B 446 -11.53 -1.42 -53.28
N SER B 447 -10.86 -0.49 -53.97
CA SER B 447 -11.55 0.58 -54.66
C SER B 447 -12.28 0.07 -55.90
N LYS B 448 -13.28 0.83 -56.32
CA LYS B 448 -14.08 0.51 -57.49
C LYS B 448 -14.11 1.72 -58.42
N VAL B 449 -14.32 1.44 -59.71
CA VAL B 449 -14.30 2.50 -60.71
C VAL B 449 -15.49 3.44 -60.54
N GLY B 450 -16.66 2.88 -60.24
CA GLY B 450 -17.88 3.66 -60.10
C GLY B 450 -18.19 4.15 -58.71
N GLY B 451 -17.22 4.12 -57.80
CA GLY B 451 -17.46 4.55 -56.43
C GLY B 451 -17.66 3.38 -55.49
N ASN B 452 -16.85 3.32 -54.44
CA ASN B 452 -16.86 2.18 -53.52
C ASN B 452 -18.02 2.35 -52.55
N TYR B 453 -19.20 1.86 -52.95
CA TYR B 453 -20.37 1.85 -52.09
C TYR B 453 -20.55 0.53 -51.35
N ASN B 454 -19.61 -0.40 -51.50
CA ASN B 454 -19.74 -1.71 -50.86
C ASN B 454 -19.57 -1.65 -49.35
N TYR B 455 -18.89 -0.63 -48.84
CA TYR B 455 -18.64 -0.50 -47.41
C TYR B 455 -19.60 0.51 -46.80
N ARG B 456 -20.40 0.05 -45.83
CA ARG B 456 -21.41 0.88 -45.19
C ARG B 456 -21.21 0.85 -43.68
N TYR B 457 -21.73 1.88 -43.01
CA TYR B 457 -21.56 2.00 -41.57
C TYR B 457 -22.68 2.83 -40.99
N ARG B 458 -22.88 2.66 -39.67
CA ARG B 458 -23.83 3.49 -38.92
C ARG B 458 -23.16 4.79 -38.53
N LEU B 459 -23.87 5.90 -38.72
CA LEU B 459 -23.28 7.21 -38.47
C LEU B 459 -23.42 7.64 -37.00
N PHE B 460 -24.62 7.49 -36.43
CA PHE B 460 -24.86 7.79 -35.03
C PHE B 460 -25.70 6.71 -34.37
N ARG B 461 -25.51 6.57 -33.06
CA ARG B 461 -26.40 5.77 -32.22
C ARG B 461 -26.46 6.42 -30.85
N LYS B 462 -27.64 6.34 -30.22
CA LYS B 462 -27.86 7.05 -28.97
C LYS B 462 -27.19 6.39 -27.78
N SER B 463 -27.00 5.07 -27.82
CA SER B 463 -26.45 4.34 -26.69
C SER B 463 -25.40 3.35 -27.18
N ASN B 464 -24.80 2.64 -26.22
CA ASN B 464 -23.76 1.67 -26.53
C ASN B 464 -24.36 0.38 -27.08
N LEU B 465 -23.49 -0.48 -27.60
CA LEU B 465 -23.89 -1.71 -28.27
C LEU B 465 -23.71 -2.91 -27.35
N LYS B 466 -24.64 -3.86 -27.45
CA LYS B 466 -24.56 -5.09 -26.68
C LYS B 466 -23.44 -5.97 -27.22
N PRO B 467 -22.88 -6.86 -26.39
CA PRO B 467 -21.85 -7.79 -26.89
C PRO B 467 -22.39 -8.68 -27.99
N PHE B 468 -21.60 -8.84 -29.05
CA PHE B 468 -21.97 -9.65 -30.21
C PHE B 468 -23.32 -9.23 -30.79
N GLU B 469 -23.61 -7.93 -30.77
CA GLU B 469 -24.79 -7.39 -31.41
C GLU B 469 -24.38 -6.63 -32.67
N ARG B 470 -25.16 -6.79 -33.73
CA ARG B 470 -25.01 -6.00 -34.94
C ARG B 470 -26.22 -5.10 -35.08
N ASP B 471 -25.99 -3.82 -35.29
CA ASP B 471 -27.07 -2.84 -35.35
C ASP B 471 -27.88 -3.07 -36.62
N ILE B 472 -29.01 -3.75 -36.47
CA ILE B 472 -29.90 -4.04 -37.59
C ILE B 472 -31.25 -3.37 -37.46
N SER B 473 -31.48 -2.61 -36.40
CA SER B 473 -32.72 -1.86 -36.25
C SER B 473 -32.67 -0.58 -37.07
N THR B 474 -33.82 -0.21 -37.64
CA THR B 474 -33.92 0.97 -38.49
C THR B 474 -34.24 2.23 -37.70
N GLU B 475 -33.88 2.28 -36.42
CA GLU B 475 -34.15 3.45 -35.60
C GLU B 475 -33.31 4.63 -36.06
N ILE B 476 -33.95 5.77 -36.26
CA ILE B 476 -33.29 6.99 -36.69
C ILE B 476 -32.76 7.73 -35.47
N TYR B 477 -31.62 8.40 -35.64
CA TYR B 477 -31.06 9.24 -34.61
C TYR B 477 -31.60 10.66 -34.75
N GLN B 478 -32.03 11.24 -33.63
CA GLN B 478 -32.63 12.56 -33.61
C GLN B 478 -31.68 13.55 -32.95
N ALA B 479 -31.28 14.57 -33.70
CA ALA B 479 -30.42 15.63 -33.17
C ALA B 479 -31.18 16.93 -32.93
N GLY B 480 -32.06 17.32 -33.86
CA GLY B 480 -32.85 18.52 -33.71
C GLY B 480 -34.18 18.23 -33.02
N SER B 481 -35.01 19.27 -32.97
CA SER B 481 -36.32 19.18 -32.33
C SER B 481 -37.38 18.60 -33.27
N LYS B 482 -37.33 18.97 -34.54
CA LYS B 482 -38.32 18.47 -35.49
C LYS B 482 -38.03 17.00 -35.80
N PRO B 483 -39.04 16.13 -35.79
CA PRO B 483 -38.79 14.71 -36.04
C PRO B 483 -38.22 14.47 -37.42
N CYS B 484 -37.32 13.48 -37.52
CA CYS B 484 -36.68 13.17 -38.78
C CYS B 484 -37.64 12.51 -39.77
N ASN B 485 -38.79 12.03 -39.31
CA ASN B 485 -39.79 11.35 -40.13
C ASN B 485 -39.23 10.08 -40.78
N GLY B 486 -38.16 9.53 -40.22
CA GLY B 486 -37.55 8.34 -40.76
C GLY B 486 -36.67 8.56 -41.98
N VAL B 487 -36.49 9.81 -42.40
CA VAL B 487 -35.70 10.15 -43.58
C VAL B 487 -34.82 11.35 -43.23
N GLU B 488 -34.08 11.83 -44.23
CA GLU B 488 -33.24 13.00 -44.04
C GLU B 488 -34.07 14.25 -43.80
N GLY B 489 -33.45 15.27 -43.23
CA GLY B 489 -34.14 16.51 -42.95
C GLY B 489 -33.27 17.48 -42.19
N PHE B 490 -33.93 18.27 -41.35
CA PHE B 490 -33.25 19.31 -40.57
C PHE B 490 -32.53 18.65 -39.39
N ASN B 491 -31.20 18.70 -39.41
CA ASN B 491 -30.37 18.07 -38.38
C ASN B 491 -30.67 16.58 -38.26
N CYS B 492 -31.00 15.94 -39.38
CA CYS B 492 -31.28 14.51 -39.41
C CYS B 492 -30.58 13.89 -40.60
N TYR B 493 -29.95 12.74 -40.38
CA TYR B 493 -29.23 12.03 -41.43
C TYR B 493 -29.54 10.54 -41.33
N PHE B 494 -29.49 9.87 -42.47
CA PHE B 494 -29.69 8.43 -42.50
C PHE B 494 -28.49 7.73 -41.86
N PRO B 495 -28.71 6.86 -40.88
CA PRO B 495 -27.56 6.23 -40.20
C PRO B 495 -26.66 5.44 -41.13
N LEU B 496 -27.21 4.82 -42.17
CA LEU B 496 -26.41 4.05 -43.12
C LEU B 496 -25.70 5.00 -44.07
N GLN B 497 -24.37 4.99 -44.02
CA GLN B 497 -23.56 5.84 -44.89
C GLN B 497 -22.46 5.00 -45.52
N SER B 498 -21.93 5.48 -46.65
CA SER B 498 -20.99 4.74 -47.46
C SER B 498 -19.58 5.26 -47.27
N TYR B 499 -18.64 4.36 -46.97
CA TYR B 499 -17.23 4.71 -46.94
C TYR B 499 -16.76 5.19 -48.30
N GLY B 500 -16.06 6.32 -48.31
CA GLY B 500 -15.45 6.83 -49.52
C GLY B 500 -14.02 6.37 -49.66
N PHE B 501 -13.80 5.06 -49.52
CA PHE B 501 -12.46 4.50 -49.53
C PHE B 501 -11.86 4.61 -50.92
N GLN B 502 -10.93 5.55 -51.09
CA GLN B 502 -10.21 5.76 -52.32
C GLN B 502 -8.75 5.36 -52.15
N PRO B 503 -8.06 4.97 -53.22
CA PRO B 503 -6.61 4.71 -53.08
C PRO B 503 -5.81 5.94 -52.73
N THR B 504 -6.37 7.13 -52.95
CA THR B 504 -5.66 8.39 -52.71
C THR B 504 -5.41 8.66 -51.23
N ASN B 505 -6.02 7.89 -50.33
CA ASN B 505 -5.94 8.20 -48.91
C ASN B 505 -4.50 8.10 -48.41
N GLY B 506 -4.21 8.84 -47.34
CA GLY B 506 -2.88 8.88 -46.79
C GLY B 506 -2.53 7.64 -46.00
N VAL B 507 -1.25 7.56 -45.61
CA VAL B 507 -0.75 6.37 -44.93
C VAL B 507 -1.46 6.16 -43.60
N GLY B 508 -1.75 7.25 -42.89
CA GLY B 508 -2.38 7.14 -41.58
C GLY B 508 -3.89 7.02 -41.63
N TYR B 509 -4.50 7.33 -42.78
CA TYR B 509 -5.95 7.33 -42.90
C TYR B 509 -6.47 6.39 -43.98
N GLN B 510 -5.60 5.58 -44.58
CA GLN B 510 -6.05 4.63 -45.58
C GLN B 510 -6.93 3.55 -44.94
N PRO B 511 -7.85 2.96 -45.69
CA PRO B 511 -8.63 1.83 -45.16
C PRO B 511 -7.72 0.66 -44.80
N TYR B 512 -8.06 -0.01 -43.71
CA TYR B 512 -7.34 -1.20 -43.26
C TYR B 512 -8.31 -2.37 -43.20
N ARG B 513 -7.94 -3.47 -43.85
CA ARG B 513 -8.61 -4.75 -43.64
C ARG B 513 -8.18 -5.30 -42.29
N VAL B 514 -9.16 -5.57 -41.43
CA VAL B 514 -8.93 -5.89 -40.03
C VAL B 514 -9.56 -7.25 -39.72
N VAL B 515 -8.77 -8.11 -39.09
CA VAL B 515 -9.22 -9.40 -38.59
C VAL B 515 -9.13 -9.35 -37.06
N VAL B 516 -10.26 -9.61 -36.40
CA VAL B 516 -10.32 -9.65 -34.95
C VAL B 516 -10.36 -11.12 -34.53
N LEU B 517 -9.41 -11.52 -33.70
CA LEU B 517 -9.31 -12.89 -33.20
C LEU B 517 -9.93 -12.95 -31.82
N SER B 518 -10.86 -13.89 -31.63
CA SER B 518 -11.66 -13.99 -30.41
C SER B 518 -11.80 -15.45 -29.98
N PHE B 519 -12.14 -15.65 -28.72
CA PHE B 519 -12.33 -16.97 -28.13
C PHE B 519 -13.04 -16.79 -26.79
N GLU B 520 -13.15 -17.87 -26.02
CA GLU B 520 -13.63 -17.84 -24.64
C GLU B 520 -12.71 -18.68 -23.77
N LEU B 521 -12.40 -18.16 -22.58
CA LEU B 521 -11.46 -18.80 -21.67
C LEU B 521 -12.15 -19.15 -20.36
N LEU B 522 -11.74 -20.28 -19.78
CA LEU B 522 -12.25 -20.75 -18.49
C LEU B 522 -13.76 -21.00 -18.55
N HIS B 523 -14.21 -21.63 -19.63
CA HIS B 523 -15.61 -22.01 -19.77
C HIS B 523 -15.83 -23.42 -20.30
N ALA B 524 -14.88 -24.00 -21.02
CA ALA B 524 -15.04 -25.34 -21.57
C ALA B 524 -13.66 -25.91 -21.86
N PRO B 525 -13.49 -27.24 -21.78
CA PRO B 525 -12.20 -27.85 -22.12
C PRO B 525 -11.83 -27.56 -23.57
N ALA B 526 -10.67 -26.93 -23.75
CA ALA B 526 -10.18 -26.64 -25.10
C ALA B 526 -9.86 -27.93 -25.85
N THR B 527 -9.98 -27.87 -27.17
CA THR B 527 -9.82 -29.04 -28.02
C THR B 527 -8.68 -28.97 -29.02
N VAL B 528 -8.18 -27.77 -29.34
CA VAL B 528 -7.21 -27.59 -30.41
C VAL B 528 -6.03 -26.81 -29.83
N CYS B 529 -5.04 -27.53 -29.30
CA CYS B 529 -3.78 -26.96 -28.87
C CYS B 529 -2.68 -27.30 -29.86
N GLY B 530 -1.45 -26.93 -29.52
CA GLY B 530 -0.31 -27.11 -30.40
C GLY B 530 0.12 -28.55 -30.53
N PRO B 531 1.32 -28.76 -31.09
CA PRO B 531 1.81 -30.13 -31.30
C PRO B 531 2.18 -30.81 -30.00
N LYS B 532 1.16 -31.18 -29.22
CA LYS B 532 1.37 -31.78 -27.91
C LYS B 532 1.32 -33.30 -28.04
N LYS B 533 2.41 -33.97 -27.66
CA LYS B 533 2.45 -35.42 -27.56
C LYS B 533 2.22 -35.83 -26.12
N SER B 534 1.43 -36.90 -25.94
CA SER B 534 0.93 -37.30 -24.63
C SER B 534 1.56 -38.60 -24.19
N THR B 535 1.31 -38.95 -22.93
CA THR B 535 1.79 -40.19 -22.35
C THR B 535 0.81 -40.67 -21.28
N ASN B 536 1.04 -41.88 -20.80
CA ASN B 536 0.13 -42.51 -19.86
C ASN B 536 0.35 -41.99 -18.44
N LEU B 537 -0.36 -42.58 -17.48
CA LEU B 537 -0.33 -42.17 -16.09
C LEU B 537 -0.05 -43.37 -15.19
N VAL B 538 0.36 -43.07 -13.95
CA VAL B 538 0.73 -44.08 -12.97
C VAL B 538 0.04 -43.77 -11.65
N LYS B 539 -0.28 -44.81 -10.89
CA LYS B 539 -0.89 -44.67 -9.58
C LYS B 539 0.14 -44.82 -8.48
N ASN B 540 -0.23 -44.34 -7.29
CA ASN B 540 0.55 -44.45 -6.05
C ASN B 540 1.93 -43.82 -6.15
N LYS B 541 2.23 -43.11 -7.23
CA LYS B 541 3.48 -42.37 -7.38
C LYS B 541 3.12 -40.94 -7.74
N CYS B 542 3.36 -40.01 -6.82
CA CYS B 542 2.90 -38.65 -6.99
C CYS B 542 3.67 -37.95 -8.12
N VAL B 543 2.90 -37.31 -9.01
CA VAL B 543 3.42 -36.67 -10.20
C VAL B 543 2.63 -35.39 -10.44
N ASN B 544 3.06 -34.63 -11.44
CA ASN B 544 2.31 -33.46 -11.89
C ASN B 544 1.42 -33.83 -13.08
N PHE B 545 0.21 -33.29 -13.08
CA PHE B 545 -0.75 -33.51 -14.15
C PHE B 545 -1.15 -32.18 -14.75
N ASN B 546 -1.15 -32.12 -16.09
CA ASN B 546 -1.51 -30.92 -16.85
C ASN B 546 -2.52 -31.35 -17.90
N PHE B 547 -3.80 -31.39 -17.52
CA PHE B 547 -4.88 -31.77 -18.43
C PHE B 547 -5.42 -30.50 -19.10
N ASN B 548 -4.83 -30.18 -20.26
CA ASN B 548 -5.33 -29.13 -21.14
C ASN B 548 -5.48 -27.80 -20.40
N GLY B 549 -4.45 -27.45 -19.63
CA GLY B 549 -4.43 -26.24 -18.84
C GLY B 549 -4.78 -26.44 -17.38
N LEU B 550 -5.40 -27.56 -17.03
CA LEU B 550 -5.71 -27.86 -15.63
C LEU B 550 -4.47 -28.50 -15.02
N THR B 551 -3.71 -27.71 -14.27
CA THR B 551 -2.44 -28.17 -13.70
C THR B 551 -2.59 -28.49 -12.21
N GLY B 552 -1.78 -29.43 -11.75
CA GLY B 552 -1.78 -29.79 -10.34
C GLY B 552 -0.73 -30.84 -10.06
N THR B 553 -0.57 -31.15 -8.78
CA THR B 553 0.41 -32.13 -8.33
C THR B 553 -0.22 -33.06 -7.31
N GLY B 554 0.04 -34.35 -7.45
CA GLY B 554 -0.48 -35.32 -6.50
C GLY B 554 -0.37 -36.73 -7.03
N VAL B 555 -0.90 -37.65 -6.24
CA VAL B 555 -1.03 -39.06 -6.63
C VAL B 555 -2.34 -39.23 -7.37
N LEU B 556 -2.32 -40.10 -8.38
CA LEU B 556 -3.43 -40.40 -9.27
C LEU B 556 -3.95 -41.78 -8.89
N THR B 557 -4.83 -41.84 -7.91
CA THR B 557 -5.30 -43.11 -7.36
C THR B 557 -6.70 -43.45 -7.88
N GLU B 558 -7.23 -44.56 -7.39
CA GLU B 558 -8.49 -45.10 -7.91
C GLU B 558 -9.67 -44.22 -7.53
N SER B 559 -10.52 -43.94 -8.51
CA SER B 559 -11.81 -43.29 -8.25
C SER B 559 -12.88 -44.34 -8.00
N ASN B 560 -13.73 -44.08 -7.00
CA ASN B 560 -14.71 -45.07 -6.58
C ASN B 560 -16.06 -44.45 -6.25
N LYS B 561 -16.43 -43.38 -6.95
CA LYS B 561 -17.71 -42.71 -6.75
C LYS B 561 -18.45 -42.58 -8.07
N LYS B 562 -19.77 -42.61 -8.00
CA LYS B 562 -20.61 -42.53 -9.19
C LYS B 562 -20.72 -41.09 -9.67
N PHE B 563 -20.50 -40.88 -10.96
CA PHE B 563 -20.46 -39.54 -11.56
C PHE B 563 -21.44 -39.45 -12.72
N LEU B 564 -21.88 -38.22 -13.00
CA LEU B 564 -22.74 -37.99 -14.14
C LEU B 564 -21.95 -38.11 -15.44
N PRO B 565 -22.56 -38.62 -16.51
CA PRO B 565 -21.79 -38.88 -17.74
C PRO B 565 -21.18 -37.64 -18.38
N PHE B 566 -21.73 -36.46 -18.13
CA PHE B 566 -21.26 -35.25 -18.79
C PHE B 566 -20.13 -34.55 -18.03
N GLN B 567 -19.68 -35.14 -16.92
CA GLN B 567 -18.62 -34.52 -16.13
C GLN B 567 -17.32 -34.43 -16.92
N GLN B 568 -16.57 -33.35 -16.68
CA GLN B 568 -15.19 -33.22 -17.13
C GLN B 568 -14.19 -33.42 -16.00
N PHE B 569 -14.52 -32.94 -14.80
CA PHE B 569 -13.68 -33.08 -13.61
C PHE B 569 -14.50 -32.65 -12.39
N GLY B 570 -14.08 -33.13 -11.22
CA GLY B 570 -14.81 -32.93 -9.99
C GLY B 570 -13.98 -32.28 -8.90
N ARG B 571 -14.67 -31.86 -7.84
CA ARG B 571 -14.06 -31.19 -6.71
C ARG B 571 -14.51 -31.84 -5.42
N ASP B 572 -13.70 -31.67 -4.38
CA ASP B 572 -14.02 -32.13 -3.04
C ASP B 572 -14.42 -30.94 -2.16
N ILE B 573 -14.60 -31.20 -0.86
CA ILE B 573 -15.00 -30.15 0.06
C ILE B 573 -13.93 -29.09 0.20
N ALA B 574 -12.65 -29.45 -0.01
CA ALA B 574 -11.54 -28.53 0.21
C ALA B 574 -11.26 -27.62 -0.98
N ASP B 575 -12.23 -27.47 -1.89
CA ASP B 575 -12.08 -26.60 -3.06
C ASP B 575 -10.85 -26.98 -3.88
N THR B 576 -10.62 -28.28 -4.02
CA THR B 576 -9.48 -28.79 -4.77
C THR B 576 -9.98 -29.72 -5.87
N THR B 577 -9.24 -29.74 -6.97
CA THR B 577 -9.56 -30.65 -8.06
C THR B 577 -9.38 -32.08 -7.57
N ASP B 578 -10.48 -32.77 -7.31
CA ASP B 578 -10.44 -34.07 -6.65
C ASP B 578 -10.50 -35.23 -7.61
N ALA B 579 -11.12 -35.07 -8.77
CA ALA B 579 -11.24 -36.14 -9.74
C ALA B 579 -10.87 -35.62 -11.13
N VAL B 580 -10.28 -36.51 -11.93
CA VAL B 580 -9.84 -36.18 -13.28
C VAL B 580 -10.23 -37.31 -14.22
N ARG B 581 -10.61 -36.96 -15.44
CA ARG B 581 -10.96 -37.90 -16.49
C ARG B 581 -9.98 -37.77 -17.63
N ASP B 582 -9.49 -38.90 -18.13
CA ASP B 582 -8.56 -38.89 -19.25
C ASP B 582 -9.32 -38.59 -20.54
N PRO B 583 -8.96 -37.54 -21.28
CA PRO B 583 -9.71 -37.22 -22.51
C PRO B 583 -9.63 -38.29 -23.58
N GLN B 584 -8.62 -39.16 -23.55
CA GLN B 584 -8.49 -40.19 -24.57
C GLN B 584 -9.22 -41.47 -24.18
N THR B 585 -8.81 -42.08 -23.07
CA THR B 585 -9.48 -43.26 -22.51
C THR B 585 -10.35 -42.76 -21.36
N LEU B 586 -11.66 -42.74 -21.57
CA LEU B 586 -12.55 -42.10 -20.61
C LEU B 586 -12.62 -42.90 -19.33
N GLU B 587 -11.76 -42.57 -18.37
CA GLU B 587 -11.72 -43.22 -17.07
C GLU B 587 -11.54 -42.16 -16.01
N ILE B 588 -12.06 -42.43 -14.82
CA ILE B 588 -12.08 -41.47 -13.72
C ILE B 588 -11.05 -41.88 -12.67
N LEU B 589 -10.29 -40.91 -12.19
CA LEU B 589 -9.28 -41.15 -11.17
C LEU B 589 -9.29 -40.00 -10.17
N ASP B 590 -8.71 -40.25 -9.00
CA ASP B 590 -8.66 -39.27 -7.93
C ASP B 590 -7.36 -38.47 -7.96
N ILE B 591 -7.32 -37.42 -7.16
CA ILE B 591 -6.16 -36.58 -6.97
C ILE B 591 -5.88 -36.48 -5.49
N THR B 592 -4.63 -36.72 -5.09
CA THR B 592 -4.30 -36.41 -3.70
C THR B 592 -2.91 -35.79 -3.62
N PRO B 593 -2.81 -34.52 -3.23
CA PRO B 593 -1.53 -33.81 -3.35
C PRO B 593 -0.40 -34.49 -2.57
N CYS B 594 0.80 -34.39 -3.12
CA CYS B 594 1.96 -35.13 -2.65
C CYS B 594 2.73 -34.34 -1.60
N SER B 595 3.84 -34.93 -1.14
CA SER B 595 4.80 -34.27 -0.26
C SER B 595 4.13 -33.78 1.03
N PHE B 596 3.72 -34.74 1.85
CA PHE B 596 2.84 -34.50 2.98
C PHE B 596 3.46 -33.64 4.08
N GLY B 597 4.70 -33.20 3.92
CA GLY B 597 5.31 -32.44 5.00
C GLY B 597 6.58 -31.73 4.58
N GLY B 598 7.36 -31.35 5.59
CA GLY B 598 8.53 -30.49 5.38
C GLY B 598 9.84 -31.11 5.83
N VAL B 599 10.82 -30.27 6.18
CA VAL B 599 12.12 -30.75 6.67
C VAL B 599 12.41 -30.09 8.01
N SER B 600 12.87 -30.91 8.97
CA SER B 600 13.43 -30.42 10.22
C SER B 600 14.70 -31.21 10.50
N VAL B 601 15.61 -30.61 11.26
CA VAL B 601 16.91 -31.20 11.54
C VAL B 601 17.10 -31.31 13.04
N ILE B 602 17.28 -32.53 13.52
CA ILE B 602 17.57 -32.75 14.93
C ILE B 602 19.08 -32.81 15.08
N THR B 603 19.63 -31.90 15.87
CA THR B 603 21.07 -31.87 16.08
C THR B 603 21.42 -31.65 17.55
N PRO B 604 22.47 -32.31 18.02
CA PRO B 604 23.01 -31.98 19.34
C PRO B 604 24.00 -30.83 19.25
N GLY B 605 24.50 -30.37 20.39
CA GLY B 605 25.46 -29.28 20.38
C GLY B 605 26.75 -29.69 19.69
N THR B 606 27.28 -28.78 18.87
CA THR B 606 28.53 -29.06 18.17
C THR B 606 29.71 -29.21 19.10
N ASN B 607 29.62 -28.64 20.32
CA ASN B 607 30.65 -28.90 21.31
C ASN B 607 30.59 -30.32 21.85
N THR B 608 29.44 -30.98 21.73
CA THR B 608 29.26 -32.35 22.22
C THR B 608 29.31 -33.38 21.11
N SER B 609 28.73 -33.11 19.95
CA SER B 609 28.68 -34.09 18.88
C SER B 609 28.49 -33.38 17.55
N ASN B 610 28.72 -34.13 16.47
CA ASN B 610 28.46 -33.65 15.12
C ASN B 610 27.55 -34.56 14.32
N GLN B 611 27.21 -35.74 14.83
CA GLN B 611 26.24 -36.59 14.16
C GLN B 611 24.85 -35.97 14.28
N VAL B 612 24.11 -35.98 13.17
CA VAL B 612 22.87 -35.21 13.07
C VAL B 612 21.81 -36.05 12.38
N ALA B 613 20.57 -35.96 12.86
CA ALA B 613 19.44 -36.68 12.27
C ALA B 613 18.51 -35.69 11.57
N VAL B 614 17.65 -36.21 10.70
CA VAL B 614 16.73 -35.40 9.90
C VAL B 614 15.34 -36.02 9.96
N LEU B 615 14.33 -35.18 10.07
CA LEU B 615 12.93 -35.58 9.95
C LEU B 615 12.32 -34.95 8.72
N TYR B 616 11.62 -35.74 7.93
CA TYR B 616 10.72 -35.24 6.89
C TYR B 616 9.33 -35.27 7.49
N GLN B 617 8.80 -34.08 7.78
CA GLN B 617 7.62 -33.90 8.60
C GLN B 617 6.35 -34.30 7.84
N GLY B 618 5.62 -35.26 8.39
CA GLY B 618 4.26 -35.55 7.99
C GLY B 618 4.09 -36.48 6.80
N VAL B 619 5.17 -36.99 6.22
CA VAL B 619 5.12 -37.67 4.93
C VAL B 619 5.60 -39.10 5.10
N ASN B 620 4.94 -40.02 4.39
CA ASN B 620 5.44 -41.39 4.31
C ASN B 620 6.74 -41.41 3.49
N CYS B 621 7.72 -42.14 3.99
CA CYS B 621 9.08 -42.01 3.47
C CYS B 621 9.17 -42.57 2.05
N THR B 622 9.87 -41.84 1.19
CA THR B 622 9.95 -42.18 -0.23
C THR B 622 11.36 -42.55 -0.67
N GLU B 623 12.35 -41.68 -0.41
CA GLU B 623 13.69 -41.92 -0.92
C GLU B 623 14.32 -43.16 -0.28
N VAL B 624 14.15 -43.33 1.02
CA VAL B 624 14.73 -44.47 1.76
C VAL B 624 16.23 -44.52 1.58
N ASN B 645 18.47 -46.92 9.62
CA ASN B 645 18.83 -45.74 8.86
C ASN B 645 17.59 -44.94 8.48
N VAL B 646 16.48 -45.63 8.32
CA VAL B 646 15.20 -45.02 7.97
C VAL B 646 14.13 -45.59 8.88
N PHE B 647 13.29 -44.71 9.45
CA PHE B 647 12.23 -45.14 10.35
C PHE B 647 10.98 -44.34 10.00
N GLN B 648 9.81 -44.94 10.23
CA GLN B 648 8.54 -44.35 9.85
C GLN B 648 7.73 -43.98 11.09
N THR B 649 7.20 -42.76 11.09
CA THR B 649 6.44 -42.23 12.21
C THR B 649 5.08 -41.77 11.72
N ARG B 650 4.22 -41.42 12.67
CA ARG B 650 3.04 -40.65 12.33
C ARG B 650 3.37 -39.21 11.96
N ALA B 651 4.59 -38.76 12.25
CA ALA B 651 5.03 -37.41 11.94
C ALA B 651 5.92 -37.33 10.71
N GLY B 652 6.30 -38.45 10.13
CA GLY B 652 7.04 -38.43 8.89
C GLY B 652 8.15 -39.45 8.88
N CYS B 653 9.09 -39.24 7.94
CA CYS B 653 10.20 -40.17 7.73
C CYS B 653 11.43 -39.66 8.45
N LEU B 654 11.96 -40.46 9.38
CA LEU B 654 13.06 -40.06 10.23
C LEU B 654 14.31 -40.82 9.82
N ILE B 655 15.34 -40.09 9.39
CA ILE B 655 16.59 -40.69 8.94
C ILE B 655 17.72 -40.22 9.85
N GLY B 656 18.71 -41.08 10.03
CA GLY B 656 19.83 -40.78 10.88
C GLY B 656 19.66 -41.21 12.33
N ALA B 657 18.51 -41.80 12.68
CA ALA B 657 18.26 -42.24 14.03
C ALA B 657 17.56 -43.59 14.01
N GLU B 658 17.86 -44.43 15.00
CA GLU B 658 17.32 -45.77 15.09
C GLU B 658 16.34 -45.87 16.25
N HIS B 659 15.23 -46.58 16.02
CA HIS B 659 14.20 -46.71 17.03
C HIS B 659 14.74 -47.39 18.29
N VAL B 660 14.16 -47.02 19.42
CA VAL B 660 14.50 -47.62 20.71
C VAL B 660 13.22 -48.10 21.36
N ASN B 661 13.11 -49.42 21.56
CA ASN B 661 11.94 -49.95 22.25
C ASN B 661 11.90 -49.53 23.70
N ASN B 662 13.06 -49.36 24.33
CA ASN B 662 13.10 -48.92 25.71
C ASN B 662 12.61 -47.49 25.82
N SER B 663 12.03 -47.16 26.97
CA SER B 663 11.36 -45.88 27.17
C SER B 663 12.27 -44.93 27.93
N TYR B 664 12.65 -43.83 27.26
CA TYR B 664 13.41 -42.75 27.86
C TYR B 664 12.60 -41.46 27.77
N GLU B 665 12.97 -40.49 28.61
CA GLU B 665 12.45 -39.14 28.47
C GLU B 665 13.33 -38.38 27.50
N CYS B 666 12.71 -37.65 26.58
CA CYS B 666 13.44 -36.98 25.51
C CYS B 666 13.70 -35.53 25.86
N ASP B 667 14.91 -35.08 25.54
CA ASP B 667 15.27 -33.68 25.68
C ASP B 667 15.07 -32.90 24.39
N ILE B 668 15.02 -33.59 23.26
CA ILE B 668 14.79 -32.94 21.96
C ILE B 668 13.51 -33.52 21.37
N PRO B 669 12.36 -32.92 21.64
CA PRO B 669 11.11 -33.41 21.03
C PRO B 669 11.11 -33.21 19.53
N ILE B 670 10.45 -34.14 18.83
CA ILE B 670 10.38 -34.10 17.37
C ILE B 670 8.94 -33.94 16.93
N GLY B 671 8.09 -34.89 17.28
CA GLY B 671 6.70 -34.80 16.87
C GLY B 671 5.92 -36.10 16.89
N ALA B 672 4.62 -35.99 17.15
CA ALA B 672 3.70 -37.12 17.14
C ALA B 672 4.19 -38.25 18.05
N GLY B 673 4.73 -37.87 19.20
CA GLY B 673 5.22 -38.84 20.15
C GLY B 673 6.63 -39.34 19.91
N ILE B 674 7.37 -38.73 18.99
CA ILE B 674 8.72 -39.16 18.65
C ILE B 674 9.71 -38.10 19.10
N CYS B 675 10.81 -38.54 19.72
CA CYS B 675 11.91 -37.64 20.03
C CYS B 675 13.25 -38.33 19.77
N ALA B 676 14.28 -37.51 19.55
CA ALA B 676 15.64 -37.97 19.37
C ALA B 676 16.53 -37.41 20.47
N SER B 677 17.61 -38.13 20.75
CA SER B 677 18.60 -37.67 21.72
C SER B 677 19.91 -38.41 21.47
N TYR B 678 21.01 -37.71 21.75
CA TYR B 678 22.35 -38.28 21.58
C TYR B 678 22.72 -39.04 22.85
N GLN B 679 22.69 -40.37 22.78
CA GLN B 679 23.08 -41.19 23.92
C GLN B 679 23.85 -42.40 23.44
N THR B 680 24.36 -43.16 24.42
CA THR B 680 25.15 -44.35 24.14
C THR B 680 24.26 -45.52 23.73
N SER B 693 28.74 -47.31 19.91
CA SER B 693 29.14 -45.99 20.36
C SER B 693 27.93 -45.08 20.54
N GLN B 694 28.18 -43.83 20.94
CA GLN B 694 27.10 -42.87 21.09
C GLN B 694 26.56 -42.46 19.73
N SER B 695 25.25 -42.24 19.67
CA SER B 695 24.60 -41.82 18.43
C SER B 695 23.26 -41.20 18.80
N ILE B 696 22.58 -40.68 17.78
CA ILE B 696 21.24 -40.11 17.94
C ILE B 696 20.24 -41.25 17.86
N ILE B 697 19.60 -41.54 18.99
CA ILE B 697 18.53 -42.53 19.07
C ILE B 697 17.22 -41.78 19.15
N ALA B 698 16.28 -42.13 18.28
CA ALA B 698 14.95 -41.54 18.28
C ALA B 698 13.93 -42.63 18.48
N TYR B 699 12.86 -42.31 19.19
CA TYR B 699 11.95 -43.33 19.67
C TYR B 699 10.59 -42.69 19.98
N THR B 700 9.59 -43.56 20.11
CA THR B 700 8.30 -43.13 20.60
C THR B 700 8.44 -42.61 22.03
N MET B 701 8.14 -41.33 22.22
CA MET B 701 8.46 -40.66 23.47
C MET B 701 7.75 -41.31 24.65
N SER B 702 8.51 -41.58 25.70
CA SER B 702 7.95 -41.78 27.03
C SER B 702 7.79 -40.42 27.67
N LEU B 703 6.64 -40.18 28.28
CA LEU B 703 6.34 -38.90 28.90
C LEU B 703 6.81 -38.85 30.34
N GLY B 704 7.88 -39.56 30.66
CA GLY B 704 8.31 -39.82 32.00
C GLY B 704 8.14 -41.28 32.37
N ALA B 705 8.86 -41.70 33.40
CA ALA B 705 8.79 -43.08 33.84
C ALA B 705 7.37 -43.42 34.27
N GLU B 706 6.87 -44.55 33.80
CA GLU B 706 5.53 -44.98 34.16
C GLU B 706 5.46 -45.21 35.67
N ASN B 707 4.74 -44.33 36.36
CA ASN B 707 4.67 -44.36 37.82
C ASN B 707 3.21 -44.58 38.21
N SER B 708 2.79 -45.84 38.22
CA SER B 708 1.42 -46.20 38.52
C SER B 708 1.35 -46.58 40.00
N VAL B 709 0.87 -45.67 40.82
CA VAL B 709 0.80 -45.86 42.26
C VAL B 709 -0.65 -45.70 42.71
N ALA B 710 -1.15 -46.67 43.46
CA ALA B 710 -2.48 -46.62 44.04
C ALA B 710 -2.38 -46.34 45.53
N TYR B 711 -3.46 -45.77 46.07
CA TYR B 711 -3.51 -45.34 47.46
C TYR B 711 -4.67 -46.02 48.17
N SER B 712 -4.54 -46.11 49.49
CA SER B 712 -5.49 -46.82 50.33
C SER B 712 -6.15 -45.86 51.30
N ASN B 713 -7.21 -46.33 51.94
CA ASN B 713 -7.99 -45.53 52.87
C ASN B 713 -7.47 -45.62 54.30
N ASN B 714 -6.40 -46.37 54.54
CA ASN B 714 -5.90 -46.62 55.89
C ASN B 714 -4.43 -46.28 56.02
N SER B 715 -4.01 -45.13 55.46
CA SER B 715 -2.64 -44.69 55.62
C SER B 715 -2.57 -43.19 55.38
N ILE B 716 -1.52 -42.57 55.93
CA ILE B 716 -1.24 -41.16 55.76
C ILE B 716 0.22 -41.03 55.34
N ALA B 717 0.55 -39.94 54.66
CA ALA B 717 1.88 -39.74 54.12
C ALA B 717 2.44 -38.40 54.60
N ILE B 718 3.69 -38.42 55.07
CA ILE B 718 4.35 -37.25 55.62
C ILE B 718 5.56 -36.94 54.73
N PRO B 719 5.76 -35.69 54.31
CA PRO B 719 7.07 -35.27 53.81
C PRO B 719 8.00 -35.03 54.99
N THR B 720 8.92 -35.97 55.22
CA THR B 720 9.83 -35.86 56.34
C THR B 720 10.85 -34.76 56.11
N ASN B 721 11.34 -34.62 54.88
CA ASN B 721 12.27 -33.58 54.51
C ASN B 721 11.82 -32.95 53.20
N PHE B 722 12.27 -31.73 52.97
CA PHE B 722 11.82 -30.92 51.85
C PHE B 722 12.99 -30.09 51.36
N THR B 723 12.71 -29.14 50.47
CA THR B 723 13.71 -28.19 50.03
C THR B 723 13.08 -26.82 49.89
N ILE B 724 13.70 -25.82 50.50
CA ILE B 724 13.31 -24.42 50.28
C ILE B 724 14.14 -23.94 49.10
N SER B 725 13.68 -24.28 47.90
CA SER B 725 14.47 -23.98 46.73
C SER B 725 14.23 -22.54 46.31
N VAL B 726 15.07 -22.04 45.42
CA VAL B 726 14.92 -20.71 44.86
C VAL B 726 14.92 -20.85 43.34
N THR B 727 13.72 -20.79 42.75
CA THR B 727 13.61 -20.85 41.31
C THR B 727 13.81 -19.46 40.72
N THR B 728 14.18 -19.42 39.45
CA THR B 728 14.35 -18.17 38.74
C THR B 728 13.17 -17.98 37.79
N GLU B 729 12.36 -16.96 38.04
CA GLU B 729 11.32 -16.56 37.10
C GLU B 729 11.83 -15.39 36.28
N ILE B 730 11.77 -15.53 34.98
CA ILE B 730 12.44 -14.64 34.04
C ILE B 730 11.34 -13.86 33.33
N LEU B 731 10.98 -12.68 33.84
CA LEU B 731 9.77 -11.99 33.38
C LEU B 731 10.10 -10.71 32.63
N PRO B 732 9.79 -10.62 31.35
CA PRO B 732 9.97 -9.33 30.66
C PRO B 732 8.90 -8.34 31.06
N VAL B 733 9.25 -7.35 31.88
CA VAL B 733 8.31 -6.35 32.36
C VAL B 733 8.42 -5.06 31.57
N SER B 734 9.64 -4.56 31.39
CA SER B 734 9.86 -3.43 30.52
C SER B 734 10.26 -3.93 29.14
N MET B 735 10.50 -3.00 28.23
CA MET B 735 10.96 -3.34 26.89
C MET B 735 11.56 -2.09 26.26
N THR B 736 12.07 -2.25 25.04
CA THR B 736 12.73 -1.16 24.33
C THR B 736 11.68 -0.12 23.93
N LYS B 737 11.63 0.98 24.67
CA LYS B 737 10.76 2.08 24.29
C LYS B 737 11.19 2.61 22.93
N THR B 738 10.22 2.95 22.10
CA THR B 738 10.52 3.36 20.73
C THR B 738 9.48 4.40 20.31
N SER B 739 9.90 5.29 19.41
CA SER B 739 8.97 6.27 18.83
C SER B 739 9.46 6.55 17.42
N VAL B 740 8.91 5.83 16.44
CA VAL B 740 9.36 5.93 15.06
C VAL B 740 8.68 7.13 14.42
N ASP B 741 9.48 8.14 14.08
CA ASP B 741 8.98 9.39 13.50
C ASP B 741 9.00 9.27 11.97
N CYS B 742 7.83 9.42 11.35
CA CYS B 742 7.77 9.37 9.90
C CYS B 742 8.41 10.60 9.26
N THR B 743 8.86 11.58 10.06
CA THR B 743 9.52 12.76 9.51
C THR B 743 10.81 12.40 8.80
N MET B 744 11.59 11.48 9.39
CA MET B 744 12.83 11.01 8.78
C MET B 744 12.87 9.52 8.51
N TYR B 745 12.14 8.71 9.29
CA TYR B 745 12.20 7.26 9.09
C TYR B 745 11.77 6.87 7.68
N ILE B 746 10.68 7.43 7.20
CA ILE B 746 10.17 7.12 5.87
C ILE B 746 10.78 8.03 4.82
N CYS B 747 10.73 9.34 5.06
CA CYS B 747 11.20 10.34 4.10
C CYS B 747 12.43 11.04 4.63
N GLY B 748 13.46 11.15 3.81
CA GLY B 748 14.67 11.84 4.21
C GLY B 748 14.48 13.34 4.23
N ASP B 749 13.43 13.80 4.90
CA ASP B 749 13.05 15.22 4.94
C ASP B 749 12.90 15.77 3.53
N SER B 750 12.34 14.95 2.64
CA SER B 750 12.19 15.28 1.23
C SER B 750 10.73 15.62 0.94
N THR B 751 10.52 16.74 0.25
CA THR B 751 9.16 17.19 -0.04
C THR B 751 8.40 16.17 -0.89
N GLU B 752 9.10 15.54 -1.85
CA GLU B 752 8.43 14.56 -2.71
C GLU B 752 7.89 13.39 -1.90
N CYS B 753 8.69 12.89 -0.94
CA CYS B 753 8.20 11.82 -0.08
C CYS B 753 7.26 12.36 1.00
N SER B 754 7.55 13.54 1.54
CA SER B 754 6.76 14.06 2.67
C SER B 754 5.32 14.34 2.25
N ASN B 755 5.11 14.90 1.06
CA ASN B 755 3.75 15.18 0.62
C ASN B 755 2.95 13.89 0.45
N LEU B 756 3.57 12.87 -0.14
CA LEU B 756 2.88 11.60 -0.35
C LEU B 756 2.62 10.89 0.97
N LEU B 757 3.52 11.04 1.94
CA LEU B 757 3.29 10.47 3.26
C LEU B 757 2.18 11.20 3.99
N LEU B 758 2.12 12.53 3.86
CA LEU B 758 1.02 13.28 4.44
C LEU B 758 -0.30 13.00 3.74
N GLN B 759 -0.25 12.47 2.51
CA GLN B 759 -1.47 12.02 1.86
C GLN B 759 -2.05 10.76 2.49
N TYR B 760 -1.25 10.01 3.26
CA TYR B 760 -1.78 8.91 4.05
C TYR B 760 -2.50 9.36 5.29
N GLY B 761 -2.81 10.65 5.39
CA GLY B 761 -3.59 11.13 6.50
C GLY B 761 -2.83 11.19 7.80
N SER B 762 -3.19 10.32 8.74
CA SER B 762 -2.76 10.45 10.12
C SER B 762 -1.89 9.32 10.63
N PHE B 763 -1.59 8.30 9.81
CA PHE B 763 -0.96 7.09 10.35
C PHE B 763 0.25 7.38 11.24
N CYS B 764 1.04 8.41 10.90
CA CYS B 764 2.14 8.78 11.79
C CYS B 764 1.64 9.11 13.19
N THR B 765 0.54 9.85 13.31
CA THR B 765 0.16 10.27 14.66
C THR B 765 -0.39 9.10 15.48
N GLN B 766 -1.13 8.17 14.86
CA GLN B 766 -1.57 7.01 15.63
C GLN B 766 -0.40 6.10 15.98
N LEU B 767 0.56 5.95 15.08
CA LEU B 767 1.75 5.15 15.41
C LEU B 767 2.52 5.78 16.56
N ASN B 768 2.72 7.10 16.52
CA ASN B 768 3.46 7.79 17.57
C ASN B 768 2.71 7.72 18.89
N ARG B 769 1.40 7.95 18.86
CA ARG B 769 0.60 7.87 20.08
C ARG B 769 0.62 6.48 20.66
N ALA B 770 0.51 5.46 19.81
CA ALA B 770 0.57 4.08 20.29
C ALA B 770 1.91 3.80 20.94
N LEU B 771 3.00 4.14 20.26
CA LEU B 771 4.33 3.84 20.78
C LEU B 771 4.61 4.58 22.08
N THR B 772 4.18 5.85 22.17
CA THR B 772 4.26 6.54 23.45
C THR B 772 3.37 5.87 24.48
N GLY B 773 2.28 5.25 24.04
CA GLY B 773 1.48 4.43 24.94
C GLY B 773 2.28 3.27 25.51
N ILE B 774 2.99 2.55 24.65
CA ILE B 774 3.86 1.48 25.14
C ILE B 774 4.91 2.04 26.10
N ALA B 775 5.46 3.21 25.79
CA ALA B 775 6.48 3.79 26.67
C ALA B 775 5.92 4.08 28.06
N VAL B 776 4.77 4.78 28.12
CA VAL B 776 4.18 5.06 29.41
C VAL B 776 3.70 3.77 30.07
N GLU B 777 3.42 2.73 29.27
CA GLU B 777 3.14 1.43 29.85
C GLU B 777 4.37 0.85 30.54
N GLN B 778 5.56 1.00 29.95
CA GLN B 778 6.76 0.56 30.67
C GLN B 778 6.91 1.32 31.97
N ASP B 779 6.70 2.65 31.94
CA ASP B 779 6.82 3.42 33.17
C ASP B 779 5.78 2.97 34.20
N LYS B 780 4.54 2.77 33.77
CA LYS B 780 3.49 2.31 34.67
C LYS B 780 3.78 0.93 35.21
N ASN B 781 4.30 0.03 34.37
CA ASN B 781 4.63 -1.31 34.79
C ASN B 781 5.72 -1.30 35.85
N THR B 782 6.75 -0.47 35.65
CA THR B 782 7.79 -0.37 36.67
C THR B 782 7.24 0.20 37.96
N GLN B 783 6.41 1.24 37.88
CA GLN B 783 5.86 1.87 39.08
C GLN B 783 4.83 0.98 39.78
N GLU B 784 4.25 0.01 39.07
CA GLU B 784 3.30 -0.88 39.74
C GLU B 784 3.94 -2.16 40.23
N VAL B 785 4.95 -2.68 39.52
CA VAL B 785 5.67 -3.85 40.00
C VAL B 785 6.54 -3.50 41.20
N PHE B 786 7.28 -2.40 41.10
CA PHE B 786 8.20 -2.01 42.16
C PHE B 786 7.66 -0.90 43.06
N ALA B 787 7.16 0.18 42.48
CA ALA B 787 6.71 1.30 43.29
C ALA B 787 5.32 1.05 43.85
N GLN B 788 5.12 -0.10 44.49
CA GLN B 788 3.95 -0.33 45.32
C GLN B 788 4.11 0.26 46.72
N VAL B 789 5.26 0.85 47.00
CA VAL B 789 5.55 1.50 48.27
C VAL B 789 5.59 3.00 48.05
N LYS B 790 4.95 3.75 48.96
CA LYS B 790 4.96 5.20 48.87
C LYS B 790 6.20 5.83 49.50
N GLN B 791 7.01 5.04 50.22
CA GLN B 791 8.24 5.54 50.81
C GLN B 791 9.34 4.52 50.56
N ILE B 792 10.57 5.02 50.41
CA ILE B 792 11.71 4.20 50.02
C ILE B 792 12.41 3.72 51.28
N TYR B 793 12.21 2.46 51.62
CA TYR B 793 12.95 1.87 52.72
C TYR B 793 14.38 1.62 52.26
N LYS B 794 15.30 1.57 53.22
CA LYS B 794 16.70 1.38 52.83
C LYS B 794 17.44 0.61 53.91
N THR B 795 18.31 -0.29 53.48
CA THR B 795 19.12 -1.07 54.40
C THR B 795 20.21 -0.21 55.01
N PRO B 796 20.52 -0.39 56.29
CA PRO B 796 21.64 0.31 56.89
C PRO B 796 22.94 -0.40 56.56
N PRO B 797 24.09 0.16 56.95
CA PRO B 797 25.35 -0.60 56.78
C PRO B 797 25.37 -1.90 57.56
N ILE B 798 24.56 -2.03 58.61
CA ILE B 798 24.45 -3.27 59.37
C ILE B 798 23.34 -4.08 58.69
N LYS B 799 23.72 -4.87 57.69
CA LYS B 799 22.77 -5.66 56.92
C LYS B 799 22.56 -7.00 57.60
N ASP B 800 21.64 -7.03 58.56
CA ASP B 800 21.34 -8.22 59.35
C ASP B 800 19.95 -8.73 58.97
N PHE B 801 19.86 -10.00 58.60
CA PHE B 801 18.62 -10.60 58.12
C PHE B 801 18.38 -11.95 58.78
N GLY B 802 18.72 -12.07 60.06
CA GLY B 802 18.44 -13.28 60.80
C GLY B 802 19.09 -14.54 60.26
N GLY B 803 20.31 -14.41 59.74
CA GLY B 803 21.04 -15.54 59.20
C GLY B 803 21.00 -15.68 57.69
N PHE B 804 20.27 -14.80 57.00
CA PHE B 804 20.21 -14.84 55.54
C PHE B 804 21.30 -13.96 54.97
N ASN B 805 22.07 -14.49 54.03
CA ASN B 805 23.19 -13.77 53.43
C ASN B 805 22.70 -13.12 52.13
N PHE B 806 22.32 -11.86 52.22
CA PHE B 806 21.88 -11.07 51.07
C PHE B 806 22.99 -10.18 50.52
N SER B 807 24.24 -10.39 50.92
CA SER B 807 25.33 -9.58 50.40
C SER B 807 25.46 -9.72 48.89
N GLN B 808 25.01 -10.84 48.34
CA GLN B 808 25.09 -11.07 46.90
C GLN B 808 24.00 -10.34 46.14
N ILE B 809 22.87 -10.04 46.78
CA ILE B 809 21.72 -9.46 46.12
C ILE B 809 21.53 -7.99 46.47
N LEU B 810 21.80 -7.61 47.71
CA LEU B 810 21.68 -6.21 48.07
C LEU B 810 22.96 -5.45 47.71
N PRO B 811 22.85 -4.25 47.16
CA PRO B 811 24.04 -3.58 46.61
C PRO B 811 24.99 -3.11 47.70
N ASP B 812 26.28 -3.16 47.37
CA ASP B 812 27.36 -2.64 48.19
C ASP B 812 27.95 -1.43 47.51
N PRO B 813 27.90 -0.23 48.09
CA PRO B 813 28.30 0.98 47.35
C PRO B 813 29.77 1.03 46.96
N SER B 814 30.54 -0.02 47.27
CA SER B 814 31.93 -0.07 46.86
C SER B 814 32.10 -0.21 45.36
N LYS B 815 31.09 -0.71 44.65
CA LYS B 815 31.19 -0.91 43.21
C LYS B 815 30.91 0.38 42.45
N PRO B 816 31.41 0.51 41.22
CA PRO B 816 31.14 1.73 40.44
C PRO B 816 29.66 2.00 40.23
N SER B 817 28.86 0.96 39.97
CA SER B 817 27.42 1.09 39.79
C SER B 817 26.76 0.30 40.91
N LYS B 818 26.04 1.00 41.79
CA LYS B 818 25.55 0.39 43.02
C LYS B 818 24.34 -0.49 42.71
N ARG B 819 24.63 -1.67 42.19
CA ARG B 819 23.65 -2.72 42.02
C ARG B 819 24.39 -4.05 42.09
N SER B 820 23.70 -5.07 42.61
CA SER B 820 24.37 -6.30 43.03
C SER B 820 25.18 -6.92 41.89
N PHE B 821 26.14 -7.77 42.28
CA PHE B 821 26.93 -8.49 41.29
C PHE B 821 26.03 -9.34 40.41
N ILE B 822 24.92 -9.84 40.96
CA ILE B 822 23.94 -10.54 40.14
C ILE B 822 23.40 -9.61 39.07
N GLU B 823 23.14 -8.35 39.42
CA GLU B 823 22.65 -7.38 38.43
C GLU B 823 23.65 -7.20 37.29
N ASP B 824 24.94 -7.07 37.62
CA ASP B 824 25.95 -6.92 36.58
C ASP B 824 26.04 -8.16 35.70
N LEU B 825 25.98 -9.35 36.32
CA LEU B 825 25.95 -10.57 35.55
C LEU B 825 24.78 -10.57 34.57
N LEU B 826 23.59 -10.22 35.07
CA LEU B 826 22.39 -10.25 34.24
C LEU B 826 22.48 -9.25 33.11
N PHE B 827 23.02 -8.06 33.39
CA PHE B 827 23.19 -7.05 32.35
C PHE B 827 24.21 -7.50 31.31
N ASN B 828 25.19 -8.32 31.71
CA ASN B 828 26.18 -8.80 30.76
C ASN B 828 25.60 -9.83 29.80
N LYS B 829 24.59 -10.60 30.23
CA LYS B 829 24.08 -11.72 29.42
C LYS B 829 23.36 -11.27 28.16
N VAL B 830 23.07 -9.99 27.99
CA VAL B 830 22.36 -9.49 26.82
C VAL B 830 23.38 -8.89 25.86
N THR B 831 23.21 -9.20 24.57
CA THR B 831 24.10 -8.75 23.51
C THR B 831 25.56 -9.06 23.84
N LYS B 858 18.77 2.55 16.52
CA LYS B 858 18.85 3.85 17.18
C LYS B 858 19.24 4.91 16.16
N PHE B 859 19.59 4.47 14.96
CA PHE B 859 20.20 5.33 13.95
C PHE B 859 19.30 5.56 12.74
N ASN B 860 18.06 5.08 12.76
CA ASN B 860 17.10 5.34 11.70
C ASN B 860 15.73 5.68 12.28
N GLY B 861 15.72 6.52 13.31
CA GLY B 861 14.50 6.87 14.00
C GLY B 861 14.16 5.98 15.18
N LEU B 862 14.93 4.94 15.44
CA LEU B 862 14.67 4.02 16.55
C LEU B 862 15.04 4.73 17.84
N THR B 863 14.19 5.68 18.22
CA THR B 863 14.48 6.53 19.38
C THR B 863 14.22 5.71 20.63
N VAL B 864 15.28 5.12 21.18
CA VAL B 864 15.18 4.26 22.35
C VAL B 864 15.28 5.19 23.56
N LEU B 865 14.14 5.61 24.06
CA LEU B 865 14.11 6.47 25.24
C LEU B 865 14.59 5.70 26.46
N PRO B 866 15.33 6.34 27.35
CA PRO B 866 15.66 5.71 28.63
C PRO B 866 14.48 5.79 29.57
N PRO B 867 14.40 4.90 30.56
CA PRO B 867 13.27 4.94 31.49
C PRO B 867 13.36 6.13 32.43
N LEU B 868 12.19 6.53 32.94
CA LEU B 868 12.17 7.52 34.01
C LEU B 868 12.93 7.01 35.23
N LEU B 869 12.72 5.75 35.59
CA LEU B 869 13.34 5.15 36.77
C LEU B 869 14.66 4.50 36.32
N THR B 870 15.78 5.12 36.68
CA THR B 870 17.06 4.60 36.24
C THR B 870 17.38 3.29 36.96
N ASP B 871 18.36 2.56 36.40
CA ASP B 871 18.71 1.24 36.92
C ASP B 871 19.05 1.30 38.40
N GLU B 872 19.81 2.31 38.81
CA GLU B 872 20.09 2.49 40.23
C GLU B 872 18.80 2.73 41.01
N MET B 873 17.90 3.53 40.46
CA MET B 873 16.64 3.85 41.13
C MET B 873 15.74 2.64 41.21
N ILE B 874 15.72 1.81 40.16
CA ILE B 874 14.99 0.54 40.22
C ILE B 874 15.59 -0.36 41.29
N ALA B 875 16.93 -0.38 41.39
CA ALA B 875 17.58 -1.13 42.46
C ALA B 875 17.21 -0.58 43.83
N GLN B 876 16.98 0.73 43.93
CA GLN B 876 16.53 1.29 45.19
C GLN B 876 15.12 0.81 45.54
N TYR B 877 14.21 0.79 44.56
CA TYR B 877 12.92 0.15 44.79
C TYR B 877 13.09 -1.29 45.23
N THR B 878 13.96 -2.04 44.57
CA THR B 878 14.17 -3.44 44.91
C THR B 878 14.62 -3.58 46.35
N SER B 879 15.59 -2.75 46.76
CA SER B 879 16.08 -2.80 48.13
C SER B 879 14.99 -2.42 49.12
N ALA B 880 14.15 -1.45 48.77
CA ALA B 880 13.05 -1.06 49.65
C ALA B 880 12.08 -2.23 49.83
N LEU B 881 11.76 -2.92 48.73
CA LEU B 881 10.86 -4.06 48.83
C LEU B 881 11.49 -5.19 49.64
N LEU B 882 12.79 -5.40 49.48
CA LEU B 882 13.48 -6.40 50.28
C LEU B 882 13.41 -6.06 51.75
N ALA B 883 13.68 -4.80 52.09
CA ALA B 883 13.62 -4.36 53.48
C ALA B 883 12.21 -4.47 54.04
N GLY B 884 11.20 -4.17 53.23
CA GLY B 884 9.83 -4.32 53.69
C GLY B 884 9.47 -5.77 53.95
N THR B 885 9.94 -6.68 53.09
CA THR B 885 9.71 -8.11 53.32
C THR B 885 10.43 -8.59 54.56
N ILE B 886 11.57 -7.98 54.90
CA ILE B 886 12.32 -8.40 56.08
C ILE B 886 11.83 -7.75 57.37
N THR B 887 11.19 -6.58 57.29
CA THR B 887 10.65 -5.95 58.49
C THR B 887 9.18 -6.30 58.70
N SER B 888 8.37 -6.24 57.64
CA SER B 888 6.94 -6.46 57.75
C SER B 888 6.45 -7.63 56.91
N GLY B 889 6.70 -7.59 55.60
CA GLY B 889 6.19 -8.63 54.72
C GLY B 889 4.84 -8.30 54.12
N TRP B 890 3.77 -8.83 54.73
CA TRP B 890 2.41 -8.68 54.23
C TRP B 890 1.83 -7.29 54.47
N THR B 891 2.64 -6.30 54.84
CA THR B 891 2.13 -5.02 55.28
C THR B 891 2.63 -3.82 54.49
N PHE B 892 3.81 -3.90 53.88
CA PHE B 892 4.40 -2.70 53.28
C PHE B 892 3.87 -2.40 51.89
N GLY B 893 2.96 -3.21 51.36
CA GLY B 893 2.46 -2.98 50.02
C GLY B 893 1.43 -1.88 49.88
N ALA B 894 0.98 -1.28 50.98
CA ALA B 894 -0.04 -0.25 50.96
C ALA B 894 0.52 1.12 51.33
N GLY B 895 1.14 1.24 52.50
CA GLY B 895 1.71 2.49 52.95
C GLY B 895 2.97 2.28 53.74
N ALA B 896 3.04 2.86 54.93
CA ALA B 896 4.18 2.64 55.82
C ALA B 896 4.14 1.23 56.38
N ALA B 897 5.28 0.56 56.38
CA ALA B 897 5.35 -0.81 56.92
C ALA B 897 5.33 -0.78 58.43
N LEU B 898 4.51 -1.65 59.01
CA LEU B 898 4.44 -1.81 60.45
C LEU B 898 5.56 -2.76 60.88
N GLN B 899 6.53 -2.24 61.63
CA GLN B 899 7.71 -3.02 61.95
C GLN B 899 7.37 -4.22 62.84
N ILE B 900 7.90 -5.38 62.47
CA ILE B 900 7.77 -6.60 63.27
C ILE B 900 9.11 -7.34 63.25
N PRO B 901 9.62 -7.79 64.39
CA PRO B 901 10.89 -8.54 64.39
C PRO B 901 10.80 -9.78 63.52
N PHE B 902 11.92 -10.10 62.85
CA PHE B 902 11.96 -11.26 61.97
C PHE B 902 11.73 -12.55 62.74
N ALA B 903 12.08 -12.57 64.03
CA ALA B 903 11.76 -13.73 64.86
C ALA B 903 10.27 -13.88 65.10
N MET B 904 9.50 -12.82 64.87
CA MET B 904 8.04 -12.89 64.91
C MET B 904 7.44 -12.99 63.52
N GLN B 905 8.09 -12.39 62.52
CA GLN B 905 7.71 -12.63 61.14
C GLN B 905 7.78 -14.12 60.81
N MET B 906 8.83 -14.78 61.28
CA MET B 906 8.94 -16.22 61.04
C MET B 906 8.03 -17.04 61.95
N ALA B 907 7.69 -16.55 63.14
CA ALA B 907 6.67 -17.23 63.93
C ALA B 907 5.35 -17.27 63.17
N TYR B 908 4.93 -16.12 62.63
CA TYR B 908 3.72 -16.10 61.81
C TYR B 908 3.91 -16.95 60.55
N ARG B 909 5.05 -16.81 59.88
CA ARG B 909 5.33 -17.55 58.65
C ARG B 909 5.82 -18.96 58.89
N PHE B 910 5.66 -19.48 60.09
CA PHE B 910 5.77 -20.91 60.32
C PHE B 910 4.46 -21.51 60.81
N ASN B 911 3.72 -20.80 61.65
CA ASN B 911 2.41 -21.31 62.08
C ASN B 911 1.34 -21.15 61.01
N GLY B 912 1.41 -20.12 60.16
CA GLY B 912 0.36 -19.88 59.21
C GLY B 912 0.59 -20.46 57.83
N ILE B 913 1.85 -20.54 57.39
CA ILE B 913 2.15 -21.06 56.08
C ILE B 913 2.71 -22.48 56.13
N GLY B 914 2.81 -23.07 57.32
CA GLY B 914 3.02 -24.50 57.44
C GLY B 914 4.45 -25.00 57.55
N VAL B 915 5.21 -24.47 58.51
CA VAL B 915 6.50 -25.03 58.90
C VAL B 915 6.54 -25.15 60.42
N THR B 916 7.03 -26.29 60.91
CA THR B 916 7.00 -26.54 62.35
C THR B 916 7.85 -25.51 63.08
N GLN B 917 7.49 -25.27 64.34
CA GLN B 917 8.12 -24.20 65.12
C GLN B 917 9.45 -24.61 65.75
N ASN B 918 9.88 -25.86 65.59
CA ASN B 918 11.19 -26.25 66.12
C ASN B 918 12.31 -25.59 65.34
N VAL B 919 12.31 -25.76 64.01
CA VAL B 919 13.27 -25.09 63.14
C VAL B 919 13.13 -23.58 63.27
N LEU B 920 11.93 -23.12 63.66
CA LEU B 920 11.71 -21.70 63.93
C LEU B 920 12.65 -21.17 65.00
N TYR B 921 12.49 -21.66 66.24
CA TYR B 921 13.19 -21.08 67.37
C TYR B 921 14.60 -21.61 67.54
N GLU B 922 14.94 -22.76 66.96
CA GLU B 922 16.29 -23.30 67.15
C GLU B 922 17.08 -23.50 65.87
N ASN B 923 16.46 -23.87 64.75
CA ASN B 923 17.24 -24.28 63.58
C ASN B 923 16.99 -23.42 62.35
N GLN B 924 17.01 -22.09 62.52
CA GLN B 924 16.91 -21.18 61.38
C GLN B 924 18.03 -21.41 60.38
N LYS B 925 19.19 -21.88 60.85
CA LYS B 925 20.37 -21.99 59.99
C LYS B 925 20.18 -23.00 58.88
N LEU B 926 19.37 -24.04 59.10
CA LEU B 926 19.11 -25.02 58.05
C LEU B 926 18.42 -24.36 56.86
N ILE B 927 17.35 -23.61 57.12
CA ILE B 927 16.68 -22.92 56.03
C ILE B 927 17.60 -21.86 55.43
N ALA B 928 18.38 -21.19 56.28
CA ALA B 928 19.26 -20.12 55.78
C ALA B 928 20.28 -20.66 54.80
N ASN B 929 21.01 -21.70 55.19
CA ASN B 929 22.05 -22.22 54.30
C ASN B 929 21.44 -23.01 53.15
N GLN B 930 20.21 -23.51 53.27
CA GLN B 930 19.51 -24.00 52.09
C GLN B 930 19.29 -22.88 51.09
N PHE B 931 18.89 -21.70 51.57
CA PHE B 931 18.76 -20.54 50.69
C PHE B 931 20.10 -20.16 50.07
N ASN B 932 21.16 -20.19 50.85
CA ASN B 932 22.48 -19.85 50.33
C ASN B 932 22.95 -20.87 49.29
N SER B 933 22.70 -22.16 49.52
CA SER B 933 23.01 -23.17 48.52
C SER B 933 22.20 -22.92 47.25
N ALA B 934 20.93 -22.52 47.41
CA ALA B 934 20.11 -22.22 46.24
C ALA B 934 20.69 -21.07 45.43
N ILE B 935 21.09 -19.98 46.10
CA ILE B 935 21.63 -18.85 45.35
C ILE B 935 22.99 -19.20 44.75
N GLY B 936 23.77 -20.06 45.42
CA GLY B 936 25.00 -20.54 44.82
C GLY B 936 24.75 -21.36 43.57
N LYS B 937 23.73 -22.21 43.60
CA LYS B 937 23.36 -22.95 42.39
C LYS B 937 22.86 -22.00 41.31
N ILE B 938 22.19 -20.92 41.69
CA ILE B 938 21.78 -19.92 40.71
C ILE B 938 23.01 -19.30 40.05
N GLN B 939 24.01 -18.95 40.85
CA GLN B 939 25.24 -18.40 40.30
C GLN B 939 25.90 -19.39 39.35
N ASP B 940 25.96 -20.66 39.74
CA ASP B 940 26.56 -21.68 38.89
C ASP B 940 25.80 -21.84 37.58
N SER B 941 24.47 -21.84 37.65
CA SER B 941 23.66 -22.01 36.45
C SER B 941 23.79 -20.82 35.51
N LEU B 942 23.80 -19.61 36.05
CA LEU B 942 23.99 -18.43 35.21
C LEU B 942 25.38 -18.40 34.60
N SER B 943 26.40 -18.78 35.36
CA SER B 943 27.76 -18.80 34.82
C SER B 943 27.93 -19.87 33.76
N SER B 944 27.26 -21.01 33.92
CA SER B 944 27.44 -22.13 32.99
C SER B 944 26.73 -21.86 31.66
N THR B 945 25.41 -21.67 31.71
CA THR B 945 24.63 -21.40 30.52
C THR B 945 24.03 -19.99 30.58
N ALA B 946 24.08 -19.29 29.45
CA ALA B 946 23.45 -17.98 29.35
C ALA B 946 21.96 -18.07 29.04
N SER B 947 21.44 -19.27 28.77
CA SER B 947 20.04 -19.47 28.46
C SER B 947 19.18 -19.63 29.70
N ALA B 948 19.77 -19.58 30.90
CA ALA B 948 19.00 -19.70 32.14
C ALA B 948 17.98 -18.57 32.30
N LEU B 949 18.22 -17.43 31.64
CA LEU B 949 17.27 -16.32 31.60
C LEU B 949 16.53 -16.31 30.27
N GLY B 950 16.19 -17.50 29.78
CA GLY B 950 15.77 -17.63 28.39
C GLY B 950 14.59 -16.78 28.01
N LYS B 951 13.81 -16.32 29.00
CA LYS B 951 12.61 -15.55 28.71
C LYS B 951 12.90 -14.06 28.48
N LEU B 952 13.98 -13.53 29.05
CA LEU B 952 14.36 -12.15 28.75
C LEU B 952 15.18 -12.01 27.48
N GLN B 953 16.24 -12.80 27.33
CA GLN B 953 17.14 -12.62 26.19
C GLN B 953 16.37 -12.64 24.88
N ASN B 954 15.48 -13.61 24.70
CA ASN B 954 14.74 -13.67 23.44
C ASN B 954 13.93 -12.41 23.26
N VAL B 955 13.27 -11.93 24.32
CA VAL B 955 12.59 -10.65 24.23
C VAL B 955 13.58 -9.55 23.91
N VAL B 956 14.74 -9.56 24.58
CA VAL B 956 15.82 -8.68 24.14
C VAL B 956 16.19 -9.00 22.70
N ASN B 957 16.16 -10.29 22.34
CA ASN B 957 16.40 -10.71 20.96
C ASN B 957 15.29 -10.31 20.00
N GLN B 958 14.03 -10.74 20.23
CA GLN B 958 13.05 -10.49 19.16
C GLN B 958 12.86 -9.00 18.91
N ASN B 959 12.73 -8.18 19.96
CA ASN B 959 12.76 -6.73 19.72
C ASN B 959 14.01 -6.35 18.94
N ALA B 960 15.16 -6.88 19.35
CA ALA B 960 16.35 -6.83 18.50
C ALA B 960 16.01 -7.23 17.07
N GLN B 961 15.62 -8.50 16.87
CA GLN B 961 15.27 -8.83 15.49
C GLN B 961 13.98 -8.16 15.03
N ALA B 962 13.20 -7.56 15.92
CA ALA B 962 12.23 -6.60 15.42
C ALA B 962 13.03 -5.45 14.82
N LEU B 963 13.73 -4.71 15.68
CA LEU B 963 14.47 -3.53 15.23
C LEU B 963 15.46 -3.90 14.13
N ASN B 964 16.21 -4.99 14.32
CA ASN B 964 17.13 -5.43 13.27
C ASN B 964 16.39 -5.62 11.96
N THR B 965 15.34 -6.45 11.97
CA THR B 965 14.56 -6.58 10.74
C THR B 965 13.85 -5.29 10.41
N LEU B 966 13.48 -4.50 11.43
CA LEU B 966 12.95 -3.17 11.17
C LEU B 966 13.99 -2.33 10.43
N VAL B 967 15.26 -2.45 10.80
CA VAL B 967 16.31 -1.87 9.99
C VAL B 967 16.36 -2.56 8.63
N LYS B 968 16.25 -3.90 8.63
CA LYS B 968 16.36 -4.67 7.40
C LYS B 968 15.23 -4.35 6.43
N GLN B 969 14.03 -4.06 6.93
CA GLN B 969 12.98 -3.66 6.00
C GLN B 969 13.27 -2.31 5.35
N LEU B 970 14.13 -1.48 5.92
CA LEU B 970 14.66 -0.37 5.15
C LEU B 970 15.50 -0.86 3.98
N SER B 971 16.39 -1.82 4.24
CA SER B 971 17.14 -2.45 3.17
C SER B 971 16.28 -3.41 2.36
N SER B 972 15.21 -3.94 2.93
CA SER B 972 14.26 -4.75 2.17
C SER B 972 13.45 -3.84 1.28
N ASN B 973 13.17 -4.30 0.06
CA ASN B 973 12.59 -3.43 -0.94
C ASN B 973 11.07 -3.53 -1.01
N PHE B 974 10.48 -4.65 -0.59
CA PHE B 974 9.05 -4.90 -0.80
C PHE B 974 8.71 -4.78 -2.28
N GLY B 975 9.62 -5.25 -3.13
CA GLY B 975 9.48 -5.12 -4.57
C GLY B 975 10.03 -3.86 -5.16
N ALA B 976 10.76 -3.06 -4.37
CA ALA B 976 11.28 -1.78 -4.86
C ALA B 976 12.69 -1.96 -5.42
N ILE B 977 13.27 -0.85 -5.87
CA ILE B 977 14.60 -0.90 -6.47
C ILE B 977 15.72 -0.73 -5.44
N SER B 978 15.50 0.07 -4.40
CA SER B 978 16.53 0.37 -3.40
C SER B 978 15.85 1.02 -2.20
N SER B 979 16.65 1.48 -1.25
CA SER B 979 16.16 2.19 -0.08
C SER B 979 16.27 3.70 -0.18
N VAL B 980 17.09 4.20 -1.11
CA VAL B 980 17.35 5.63 -1.25
C VAL B 980 16.45 6.19 -2.34
N LEU B 981 15.83 7.34 -2.06
CA LEU B 981 15.00 8.02 -3.04
C LEU B 981 15.81 8.81 -4.06
N ASN B 982 17.09 9.05 -3.78
CA ASN B 982 17.95 9.73 -4.74
C ASN B 982 18.09 8.91 -6.02
N ASP B 983 18.22 7.59 -5.90
CA ASP B 983 18.33 6.74 -7.07
C ASP B 983 17.10 6.86 -7.95
N ILE B 984 15.91 6.87 -7.34
CA ILE B 984 14.67 6.93 -8.12
C ILE B 984 14.50 8.30 -8.75
N LEU B 985 14.77 9.38 -7.99
CA LEU B 985 14.57 10.71 -8.56
C LEU B 985 15.57 11.03 -9.67
N SER B 986 16.78 10.50 -9.57
CA SER B 986 17.82 10.82 -10.54
C SER B 986 17.70 10.03 -11.84
N ARG B 987 16.84 9.00 -11.87
CA ARG B 987 16.66 8.19 -13.07
C ARG B 987 15.29 8.33 -13.71
N LEU B 988 14.27 8.68 -12.93
CA LEU B 988 12.93 8.90 -13.45
C LEU B 988 12.47 10.32 -13.15
N ASP B 989 11.54 10.80 -13.96
CA ASP B 989 10.98 12.12 -13.74
C ASP B 989 10.20 12.14 -12.42
N PRO B 990 10.06 13.31 -11.80
CA PRO B 990 9.30 13.40 -10.55
C PRO B 990 7.88 12.86 -10.68
N PRO B 991 7.17 13.10 -11.80
CA PRO B 991 5.90 12.39 -11.99
C PRO B 991 6.06 10.89 -12.06
N GLU B 992 7.13 10.39 -12.68
CA GLU B 992 7.39 8.95 -12.69
C GLU B 992 8.01 8.48 -11.38
N ALA B 993 8.83 9.32 -10.76
CA ALA B 993 9.38 8.97 -9.44
C ALA B 993 8.28 8.87 -8.39
N GLU B 994 7.14 9.54 -8.63
CA GLU B 994 6.06 9.53 -7.65
C GLU B 994 5.50 8.13 -7.45
N VAL B 995 5.33 7.36 -8.53
CA VAL B 995 4.79 6.01 -8.41
C VAL B 995 5.73 5.13 -7.60
N GLN B 996 7.03 5.20 -7.92
CA GLN B 996 8.02 4.41 -7.20
C GLN B 996 8.08 4.81 -5.73
N ILE B 997 8.02 6.10 -5.44
CA ILE B 997 8.07 6.57 -4.07
C ILE B 997 6.79 6.19 -3.31
N ASP B 998 5.64 6.19 -3.99
CA ASP B 998 4.42 5.71 -3.37
C ASP B 998 4.54 4.26 -2.98
N ARG B 999 5.08 3.42 -3.87
CA ARG B 999 5.28 2.02 -3.53
C ARG B 999 6.28 1.86 -2.40
N LEU B 1000 7.35 2.68 -2.40
CA LEU B 1000 8.30 2.69 -1.30
C LEU B 1000 7.60 2.98 0.03
N ILE B 1001 6.83 4.07 0.06
CA ILE B 1001 6.19 4.52 1.29
C ILE B 1001 5.15 3.51 1.75
N THR B 1002 4.40 2.93 0.81
CA THR B 1002 3.42 1.91 1.18
C THR B 1002 4.12 0.70 1.79
N GLY B 1003 5.22 0.25 1.19
CA GLY B 1003 5.95 -0.88 1.75
C GLY B 1003 6.47 -0.60 3.14
N ARG B 1004 7.11 0.54 3.34
CA ARG B 1004 7.64 0.86 4.66
C ARG B 1004 6.54 1.17 5.67
N LEU B 1005 5.42 1.74 5.25
CA LEU B 1005 4.33 1.98 6.19
C LEU B 1005 3.69 0.67 6.60
N GLN B 1006 3.54 -0.27 5.67
CA GLN B 1006 3.07 -1.60 6.08
C GLN B 1006 4.08 -2.30 6.97
N SER B 1007 5.38 -2.08 6.73
CA SER B 1007 6.39 -2.62 7.63
C SER B 1007 6.23 -2.02 9.03
N LEU B 1008 6.00 -0.72 9.11
CA LEU B 1008 5.73 -0.09 10.41
C LEU B 1008 4.47 -0.66 11.04
N GLN B 1009 3.43 -0.87 10.25
CA GLN B 1009 2.19 -1.41 10.79
C GLN B 1009 2.40 -2.79 11.36
N THR B 1010 3.07 -3.66 10.61
CA THR B 1010 3.36 -5.00 11.10
C THR B 1010 4.25 -4.95 12.34
N TYR B 1011 5.26 -4.07 12.34
CA TYR B 1011 6.16 -3.96 13.48
C TYR B 1011 5.42 -3.48 14.72
N VAL B 1012 4.62 -2.43 14.58
CA VAL B 1012 3.94 -1.88 15.74
C VAL B 1012 2.85 -2.82 16.23
N THR B 1013 2.17 -3.51 15.31
CA THR B 1013 1.16 -4.48 15.74
C THR B 1013 1.81 -5.68 16.40
N GLN B 1014 2.98 -6.09 15.90
CA GLN B 1014 3.73 -7.15 16.56
C GLN B 1014 4.14 -6.72 17.96
N GLN B 1015 4.57 -5.47 18.12
CA GLN B 1015 4.92 -5.00 19.46
C GLN B 1015 3.69 -4.76 20.32
N LEU B 1016 2.54 -4.46 19.72
CA LEU B 1016 1.31 -4.38 20.51
C LEU B 1016 0.89 -5.75 21.02
N ILE B 1017 1.01 -6.78 20.19
CA ILE B 1017 0.67 -8.12 20.65
C ILE B 1017 1.71 -8.63 21.65
N ARG B 1018 2.99 -8.46 21.35
CA ARG B 1018 4.04 -8.81 22.29
C ARG B 1018 3.97 -7.94 23.54
N ALA B 1019 3.38 -6.75 23.45
CA ALA B 1019 3.18 -5.90 24.60
C ALA B 1019 1.90 -6.22 25.32
N ALA B 1020 0.96 -6.91 24.67
CA ALA B 1020 -0.06 -7.61 25.43
C ALA B 1020 0.57 -8.73 26.24
N GLU B 1021 1.54 -9.44 25.65
CA GLU B 1021 2.34 -10.38 26.43
C GLU B 1021 3.05 -9.69 27.57
N ILE B 1022 3.68 -8.55 27.29
CA ILE B 1022 4.41 -7.78 28.29
C ILE B 1022 3.47 -7.20 29.34
N ARG B 1023 2.26 -6.82 28.95
CA ARG B 1023 1.30 -6.25 29.91
C ARG B 1023 0.72 -7.34 30.79
N ALA B 1024 0.44 -8.51 30.22
CA ALA B 1024 0.10 -9.67 31.04
C ALA B 1024 1.25 -10.01 31.97
N SER B 1025 2.48 -9.95 31.47
CA SER B 1025 3.66 -10.23 32.29
C SER B 1025 3.86 -9.17 33.37
N ALA B 1026 3.54 -7.92 33.07
CA ALA B 1026 3.73 -6.83 34.02
C ALA B 1026 2.67 -6.84 35.10
N ASN B 1027 1.41 -7.06 34.71
CA ASN B 1027 0.37 -7.31 35.71
C ASN B 1027 0.66 -8.57 36.48
N LEU B 1028 1.32 -9.54 35.82
CA LEU B 1028 1.69 -10.79 36.46
C LEU B 1028 2.76 -10.55 37.53
N ALA B 1029 3.77 -9.75 37.19
CA ALA B 1029 4.82 -9.41 38.13
C ALA B 1029 4.30 -8.48 39.22
N ALA B 1030 3.33 -7.63 38.90
CA ALA B 1030 2.69 -6.81 39.93
C ALA B 1030 1.93 -7.68 40.91
N THR B 1031 1.20 -8.67 40.40
CA THR B 1031 0.50 -9.60 41.26
C THR B 1031 1.45 -10.56 41.96
N LYS B 1032 2.70 -10.67 41.50
CA LYS B 1032 3.69 -11.41 42.26
C LYS B 1032 4.30 -10.56 43.36
N MET B 1033 4.66 -9.32 43.05
CA MET B 1033 5.12 -8.38 44.07
C MET B 1033 4.03 -8.03 45.06
N SER B 1034 2.78 -8.39 44.74
CA SER B 1034 1.66 -8.19 45.64
C SER B 1034 1.26 -9.47 46.37
N GLU B 1035 0.92 -10.53 45.63
CA GLU B 1035 0.58 -11.80 46.25
C GLU B 1035 1.84 -12.55 46.67
N CYS B 1036 2.71 -12.86 45.70
CA CYS B 1036 3.83 -13.74 45.97
C CYS B 1036 4.78 -13.13 47.00
N VAL B 1037 5.06 -11.83 46.87
CA VAL B 1037 6.08 -11.20 47.71
C VAL B 1037 5.52 -10.84 49.08
N LEU B 1038 4.42 -10.10 49.12
CA LEU B 1038 3.91 -9.59 50.39
C LEU B 1038 3.40 -10.72 51.28
N GLY B 1039 2.39 -11.46 50.82
CA GLY B 1039 1.81 -12.53 51.58
C GLY B 1039 2.08 -13.90 50.98
N GLN B 1040 1.33 -14.88 51.47
CA GLN B 1040 1.36 -16.23 50.91
C GLN B 1040 0.43 -16.25 49.70
N SER B 1041 1.01 -16.16 48.50
CA SER B 1041 0.20 -16.24 47.29
C SER B 1041 -0.35 -17.65 47.16
N LYS B 1042 -1.67 -17.78 47.35
CA LYS B 1042 -2.31 -19.09 47.32
C LYS B 1042 -2.63 -19.55 45.90
N ARG B 1043 -2.11 -18.87 44.89
CA ARG B 1043 -2.18 -19.37 43.53
C ARG B 1043 -1.01 -20.32 43.33
N VAL B 1044 -1.27 -21.63 43.50
CA VAL B 1044 -0.21 -22.61 43.33
C VAL B 1044 0.21 -22.69 41.86
N ASP B 1045 1.49 -22.96 41.62
CA ASP B 1045 2.09 -22.97 40.29
C ASP B 1045 1.95 -21.65 39.56
N PHE B 1046 1.78 -20.56 40.32
CA PHE B 1046 1.77 -19.21 39.76
C PHE B 1046 3.04 -18.43 40.05
N CYS B 1047 3.63 -18.62 41.24
CA CYS B 1047 4.86 -17.95 41.62
C CYS B 1047 6.09 -18.84 41.41
N GLY B 1048 6.08 -19.65 40.36
CA GLY B 1048 7.06 -20.70 40.20
C GLY B 1048 6.60 -22.01 40.80
N LYS B 1049 7.23 -23.10 40.35
CA LYS B 1049 6.80 -24.42 40.75
C LYS B 1049 6.94 -24.60 42.25
N GLY B 1050 5.99 -25.32 42.84
CA GLY B 1050 5.98 -25.57 44.27
C GLY B 1050 5.19 -24.51 45.02
N TYR B 1051 4.83 -24.87 46.26
CA TYR B 1051 4.18 -23.91 47.14
C TYR B 1051 5.13 -22.76 47.43
N HIS B 1052 4.62 -21.54 47.35
CA HIS B 1052 5.44 -20.35 47.35
C HIS B 1052 5.46 -19.68 48.72
N LEU B 1053 6.64 -19.18 49.10
CA LEU B 1053 6.85 -18.51 50.38
C LEU B 1053 6.96 -17.00 50.21
N MET B 1054 7.91 -16.55 49.39
CA MET B 1054 8.18 -15.14 49.16
C MET B 1054 9.01 -15.04 47.90
N SER B 1055 9.25 -13.81 47.45
CA SER B 1055 10.01 -13.61 46.23
C SER B 1055 10.93 -12.42 46.40
N PHE B 1056 12.02 -12.44 45.62
CA PHE B 1056 13.07 -11.44 45.73
C PHE B 1056 13.30 -10.87 44.34
N PRO B 1057 12.83 -9.66 44.06
CA PRO B 1057 12.98 -9.10 42.71
C PRO B 1057 14.39 -8.61 42.44
N GLN B 1058 14.72 -8.58 41.15
CA GLN B 1058 15.98 -8.01 40.67
C GLN B 1058 15.73 -7.42 39.29
N SER B 1059 16.22 -6.21 39.05
CA SER B 1059 16.06 -5.63 37.74
C SER B 1059 16.86 -6.43 36.71
N ALA B 1060 16.66 -6.08 35.45
CA ALA B 1060 17.39 -6.72 34.35
C ALA B 1060 17.10 -5.89 33.09
N PRO B 1061 17.96 -5.94 32.06
CA PRO B 1061 17.76 -4.99 30.96
C PRO B 1061 16.48 -5.28 30.20
N HIS B 1062 15.51 -4.36 30.32
CA HIS B 1062 14.16 -4.53 29.78
C HIS B 1062 13.48 -5.76 30.37
N GLY B 1063 13.65 -5.96 31.68
CA GLY B 1063 12.95 -7.05 32.32
C GLY B 1063 13.26 -7.15 33.79
N VAL B 1064 12.83 -8.28 34.38
CA VAL B 1064 12.98 -8.49 35.81
C VAL B 1064 13.19 -9.97 36.04
N VAL B 1065 13.87 -10.29 37.13
CA VAL B 1065 14.13 -11.66 37.55
C VAL B 1065 13.61 -11.81 38.97
N PHE B 1066 12.79 -12.81 39.19
CA PHE B 1066 12.24 -13.09 40.50
C PHE B 1066 12.93 -14.32 41.06
N LEU B 1067 13.61 -14.14 42.20
CA LEU B 1067 14.14 -15.28 42.95
C LEU B 1067 12.98 -15.75 43.82
N HIS B 1068 12.28 -16.77 43.33
CA HIS B 1068 11.07 -17.26 43.98
C HIS B 1068 11.46 -18.32 44.99
N VAL B 1069 11.29 -18.01 46.27
CA VAL B 1069 11.60 -18.94 47.35
C VAL B 1069 10.39 -19.87 47.52
N THR B 1070 10.53 -21.11 47.05
CA THR B 1070 9.43 -22.06 46.97
C THR B 1070 9.71 -23.26 47.84
N TYR B 1071 8.75 -23.62 48.67
CA TYR B 1071 8.80 -24.85 49.45
C TYR B 1071 8.37 -26.02 48.58
N VAL B 1072 9.26 -27.01 48.41
CA VAL B 1072 9.00 -28.16 47.55
C VAL B 1072 9.31 -29.43 48.33
N PRO B 1073 8.34 -30.30 48.57
CA PRO B 1073 8.63 -31.54 49.28
C PRO B 1073 9.53 -32.47 48.46
N ALA B 1074 10.49 -33.09 49.14
CA ALA B 1074 11.40 -34.04 48.49
C ALA B 1074 11.36 -35.42 49.10
N GLN B 1075 11.45 -35.54 50.42
CA GLN B 1075 11.53 -36.83 51.09
C GLN B 1075 10.16 -37.22 51.61
N GLU B 1076 9.64 -38.35 51.14
CA GLU B 1076 8.27 -38.77 51.37
C GLU B 1076 8.25 -40.13 52.04
N LYS B 1077 7.41 -40.29 53.07
CA LYS B 1077 7.28 -41.62 53.67
C LYS B 1077 5.98 -41.67 54.47
N ASN B 1078 5.43 -42.86 54.60
CA ASN B 1078 4.07 -43.03 55.09
C ASN B 1078 4.03 -43.56 56.52
N PHE B 1079 3.04 -43.08 57.27
CA PHE B 1079 2.67 -43.58 58.59
C PHE B 1079 1.20 -43.98 58.58
N THR B 1080 0.72 -44.44 59.73
CA THR B 1080 -0.62 -44.98 59.87
C THR B 1080 -1.60 -43.90 60.29
N THR B 1081 -2.86 -44.08 59.88
CA THR B 1081 -3.97 -43.21 60.25
C THR B 1081 -4.98 -44.00 61.08
N ALA B 1082 -6.02 -43.30 61.56
CA ALA B 1082 -7.08 -43.92 62.35
C ALA B 1082 -8.42 -43.32 61.96
N PRO B 1083 -9.45 -44.15 61.74
CA PRO B 1083 -10.76 -43.63 61.33
C PRO B 1083 -11.45 -42.79 62.39
N ALA B 1084 -11.64 -43.35 63.60
CA ALA B 1084 -12.32 -42.66 64.69
C ALA B 1084 -12.16 -43.52 65.94
N ILE B 1085 -12.61 -42.97 67.07
CA ILE B 1085 -12.52 -43.66 68.37
C ILE B 1085 -13.80 -43.42 69.16
N CYS B 1086 -14.00 -44.27 70.17
CA CYS B 1086 -15.07 -44.13 71.14
C CYS B 1086 -14.47 -44.16 72.54
N HIS B 1087 -14.87 -43.24 73.40
CA HIS B 1087 -14.24 -43.05 74.70
C HIS B 1087 -15.14 -43.39 75.87
N ASP B 1088 -16.30 -42.74 75.99
CA ASP B 1088 -17.14 -42.88 77.18
C ASP B 1088 -18.61 -42.97 76.80
N GLY B 1089 -18.93 -43.80 75.80
CA GLY B 1089 -20.29 -43.99 75.37
C GLY B 1089 -20.73 -43.09 74.23
N LYS B 1090 -19.99 -42.04 73.95
CA LYS B 1090 -20.27 -41.14 72.84
C LYS B 1090 -19.16 -41.22 71.81
N ALA B 1091 -19.51 -41.05 70.55
CA ALA B 1091 -18.52 -41.13 69.49
C ALA B 1091 -17.59 -39.93 69.53
N HIS B 1092 -16.29 -40.19 69.37
CA HIS B 1092 -15.26 -39.16 69.35
C HIS B 1092 -14.77 -38.99 67.93
N PHE B 1093 -15.09 -37.85 67.32
CA PHE B 1093 -14.76 -37.46 65.96
C PHE B 1093 -13.58 -36.51 65.94
N PRO B 1094 -12.80 -36.52 64.85
CA PRO B 1094 -11.63 -35.64 64.76
C PRO B 1094 -11.96 -34.28 64.14
N ARG B 1095 -11.35 -33.25 64.70
CA ARG B 1095 -11.48 -31.89 64.20
C ARG B 1095 -10.16 -31.30 63.72
N GLU B 1096 -9.11 -31.36 64.54
CA GLU B 1096 -7.81 -30.80 64.20
C GLU B 1096 -6.77 -31.51 65.06
N GLY B 1097 -5.81 -32.16 64.41
CA GLY B 1097 -4.91 -33.06 65.10
C GLY B 1097 -5.57 -34.41 65.28
N VAL B 1098 -4.84 -35.48 64.94
CA VAL B 1098 -5.42 -36.82 64.93
C VAL B 1098 -4.64 -37.70 65.90
N PHE B 1099 -5.36 -38.67 66.48
CA PHE B 1099 -4.80 -39.62 67.43
C PHE B 1099 -4.34 -40.86 66.65
N VAL B 1100 -3.06 -40.87 66.29
CA VAL B 1100 -2.48 -41.99 65.55
C VAL B 1100 -1.18 -42.41 66.24
N SER B 1101 -0.55 -43.45 65.69
CA SER B 1101 0.65 -44.00 66.29
C SER B 1101 1.56 -44.54 65.20
N ASN B 1102 2.85 -44.21 65.30
CA ASN B 1102 3.87 -44.80 64.45
C ASN B 1102 4.37 -46.13 64.98
N GLY B 1103 3.62 -46.76 65.87
CA GLY B 1103 4.01 -48.00 66.51
C GLY B 1103 4.49 -47.84 67.94
N THR B 1104 4.72 -46.61 68.40
CA THR B 1104 5.22 -46.39 69.75
C THR B 1104 4.09 -46.15 70.75
N HIS B 1105 3.34 -45.06 70.55
CA HIS B 1105 2.27 -44.68 71.47
C HIS B 1105 1.27 -43.81 70.72
N TRP B 1106 0.09 -43.65 71.32
CA TRP B 1106 -0.95 -42.81 70.73
C TRP B 1106 -0.58 -41.34 70.93
N PHE B 1107 -0.54 -40.58 69.84
CA PHE B 1107 -0.25 -39.16 69.89
C PHE B 1107 -1.22 -38.40 69.00
N VAL B 1108 -1.47 -37.15 69.35
CA VAL B 1108 -2.23 -36.22 68.51
C VAL B 1108 -1.25 -35.41 67.69
N THR B 1109 -1.51 -35.31 66.39
CA THR B 1109 -0.52 -34.73 65.50
C THR B 1109 -1.19 -34.13 64.27
N GLN B 1110 -0.41 -33.32 63.56
CA GLN B 1110 -0.88 -32.67 62.34
C GLN B 1110 -0.94 -33.67 61.18
N ARG B 1111 -1.77 -33.35 60.19
CA ARG B 1111 -1.86 -34.19 59.01
C ARG B 1111 -0.66 -34.01 58.09
N ASN B 1112 -0.22 -32.77 57.87
CA ASN B 1112 0.89 -32.53 56.97
C ASN B 1112 2.24 -32.96 57.55
N PHE B 1113 2.35 -33.08 58.88
CA PHE B 1113 3.61 -33.52 59.47
C PHE B 1113 3.32 -34.13 60.83
N TYR B 1114 4.16 -35.09 61.21
CA TYR B 1114 3.98 -35.84 62.45
C TYR B 1114 4.56 -35.01 63.59
N GLU B 1115 3.68 -34.47 64.44
CA GLU B 1115 4.08 -33.70 65.62
C GLU B 1115 3.39 -34.31 66.84
N PRO B 1116 4.01 -35.32 67.45
CA PRO B 1116 3.35 -36.02 68.56
C PRO B 1116 3.10 -35.10 69.76
N GLN B 1117 1.90 -35.21 70.32
CA GLN B 1117 1.52 -34.49 71.53
C GLN B 1117 0.56 -35.36 72.34
N ILE B 1118 0.47 -35.04 73.63
CA ILE B 1118 -0.43 -35.77 74.52
C ILE B 1118 -1.88 -35.40 74.20
N ILE B 1119 -2.77 -36.39 74.32
CA ILE B 1119 -4.18 -36.19 74.01
C ILE B 1119 -4.75 -35.10 74.90
N THR B 1120 -5.43 -34.14 74.28
CA THR B 1120 -6.13 -33.08 74.99
C THR B 1120 -7.62 -33.18 74.74
N THR B 1121 -8.40 -32.64 75.67
CA THR B 1121 -9.85 -32.78 75.61
C THR B 1121 -10.48 -31.92 74.51
N ASP B 1122 -9.79 -30.87 74.06
CA ASP B 1122 -10.38 -29.94 73.11
C ASP B 1122 -10.35 -30.45 71.67
N ASN B 1123 -9.49 -31.41 71.35
CA ASN B 1123 -9.30 -31.88 69.99
C ASN B 1123 -10.28 -32.97 69.59
N THR B 1124 -11.41 -33.10 70.29
CA THR B 1124 -12.37 -34.16 70.03
C THR B 1124 -13.77 -33.59 69.88
N PHE B 1125 -14.58 -34.27 69.08
CA PHE B 1125 -16.03 -34.06 69.04
C PHE B 1125 -16.69 -35.22 69.76
N VAL B 1126 -17.37 -34.93 70.86
CA VAL B 1126 -18.01 -35.94 71.69
C VAL B 1126 -19.50 -35.87 71.37
N SER B 1127 -19.96 -36.73 70.46
CA SER B 1127 -21.34 -36.69 70.00
C SER B 1127 -21.72 -38.03 69.39
N GLY B 1128 -23.02 -38.21 69.17
CA GLY B 1128 -23.52 -39.37 68.47
C GLY B 1128 -23.36 -40.65 69.28
N ASN B 1129 -23.28 -41.76 68.56
CA ASN B 1129 -23.08 -43.07 69.16
C ASN B 1129 -21.88 -43.73 68.49
N CYS B 1130 -21.35 -44.77 69.14
CA CYS B 1130 -20.12 -45.40 68.67
C CYS B 1130 -20.29 -46.10 67.33
N ASP B 1131 -21.53 -46.32 66.87
CA ASP B 1131 -21.79 -46.99 65.60
C ASP B 1131 -21.98 -45.97 64.47
N VAL B 1132 -20.93 -45.19 64.20
CA VAL B 1132 -20.93 -44.20 63.13
C VAL B 1132 -19.91 -44.55 62.05
N VAL B 1133 -18.64 -44.65 62.41
CA VAL B 1133 -17.56 -44.84 61.46
C VAL B 1133 -17.28 -46.33 61.30
N ILE B 1134 -17.15 -46.76 60.04
CA ILE B 1134 -16.87 -48.16 59.74
C ILE B 1134 -15.47 -48.51 60.23
N GLY B 1135 -15.36 -49.64 60.93
CA GLY B 1135 -14.08 -50.04 61.48
C GLY B 1135 -13.62 -49.18 62.64
N ILE B 1136 -14.55 -48.63 63.40
CA ILE B 1136 -14.21 -47.74 64.49
C ILE B 1136 -13.63 -48.54 65.66
N VAL B 1137 -12.78 -47.88 66.45
CA VAL B 1137 -12.05 -48.51 67.55
C VAL B 1137 -12.31 -47.73 68.83
N ASN B 1138 -11.66 -48.15 69.90
CA ASN B 1138 -11.84 -47.54 71.22
C ASN B 1138 -10.53 -46.90 71.68
N ASN B 1139 -10.67 -45.81 72.44
CA ASN B 1139 -9.53 -45.08 72.97
C ASN B 1139 -9.94 -44.38 74.26
N THR B 1140 -8.97 -44.19 75.14
CA THR B 1140 -9.19 -43.57 76.43
C THR B 1140 -8.71 -42.12 76.41
N VAL B 1141 -9.54 -41.22 76.91
CA VAL B 1141 -9.24 -39.79 76.97
C VAL B 1141 -8.92 -39.45 78.41
N TYR B 1142 -7.75 -38.87 78.65
CA TYR B 1142 -7.30 -38.55 80.00
C TYR B 1142 -7.89 -37.22 80.46
N ASP B 1143 -8.44 -37.21 81.67
CA ASP B 1143 -9.01 -36.00 82.25
C ASP B 1143 -8.02 -35.42 83.23
N PRO B 1144 -7.41 -34.27 82.94
CA PRO B 1144 -6.44 -33.69 83.88
C PRO B 1144 -7.05 -32.70 84.87
N LEU B 1145 -8.25 -32.20 84.57
CA LEU B 1145 -8.83 -31.14 85.40
C LEU B 1145 -9.33 -31.68 86.73
N GLN B 1146 -9.99 -32.84 86.72
CA GLN B 1146 -10.51 -33.40 87.97
C GLN B 1146 -9.43 -33.75 88.97
N PRO B 1147 -8.34 -34.45 88.60
CA PRO B 1147 -7.30 -34.73 89.61
C PRO B 1147 -6.66 -33.48 90.19
N GLU B 1148 -6.56 -32.40 89.42
CA GLU B 1148 -6.01 -31.15 89.92
C GLU B 1148 -6.92 -30.56 90.99
N THR C 26 8.79 66.16 -1.65
CA THR C 26 9.00 66.01 -0.21
C THR C 26 8.85 64.55 0.21
N ARG C 27 9.22 63.64 -0.67
CA ARG C 27 9.14 62.20 -0.42
C ARG C 27 10.52 61.68 -0.04
N THR C 28 10.60 61.05 1.13
CA THR C 28 11.85 60.48 1.61
C THR C 28 11.53 59.28 2.49
N GLN C 29 12.35 58.24 2.39
CA GLN C 29 12.13 57.04 3.20
C GLN C 29 12.39 57.33 4.66
N LEU C 30 11.47 56.91 5.51
CA LEU C 30 11.56 57.11 6.96
C LEU C 30 12.32 55.96 7.61
N PRO C 31 12.90 56.18 8.79
CA PRO C 31 13.59 55.09 9.47
C PRO C 31 12.62 53.98 9.83
N PRO C 32 13.08 52.73 9.82
CA PRO C 32 12.20 51.56 10.06
C PRO C 32 11.94 51.26 11.54
N ALA C 33 10.94 51.93 12.10
CA ALA C 33 10.48 51.63 13.44
C ALA C 33 9.59 50.38 13.41
N TYR C 34 9.27 49.87 14.60
CA TYR C 34 8.42 48.69 14.69
C TYR C 34 7.53 48.82 15.92
N THR C 35 6.43 48.07 15.90
CA THR C 35 5.46 48.06 16.99
C THR C 35 4.97 46.64 17.22
N ASN C 36 4.37 46.42 18.38
CA ASN C 36 3.97 45.08 18.81
C ASN C 36 2.54 44.79 18.36
N SER C 37 2.37 43.76 17.55
CA SER C 37 1.07 43.23 17.19
C SER C 37 0.94 41.83 17.80
N PHE C 38 -0.05 41.66 18.67
CA PHE C 38 -0.20 40.41 19.43
C PHE C 38 -1.18 39.45 18.78
N THR C 39 -2.44 39.86 18.63
CA THR C 39 -3.51 38.96 18.18
C THR C 39 -4.31 39.60 17.05
N ARG C 40 -3.62 40.09 16.04
CA ARG C 40 -4.27 40.69 14.88
C ARG C 40 -4.02 39.86 13.63
N GLY C 41 -5.05 39.80 12.78
CA GLY C 41 -5.03 38.98 11.59
C GLY C 41 -5.80 37.68 11.67
N VAL C 42 -6.49 37.43 12.78
CA VAL C 42 -7.24 36.19 12.93
C VAL C 42 -8.50 36.27 12.08
N TYR C 43 -8.63 35.35 11.13
CA TYR C 43 -9.74 35.34 10.18
C TYR C 43 -10.33 33.94 10.10
N TYR C 44 -11.59 33.89 9.67
CA TYR C 44 -12.25 32.60 9.48
C TYR C 44 -11.60 31.85 8.32
N PRO C 45 -11.03 30.66 8.56
CA PRO C 45 -10.51 29.87 7.43
C PRO C 45 -11.60 29.19 6.62
N ASP C 46 -12.83 29.18 7.13
CA ASP C 46 -13.93 28.48 6.49
C ASP C 46 -15.22 29.24 6.80
N LYS C 47 -16.35 28.66 6.42
CA LYS C 47 -17.67 29.20 6.70
C LYS C 47 -18.49 28.20 7.51
N VAL C 48 -17.83 27.54 8.47
CA VAL C 48 -18.41 26.40 9.18
C VAL C 48 -18.78 26.84 10.59
N PHE C 49 -20.02 26.56 10.98
CA PHE C 49 -20.49 26.81 12.34
C PHE C 49 -20.38 25.52 13.13
N ARG C 50 -19.76 25.61 14.30
CA ARG C 50 -19.62 24.49 15.22
C ARG C 50 -19.22 25.07 16.57
N SER C 51 -19.67 24.44 17.65
CA SER C 51 -19.68 25.07 18.95
C SER C 51 -18.88 24.27 19.97
N SER C 52 -18.30 25.00 20.93
CA SER C 52 -17.57 24.42 22.06
C SER C 52 -16.44 23.50 21.60
N VAL C 53 -15.56 24.04 20.76
CA VAL C 53 -14.52 23.25 20.12
C VAL C 53 -13.27 24.09 19.95
N LEU C 54 -12.19 23.44 19.50
CA LEU C 54 -10.97 24.12 19.07
C LEU C 54 -10.50 23.47 17.78
N HIS C 55 -10.56 24.20 16.68
CA HIS C 55 -10.18 23.69 15.37
C HIS C 55 -8.85 24.31 14.94
N SER C 56 -7.95 23.47 14.43
CA SER C 56 -6.64 23.91 13.99
C SER C 56 -6.56 23.93 12.47
N THR C 57 -5.67 24.78 11.95
CA THR C 57 -5.52 24.92 10.51
C THR C 57 -4.14 25.43 10.16
N GLN C 58 -3.70 25.09 8.95
CA GLN C 58 -2.42 25.51 8.37
C GLN C 58 -2.70 26.42 7.18
N ASP C 59 -2.46 27.71 7.35
CA ASP C 59 -2.63 28.62 6.23
C ASP C 59 -1.80 29.87 6.50
N LEU C 60 -2.07 30.95 5.77
CA LEU C 60 -1.33 32.18 5.94
C LEU C 60 -1.90 32.97 7.11
N PHE C 61 -1.07 33.21 8.13
CA PHE C 61 -1.49 33.92 9.33
C PHE C 61 -0.34 34.79 9.84
N LEU C 62 -0.63 35.62 10.84
CA LEU C 62 0.37 36.45 11.48
C LEU C 62 0.81 35.79 12.79
N PRO C 63 2.10 35.47 12.94
CA PRO C 63 2.56 34.94 14.22
C PRO C 63 2.30 35.94 15.35
N PHE C 64 1.98 35.42 16.53
CA PHE C 64 1.64 36.27 17.65
C PHE C 64 2.89 36.93 18.23
N PHE C 65 2.66 37.98 19.02
CA PHE C 65 3.74 38.70 19.71
C PHE C 65 4.78 39.20 18.71
N SER C 66 4.34 39.58 17.52
CA SER C 66 5.25 39.93 16.43
C SER C 66 5.45 41.44 16.34
N ASN C 67 6.40 41.83 15.51
CA ASN C 67 6.73 43.22 15.27
C ASN C 67 6.32 43.59 13.85
N VAL C 68 5.49 44.63 13.73
CA VAL C 68 4.98 45.08 12.44
C VAL C 68 5.31 46.56 12.29
N THR C 69 5.27 47.02 11.03
CA THR C 69 5.74 48.36 10.71
C THR C 69 4.62 49.37 10.97
N TRP C 70 4.93 50.40 11.77
CA TRP C 70 3.98 51.44 12.11
C TRP C 70 4.30 52.70 11.31
N PHE C 71 3.27 53.27 10.69
CA PHE C 71 3.42 54.51 9.93
C PHE C 71 2.44 55.54 10.48
N HIS C 72 2.94 56.75 10.71
CA HIS C 72 2.11 57.81 11.27
C HIS C 72 2.44 59.13 10.57
N ALA C 73 1.43 59.99 10.49
CA ALA C 73 1.57 61.31 9.87
C ALA C 73 1.00 62.35 10.83
N ILE C 74 1.86 63.27 11.26
CA ILE C 74 1.48 64.32 12.21
C ILE C 74 2.47 65.45 12.05
N HIS C 75 2.08 66.65 12.51
CA HIS C 75 2.96 67.82 12.50
C HIS C 75 3.40 68.19 11.09
N LYS C 83 8.32 66.40 5.86
CA LYS C 83 9.37 65.44 6.16
C LYS C 83 8.80 64.04 6.41
N ARG C 84 7.57 63.99 6.95
CA ARG C 84 6.91 62.72 7.24
C ARG C 84 5.83 62.48 6.19
N PHE C 85 6.26 61.93 5.05
CA PHE C 85 5.34 61.50 3.99
C PHE C 85 5.61 60.03 3.73
N ASP C 86 4.65 59.18 4.10
CA ASP C 86 4.79 57.73 3.96
C ASP C 86 4.19 57.30 2.63
N ASN C 87 5.00 56.69 1.78
CA ASN C 87 4.55 56.21 0.47
C ASN C 87 5.38 55.00 0.08
N PRO C 88 5.19 53.88 0.77
CA PRO C 88 6.00 52.69 0.50
C PRO C 88 5.38 51.80 -0.57
N VAL C 89 6.23 50.94 -1.13
CA VAL C 89 5.83 49.95 -2.12
C VAL C 89 6.03 48.58 -1.49
N LEU C 90 4.93 47.85 -1.33
CA LEU C 90 5.04 46.60 -0.59
C LEU C 90 4.88 45.40 -1.53
N PRO C 91 5.56 44.30 -1.23
CA PRO C 91 5.43 43.09 -2.03
C PRO C 91 4.16 42.32 -1.67
N PHE C 92 3.82 41.38 -2.56
CA PHE C 92 2.72 40.46 -2.28
C PHE C 92 3.26 39.04 -2.31
N ASN C 93 4.37 38.81 -1.61
CA ASN C 93 4.99 37.49 -1.60
C ASN C 93 4.11 36.46 -0.90
N ASP C 94 3.42 36.87 0.17
CA ASP C 94 2.66 35.92 0.98
C ASP C 94 1.30 36.47 1.42
N GLY C 95 0.88 37.63 0.91
CA GLY C 95 -0.30 38.29 1.44
C GLY C 95 0.07 39.30 2.51
N VAL C 96 -0.80 40.31 2.67
CA VAL C 96 -0.47 41.47 3.50
C VAL C 96 -1.64 41.82 4.41
N TYR C 97 -1.32 42.60 5.46
CA TYR C 97 -2.31 43.16 6.36
C TYR C 97 -2.42 44.66 6.16
N PHE C 98 -3.62 45.19 6.45
CA PHE C 98 -3.88 46.61 6.48
C PHE C 98 -4.66 46.95 7.75
N ALA C 99 -4.24 48.03 8.41
CA ALA C 99 -4.97 48.57 9.55
C ALA C 99 -4.88 50.09 9.44
N SER C 100 -6.00 50.74 9.12
CA SER C 100 -6.00 52.17 8.79
C SER C 100 -6.75 52.95 9.86
N THR C 101 -6.02 53.78 10.62
CA THR C 101 -6.61 54.62 11.67
C THR C 101 -6.64 56.05 11.17
N GLU C 102 -7.83 56.52 10.79
CA GLU C 102 -8.08 57.88 10.37
C GLU C 102 -9.58 58.08 10.25
N LYS C 103 -10.00 59.34 10.16
CA LYS C 103 -11.40 59.68 9.97
C LYS C 103 -11.68 60.50 8.72
N SER C 104 -10.66 61.13 8.13
CA SER C 104 -10.83 61.86 6.88
C SER C 104 -10.64 60.99 5.65
N ASN C 105 -10.18 59.75 5.84
CA ASN C 105 -10.01 58.78 4.76
C ASN C 105 -9.16 59.35 3.62
N ILE C 106 -7.92 59.71 3.99
CA ILE C 106 -6.97 60.20 2.99
C ILE C 106 -6.39 59.07 2.15
N ILE C 107 -6.61 57.82 2.53
CA ILE C 107 -6.25 56.68 1.69
C ILE C 107 -7.32 56.53 0.62
N ARG C 108 -6.93 56.65 -0.64
CA ARG C 108 -7.89 56.60 -1.74
C ARG C 108 -7.81 55.33 -2.57
N GLY C 109 -6.81 54.49 -2.37
CA GLY C 109 -6.81 53.20 -3.02
C GLY C 109 -5.44 52.59 -3.15
N TRP C 110 -5.37 51.55 -3.97
CA TRP C 110 -4.18 50.74 -4.18
C TRP C 110 -3.90 50.61 -5.67
N ILE C 111 -2.63 50.34 -5.97
CA ILE C 111 -2.20 50.03 -7.33
C ILE C 111 -1.35 48.77 -7.27
N PHE C 112 -1.70 47.78 -8.09
CA PHE C 112 -0.96 46.54 -8.24
C PHE C 112 -0.30 46.52 -9.62
N GLY C 113 0.96 46.09 -9.66
CA GLY C 113 1.63 46.09 -10.95
C GLY C 113 3.00 45.46 -10.89
N THR C 114 3.64 45.43 -12.06
CA THR C 114 4.99 44.90 -12.23
C THR C 114 5.94 45.94 -12.80
N THR C 115 5.59 46.57 -13.93
CA THR C 115 6.53 47.42 -14.66
C THR C 115 6.09 48.87 -14.79
N LEU C 116 4.82 49.20 -14.49
CA LEU C 116 4.32 50.57 -14.52
C LEU C 116 4.39 51.17 -15.93
N ASP C 117 3.69 50.52 -16.86
CA ASP C 117 3.65 50.99 -18.24
C ASP C 117 2.32 50.62 -18.86
N SER C 118 2.09 51.11 -20.08
CA SER C 118 0.90 50.78 -20.86
C SER C 118 1.11 49.57 -21.75
N LYS C 119 2.32 49.00 -21.79
CA LYS C 119 2.57 47.80 -22.56
C LYS C 119 1.72 46.64 -22.06
N THR C 120 1.63 46.47 -20.75
CA THR C 120 0.92 45.34 -20.16
C THR C 120 -0.13 45.79 -19.15
N GLN C 121 -0.73 44.84 -18.44
CA GLN C 121 -1.84 45.12 -17.55
C GLN C 121 -1.37 45.80 -16.28
N SER C 122 -2.28 46.54 -15.64
CA SER C 122 -2.03 47.18 -14.37
C SER C 122 -3.34 47.30 -13.61
N LEU C 123 -3.32 46.94 -12.32
CA LEU C 123 -4.54 46.89 -11.52
C LEU C 123 -4.66 48.15 -10.67
N LEU C 124 -5.82 48.80 -10.76
CA LEU C 124 -6.13 50.02 -10.01
C LEU C 124 -7.37 49.77 -9.16
N ILE C 125 -7.27 50.04 -7.87
CA ILE C 125 -8.39 49.99 -6.94
C ILE C 125 -8.58 51.37 -6.36
N VAL C 126 -9.76 51.94 -6.56
CA VAL C 126 -10.12 53.25 -6.03
C VAL C 126 -11.26 53.06 -5.05
N ASN C 127 -11.04 53.48 -3.81
CA ASN C 127 -12.01 53.38 -2.72
C ASN C 127 -12.20 54.76 -2.13
N ASN C 128 -13.12 55.53 -2.72
CA ASN C 128 -13.51 56.82 -2.18
C ASN C 128 -14.63 56.71 -1.15
N ALA C 129 -14.82 55.53 -0.58
CA ALA C 129 -15.81 55.26 0.47
C ALA C 129 -17.24 55.47 -0.03
N THR C 130 -17.40 55.73 -1.33
CA THR C 130 -18.72 55.86 -1.92
C THR C 130 -18.83 54.97 -3.15
N ASN C 131 -17.73 54.79 -3.86
CA ASN C 131 -17.68 53.94 -5.05
C ASN C 131 -16.38 53.13 -5.00
N VAL C 132 -16.51 51.82 -4.79
CA VAL C 132 -15.36 50.93 -4.75
C VAL C 132 -15.19 50.33 -6.14
N VAL C 133 -14.13 50.73 -6.84
CA VAL C 133 -13.87 50.28 -8.21
C VAL C 133 -12.56 49.51 -8.22
N ILE C 134 -12.59 48.29 -8.77
CA ILE C 134 -11.40 47.47 -8.92
C ILE C 134 -11.32 47.09 -10.39
N LYS C 135 -10.33 47.63 -11.10
CA LYS C 135 -10.22 47.40 -12.53
C LYS C 135 -8.78 47.09 -12.89
N VAL C 136 -8.60 46.44 -14.02
CA VAL C 136 -7.27 46.19 -14.57
C VAL C 136 -7.25 46.70 -15.99
N CYS C 137 -6.39 47.69 -16.25
CA CYS C 137 -6.28 48.34 -17.55
C CYS C 137 -4.81 48.66 -17.80
N GLU C 138 -4.50 49.04 -19.04
CA GLU C 138 -3.14 49.44 -19.41
C GLU C 138 -2.97 50.94 -19.21
N PHE C 139 -3.00 51.33 -17.94
CA PHE C 139 -2.85 52.75 -17.58
C PHE C 139 -1.42 53.22 -17.76
N GLN C 140 -1.28 54.50 -18.09
CA GLN C 140 0.03 55.15 -18.16
C GLN C 140 0.27 55.93 -16.87
N PHE C 141 0.55 55.16 -15.81
CA PHE C 141 0.78 55.75 -14.50
C PHE C 141 2.01 56.66 -14.53
N CYS C 142 1.85 57.86 -13.97
CA CYS C 142 2.95 58.83 -13.92
C CYS C 142 3.88 58.47 -12.75
N ASN C 143 4.82 59.36 -12.45
CA ASN C 143 5.73 59.13 -11.34
C ASN C 143 4.99 59.06 -10.02
N ASP C 144 3.93 59.86 -9.86
CA ASP C 144 3.12 59.84 -8.65
C ASP C 144 1.66 60.01 -9.04
N PRO C 145 0.91 58.91 -9.15
CA PRO C 145 -0.49 59.00 -9.54
C PRO C 145 -1.31 59.82 -8.54
N PHE C 146 -2.27 60.58 -9.06
CA PHE C 146 -3.09 61.44 -8.23
C PHE C 146 -4.46 61.59 -8.86
N LEU C 147 -5.48 61.73 -8.01
CA LEU C 147 -6.85 61.96 -8.44
C LEU C 147 -7.50 63.03 -7.57
N ASP C 148 -6.72 64.01 -7.15
CA ASP C 148 -7.21 65.07 -6.30
C ASP C 148 -7.93 66.16 -7.07
N VAL C 149 -8.25 67.24 -6.36
CA VAL C 149 -8.93 68.38 -6.94
C VAL C 149 -8.14 69.64 -6.63
N TYR C 150 -8.41 70.69 -7.39
CA TYR C 150 -7.68 71.95 -7.28
C TYR C 150 -8.64 73.10 -7.49
N TYR C 151 -8.13 74.31 -7.28
CA TYR C 151 -8.88 75.56 -7.41
C TYR C 151 -10.03 75.66 -6.41
N HIS C 152 -10.11 74.75 -5.45
CA HIS C 152 -11.18 74.74 -4.46
C HIS C 152 -10.70 75.39 -3.17
N LYS C 153 -10.49 76.70 -3.26
CA LYS C 153 -10.07 77.46 -2.08
C LYS C 153 -11.17 77.48 -1.02
N ASN C 154 -12.44 77.43 -1.44
CA ASN C 154 -13.57 77.36 -0.52
C ASN C 154 -14.57 76.35 -1.06
N ASN C 155 -15.21 75.61 -0.15
CA ASN C 155 -16.22 74.60 -0.49
C ASN C 155 -15.64 73.56 -1.43
N LYS C 156 -14.66 72.82 -0.91
CA LYS C 156 -13.98 71.77 -1.66
C LYS C 156 -14.96 70.71 -2.17
N SER C 157 -15.58 69.98 -1.26
CA SER C 157 -16.57 68.95 -1.55
C SER C 157 -16.03 67.82 -2.43
N TRP C 158 -14.72 67.80 -2.69
CA TRP C 158 -14.08 66.77 -3.51
C TRP C 158 -14.76 66.62 -4.87
N MET C 159 -15.04 67.75 -5.51
CA MET C 159 -15.61 67.78 -6.85
C MET C 159 -14.61 68.38 -7.81
N GLU C 160 -14.54 67.83 -9.02
CA GLU C 160 -13.57 68.28 -10.00
C GLU C 160 -13.91 69.69 -10.48
N SER C 161 -12.88 70.50 -10.68
CA SER C 161 -13.05 71.88 -11.12
C SER C 161 -12.74 72.03 -12.60
N CYS C 170 -8.60 48.14 -21.66
CA CYS C 170 -8.99 47.64 -20.36
C CYS C 170 -9.29 46.15 -20.43
N THR C 171 -8.97 45.44 -19.35
CA THR C 171 -9.06 43.98 -19.32
C THR C 171 -9.82 43.41 -18.13
N PHE C 172 -10.16 44.21 -17.11
CA PHE C 172 -10.87 43.66 -15.96
C PHE C 172 -11.68 44.76 -15.28
N GLU C 173 -12.90 44.41 -14.86
CA GLU C 173 -13.84 45.36 -14.27
C GLU C 173 -14.50 44.76 -13.03
N TYR C 174 -14.69 45.61 -12.02
CA TYR C 174 -15.47 45.23 -10.84
C TYR C 174 -15.98 46.50 -10.18
N VAL C 175 -17.29 46.72 -10.21
CA VAL C 175 -17.91 47.89 -9.59
C VAL C 175 -19.09 47.42 -8.76
N SER C 176 -19.12 47.82 -7.49
CA SER C 176 -20.23 47.48 -6.60
C SER C 176 -21.25 48.62 -6.59
N GLN C 177 -22.38 48.39 -5.91
CA GLN C 177 -23.41 49.41 -5.82
C GLN C 177 -22.95 50.56 -4.93
N PRO C 178 -23.41 51.78 -5.20
CA PRO C 178 -22.99 52.93 -4.39
C PRO C 178 -23.47 52.82 -2.96
N PHE C 179 -22.66 53.37 -2.06
CA PHE C 179 -22.97 53.41 -0.63
C PHE C 179 -22.24 54.61 -0.02
N LEU C 180 -22.28 54.71 1.30
CA LEU C 180 -21.72 55.88 1.97
C LEU C 180 -21.02 55.47 3.26
N MET C 181 -19.72 55.69 3.32
CA MET C 181 -18.94 55.64 4.55
C MET C 181 -18.67 57.06 5.03
N ASP C 182 -17.86 57.17 6.09
CA ASP C 182 -17.58 58.47 6.67
C ASP C 182 -16.62 59.28 5.80
N LEU C 183 -17.16 60.10 4.90
CA LEU C 183 -16.33 60.98 4.10
C LEU C 183 -15.79 62.14 4.95
N GLU C 184 -16.62 62.65 5.87
CA GLU C 184 -16.25 63.74 6.73
C GLU C 184 -15.84 63.24 8.11
N GLY C 185 -14.97 63.98 8.77
CA GLY C 185 -14.49 63.59 10.08
C GLY C 185 -15.56 63.74 11.15
N LYS C 186 -15.30 63.11 12.30
CA LYS C 186 -16.21 63.13 13.43
C LYS C 186 -15.58 63.89 14.59
N GLN C 187 -16.43 64.29 15.53
CA GLN C 187 -15.97 65.00 16.73
C GLN C 187 -15.73 64.01 17.86
N GLY C 188 -14.61 64.16 18.53
CA GLY C 188 -14.23 63.27 19.61
C GLY C 188 -13.21 62.23 19.19
N ASN C 189 -13.14 61.18 19.98
CA ASN C 189 -12.18 60.11 19.75
C ASN C 189 -12.55 59.32 18.51
N PHE C 190 -11.56 58.59 17.99
CA PHE C 190 -11.78 57.78 16.78
C PHE C 190 -12.85 56.74 17.03
N LYS C 191 -13.78 56.61 16.07
CA LYS C 191 -14.88 55.66 16.17
C LYS C 191 -14.95 54.72 14.97
N ASN C 192 -13.89 54.63 14.17
CA ASN C 192 -13.86 53.76 13.01
C ASN C 192 -12.47 53.16 12.86
N LEU C 193 -12.42 51.96 12.29
CA LEU C 193 -11.15 51.30 11.98
C LEU C 193 -11.41 50.24 10.93
N ARG C 194 -10.62 50.28 9.86
CA ARG C 194 -10.70 49.29 8.79
C ARG C 194 -9.48 48.38 8.86
N GLU C 195 -9.73 47.07 8.94
CA GLU C 195 -8.70 46.05 9.05
C GLU C 195 -8.92 45.01 7.96
N PHE C 196 -7.88 44.78 7.16
CA PHE C 196 -7.97 43.89 6.01
C PHE C 196 -6.81 42.91 6.00
N VAL C 197 -7.07 41.73 5.43
CA VAL C 197 -6.05 40.74 5.09
C VAL C 197 -6.24 40.40 3.63
N PHE C 198 -5.25 40.74 2.80
CA PHE C 198 -5.27 40.43 1.38
C PHE C 198 -4.44 39.17 1.17
N LYS C 199 -5.11 38.08 0.79
CA LYS C 199 -4.52 36.75 0.82
C LYS C 199 -4.62 36.11 -0.55
N ASN C 200 -3.69 35.20 -0.83
CA ASN C 200 -3.63 34.47 -2.09
C ASN C 200 -3.87 32.99 -1.76
N ILE C 201 -5.13 32.56 -1.87
CA ILE C 201 -5.51 31.19 -1.56
C ILE C 201 -5.38 30.35 -2.83
N ASP C 202 -4.31 29.56 -2.89
CA ASP C 202 -4.08 28.61 -3.98
C ASP C 202 -4.14 29.28 -5.36
N GLY C 203 -3.60 30.49 -5.44
CA GLY C 203 -3.59 31.22 -6.68
C GLY C 203 -4.76 32.16 -6.89
N TYR C 204 -5.69 32.25 -5.94
CA TYR C 204 -6.89 33.06 -6.10
C TYR C 204 -6.88 34.19 -5.07
N PHE C 205 -7.22 35.40 -5.53
CA PHE C 205 -7.05 36.61 -4.74
C PHE C 205 -8.27 36.80 -3.83
N LYS C 206 -8.15 36.38 -2.58
CA LYS C 206 -9.22 36.55 -1.61
C LYS C 206 -8.94 37.73 -0.69
N ILE C 207 -10.01 38.32 -0.18
CA ILE C 207 -9.92 39.41 0.77
C ILE C 207 -10.73 39.05 2.01
N TYR C 208 -10.10 39.13 3.18
CA TYR C 208 -10.80 39.05 4.45
C TYR C 208 -10.82 40.46 5.04
N SER C 209 -11.96 40.87 5.58
CA SER C 209 -12.11 42.29 5.87
C SER C 209 -12.98 42.49 7.10
N LYS C 210 -12.83 43.68 7.70
CA LYS C 210 -13.76 44.13 8.72
C LYS C 210 -13.60 45.63 8.89
N HIS C 211 -14.70 46.29 9.26
CA HIS C 211 -14.73 47.74 9.50
C HIS C 211 -15.53 47.94 10.79
N THR C 212 -14.83 48.18 11.88
CA THR C 212 -15.45 48.18 13.20
C THR C 212 -15.17 49.49 13.93
N PRO C 213 -16.07 49.91 14.82
CA PRO C 213 -15.76 51.05 15.68
C PRO C 213 -14.75 50.67 16.75
N ILE C 214 -13.84 51.59 17.04
CA ILE C 214 -12.77 51.38 18.00
C ILE C 214 -12.67 52.60 18.90
N ASN C 215 -11.67 52.59 19.78
CA ASN C 215 -11.32 53.75 20.61
C ASN C 215 -9.82 53.73 20.78
N LEU C 216 -9.14 54.66 20.11
CA LEU C 216 -7.68 54.76 20.20
C LEU C 216 -7.29 55.25 21.59
N VAL C 217 -6.66 54.39 22.38
CA VAL C 217 -6.28 54.74 23.75
C VAL C 217 -4.77 54.61 23.94
N ARG C 218 -4.23 53.40 23.67
CA ARG C 218 -2.83 53.14 23.96
C ARG C 218 -2.15 52.40 22.81
N ASP C 219 -2.61 52.65 21.57
CA ASP C 219 -1.99 52.13 20.36
C ASP C 219 -2.04 50.61 20.25
N LEU C 220 -2.67 49.95 21.22
CA LEU C 220 -2.80 48.49 21.19
C LEU C 220 -3.99 48.05 22.04
N PRO C 221 -5.16 47.88 21.45
CA PRO C 221 -6.31 47.38 22.22
C PRO C 221 -6.09 45.94 22.66
N GLN C 222 -6.74 45.59 23.76
CA GLN C 222 -6.69 44.24 24.30
C GLN C 222 -8.05 43.57 24.16
N GLY C 223 -8.05 42.28 23.86
CA GLY C 223 -9.26 41.55 23.58
C GLY C 223 -9.08 40.61 22.40
N PHE C 224 -10.12 40.46 21.57
CA PHE C 224 -10.00 39.59 20.41
C PHE C 224 -11.08 39.96 19.40
N SER C 225 -10.89 39.50 18.17
CA SER C 225 -11.84 39.75 17.09
C SER C 225 -11.65 38.70 16.01
N ALA C 226 -12.37 38.85 14.91
CA ALA C 226 -12.33 37.93 13.78
C ALA C 226 -12.49 38.71 12.50
N LEU C 227 -12.10 38.09 11.38
CA LEU C 227 -12.06 38.77 10.08
C LEU C 227 -12.79 37.91 9.05
N GLU C 228 -14.05 38.25 8.77
CA GLU C 228 -14.85 37.51 7.81
C GLU C 228 -14.53 37.94 6.37
N PRO C 229 -14.60 37.01 5.42
CA PRO C 229 -14.14 37.31 4.06
C PRO C 229 -15.09 38.26 3.33
N LEU C 230 -14.50 39.05 2.44
CA LEU C 230 -15.27 39.95 1.58
C LEU C 230 -15.59 39.32 0.22
N VAL C 231 -14.55 38.97 -0.55
CA VAL C 231 -14.75 38.53 -1.93
C VAL C 231 -13.48 37.85 -2.41
N ASP C 232 -13.65 36.92 -3.35
CA ASP C 232 -12.55 36.27 -4.06
C ASP C 232 -12.58 36.72 -5.51
N LEU C 233 -11.45 37.25 -5.99
CA LEU C 233 -11.33 37.60 -7.40
C LEU C 233 -10.36 36.62 -8.06
N PRO C 234 -10.84 35.68 -8.87
CA PRO C 234 -9.94 34.69 -9.46
C PRO C 234 -9.09 35.25 -10.59
N ILE C 235 -7.99 35.91 -10.23
CA ILE C 235 -7.09 36.49 -11.22
C ILE C 235 -6.05 35.47 -11.68
N GLY C 236 -5.35 34.84 -10.74
CA GLY C 236 -4.35 33.86 -11.08
C GLY C 236 -3.17 34.40 -11.85
N ILE C 237 -2.77 35.65 -11.59
CA ILE C 237 -1.62 36.28 -12.23
C ILE C 237 -0.69 36.80 -11.15
N ASN C 238 0.59 36.47 -11.26
CA ASN C 238 1.57 36.92 -10.28
C ASN C 238 1.70 38.44 -10.32
N ILE C 239 1.72 39.06 -9.14
CA ILE C 239 1.87 40.50 -9.00
C ILE C 239 3.11 40.76 -8.16
N THR C 240 3.98 41.64 -8.65
CA THR C 240 5.25 41.88 -7.98
C THR C 240 5.20 43.01 -6.95
N ARG C 241 4.41 44.05 -7.19
CA ARG C 241 4.34 45.14 -6.23
C ARG C 241 2.90 45.61 -6.07
N PHE C 242 2.60 46.19 -4.92
CA PHE C 242 1.40 46.99 -4.74
C PHE C 242 1.76 48.21 -3.90
N GLN C 243 0.89 49.21 -3.94
CA GLN C 243 1.16 50.47 -3.26
C GLN C 243 -0.15 51.14 -2.88
N THR C 244 -0.17 51.73 -1.69
CA THR C 244 -1.31 52.51 -1.21
C THR C 244 -1.08 53.99 -1.51
N LEU C 245 -2.16 54.70 -1.83
CA LEU C 245 -2.07 56.11 -2.20
C LEU C 245 -2.68 56.97 -1.09
N LEU C 246 -1.85 57.79 -0.45
CA LEU C 246 -2.33 58.83 0.45
C LEU C 246 -2.55 60.11 -0.35
N ALA C 247 -3.75 60.68 -0.24
CA ALA C 247 -4.14 61.81 -1.07
C ALA C 247 -3.68 63.13 -0.46
N LEU C 248 -3.23 64.03 -1.33
CA LEU C 248 -2.92 65.40 -0.92
C LEU C 248 -4.17 66.26 -1.07
N HIS C 249 -4.05 67.54 -0.71
CA HIS C 249 -5.18 68.45 -0.77
C HIS C 249 -4.69 69.86 -1.05
N ARG C 250 -5.60 70.69 -1.54
CA ARG C 250 -5.31 72.07 -1.88
C ARG C 250 -6.32 72.98 -1.20
N SER C 251 -5.82 74.04 -0.56
CA SER C 251 -6.68 74.98 0.14
C SER C 251 -6.04 76.37 0.18
N SER C 259 0.61 69.96 -7.50
CA SER C 259 0.41 68.80 -6.63
C SER C 259 1.69 68.45 -5.89
N SER C 260 2.67 69.35 -5.93
CA SER C 260 3.96 69.12 -5.28
C SER C 260 4.02 69.76 -3.90
N GLY C 261 3.50 70.97 -3.75
CA GLY C 261 3.57 71.67 -2.48
C GLY C 261 2.35 71.48 -1.60
N TRP C 262 1.55 70.46 -1.92
CA TRP C 262 0.35 70.18 -1.15
C TRP C 262 0.72 69.51 0.17
N THR C 263 -0.19 69.61 1.14
CA THR C 263 0.01 69.10 2.48
C THR C 263 -0.96 67.96 2.76
N ALA C 264 -0.82 67.36 3.94
CA ALA C 264 -1.64 66.23 4.34
C ALA C 264 -1.91 66.31 5.84
N GLY C 265 -2.97 65.61 6.26
CA GLY C 265 -3.39 65.63 7.64
C GLY C 265 -2.69 64.57 8.48
N ALA C 266 -3.21 64.38 9.69
CA ALA C 266 -2.67 63.43 10.64
C ALA C 266 -3.45 62.13 10.59
N ALA C 267 -2.74 61.01 10.51
CA ALA C 267 -3.38 59.70 10.41
C ALA C 267 -2.35 58.63 10.75
N ALA C 268 -2.75 57.36 10.66
CA ALA C 268 -1.79 56.29 10.90
C ALA C 268 -2.26 55.02 10.22
N TYR C 269 -1.31 54.12 10.00
CA TYR C 269 -1.65 52.78 9.50
C TYR C 269 -0.54 51.81 9.87
N TYR C 270 -0.87 50.53 9.72
CA TYR C 270 0.00 49.43 10.11
C TYR C 270 0.28 48.54 8.92
N VAL C 271 1.46 47.92 8.90
CA VAL C 271 1.88 47.04 7.82
C VAL C 271 2.39 45.74 8.44
N GLY C 272 1.82 44.62 8.01
CA GLY C 272 2.23 43.31 8.49
C GLY C 272 2.21 42.30 7.37
N TYR C 273 3.06 41.28 7.51
CA TYR C 273 3.30 40.30 6.46
C TYR C 273 2.74 38.95 6.88
N LEU C 274 1.97 38.32 6.00
CA LEU C 274 1.46 36.98 6.24
C LEU C 274 2.58 35.96 6.19
N GLN C 275 2.46 34.93 7.02
CA GLN C 275 3.46 33.87 7.13
C GLN C 275 2.76 32.52 7.18
N PRO C 276 3.41 31.46 6.70
CA PRO C 276 2.75 30.14 6.67
C PRO C 276 2.65 29.52 8.05
N ARG C 277 1.58 29.87 8.78
CA ARG C 277 1.45 29.50 10.17
C ARG C 277 0.24 28.61 10.39
N THR C 278 0.29 27.82 11.46
CA THR C 278 -0.82 27.00 11.90
C THR C 278 -1.37 27.54 13.21
N PHE C 279 -2.68 27.74 13.26
CA PHE C 279 -3.35 28.21 14.48
C PHE C 279 -4.46 27.28 14.92
N LEU C 280 -4.66 27.24 16.24
CA LEU C 280 -5.91 26.83 16.85
C LEU C 280 -6.88 27.99 16.93
N LEU C 281 -8.17 27.67 16.90
CA LEU C 281 -9.25 28.63 16.95
C LEU C 281 -10.31 28.05 17.88
N LYS C 282 -10.59 28.75 18.98
CA LYS C 282 -11.61 28.33 19.92
C LYS C 282 -12.97 28.84 19.45
N TYR C 283 -13.93 27.93 19.28
CA TYR C 283 -15.29 28.29 18.92
C TYR C 283 -16.20 28.05 20.13
N ASN C 284 -16.93 29.08 20.52
CA ASN C 284 -17.81 29.04 21.68
C ASN C 284 -19.17 28.48 21.28
N GLU C 285 -20.14 28.56 22.19
CA GLU C 285 -21.47 28.03 21.92
C GLU C 285 -22.18 28.78 20.81
N ASN C 286 -21.85 30.04 20.57
CA ASN C 286 -22.44 30.83 19.49
C ASN C 286 -21.63 30.77 18.21
N GLY C 287 -20.46 30.14 18.23
CA GLY C 287 -19.66 29.99 17.02
C GLY C 287 -18.73 31.14 16.70
N THR C 288 -18.54 32.09 17.61
CA THR C 288 -17.65 33.22 17.37
C THR C 288 -16.27 32.91 17.94
N ILE C 289 -15.23 33.30 17.20
CA ILE C 289 -13.86 33.09 17.66
C ILE C 289 -13.64 33.93 18.91
N THR C 290 -13.42 33.28 20.04
CA THR C 290 -13.08 33.95 21.28
C THR C 290 -11.61 33.84 21.64
N ASP C 291 -10.85 33.03 20.91
CA ASP C 291 -9.43 32.84 21.19
C ASP C 291 -8.79 32.17 19.99
N ALA C 292 -7.52 32.49 19.75
CA ALA C 292 -6.71 31.78 18.77
C ALA C 292 -5.31 31.61 19.34
N VAL C 293 -4.63 30.56 18.89
CA VAL C 293 -3.32 30.19 19.41
C VAL C 293 -2.42 29.81 18.26
N ASP C 294 -1.16 30.26 18.29
CA ASP C 294 -0.20 29.82 17.31
C ASP C 294 0.24 28.39 17.62
N CYS C 295 1.09 27.84 16.74
CA CYS C 295 1.74 26.56 17.03
C CYS C 295 3.26 26.66 17.11
N ALA C 296 3.88 27.65 16.48
CA ALA C 296 5.33 27.68 16.35
C ALA C 296 5.94 28.98 16.86
N LEU C 297 5.19 29.81 17.57
CA LEU C 297 5.77 30.98 18.22
C LEU C 297 6.63 30.55 19.41
N ASP C 298 6.01 29.93 20.40
CA ASP C 298 6.67 29.39 21.57
C ASP C 298 6.23 27.94 21.75
N PRO C 299 6.99 27.16 22.52
CA PRO C 299 6.59 25.76 22.71
C PRO C 299 5.20 25.59 23.30
N LEU C 300 4.71 26.56 24.08
CA LEU C 300 3.33 26.50 24.55
C LEU C 300 2.35 26.52 23.40
N SER C 301 2.69 27.22 22.31
CA SER C 301 1.83 27.25 21.14
C SER C 301 1.65 25.85 20.56
N GLU C 302 2.75 25.11 20.40
CA GLU C 302 2.63 23.76 19.86
C GLU C 302 2.03 22.81 20.88
N THR C 303 2.21 23.09 22.18
CA THR C 303 1.50 22.33 23.21
C THR C 303 -0.01 22.42 22.99
N LYS C 304 -0.53 23.65 22.90
CA LYS C 304 -1.95 23.84 22.69
C LYS C 304 -2.40 23.23 21.37
N CYS C 305 -1.60 23.41 20.32
CA CYS C 305 -1.96 22.87 19.01
C CYS C 305 -2.03 21.35 19.05
N THR C 306 -1.14 20.71 19.81
CA THR C 306 -1.16 19.25 19.93
C THR C 306 -2.41 18.80 20.68
N LEU C 307 -2.69 19.43 21.82
CA LEU C 307 -3.83 18.99 22.61
C LEU C 307 -5.16 19.59 22.17
N LYS C 308 -5.16 20.50 21.21
CA LYS C 308 -6.39 21.12 20.70
C LYS C 308 -7.22 21.71 21.83
N SER C 309 -6.57 22.37 22.78
CA SER C 309 -7.27 22.85 23.96
C SER C 309 -6.68 24.18 24.41
N PHE C 310 -7.56 25.08 24.84
CA PHE C 310 -7.13 26.36 25.40
C PHE C 310 -6.66 26.23 26.83
N THR C 311 -7.10 25.18 27.54
CA THR C 311 -6.64 24.88 28.88
C THR C 311 -5.90 23.55 28.83
N VAL C 312 -4.65 23.56 29.27
CA VAL C 312 -3.74 22.45 29.07
C VAL C 312 -3.34 21.89 30.43
N GLU C 313 -3.45 20.57 30.57
CA GLU C 313 -3.07 19.91 31.81
C GLU C 313 -1.55 19.93 31.95
N LYS C 314 -1.09 19.70 33.18
CA LYS C 314 0.33 19.79 33.50
C LYS C 314 1.01 18.45 33.26
N GLY C 315 2.13 18.47 32.54
CA GLY C 315 2.85 17.26 32.21
C GLY C 315 3.89 17.51 31.11
N ILE C 316 4.34 16.42 30.50
CA ILE C 316 5.33 16.45 29.43
C ILE C 316 4.68 15.97 28.14
N TYR C 317 4.88 16.73 27.06
CA TYR C 317 4.23 16.50 25.77
C TYR C 317 5.30 16.46 24.69
N GLN C 318 5.00 15.73 23.61
CA GLN C 318 5.89 15.67 22.46
C GLN C 318 5.33 16.52 21.34
N THR C 319 6.22 17.27 20.68
CA THR C 319 5.80 18.21 19.64
C THR C 319 6.37 17.88 18.26
N SER C 320 7.69 17.74 18.14
CA SER C 320 8.31 17.60 16.83
C SER C 320 9.64 16.87 16.98
N ASN C 321 10.47 16.93 15.94
CA ASN C 321 11.75 16.24 15.91
C ASN C 321 12.87 17.26 15.70
N PHE C 322 13.69 17.43 16.74
CA PHE C 322 14.90 18.23 16.63
C PHE C 322 15.99 17.43 15.91
N ARG C 323 16.86 18.15 15.21
CA ARG C 323 17.89 17.50 14.41
C ARG C 323 19.03 18.49 14.22
N VAL C 324 20.24 18.12 14.64
CA VAL C 324 21.36 19.05 14.60
C VAL C 324 21.74 19.32 13.16
N GLN C 325 22.16 20.55 12.88
CA GLN C 325 22.33 21.02 11.51
C GLN C 325 23.54 20.35 10.86
N PRO C 326 23.38 19.76 9.66
CA PRO C 326 24.54 19.20 8.94
C PRO C 326 25.45 20.26 8.36
N THR C 327 26.42 20.70 9.17
CA THR C 327 27.26 21.86 8.84
C THR C 327 27.78 21.87 7.41
N GLU C 328 28.56 20.88 7.03
CA GLU C 328 29.21 20.87 5.72
C GLU C 328 28.90 19.58 4.96
N SER C 329 29.45 19.49 3.76
CA SER C 329 29.37 18.30 2.92
C SER C 329 30.78 17.83 2.61
N ILE C 330 31.09 16.59 2.96
CA ILE C 330 32.43 16.03 2.86
C ILE C 330 32.49 15.05 1.71
N VAL C 331 33.37 15.32 0.75
CA VAL C 331 33.65 14.43 -0.38
C VAL C 331 35.11 14.05 -0.33
N ARG C 332 35.39 12.76 -0.43
CA ARG C 332 36.75 12.23 -0.37
C ARG C 332 37.05 11.44 -1.64
N PHE C 333 38.25 11.62 -2.18
CA PHE C 333 38.57 10.98 -3.47
C PHE C 333 40.03 10.55 -3.48
N PRO C 334 40.39 9.26 -3.70
CA PRO C 334 41.80 8.88 -3.82
C PRO C 334 42.43 9.79 -4.87
N ASN C 335 43.16 10.82 -4.44
CA ASN C 335 43.76 11.79 -5.39
C ASN C 335 45.28 11.76 -5.25
N ILE C 336 45.82 10.70 -4.67
CA ILE C 336 47.29 10.56 -4.50
C ILE C 336 47.87 10.04 -5.82
N THR C 337 48.56 8.91 -5.79
CA THR C 337 49.07 8.30 -7.04
C THR C 337 47.88 7.99 -7.95
N ASN C 338 46.67 7.95 -7.37
CA ASN C 338 45.44 7.66 -8.15
C ASN C 338 45.26 8.72 -9.25
N LEU C 339 45.97 9.85 -9.16
CA LEU C 339 45.92 10.86 -10.24
C LEU C 339 46.34 10.20 -11.56
N CYS C 340 45.72 10.60 -12.68
CA CYS C 340 46.03 9.96 -13.99
C CYS C 340 47.47 10.29 -14.42
N PRO C 341 48.31 9.27 -14.73
CA PRO C 341 49.68 9.50 -15.18
C PRO C 341 49.69 10.38 -16.43
N PHE C 342 49.79 11.70 -16.26
CA PHE C 342 49.76 12.61 -17.40
C PHE C 342 51.05 13.42 -17.51
N GLY C 343 51.60 13.87 -16.37
CA GLY C 343 52.67 14.85 -16.41
C GLY C 343 53.88 14.39 -17.20
N GLU C 344 54.26 13.11 -17.06
CA GLU C 344 55.43 12.62 -17.79
C GLU C 344 55.17 12.54 -19.29
N VAL C 345 53.94 12.17 -19.67
CA VAL C 345 53.64 11.98 -21.09
C VAL C 345 53.43 13.32 -21.79
N PHE C 346 52.75 14.27 -21.14
CA PHE C 346 52.40 15.53 -21.78
C PHE C 346 53.65 16.36 -22.10
N ASN C 347 54.62 16.37 -21.19
CA ASN C 347 55.84 17.15 -21.37
C ASN C 347 56.90 16.42 -22.18
N ALA C 348 56.51 15.40 -22.94
CA ALA C 348 57.46 14.67 -23.76
C ALA C 348 57.96 15.55 -24.91
N THR C 349 59.11 15.16 -25.46
CA THR C 349 59.74 15.95 -26.51
C THR C 349 58.92 15.91 -27.79
N ARG C 350 58.74 14.72 -28.36
CA ARG C 350 58.05 14.57 -29.64
C ARG C 350 57.27 13.28 -29.66
N PHE C 351 56.07 13.33 -30.24
CA PHE C 351 55.27 12.15 -30.53
C PHE C 351 55.34 11.84 -32.02
N ALA C 352 54.87 10.64 -32.37
CA ALA C 352 54.93 10.19 -33.75
C ALA C 352 54.01 11.00 -34.65
N SER C 353 54.10 10.75 -35.95
CA SER C 353 53.37 11.52 -36.94
C SER C 353 51.88 11.17 -36.91
N VAL C 354 51.13 11.77 -37.84
CA VAL C 354 49.68 11.59 -37.86
C VAL C 354 49.33 10.16 -38.24
N TYR C 355 50.08 9.54 -39.15
CA TYR C 355 49.80 8.16 -39.51
C TYR C 355 50.11 7.22 -38.36
N ALA C 356 51.17 7.49 -37.61
CA ALA C 356 51.45 6.75 -36.38
C ALA C 356 50.87 7.46 -35.17
N TRP C 357 49.59 7.81 -35.26
CA TRP C 357 48.90 8.42 -34.14
C TRP C 357 48.72 7.43 -33.00
N ASN C 358 48.88 7.91 -31.77
CA ASN C 358 48.88 7.02 -30.61
C ASN C 358 47.47 6.88 -30.05
N ARG C 359 47.05 5.63 -29.82
CA ARG C 359 45.76 5.33 -29.21
C ARG C 359 45.98 4.32 -28.09
N LYS C 360 45.62 4.69 -26.87
CA LYS C 360 45.83 3.86 -25.69
C LYS C 360 44.56 3.82 -24.84
N ARG C 361 44.35 2.70 -24.16
CA ARG C 361 43.25 2.58 -23.22
C ARG C 361 43.67 3.09 -21.85
N ILE C 362 42.74 3.79 -21.18
CA ILE C 362 43.01 4.45 -19.91
C ILE C 362 41.91 4.10 -18.93
N SER C 363 42.31 3.71 -17.72
CA SER C 363 41.38 3.45 -16.62
C SER C 363 42.19 3.47 -15.33
N ASN C 364 41.47 3.50 -14.21
CA ASN C 364 42.05 3.34 -12.88
C ASN C 364 43.00 4.50 -12.53
N CYS C 365 42.53 5.73 -12.76
CA CYS C 365 43.22 6.91 -12.25
C CYS C 365 42.20 8.06 -12.18
N VAL C 366 42.70 9.27 -11.91
CA VAL C 366 41.86 10.41 -11.59
C VAL C 366 42.24 11.58 -12.49
N ALA C 367 41.24 12.29 -12.99
CA ALA C 367 41.44 13.49 -13.79
C ALA C 367 41.70 14.69 -12.88
N ASP C 368 42.26 15.75 -13.47
CA ASP C 368 42.74 16.93 -12.75
C ASP C 368 42.30 18.20 -13.47
N TYR C 369 40.99 18.31 -13.72
CA TYR C 369 40.47 19.34 -14.63
C TYR C 369 40.97 20.74 -14.30
N SER C 370 41.04 21.08 -13.01
CA SER C 370 41.42 22.43 -12.62
C SER C 370 42.86 22.75 -13.05
N VAL C 371 43.78 21.82 -12.81
CA VAL C 371 45.18 22.04 -13.19
C VAL C 371 45.32 22.06 -14.71
N LEU C 372 44.54 21.22 -15.40
CA LEU C 372 44.55 21.25 -16.86
C LEU C 372 44.09 22.59 -17.40
N TYR C 373 43.05 23.17 -16.77
CA TYR C 373 42.54 24.45 -17.21
C TYR C 373 43.53 25.58 -16.93
N ASN C 374 44.11 25.61 -15.73
CA ASN C 374 44.92 26.74 -15.29
C ASN C 374 46.42 26.51 -15.44
N SER C 375 46.83 25.45 -16.14
CA SER C 375 48.26 25.15 -16.27
C SER C 375 49.00 26.19 -17.10
N ALA C 376 48.30 26.96 -17.92
CA ALA C 376 48.87 27.94 -18.84
C ALA C 376 49.76 27.33 -19.90
N SER C 377 49.79 26.00 -20.00
CA SER C 377 50.51 25.31 -21.06
C SER C 377 49.59 24.53 -21.99
N PHE C 378 48.30 24.45 -21.69
CA PHE C 378 47.31 23.83 -22.56
C PHE C 378 46.38 24.91 -23.08
N SER C 379 46.26 24.99 -24.41
CA SER C 379 45.56 26.13 -25.01
C SER C 379 44.04 25.94 -24.97
N THR C 380 43.55 24.79 -25.43
CA THR C 380 42.12 24.58 -25.59
C THR C 380 41.70 23.29 -24.90
N PHE C 381 40.63 23.37 -24.12
CA PHE C 381 40.00 22.23 -23.47
C PHE C 381 38.54 22.22 -23.90
N LYS C 382 38.22 21.41 -24.91
CA LYS C 382 36.91 21.43 -25.54
C LYS C 382 36.20 20.10 -25.28
N CYS C 383 35.00 20.17 -24.71
CA CYS C 383 34.17 19.00 -24.44
C CYS C 383 32.87 19.13 -25.22
N TYR C 384 32.70 18.27 -26.22
CA TYR C 384 31.53 18.35 -27.10
C TYR C 384 30.36 17.53 -26.57
N GLY C 385 30.56 16.22 -26.37
CA GLY C 385 29.47 15.35 -25.97
C GLY C 385 29.10 15.43 -24.51
N VAL C 386 30.00 15.93 -23.66
CA VAL C 386 29.77 15.98 -22.22
C VAL C 386 29.82 17.43 -21.76
N SER C 387 29.16 17.68 -20.63
CA SER C 387 29.09 19.02 -20.06
C SER C 387 30.37 19.35 -19.32
N PRO C 388 31.04 20.46 -19.63
CA PRO C 388 32.28 20.80 -18.92
C PRO C 388 32.07 21.12 -17.45
N THR C 389 30.91 21.66 -17.09
CA THR C 389 30.70 22.11 -15.72
C THR C 389 30.57 20.92 -14.76
N LYS C 390 29.87 19.87 -15.18
CA LYS C 390 29.61 18.71 -14.33
C LYS C 390 30.77 17.70 -14.37
N LEU C 391 31.80 17.98 -15.16
CA LEU C 391 32.94 17.06 -15.25
C LEU C 391 33.57 16.80 -13.88
N ASN C 392 33.53 17.78 -12.98
CA ASN C 392 34.16 17.64 -11.67
C ASN C 392 33.43 16.63 -10.79
N ASP C 393 32.16 16.36 -11.04
CA ASP C 393 31.37 15.43 -10.22
C ASP C 393 30.56 14.49 -11.11
N LEU C 394 31.20 13.91 -12.11
CA LEU C 394 30.56 12.99 -13.03
C LEU C 394 31.33 11.68 -13.08
N CYS C 395 30.62 10.59 -13.36
CA CYS C 395 31.19 9.26 -13.39
C CYS C 395 31.41 8.81 -14.83
N PHE C 396 32.62 8.34 -15.11
CA PHE C 396 33.01 7.86 -16.43
C PHE C 396 33.41 6.40 -16.36
N THR C 397 33.17 5.66 -17.44
CA THR C 397 33.42 4.22 -17.43
C THR C 397 34.85 3.88 -17.81
N ASN C 398 35.26 4.24 -19.03
CA ASN C 398 36.64 4.00 -19.47
C ASN C 398 37.02 5.08 -20.47
N VAL C 399 38.33 5.29 -20.62
CA VAL C 399 38.83 6.38 -21.44
C VAL C 399 39.75 5.79 -22.50
N TYR C 400 39.84 6.49 -23.63
CA TYR C 400 40.90 6.26 -24.61
C TYR C 400 41.67 7.56 -24.78
N ALA C 401 42.97 7.50 -24.51
CA ALA C 401 43.87 8.63 -24.70
C ALA C 401 44.47 8.51 -26.10
N ASP C 402 44.16 9.49 -26.95
CA ASP C 402 44.59 9.49 -28.34
C ASP C 402 45.40 10.76 -28.58
N SER C 403 46.68 10.60 -28.92
CA SER C 403 47.59 11.71 -29.06
C SER C 403 48.12 11.80 -30.48
N PHE C 404 48.20 13.03 -30.98
CA PHE C 404 48.70 13.30 -32.32
C PHE C 404 49.13 14.76 -32.39
N VAL C 405 49.55 15.20 -33.57
CA VAL C 405 49.97 16.58 -33.81
C VAL C 405 49.33 17.05 -35.10
N ILE C 406 48.64 18.19 -35.06
CA ILE C 406 48.01 18.76 -36.25
C ILE C 406 48.51 20.19 -36.44
N ARG C 407 48.00 20.85 -37.48
CA ARG C 407 48.35 22.25 -37.69
C ARG C 407 47.54 23.14 -36.75
N GLY C 408 48.03 24.38 -36.59
CA GLY C 408 47.35 25.32 -35.71
C GLY C 408 45.95 25.69 -36.20
N ASP C 409 45.81 25.90 -37.50
CA ASP C 409 44.50 26.23 -38.06
C ASP C 409 43.56 25.03 -38.10
N GLU C 410 44.07 23.81 -37.93
CA GLU C 410 43.21 22.63 -37.89
C GLU C 410 42.55 22.42 -36.53
N VAL C 411 43.01 23.11 -35.49
CA VAL C 411 42.37 22.98 -34.18
C VAL C 411 40.96 23.55 -34.22
N ARG C 412 40.78 24.72 -34.83
CA ARG C 412 39.45 25.32 -34.94
C ARG C 412 38.57 24.56 -35.92
N GLN C 413 39.16 23.75 -36.81
CA GLN C 413 38.37 22.89 -37.69
C GLN C 413 37.70 21.74 -36.96
N ILE C 414 38.09 21.48 -35.71
CA ILE C 414 37.47 20.43 -34.91
C ILE C 414 36.20 20.97 -34.27
N ALA C 415 35.08 20.85 -34.98
CA ALA C 415 33.80 21.34 -34.47
C ALA C 415 32.67 20.69 -35.26
N PRO C 416 31.57 20.32 -34.62
CA PRO C 416 30.43 19.75 -35.37
C PRO C 416 29.82 20.80 -36.29
N GLY C 417 29.87 20.53 -37.59
CA GLY C 417 29.43 21.45 -38.61
C GLY C 417 30.56 22.14 -39.34
N GLN C 418 31.70 22.32 -38.69
CA GLN C 418 32.87 22.90 -39.34
C GLN C 418 33.50 21.89 -40.30
N THR C 419 34.20 22.41 -41.30
CA THR C 419 34.85 21.57 -42.30
C THR C 419 36.27 21.23 -41.85
N GLY C 420 36.85 20.22 -42.51
CA GLY C 420 38.19 19.80 -42.17
C GLY C 420 38.56 18.52 -42.90
N LYS C 421 39.65 17.91 -42.44
CA LYS C 421 40.19 16.70 -43.06
C LYS C 421 40.58 15.62 -42.07
N ILE C 422 40.70 15.93 -40.77
CA ILE C 422 41.15 14.94 -39.79
C ILE C 422 40.09 13.86 -39.59
N ALA C 423 38.81 14.21 -39.74
CA ALA C 423 37.73 13.33 -39.29
C ALA C 423 37.67 12.01 -40.04
N ASP C 424 38.34 11.88 -41.18
CA ASP C 424 38.18 10.70 -42.02
C ASP C 424 39.37 9.77 -42.06
N TYR C 425 40.59 10.25 -41.83
CA TYR C 425 41.76 9.41 -42.06
C TYR C 425 42.70 9.32 -40.86
N ASN C 426 42.82 10.39 -40.08
CA ASN C 426 43.72 10.39 -38.93
C ASN C 426 42.99 10.14 -37.61
N TYR C 427 41.77 10.65 -37.47
CA TYR C 427 41.00 10.41 -36.26
C TYR C 427 39.52 10.50 -36.60
N LYS C 428 38.76 9.49 -36.17
CA LYS C 428 37.34 9.41 -36.47
C LYS C 428 36.55 10.11 -35.37
N LEU C 429 35.86 11.19 -35.74
CA LEU C 429 35.09 11.99 -34.79
C LEU C 429 33.61 11.95 -35.14
N PRO C 430 32.79 11.21 -34.42
CA PRO C 430 31.34 11.27 -34.65
C PRO C 430 30.77 12.61 -34.20
N ASP C 431 29.61 12.95 -34.76
CA ASP C 431 28.92 14.17 -34.35
C ASP C 431 28.37 14.09 -32.94
N ASP C 432 28.36 12.90 -32.33
CA ASP C 432 28.03 12.70 -30.93
C ASP C 432 29.27 12.23 -30.17
N PHE C 433 30.40 12.88 -30.44
CA PHE C 433 31.68 12.48 -29.87
C PHE C 433 31.66 12.65 -28.35
N THR C 434 31.60 11.54 -27.62
CA THR C 434 31.56 11.55 -26.16
C THR C 434 32.99 11.58 -25.65
N GLY C 435 33.54 12.77 -25.48
CA GLY C 435 34.89 12.90 -24.97
C GLY C 435 35.30 14.35 -24.90
N CYS C 436 36.54 14.56 -24.48
CA CYS C 436 37.12 15.90 -24.38
C CYS C 436 38.48 15.92 -25.07
N VAL C 437 38.87 17.12 -25.50
CA VAL C 437 40.05 17.34 -26.31
C VAL C 437 40.90 18.42 -25.65
N ILE C 438 42.19 18.13 -25.45
CA ILE C 438 43.14 19.09 -24.92
C ILE C 438 44.20 19.33 -26.00
N ALA C 439 44.24 20.55 -26.52
CA ALA C 439 45.15 20.89 -27.60
C ALA C 439 46.01 22.07 -27.20
N TRP C 440 47.31 21.99 -27.47
CA TRP C 440 48.18 23.10 -27.13
C TRP C 440 49.33 23.18 -28.12
N ASN C 441 49.76 24.41 -28.39
CA ASN C 441 50.88 24.63 -29.29
C ASN C 441 52.16 24.04 -28.71
N SER C 442 53.00 23.52 -29.60
CA SER C 442 54.25 22.87 -29.22
C SER C 442 55.43 23.55 -29.89
N ASN C 443 55.46 24.88 -29.86
CA ASN C 443 56.60 25.62 -30.39
C ASN C 443 57.88 25.29 -29.63
N ASN C 444 57.76 25.00 -28.34
CA ASN C 444 58.92 24.65 -27.53
C ASN C 444 59.41 23.23 -27.77
N LEU C 445 58.51 22.33 -28.17
CA LEU C 445 58.85 20.91 -28.29
C LEU C 445 58.93 20.41 -29.72
N ASP C 446 57.96 20.76 -30.57
CA ASP C 446 57.88 20.21 -31.92
C ASP C 446 57.97 21.30 -32.98
N SER C 447 58.90 22.23 -32.82
CA SER C 447 59.15 23.26 -33.82
C SER C 447 60.65 23.41 -34.00
N LYS C 448 61.13 23.23 -35.22
CA LYS C 448 62.55 23.36 -35.55
C LYS C 448 62.75 24.57 -36.45
N VAL C 449 63.87 25.26 -36.24
CA VAL C 449 64.18 26.45 -37.03
C VAL C 449 64.36 26.07 -38.50
N GLY C 450 64.99 24.94 -38.76
CA GLY C 450 65.27 24.53 -40.13
C GLY C 450 64.08 24.01 -40.91
N GLY C 451 62.95 23.75 -40.25
CA GLY C 451 61.77 23.26 -40.93
C GLY C 451 61.44 21.83 -40.60
N ASN C 452 60.28 21.60 -40.00
CA ASN C 452 59.86 20.26 -39.59
C ASN C 452 58.93 19.69 -40.66
N TYR C 453 59.43 18.70 -41.40
CA TYR C 453 58.66 18.04 -42.45
C TYR C 453 58.31 16.60 -42.08
N ASN C 454 58.27 16.28 -40.78
CA ASN C 454 58.14 14.90 -40.34
C ASN C 454 56.74 14.34 -40.46
N TYR C 455 55.72 15.20 -40.55
CA TYR C 455 54.33 14.77 -40.55
C TYR C 455 53.83 14.58 -41.98
N ARG C 456 53.47 13.34 -42.32
CA ARG C 456 52.98 13.00 -43.65
C ARG C 456 51.68 12.20 -43.53
N TYR C 457 50.82 12.37 -44.54
CA TYR C 457 49.55 11.67 -44.59
C TYR C 457 49.37 11.01 -45.95
N ARG C 458 48.40 10.11 -46.01
CA ARG C 458 48.20 9.20 -47.14
C ARG C 458 47.05 9.66 -48.03
N LEU C 459 47.16 9.35 -49.32
CA LEU C 459 46.14 9.66 -50.31
C LEU C 459 45.18 8.50 -50.57
N PHE C 460 45.70 7.36 -51.01
CA PHE C 460 44.89 6.27 -51.53
C PHE C 460 44.63 5.23 -50.44
N ARG C 461 43.36 4.85 -50.29
CA ARG C 461 42.97 3.76 -49.40
C ARG C 461 41.58 3.29 -49.80
N LYS C 462 41.41 1.97 -49.93
CA LYS C 462 40.13 1.43 -50.39
C LYS C 462 39.09 1.40 -49.29
N SER C 463 39.36 0.63 -48.23
CA SER C 463 38.36 0.40 -47.19
C SER C 463 38.19 1.63 -46.31
N ASN C 464 37.01 1.75 -45.73
CA ASN C 464 36.74 2.81 -44.78
C ASN C 464 37.33 2.47 -43.41
N LEU C 465 37.48 3.49 -42.57
CA LEU C 465 38.05 3.31 -41.24
C LEU C 465 37.03 2.59 -40.36
N LYS C 466 37.18 1.28 -40.25
CA LYS C 466 36.32 0.51 -39.36
C LYS C 466 36.66 0.84 -37.91
N PRO C 467 35.70 0.67 -36.99
CA PRO C 467 35.98 0.99 -35.58
C PRO C 467 37.13 0.16 -35.04
N PHE C 468 38.08 0.85 -34.39
CA PHE C 468 39.23 0.23 -33.73
C PHE C 468 40.07 -0.57 -34.72
N GLU C 469 40.52 0.10 -35.78
CA GLU C 469 41.36 -0.51 -36.81
C GLU C 469 42.71 0.19 -36.86
N ARG C 470 43.77 -0.60 -37.04
CA ARG C 470 45.11 -0.09 -37.32
C ARG C 470 45.66 -0.88 -38.49
N ASP C 471 45.64 -0.28 -39.68
CA ASP C 471 46.09 -0.92 -40.91
C ASP C 471 47.34 -0.22 -41.42
N ILE C 472 48.36 -1.00 -41.76
CA ILE C 472 49.64 -0.44 -42.19
C ILE C 472 49.92 -0.92 -43.62
N SER C 473 48.86 -1.08 -44.41
CA SER C 473 49.03 -1.49 -45.79
C SER C 473 49.69 -0.38 -46.61
N THR C 474 50.48 -0.80 -47.61
CA THR C 474 51.20 0.12 -48.48
C THR C 474 50.73 0.01 -49.93
N GLU C 475 49.46 -0.31 -50.14
CA GLU C 475 48.93 -0.47 -51.49
C GLU C 475 48.87 0.87 -52.21
N ILE C 476 49.27 0.87 -53.48
CA ILE C 476 49.13 2.03 -54.36
C ILE C 476 47.99 1.76 -55.32
N TYR C 477 47.06 2.70 -55.43
CA TYR C 477 45.85 2.52 -56.21
C TYR C 477 46.10 2.75 -57.70
N GLN C 478 45.43 1.98 -58.54
CA GLN C 478 45.43 2.18 -59.98
C GLN C 478 44.16 2.95 -60.33
N ALA C 479 44.25 4.27 -60.18
CA ALA C 479 43.09 5.15 -60.30
C ALA C 479 42.85 5.64 -61.72
N GLY C 480 43.48 5.02 -62.71
CA GLY C 480 43.31 5.40 -64.10
C GLY C 480 43.55 4.25 -65.04
N SER C 481 43.99 4.56 -66.26
CA SER C 481 44.25 3.55 -67.27
C SER C 481 45.73 3.20 -67.40
N LYS C 482 46.62 4.08 -66.96
CA LYS C 482 48.05 3.79 -66.99
C LYS C 482 48.47 3.16 -65.66
N PRO C 483 48.98 1.92 -65.66
CA PRO C 483 49.39 1.31 -64.40
C PRO C 483 50.54 2.05 -63.75
N CYS C 484 50.50 2.14 -62.42
CA CYS C 484 51.54 2.80 -61.64
C CYS C 484 52.64 1.79 -61.36
N ASN C 485 53.62 1.73 -62.26
CA ASN C 485 54.76 0.83 -62.10
C ASN C 485 55.91 1.51 -61.38
N GLY C 486 55.62 2.13 -60.24
CA GLY C 486 56.62 2.83 -59.48
C GLY C 486 57.05 4.17 -60.04
N VAL C 487 56.36 4.67 -61.06
CA VAL C 487 56.72 5.92 -61.71
C VAL C 487 55.62 6.95 -61.50
N GLU C 488 56.01 8.22 -61.57
CA GLU C 488 55.07 9.33 -61.48
C GLU C 488 54.53 9.68 -62.86
N GLY C 489 53.42 10.38 -62.88
CA GLY C 489 52.82 10.82 -64.11
C GLY C 489 51.32 10.87 -64.02
N PHE C 490 50.68 10.74 -65.17
CA PHE C 490 49.22 10.79 -65.25
C PHE C 490 48.60 9.62 -64.51
N ASN C 491 47.62 9.92 -63.65
CA ASN C 491 46.92 8.94 -62.82
C ASN C 491 47.85 8.20 -61.86
N CYS C 492 49.08 8.67 -61.67
CA CYS C 492 50.05 8.03 -60.78
C CYS C 492 50.82 9.16 -60.08
N TYR C 493 50.36 9.54 -58.91
CA TYR C 493 50.98 10.60 -58.12
C TYR C 493 51.64 10.02 -56.87
N PHE C 494 52.44 10.85 -56.22
CA PHE C 494 53.19 10.41 -55.06
C PHE C 494 52.22 10.09 -53.93
N PRO C 495 52.31 8.90 -53.33
CA PRO C 495 51.27 8.48 -52.36
C PRO C 495 51.16 9.38 -51.14
N LEU C 496 52.25 9.96 -50.66
CA LEU C 496 52.27 10.67 -49.40
C LEU C 496 52.35 12.18 -49.62
N GLN C 497 51.72 12.92 -48.71
CA GLN C 497 51.77 14.37 -48.71
C GLN C 497 52.28 14.88 -47.37
N SER C 498 52.96 16.02 -47.39
CA SER C 498 53.64 16.55 -46.22
C SER C 498 52.91 17.76 -45.67
N TYR C 499 52.84 17.84 -44.35
CA TYR C 499 52.27 19.01 -43.69
C TYR C 499 53.17 20.22 -43.91
N GLY C 500 52.56 21.36 -44.22
CA GLY C 500 53.30 22.56 -44.51
C GLY C 500 53.80 23.32 -43.29
N PHE C 501 54.79 22.75 -42.61
CA PHE C 501 55.44 23.41 -41.47
C PHE C 501 56.77 23.97 -41.93
N GLN C 502 56.82 25.29 -42.12
CA GLN C 502 58.01 25.99 -42.57
C GLN C 502 58.21 27.22 -41.70
N PRO C 503 59.44 27.75 -41.63
CA PRO C 503 59.67 28.95 -40.81
C PRO C 503 58.85 30.15 -41.23
N THR C 504 58.54 30.29 -42.53
CA THR C 504 57.78 31.42 -43.01
C THR C 504 56.30 31.34 -42.61
N ASN C 505 55.85 30.20 -42.09
CA ASN C 505 54.45 30.03 -41.74
C ASN C 505 54.04 31.01 -40.65
N GLY C 506 52.78 31.45 -40.72
CA GLY C 506 52.26 32.41 -39.76
C GLY C 506 51.93 31.76 -38.43
N VAL C 507 51.27 32.55 -37.58
CA VAL C 507 50.89 32.09 -36.25
C VAL C 507 49.92 30.92 -36.34
N GLY C 508 48.94 31.03 -37.24
CA GLY C 508 47.91 30.01 -37.36
C GLY C 508 48.39 28.68 -37.91
N TYR C 509 49.61 28.62 -38.44
CA TYR C 509 50.15 27.41 -39.03
C TYR C 509 51.23 26.77 -38.16
N GLN C 510 51.16 26.97 -36.85
CA GLN C 510 52.10 26.39 -35.92
C GLN C 510 51.62 25.01 -35.47
N PRO C 511 52.54 24.08 -35.18
CA PRO C 511 52.13 22.72 -34.81
C PRO C 511 51.49 22.70 -33.42
N TYR C 512 50.25 22.20 -33.37
CA TYR C 512 49.52 22.02 -32.12
C TYR C 512 49.44 20.54 -31.82
N ARG C 513 49.96 20.12 -30.67
CA ARG C 513 49.85 18.74 -30.24
C ARG C 513 48.56 18.57 -29.43
N VAL C 514 47.86 17.47 -29.70
CA VAL C 514 46.51 17.23 -29.19
C VAL C 514 46.47 15.89 -28.50
N VAL C 515 45.90 15.86 -27.30
CA VAL C 515 45.60 14.64 -26.57
C VAL C 515 44.10 14.63 -26.27
N VAL C 516 43.44 13.55 -26.64
CA VAL C 516 41.99 13.46 -26.58
C VAL C 516 41.61 12.30 -25.67
N LEU C 517 40.82 12.58 -24.65
CA LEU C 517 40.27 11.55 -23.77
C LEU C 517 38.84 11.28 -24.23
N SER C 518 38.64 10.18 -24.94
CA SER C 518 37.33 9.81 -25.45
C SER C 518 36.73 8.75 -24.52
N PHE C 519 35.54 9.03 -23.99
CA PHE C 519 34.95 8.19 -22.96
C PHE C 519 34.03 7.16 -23.60
N GLU C 520 34.16 5.91 -23.17
CA GLU C 520 33.28 4.83 -23.61
C GLU C 520 32.81 4.04 -22.40
N LEU C 521 31.65 3.40 -22.58
CA LEU C 521 30.94 2.71 -21.52
C LEU C 521 30.94 1.21 -21.79
N LEU C 522 31.23 0.42 -20.76
CA LEU C 522 31.25 -1.03 -20.89
C LEU C 522 30.20 -1.67 -19.97
N PRO C 525 31.85 -1.62 -14.60
CA PRO C 525 33.28 -1.40 -14.81
C PRO C 525 33.62 0.07 -15.03
N ALA C 526 33.16 0.93 -14.13
CA ALA C 526 33.38 2.38 -14.22
C ALA C 526 34.34 2.78 -13.11
N THR C 527 35.62 2.86 -13.43
CA THR C 527 36.66 3.19 -12.45
C THR C 527 37.07 4.65 -12.48
N VAL C 528 36.33 5.49 -13.20
CA VAL C 528 36.65 6.91 -13.33
C VAL C 528 35.50 7.72 -12.75
N CYS C 529 35.80 8.58 -11.78
CA CYS C 529 34.80 9.46 -11.19
C CYS C 529 35.35 10.87 -11.08
N GLY C 530 34.61 11.77 -10.45
CA GLY C 530 35.02 13.14 -10.32
C GLY C 530 35.67 13.44 -8.99
N PRO C 531 36.79 14.18 -9.02
CA PRO C 531 37.46 14.54 -7.76
C PRO C 531 36.59 15.39 -6.84
N LYS C 532 35.73 16.24 -7.39
CA LYS C 532 34.86 17.08 -6.57
C LYS C 532 33.40 16.83 -6.90
N SER C 534 38.22 16.18 -4.04
CA SER C 534 37.77 15.99 -2.66
C SER C 534 37.80 17.32 -1.90
N THR C 535 37.38 17.29 -0.64
CA THR C 535 37.30 18.48 0.19
C THR C 535 37.85 18.18 1.58
N ASN C 536 37.77 19.18 2.45
CA ASN C 536 38.29 19.08 3.80
C ASN C 536 37.44 18.12 4.64
N LEU C 537 38.01 17.69 5.76
CA LEU C 537 37.36 16.77 6.69
C LEU C 537 36.95 17.53 7.95
N VAL C 538 35.70 17.39 8.34
CA VAL C 538 35.16 18.03 9.53
C VAL C 538 35.15 17.03 10.68
N LYS C 539 35.47 17.51 11.88
CA LYS C 539 35.63 16.66 13.05
C LYS C 539 34.54 16.97 14.07
N ASN C 540 33.87 15.92 14.55
CA ASN C 540 32.91 16.00 15.64
C ASN C 540 31.79 17.01 15.37
N LYS C 541 31.39 17.13 14.11
CA LYS C 541 30.29 18.02 13.73
C LYS C 541 29.44 17.34 12.67
N CYS C 542 28.16 17.70 12.65
CA CYS C 542 27.21 17.04 11.76
C CYS C 542 27.53 17.45 10.32
N VAL C 543 27.71 16.47 9.45
CA VAL C 543 28.05 16.72 8.05
C VAL C 543 27.34 15.70 7.17
N ASN C 544 27.39 15.94 5.86
CA ASN C 544 26.82 15.06 4.85
C ASN C 544 27.98 14.42 4.09
N PHE C 545 28.18 13.11 4.29
CA PHE C 545 29.21 12.39 3.57
C PHE C 545 28.71 12.00 2.19
N ASN C 546 29.46 12.36 1.16
CA ASN C 546 29.14 11.99 -0.23
C ASN C 546 30.45 11.57 -0.88
N PHE C 547 30.75 10.28 -0.79
CA PHE C 547 31.95 9.72 -1.41
C PHE C 547 31.72 9.59 -2.91
N ASN C 548 32.67 8.96 -3.61
CA ASN C 548 32.52 8.77 -5.05
C ASN C 548 31.31 7.89 -5.37
N GLY C 549 31.02 6.91 -4.52
CA GLY C 549 29.86 6.06 -4.70
C GLY C 549 29.16 5.73 -3.41
N LEU C 550 29.37 6.54 -2.37
CA LEU C 550 28.79 6.30 -1.07
C LEU C 550 28.13 7.58 -0.55
N THR C 551 27.10 7.41 0.28
CA THR C 551 26.36 8.52 0.86
C THR C 551 26.14 8.25 2.35
N GLY C 552 25.86 9.33 3.08
CA GLY C 552 25.56 9.21 4.49
C GLY C 552 25.54 10.57 5.14
N THR C 553 25.27 10.56 6.44
CA THR C 553 25.16 11.80 7.21
C THR C 553 25.43 11.52 8.67
N GLY C 554 26.24 12.36 9.30
CA GLY C 554 26.45 12.22 10.73
C GLY C 554 27.72 12.93 11.19
N VAL C 555 28.21 12.46 12.33
CA VAL C 555 29.41 12.98 12.98
C VAL C 555 30.56 12.00 12.77
N LEU C 556 31.69 12.52 12.29
CA LEU C 556 32.93 11.79 12.16
C LEU C 556 33.79 12.04 13.39
N THR C 557 34.27 10.96 14.02
CA THR C 557 35.00 11.08 15.27
C THR C 557 36.18 10.12 15.28
N GLU C 558 37.06 10.32 16.25
CA GLU C 558 38.25 9.49 16.39
C GLU C 558 37.87 8.05 16.72
N SER C 559 38.72 7.11 16.29
CA SER C 559 38.47 5.69 16.47
C SER C 559 39.70 5.01 17.05
N ASN C 560 39.46 3.95 17.81
CA ASN C 560 40.52 3.09 18.32
C ASN C 560 40.54 1.72 17.66
N LYS C 561 39.69 1.50 16.65
CA LYS C 561 39.63 0.23 15.95
C LYS C 561 40.82 0.04 15.02
N LYS C 562 41.32 -1.19 14.94
CA LYS C 562 42.40 -1.55 14.04
C LYS C 562 41.86 -2.52 13.00
N PHE C 563 42.04 -2.18 11.73
CA PHE C 563 41.53 -2.97 10.62
C PHE C 563 42.67 -3.49 9.76
N LEU C 564 42.35 -4.52 8.98
CA LEU C 564 43.33 -5.12 8.08
C LEU C 564 43.66 -4.15 6.94
N PRO C 565 44.85 -4.29 6.35
CA PRO C 565 45.26 -3.34 5.30
C PRO C 565 44.30 -3.28 4.12
N PHE C 566 43.70 -4.39 3.73
CA PHE C 566 42.78 -4.40 2.60
C PHE C 566 41.34 -4.11 3.01
N GLN C 567 41.08 -3.88 4.29
CA GLN C 567 39.74 -3.48 4.73
C GLN C 567 39.51 -2.02 4.39
N GLN C 568 38.39 -1.75 3.72
CA GLN C 568 38.03 -0.37 3.41
C GLN C 568 37.30 0.30 4.57
N PHE C 569 36.50 -0.45 5.31
CA PHE C 569 35.68 0.11 6.39
C PHE C 569 35.09 -1.05 7.18
N GLY C 570 34.40 -0.72 8.28
CA GLY C 570 33.80 -1.70 9.14
C GLY C 570 32.34 -1.39 9.43
N ARG C 571 31.71 -2.30 10.17
CA ARG C 571 30.29 -2.17 10.49
C ARG C 571 30.01 -2.99 11.74
N ASP C 572 28.95 -2.61 12.45
CA ASP C 572 28.66 -3.12 13.78
C ASP C 572 27.82 -4.40 13.73
N ILE C 573 27.32 -4.81 14.90
CA ILE C 573 26.53 -6.03 14.98
C ILE C 573 25.20 -5.88 14.27
N ALA C 574 24.51 -4.76 14.49
CA ALA C 574 23.18 -4.54 13.94
C ALA C 574 23.21 -4.04 12.50
N ASP C 575 24.33 -4.24 11.80
CA ASP C 575 24.46 -3.90 10.38
C ASP C 575 24.28 -2.41 10.14
N THR C 576 24.96 -1.59 10.94
CA THR C 576 25.04 -0.15 10.72
C THR C 576 26.49 0.27 10.65
N THR C 577 26.83 1.09 9.66
CA THR C 577 28.20 1.55 9.49
C THR C 577 28.68 2.31 10.71
N ASP C 578 29.89 2.00 11.18
CA ASP C 578 30.46 2.70 12.32
C ASP C 578 31.94 3.02 12.17
N ALA C 579 32.54 2.79 11.00
CA ALA C 579 33.97 3.07 10.82
C ALA C 579 34.28 3.11 9.33
N VAL C 580 35.16 4.03 8.94
CA VAL C 580 35.64 4.16 7.56
C VAL C 580 37.06 4.67 7.60
N ARG C 581 37.84 4.35 6.57
CA ARG C 581 39.14 4.98 6.40
C ARG C 581 39.06 6.09 5.36
N ASP C 582 39.85 7.13 5.57
CA ASP C 582 39.96 8.18 4.57
C ASP C 582 40.65 7.62 3.33
N PRO C 583 40.09 7.82 2.14
CA PRO C 583 40.77 7.35 0.92
C PRO C 583 42.10 8.02 0.67
N GLN C 584 42.34 9.18 1.29
CA GLN C 584 43.59 9.91 1.11
C GLN C 584 44.63 9.51 2.14
N THR C 585 44.30 9.61 3.42
CA THR C 585 45.21 9.24 4.51
C THR C 585 44.70 7.98 5.20
N LEU C 586 45.63 7.09 5.53
CA LEU C 586 45.29 5.79 6.13
C LEU C 586 45.01 5.98 7.63
N GLU C 587 43.85 6.55 7.91
CA GLU C 587 43.39 6.77 9.27
C GLU C 587 41.95 6.28 9.36
N ILE C 588 41.63 5.63 10.47
CA ILE C 588 40.32 5.02 10.67
C ILE C 588 39.49 5.91 11.58
N LEU C 589 38.28 6.24 11.12
CA LEU C 589 37.43 7.21 11.80
C LEU C 589 36.03 6.64 11.92
N ASP C 590 35.40 6.84 13.07
CA ASP C 590 34.04 6.37 13.28
C ASP C 590 33.02 7.34 12.68
N ILE C 591 32.00 6.78 12.02
CA ILE C 591 30.82 7.53 11.61
C ILE C 591 29.70 7.14 12.56
N THR C 592 29.21 8.10 13.33
CA THR C 592 27.97 7.91 14.03
C THR C 592 26.93 8.86 13.43
N PRO C 593 25.65 8.56 13.53
CA PRO C 593 24.66 9.61 13.29
C PRO C 593 24.64 10.55 14.48
N CYS C 594 24.36 11.82 14.20
CA CYS C 594 24.26 12.80 15.27
C CYS C 594 22.82 12.90 15.80
N SER C 595 22.11 11.78 15.74
CA SER C 595 20.98 11.45 16.61
C SER C 595 19.86 12.51 16.52
N PHE C 596 19.31 12.63 15.32
CA PHE C 596 18.07 13.38 15.15
C PHE C 596 16.99 12.73 16.01
N GLY C 597 16.48 13.47 16.99
CA GLY C 597 15.60 12.90 17.99
C GLY C 597 14.48 13.86 18.34
N GLY C 598 13.48 13.31 19.02
CA GLY C 598 12.29 14.10 19.31
C GLY C 598 12.57 15.25 20.24
N VAL C 599 11.55 16.09 20.41
CA VAL C 599 11.58 17.20 21.34
C VAL C 599 10.32 17.16 22.19
N SER C 600 10.49 17.24 23.50
CA SER C 600 9.39 17.16 24.45
C SER C 600 9.28 18.48 25.21
N VAL C 601 8.13 19.12 25.11
CA VAL C 601 7.89 20.37 25.80
C VAL C 601 7.19 20.09 27.12
N ILE C 602 7.35 21.01 28.07
CA ILE C 602 6.84 20.87 29.42
C ILE C 602 6.19 22.18 29.80
N THR C 603 4.91 22.14 30.13
CA THR C 603 4.22 23.32 30.58
C THR C 603 3.25 22.95 31.69
N PRO C 604 3.21 23.73 32.77
CA PRO C 604 2.15 23.53 33.77
C PRO C 604 0.80 23.94 33.23
N GLY C 605 -0.24 23.87 34.07
CA GLY C 605 -1.56 24.28 33.65
C GLY C 605 -1.59 25.72 33.16
N THR C 606 -2.25 25.97 32.03
CA THR C 606 -2.33 27.34 31.52
C THR C 606 -2.99 28.28 32.51
N ASN C 607 -3.79 27.75 33.44
CA ASN C 607 -4.33 28.55 34.53
C ASN C 607 -3.26 28.91 35.56
N THR C 608 -2.07 28.32 35.47
CA THR C 608 -0.99 28.57 36.42
C THR C 608 0.12 29.45 35.86
N SER C 609 0.57 29.19 34.63
CA SER C 609 1.68 29.94 34.05
C SER C 609 1.68 29.75 32.54
N ASN C 610 2.69 30.34 31.90
CA ASN C 610 2.91 30.15 30.48
C ASN C 610 4.37 29.90 30.13
N GLN C 611 5.27 29.90 31.10
CA GLN C 611 6.67 29.57 30.84
C GLN C 611 6.80 28.08 30.59
N VAL C 612 7.58 27.72 29.57
CA VAL C 612 7.68 26.35 29.09
C VAL C 612 9.14 25.91 29.11
N ALA C 613 9.38 24.71 29.62
CA ALA C 613 10.69 24.07 29.53
C ALA C 613 10.70 23.12 28.34
N VAL C 614 11.88 22.80 27.85
CA VAL C 614 12.02 21.97 26.65
C VAL C 614 13.17 20.98 26.84
N LEU C 615 12.92 19.73 26.47
CA LEU C 615 13.97 18.71 26.39
C LEU C 615 14.16 18.30 24.94
N TYR C 616 15.40 18.24 24.50
CA TYR C 616 15.73 17.82 23.14
C TYR C 616 16.25 16.38 23.23
N GLN C 617 15.32 15.42 23.12
CA GLN C 617 15.66 14.03 23.37
C GLN C 617 16.67 13.51 22.37
N GLY C 618 17.76 12.92 22.88
CA GLY C 618 18.74 12.24 22.06
C GLY C 618 19.83 13.10 21.47
N VAL C 619 19.98 14.36 21.90
CA VAL C 619 21.04 15.21 21.40
C VAL C 619 21.77 15.86 22.57
N ASN C 620 23.01 16.28 22.31
CA ASN C 620 23.76 17.09 23.26
C ASN C 620 23.36 18.55 23.12
N CYS C 621 23.90 19.38 24.01
CA CYS C 621 23.64 20.81 23.97
C CYS C 621 24.51 21.44 22.90
N THR C 622 23.95 21.63 21.70
CA THR C 622 24.70 22.16 20.56
C THR C 622 24.17 23.50 20.08
N GLU C 623 22.86 23.59 19.77
CA GLU C 623 22.29 24.83 19.27
C GLU C 623 21.77 25.73 20.39
N VAL C 624 20.83 25.23 21.19
CA VAL C 624 20.16 25.94 22.28
C VAL C 624 19.96 27.43 21.99
N ASN C 645 19.21 27.44 32.55
CA ASN C 645 19.46 27.96 31.21
C ASN C 645 19.60 26.84 30.20
N VAL C 646 20.74 26.15 30.22
CA VAL C 646 21.02 25.05 29.29
C VAL C 646 21.72 23.95 30.08
N PHE C 647 21.09 22.78 30.17
CA PHE C 647 21.57 21.68 30.97
C PHE C 647 21.71 20.44 30.10
N GLN C 648 22.68 19.60 30.43
CA GLN C 648 22.88 18.32 29.74
C GLN C 648 22.41 17.20 30.65
N THR C 649 21.33 16.53 30.25
CA THR C 649 20.80 15.39 30.97
C THR C 649 21.34 14.11 30.35
N ARG C 650 20.85 12.96 30.86
CA ARG C 650 21.20 11.68 30.26
C ARG C 650 20.44 11.42 28.97
N ALA C 651 19.32 12.10 28.73
CA ALA C 651 18.52 11.91 27.53
C ALA C 651 18.65 13.03 26.52
N GLY C 652 19.00 14.23 26.94
CA GLY C 652 19.13 15.34 26.01
C GLY C 652 19.32 16.65 26.74
N CYS C 653 19.29 17.73 25.96
CA CYS C 653 19.52 19.08 26.47
C CYS C 653 18.21 19.67 26.96
N LEU C 654 18.24 20.20 28.19
CA LEU C 654 17.07 20.79 28.83
C LEU C 654 17.27 22.30 28.92
N ILE C 655 16.34 23.05 28.32
CA ILE C 655 16.41 24.51 28.30
C ILE C 655 15.14 25.06 28.91
N GLY C 656 15.29 26.01 29.83
CA GLY C 656 14.17 26.57 30.54
C GLY C 656 13.90 25.98 31.91
N ALA C 657 14.89 25.35 32.53
CA ALA C 657 14.73 24.77 33.86
C ALA C 657 15.92 25.15 34.72
N GLU C 658 15.72 25.02 36.03
CA GLU C 658 16.74 25.37 37.04
C GLU C 658 17.03 24.12 37.86
N HIS C 659 18.17 23.50 37.60
CA HIS C 659 18.52 22.25 38.27
C HIS C 659 18.81 22.51 39.73
N VAL C 660 18.22 21.69 40.61
CA VAL C 660 18.36 21.85 42.04
C VAL C 660 19.04 20.61 42.60
N ASN C 661 19.99 20.82 43.52
CA ASN C 661 20.69 19.70 44.14
C ASN C 661 19.79 18.96 45.12
N ASN C 662 18.96 19.70 45.87
CA ASN C 662 18.05 19.07 46.81
C ASN C 662 16.87 18.46 46.05
N SER C 663 16.59 17.19 46.33
CA SER C 663 15.62 16.43 45.57
C SER C 663 14.41 16.10 46.44
N TYR C 664 13.22 16.33 45.89
CA TYR C 664 11.97 15.98 46.54
C TYR C 664 11.09 15.18 45.58
N GLU C 665 9.85 14.92 45.95
CA GLU C 665 8.97 14.13 45.10
C GLU C 665 8.68 14.87 43.78
N CYS C 666 8.51 14.09 42.72
CA CYS C 666 8.40 14.63 41.38
C CYS C 666 6.95 14.67 40.91
N ASP C 667 6.69 15.55 39.94
CA ASP C 667 5.37 15.71 39.35
C ASP C 667 5.35 15.43 37.86
N ILE C 668 6.30 16.00 37.11
CA ILE C 668 6.34 15.83 35.66
C ILE C 668 7.59 15.05 35.28
N PRO C 669 7.48 13.74 35.04
CA PRO C 669 8.66 12.99 34.57
C PRO C 669 9.17 13.51 33.24
N ILE C 670 10.49 13.51 33.08
CA ILE C 670 11.12 13.96 31.84
C ILE C 670 11.98 12.85 31.27
N GLY C 671 12.91 12.32 32.08
CA GLY C 671 13.75 11.24 31.62
C GLY C 671 14.95 10.96 32.50
N ALA C 672 15.26 9.68 32.70
CA ALA C 672 16.42 9.24 33.46
C ALA C 672 16.43 9.81 34.88
N GLY C 673 15.25 9.86 35.50
CA GLY C 673 15.12 10.37 36.85
C GLY C 673 15.13 11.89 36.91
N ILE C 674 15.65 12.52 35.85
CA ILE C 674 15.64 13.97 35.74
C ILE C 674 14.25 14.41 35.32
N CYS C 675 13.58 15.16 36.18
CA CYS C 675 12.19 15.55 35.94
C CYS C 675 11.92 16.89 36.62
N ALA C 676 10.85 17.54 36.18
CA ALA C 676 10.59 18.93 36.51
C ALA C 676 9.39 19.08 37.45
N SER C 677 9.25 20.29 37.97
CA SER C 677 8.12 20.74 38.78
C SER C 677 8.17 22.26 38.86
N TYR C 678 6.99 22.88 38.90
CA TYR C 678 6.87 24.34 38.90
C TYR C 678 6.87 24.84 40.33
N GLN C 679 7.92 25.56 40.73
CA GLN C 679 8.05 26.05 42.08
C GLN C 679 8.69 27.44 42.07
N THR C 680 8.70 28.07 43.23
CA THR C 680 9.32 29.38 43.39
C THR C 680 10.84 29.28 43.42
N SER C 693 10.73 35.27 40.63
CA SER C 693 9.50 34.80 40.03
C SER C 693 9.43 33.27 40.01
N GLN C 694 8.28 32.74 39.64
CA GLN C 694 8.10 31.29 39.57
C GLN C 694 8.92 30.71 38.43
N SER C 695 9.35 29.46 38.57
CA SER C 695 10.17 28.84 37.55
C SER C 695 10.03 27.32 37.63
N ILE C 696 10.45 26.67 36.54
CA ILE C 696 10.42 25.22 36.44
C ILE C 696 11.77 24.68 36.88
N ILE C 697 11.78 23.84 37.90
CA ILE C 697 13.00 23.24 38.43
C ILE C 697 12.97 21.74 38.13
N ALA C 698 14.04 21.25 37.53
CA ALA C 698 14.18 19.83 37.20
C ALA C 698 15.42 19.27 37.89
N TYR C 699 15.33 18.02 38.32
CA TYR C 699 16.37 17.42 39.14
C TYR C 699 16.24 15.91 39.06
N THR C 700 17.22 15.23 39.67
CA THR C 700 17.14 13.78 39.84
C THR C 700 16.15 13.50 40.97
N MET C 701 14.96 13.03 40.61
CA MET C 701 13.88 12.95 41.57
C MET C 701 14.13 11.91 42.65
N SER C 702 13.73 12.22 43.87
CA SER C 702 13.75 11.25 44.95
C SER C 702 12.51 10.37 44.85
N LEU C 703 12.71 9.07 45.02
CA LEU C 703 11.64 8.09 44.94
C LEU C 703 10.70 8.15 46.13
N GLY C 704 10.82 9.15 46.98
CA GLY C 704 10.04 9.28 48.19
C GLY C 704 10.92 9.64 49.36
N ALA C 705 10.29 9.73 50.53
CA ALA C 705 11.00 10.08 51.74
C ALA C 705 11.76 8.86 52.27
N GLU C 706 13.03 9.06 52.63
CA GLU C 706 13.83 7.99 53.20
C GLU C 706 13.29 7.65 54.58
N ASN C 707 12.76 6.44 54.73
CA ASN C 707 12.08 6.02 55.95
C ASN C 707 12.61 4.64 56.37
N SER C 708 13.93 4.52 56.46
CA SER C 708 14.53 3.27 56.91
C SER C 708 14.12 2.97 58.35
N VAL C 709 13.28 1.95 58.53
CA VAL C 709 12.84 1.59 59.86
C VAL C 709 13.89 0.70 60.52
N ALA C 710 13.77 0.55 61.84
CA ALA C 710 14.74 -0.23 62.59
C ALA C 710 14.61 -1.72 62.29
N TYR C 711 15.73 -2.41 62.33
CA TYR C 711 15.79 -3.87 62.19
C TYR C 711 16.19 -4.42 63.55
N SER C 712 15.25 -5.05 64.24
CA SER C 712 15.52 -5.46 65.60
C SER C 712 14.55 -6.57 66.00
N ASN C 713 14.94 -7.31 67.04
CA ASN C 713 14.13 -8.37 67.61
C ASN C 713 13.34 -7.92 68.83
N ASN C 714 13.47 -6.65 69.24
CA ASN C 714 12.90 -6.19 70.50
C ASN C 714 12.09 -4.91 70.38
N SER C 715 11.84 -4.43 69.16
CA SER C 715 11.03 -3.24 68.95
C SER C 715 9.81 -3.59 68.12
N ILE C 716 8.76 -2.76 68.25
CA ILE C 716 7.50 -2.99 67.55
C ILE C 716 6.88 -1.63 67.28
N ALA C 717 5.94 -1.60 66.34
CA ALA C 717 5.15 -0.41 66.05
C ALA C 717 3.68 -0.74 66.26
N ILE C 718 3.01 0.07 67.07
CA ILE C 718 1.58 -0.08 67.34
C ILE C 718 0.83 0.96 66.51
N PRO C 719 -0.14 0.57 65.69
CA PRO C 719 -0.90 1.56 64.90
C PRO C 719 -1.81 2.38 65.80
N THR C 720 -1.52 3.68 65.90
CA THR C 720 -2.38 4.57 66.67
C THR C 720 -3.69 4.84 65.96
N ASN C 721 -3.68 4.85 64.64
CA ASN C 721 -4.89 5.00 63.84
C ASN C 721 -4.63 4.41 62.46
N PHE C 722 -5.64 4.50 61.61
CA PHE C 722 -5.57 4.02 60.24
C PHE C 722 -6.65 4.73 59.44
N THR C 723 -6.94 4.23 58.24
CA THR C 723 -8.08 4.72 57.48
C THR C 723 -8.82 3.52 56.88
N ILE C 724 -10.15 3.61 56.86
CA ILE C 724 -10.93 2.74 56.00
C ILE C 724 -11.18 3.55 54.74
N SER C 725 -10.23 3.55 53.83
CA SER C 725 -10.27 4.48 52.72
C SER C 725 -11.19 3.96 51.62
N VAL C 726 -11.61 4.88 50.78
CA VAL C 726 -12.33 4.56 49.55
C VAL C 726 -11.63 5.27 48.40
N THR C 727 -11.27 4.51 47.38
CA THR C 727 -10.65 5.07 46.20
C THR C 727 -11.62 4.91 45.04
N THR C 728 -11.18 5.29 43.86
CA THR C 728 -11.94 5.11 42.63
C THR C 728 -11.07 4.28 41.70
N GLU C 729 -11.52 3.06 41.40
CA GLU C 729 -10.82 2.22 40.44
C GLU C 729 -11.62 2.26 39.15
N ILE C 730 -11.02 2.84 38.13
CA ILE C 730 -11.69 3.21 36.89
C ILE C 730 -11.42 2.09 35.90
N LEU C 731 -12.48 1.51 35.30
CA LEU C 731 -12.20 0.37 34.42
C LEU C 731 -13.10 0.34 33.19
N PRO C 732 -12.54 0.41 31.99
CA PRO C 732 -13.36 0.11 30.81
C PRO C 732 -13.80 -1.35 30.84
N VAL C 733 -15.06 -1.59 30.52
CA VAL C 733 -15.59 -2.94 30.48
C VAL C 733 -16.18 -3.21 29.11
N SER C 734 -17.16 -2.40 28.72
CA SER C 734 -17.75 -2.49 27.41
C SER C 734 -17.11 -1.47 26.49
N MET C 735 -17.11 -1.79 25.21
CA MET C 735 -16.58 -0.92 24.17
C MET C 735 -17.74 -0.38 23.35
N THR C 736 -17.43 0.64 22.55
CA THR C 736 -18.42 1.17 21.62
C THR C 736 -18.65 0.12 20.53
N LYS C 737 -19.71 -0.67 20.67
CA LYS C 737 -19.99 -1.71 19.69
C LYS C 737 -20.26 -1.09 18.34
N THR C 738 -19.44 -1.44 17.36
CA THR C 738 -19.56 -0.85 16.03
C THR C 738 -19.60 -1.95 14.99
N SER C 739 -20.15 -1.60 13.84
CA SER C 739 -20.19 -2.48 12.68
C SER C 739 -19.99 -1.67 11.43
N VAL C 740 -19.43 -2.31 10.41
CA VAL C 740 -19.13 -1.67 9.14
C VAL C 740 -19.84 -2.43 8.04
N ASP C 741 -20.82 -1.80 7.43
CA ASP C 741 -21.50 -2.35 6.25
C ASP C 741 -20.65 -2.03 5.04
N CYS C 742 -19.86 -3.01 4.58
CA CYS C 742 -18.90 -2.74 3.53
C CYS C 742 -19.58 -2.34 2.22
N THR C 743 -20.88 -2.58 2.08
CA THR C 743 -21.60 -2.16 0.88
C THR C 743 -21.67 -0.63 0.79
N MET C 744 -22.10 0.02 1.86
CA MET C 744 -22.26 1.47 1.84
C MET C 744 -21.08 2.22 2.45
N TYR C 745 -20.34 1.58 3.35
CA TYR C 745 -19.21 2.24 3.99
C TYR C 745 -18.19 2.71 2.97
N ILE C 746 -17.53 1.77 2.30
CA ILE C 746 -16.52 2.13 1.32
C ILE C 746 -17.18 2.68 0.06
N CYS C 747 -18.28 2.07 -0.37
CA CYS C 747 -18.92 2.38 -1.64
C CYS C 747 -20.14 3.28 -1.40
N GLY C 748 -20.05 4.52 -1.88
CA GLY C 748 -21.15 5.46 -1.75
C GLY C 748 -22.20 5.28 -2.82
N ASP C 749 -23.03 4.25 -2.68
CA ASP C 749 -24.10 3.94 -3.64
C ASP C 749 -23.53 3.58 -5.00
N SER C 750 -22.71 2.54 -5.01
CA SER C 750 -22.17 1.98 -6.25
C SER C 750 -22.13 0.46 -6.09
N THR C 751 -23.04 -0.23 -6.76
CA THR C 751 -23.12 -1.68 -6.63
C THR C 751 -21.90 -2.36 -7.24
N GLU C 752 -21.36 -1.80 -8.33
CA GLU C 752 -20.16 -2.38 -8.91
C GLU C 752 -18.96 -2.19 -7.98
N CYS C 753 -18.92 -1.09 -7.24
CA CYS C 753 -17.88 -0.92 -6.23
C CYS C 753 -17.97 -2.02 -5.17
N SER C 754 -19.17 -2.34 -4.72
CA SER C 754 -19.34 -3.42 -3.75
C SER C 754 -18.94 -4.76 -4.35
N ASN C 755 -19.30 -5.00 -5.61
CA ASN C 755 -18.91 -6.25 -6.26
C ASN C 755 -17.40 -6.37 -6.38
N LEU C 756 -16.73 -5.27 -6.72
CA LEU C 756 -15.27 -5.28 -6.81
C LEU C 756 -14.62 -5.44 -5.44
N LEU C 757 -15.27 -4.94 -4.40
CA LEU C 757 -14.82 -5.23 -3.03
C LEU C 757 -14.96 -6.71 -2.71
N LEU C 758 -16.07 -7.33 -3.11
CA LEU C 758 -16.19 -8.78 -2.98
C LEU C 758 -15.16 -9.52 -3.82
N GLN C 759 -14.63 -8.88 -4.87
CA GLN C 759 -13.51 -9.48 -5.58
C GLN C 759 -12.23 -9.48 -4.75
N TYR C 760 -12.18 -8.72 -3.66
CA TYR C 760 -11.16 -8.96 -2.64
C TYR C 760 -11.47 -10.19 -1.81
N GLY C 761 -12.65 -10.77 -1.97
CA GLY C 761 -12.99 -11.96 -1.23
C GLY C 761 -13.74 -11.65 0.05
N SER C 762 -13.29 -12.25 1.15
CA SER C 762 -14.02 -12.20 2.40
C SER C 762 -13.50 -11.12 3.35
N PHE C 763 -12.65 -10.21 2.89
CA PHE C 763 -12.13 -9.18 3.79
C PHE C 763 -13.24 -8.38 4.47
N CYS C 764 -14.10 -7.68 3.73
CA CYS C 764 -15.11 -6.94 4.47
C CYS C 764 -16.06 -7.89 5.20
N THR C 765 -16.27 -9.09 4.65
CA THR C 765 -17.09 -10.08 5.34
C THR C 765 -16.41 -10.56 6.63
N GLN C 766 -15.11 -10.86 6.55
CA GLN C 766 -14.44 -11.35 7.74
C GLN C 766 -14.29 -10.27 8.80
N LEU C 767 -14.06 -9.02 8.38
CA LEU C 767 -14.03 -7.93 9.35
C LEU C 767 -15.40 -7.67 9.94
N ASN C 768 -16.46 -7.83 9.14
CA ASN C 768 -17.81 -7.69 9.69
C ASN C 768 -18.09 -8.75 10.74
N ARG C 769 -17.72 -10.00 10.46
CA ARG C 769 -17.97 -11.04 11.47
C ARG C 769 -17.06 -10.85 12.67
N ALA C 770 -15.85 -10.33 12.47
CA ALA C 770 -14.97 -10.05 13.61
C ALA C 770 -15.55 -8.95 14.49
N LEU C 771 -16.08 -7.89 13.86
CA LEU C 771 -16.69 -6.81 14.64
C LEU C 771 -17.95 -7.28 15.35
N THR C 772 -18.76 -8.12 14.70
CA THR C 772 -19.94 -8.65 15.39
C THR C 772 -19.53 -9.59 16.51
N GLY C 773 -18.44 -10.33 16.32
CA GLY C 773 -17.88 -11.10 17.41
C GLY C 773 -17.47 -10.22 18.56
N ILE C 774 -16.81 -9.10 18.27
CA ILE C 774 -16.48 -8.13 19.31
C ILE C 774 -17.74 -7.65 20.01
N ALA C 775 -18.77 -7.35 19.24
CA ALA C 775 -20.02 -6.84 19.81
C ALA C 775 -20.61 -7.84 20.79
N VAL C 776 -20.69 -9.10 20.38
CA VAL C 776 -21.19 -10.11 21.31
C VAL C 776 -20.19 -10.32 22.45
N GLU C 777 -18.90 -10.03 22.21
CA GLU C 777 -17.95 -10.07 23.31
C GLU C 777 -18.37 -9.11 24.41
N GLN C 778 -18.57 -7.83 24.09
CA GLN C 778 -18.98 -6.90 25.13
C GLN C 778 -20.38 -7.23 25.64
N ASP C 779 -21.23 -7.81 24.80
CA ASP C 779 -22.56 -8.18 25.28
C ASP C 779 -22.48 -9.25 26.36
N LYS C 780 -21.60 -10.24 26.21
CA LYS C 780 -21.47 -11.21 27.27
C LYS C 780 -20.52 -10.76 28.38
N ASN C 781 -19.66 -9.77 28.12
CA ASN C 781 -18.96 -9.13 29.23
C ASN C 781 -19.98 -8.47 30.16
N THR C 782 -20.94 -7.75 29.58
CA THR C 782 -22.06 -7.27 30.37
C THR C 782 -22.81 -8.43 31.01
N GLN C 783 -22.89 -9.57 30.30
CA GLN C 783 -23.40 -10.78 30.94
C GLN C 783 -22.44 -11.33 31.98
N GLU C 784 -21.13 -11.13 31.82
CA GLU C 784 -20.15 -11.62 32.78
C GLU C 784 -19.66 -10.57 33.77
N VAL C 785 -19.74 -9.28 33.43
CA VAL C 785 -19.32 -8.24 34.37
C VAL C 785 -20.54 -7.77 35.14
N PHE C 786 -21.52 -7.22 34.43
CA PHE C 786 -22.72 -6.73 35.09
C PHE C 786 -23.64 -7.87 35.49
N ALA C 787 -23.94 -8.78 34.57
CA ALA C 787 -24.97 -9.78 34.81
C ALA C 787 -24.43 -11.05 35.45
N GLN C 788 -23.69 -10.88 36.56
CA GLN C 788 -23.37 -12.03 37.40
C GLN C 788 -24.62 -12.65 38.00
N VAL C 789 -25.72 -11.91 38.04
CA VAL C 789 -27.03 -12.42 38.44
C VAL C 789 -27.84 -12.69 37.19
N LYS C 790 -28.38 -13.91 37.08
CA LYS C 790 -29.16 -14.23 35.90
C LYS C 790 -30.53 -13.56 35.94
N GLN C 791 -31.03 -13.25 37.12
CA GLN C 791 -32.36 -12.66 37.30
C GLN C 791 -32.22 -11.36 38.07
N ILE C 792 -32.89 -10.31 37.58
CA ILE C 792 -32.70 -8.96 38.09
C ILE C 792 -33.20 -8.87 39.52
N TYR C 793 -32.39 -8.26 40.39
CA TYR C 793 -32.82 -7.87 41.73
C TYR C 793 -33.22 -6.40 41.71
N LYS C 794 -33.75 -5.92 42.82
CA LYS C 794 -34.15 -4.53 42.92
C LYS C 794 -33.98 -4.06 44.36
N THR C 795 -33.72 -2.76 44.51
CA THR C 795 -33.43 -2.11 45.78
C THR C 795 -34.74 -1.84 46.55
N PRO C 796 -34.73 -2.02 47.86
CA PRO C 796 -35.92 -1.71 48.65
C PRO C 796 -36.08 -0.21 48.82
N PRO C 797 -37.32 0.27 49.03
CA PRO C 797 -37.51 1.70 49.28
C PRO C 797 -36.80 2.20 50.53
N ILE C 798 -36.70 1.37 51.56
CA ILE C 798 -36.07 1.76 52.82
C ILE C 798 -34.60 1.34 52.79
N LYS C 799 -33.71 2.32 52.94
CA LYS C 799 -32.28 2.08 52.91
C LYS C 799 -31.72 2.08 54.33
N ASP C 800 -32.07 1.04 55.08
CA ASP C 800 -31.62 0.87 56.47
C ASP C 800 -30.36 0.01 56.46
N PHE C 801 -29.20 0.66 56.42
CA PHE C 801 -27.92 -0.02 56.29
C PHE C 801 -26.96 0.39 57.41
N GLY C 802 -27.50 0.63 58.60
CA GLY C 802 -26.66 0.95 59.75
C GLY C 802 -25.88 2.24 59.61
N GLY C 803 -26.49 3.28 59.04
CA GLY C 803 -25.85 4.56 58.88
C GLY C 803 -24.98 4.71 57.66
N PHE C 804 -24.84 3.66 56.84
CA PHE C 804 -24.05 3.74 55.62
C PHE C 804 -24.88 4.43 54.55
N ASN C 805 -24.54 5.67 54.24
CA ASN C 805 -25.38 6.48 53.36
C ASN C 805 -25.10 6.11 51.91
N PHE C 806 -26.12 5.61 51.23
CA PHE C 806 -26.03 5.22 49.83
C PHE C 806 -26.91 6.07 48.91
N SER C 807 -27.41 7.21 49.38
CA SER C 807 -28.22 8.06 48.52
C SER C 807 -27.46 8.46 47.26
N GLN C 808 -26.14 8.50 47.34
CA GLN C 808 -25.30 8.74 46.18
C GLN C 808 -25.01 7.48 45.38
N ILE C 809 -25.21 6.31 45.98
CA ILE C 809 -24.72 5.04 45.42
C ILE C 809 -25.87 4.19 44.87
N LEU C 810 -26.91 3.94 45.67
CA LEU C 810 -28.08 3.28 45.12
C LEU C 810 -28.97 4.27 44.38
N PRO C 811 -29.76 3.80 43.41
CA PRO C 811 -30.59 4.71 42.64
C PRO C 811 -31.68 5.36 43.47
N ASP C 812 -32.02 6.58 43.10
CA ASP C 812 -33.08 7.32 43.77
C ASP C 812 -34.32 7.33 42.88
N PRO C 813 -35.44 6.76 43.33
CA PRO C 813 -36.64 6.71 42.47
C PRO C 813 -37.24 8.08 42.17
N SER C 814 -36.82 9.13 42.87
CA SER C 814 -37.39 10.45 42.64
C SER C 814 -37.14 10.92 41.21
N LYS C 815 -35.91 10.78 40.71
CA LYS C 815 -35.62 11.18 39.34
C LYS C 815 -35.96 10.05 38.37
N PRO C 816 -36.28 10.39 37.12
CA PRO C 816 -36.89 9.38 36.22
C PRO C 816 -36.04 8.14 36.00
N SER C 817 -34.73 8.29 35.90
CA SER C 817 -33.85 7.16 35.68
C SER C 817 -33.46 6.54 37.02
N LYS C 818 -33.43 5.21 37.07
CA LYS C 818 -33.05 4.50 38.28
C LYS C 818 -31.54 4.32 38.35
N ARG C 819 -30.84 5.44 38.35
CA ARG C 819 -29.40 5.53 38.52
C ARG C 819 -29.10 6.40 39.73
N SER C 820 -27.82 6.53 40.07
CA SER C 820 -27.40 7.19 41.30
C SER C 820 -26.59 8.44 41.01
N PHE C 821 -26.34 9.22 42.07
CA PHE C 821 -25.75 10.55 41.94
C PHE C 821 -24.29 10.48 41.49
N ILE C 822 -23.50 9.58 42.10
CA ILE C 822 -22.12 9.43 41.66
C ILE C 822 -22.09 8.98 40.20
N GLU C 823 -22.94 8.03 39.84
CA GLU C 823 -23.01 7.60 38.45
C GLU C 823 -23.55 8.72 37.57
N ASP C 824 -24.40 9.59 38.12
CA ASP C 824 -24.84 10.76 37.38
C ASP C 824 -23.65 11.63 36.98
N LEU C 825 -22.78 11.93 37.94
CA LEU C 825 -21.59 12.71 37.64
C LEU C 825 -20.68 11.97 36.66
N LEU C 826 -20.57 10.65 36.84
CA LEU C 826 -19.76 9.81 35.96
C LEU C 826 -20.21 9.97 34.52
N PHE C 827 -21.52 9.94 34.29
CA PHE C 827 -22.06 10.10 32.94
C PHE C 827 -21.97 11.56 32.48
N ASN C 828 -21.99 12.50 33.42
CA ASN C 828 -21.88 13.91 33.02
C ASN C 828 -20.50 14.23 32.45
N LYS C 829 -19.43 13.73 33.08
CA LYS C 829 -18.10 14.16 32.66
C LYS C 829 -17.60 13.50 31.38
N VAL C 830 -18.47 12.88 30.58
CA VAL C 830 -18.04 12.28 29.33
C VAL C 830 -18.66 13.04 28.17
N THR C 831 -18.07 12.86 26.99
CA THR C 831 -18.57 13.49 25.77
C THR C 831 -19.69 12.67 25.16
N LYS C 858 -21.71 6.52 13.12
CA LYS C 858 -23.16 6.70 13.23
C LYS C 858 -23.70 7.47 12.03
N PHE C 859 -22.83 8.28 11.41
CA PHE C 859 -23.24 9.14 10.31
C PHE C 859 -22.49 8.88 9.02
N ASN C 860 -21.31 8.26 9.06
CA ASN C 860 -20.47 8.07 7.89
C ASN C 860 -20.29 6.60 7.54
N GLY C 861 -21.36 5.83 7.59
CA GLY C 861 -21.33 4.41 7.25
C GLY C 861 -21.12 3.49 8.43
N LEU C 862 -20.19 3.84 9.30
CA LEU C 862 -20.01 3.10 10.55
C LEU C 862 -21.28 3.21 11.38
N THR C 863 -21.74 2.08 11.90
CA THR C 863 -22.94 2.06 12.73
C THR C 863 -22.57 1.64 14.14
N VAL C 864 -23.18 2.28 15.13
CA VAL C 864 -23.00 1.93 16.53
C VAL C 864 -24.20 1.10 16.95
N LEU C 865 -23.96 -0.16 17.29
CA LEU C 865 -25.03 -0.99 17.81
C LEU C 865 -25.38 -0.53 19.21
N PRO C 866 -26.66 -0.33 19.52
CA PRO C 866 -27.03 -0.06 20.91
C PRO C 866 -26.75 -1.27 21.77
N PRO C 867 -26.46 -1.07 23.05
CA PRO C 867 -26.22 -2.23 23.91
C PRO C 867 -27.48 -3.06 24.04
N LEU C 868 -27.32 -4.38 23.93
CA LEU C 868 -28.45 -5.27 24.17
C LEU C 868 -29.09 -4.98 25.52
N LEU C 869 -28.28 -4.64 26.51
CA LEU C 869 -28.75 -4.33 27.84
C LEU C 869 -28.87 -2.81 27.95
N THR C 870 -30.10 -2.34 28.17
CA THR C 870 -30.36 -0.91 28.14
C THR C 870 -29.59 -0.19 29.24
N ASP C 871 -29.16 1.05 28.94
CA ASP C 871 -28.48 1.85 29.95
C ASP C 871 -29.28 1.88 31.24
N GLU C 872 -30.60 2.01 31.13
CA GLU C 872 -31.46 1.85 32.29
C GLU C 872 -31.36 0.43 32.86
N MET C 873 -31.31 -0.57 31.98
CA MET C 873 -31.21 -1.95 32.46
C MET C 873 -29.81 -2.26 32.97
N ILE C 874 -28.77 -1.64 32.40
CA ILE C 874 -27.45 -1.74 33.03
C ILE C 874 -27.48 -1.12 34.41
N ALA C 875 -28.23 -0.03 34.57
CA ALA C 875 -28.41 0.56 35.89
C ALA C 875 -29.11 -0.41 36.84
N GLN C 876 -30.10 -1.14 36.34
CA GLN C 876 -30.77 -2.13 37.18
C GLN C 876 -29.83 -3.29 37.53
N TYR C 877 -29.03 -3.74 36.57
CA TYR C 877 -27.90 -4.62 36.87
C TYR C 877 -27.10 -4.13 38.06
N THR C 878 -26.61 -2.90 37.97
CA THR C 878 -25.74 -2.37 39.01
C THR C 878 -26.48 -2.32 40.34
N SER C 879 -27.71 -1.82 40.35
CA SER C 879 -28.48 -1.72 41.58
C SER C 879 -28.70 -3.11 42.19
N ALA C 880 -28.95 -4.10 41.34
CA ALA C 880 -29.07 -5.48 41.82
C ALA C 880 -27.77 -5.96 42.45
N LEU C 881 -26.64 -5.66 41.81
CA LEU C 881 -25.36 -6.09 42.35
C LEU C 881 -25.09 -5.45 43.70
N LEU C 882 -25.39 -4.16 43.83
CA LEU C 882 -25.30 -3.49 45.12
C LEU C 882 -26.20 -4.14 46.16
N ALA C 883 -27.48 -4.35 45.81
CA ALA C 883 -28.39 -4.99 46.75
C ALA C 883 -27.86 -6.35 47.17
N GLY C 884 -27.21 -7.06 46.26
CA GLY C 884 -26.62 -8.33 46.61
C GLY C 884 -25.44 -8.23 47.55
N THR C 885 -24.55 -7.26 47.32
CA THR C 885 -23.43 -7.10 48.24
C THR C 885 -23.86 -6.51 49.56
N ILE C 886 -24.90 -5.68 49.53
CA ILE C 886 -25.29 -4.92 50.72
C ILE C 886 -26.25 -5.72 51.59
N THR C 887 -27.30 -6.27 51.00
CA THR C 887 -28.26 -7.08 51.75
C THR C 887 -27.96 -8.57 51.66
N SER C 888 -27.68 -9.07 50.45
CA SER C 888 -27.47 -10.50 50.27
C SER C 888 -26.06 -10.94 50.63
N GLY C 889 -25.06 -10.10 50.39
CA GLY C 889 -23.69 -10.44 50.74
C GLY C 889 -22.85 -10.99 49.62
N TRP C 890 -22.02 -11.99 49.95
CA TRP C 890 -21.07 -12.59 49.02
C TRP C 890 -21.64 -13.81 48.30
N THR C 891 -22.96 -13.91 48.19
CA THR C 891 -23.60 -15.13 47.72
C THR C 891 -24.44 -14.99 46.47
N PHE C 892 -24.74 -13.76 46.03
CA PHE C 892 -25.72 -13.61 44.95
C PHE C 892 -25.18 -14.00 43.59
N GLY C 893 -23.86 -14.18 43.45
CA GLY C 893 -23.28 -14.68 42.23
C GLY C 893 -22.97 -16.16 42.24
N ALA C 894 -23.29 -16.86 43.33
CA ALA C 894 -23.03 -18.27 43.47
C ALA C 894 -24.31 -19.10 43.49
N GLY C 895 -25.35 -18.61 42.81
CA GLY C 895 -26.63 -19.28 42.81
C GLY C 895 -27.76 -18.41 43.33
N ALA C 896 -28.34 -18.80 44.46
CA ALA C 896 -29.41 -18.06 45.10
C ALA C 896 -28.86 -17.22 46.24
N ALA C 897 -29.34 -15.98 46.36
CA ALA C 897 -28.80 -15.03 47.33
C ALA C 897 -29.40 -15.31 48.70
N LEU C 898 -28.53 -15.47 49.70
CA LEU C 898 -28.94 -15.60 51.09
C LEU C 898 -28.86 -14.26 51.79
N GLN C 899 -29.41 -14.20 53.00
CA GLN C 899 -29.33 -13.00 53.83
C GLN C 899 -27.99 -12.92 54.55
N ILE C 900 -27.36 -11.75 54.48
CA ILE C 900 -26.13 -11.48 55.22
C ILE C 900 -26.16 -10.05 55.76
N PRO C 901 -26.17 -9.86 57.08
CA PRO C 901 -26.05 -8.51 57.63
C PRO C 901 -24.76 -7.81 57.21
N PHE C 902 -24.87 -6.51 56.95
CA PHE C 902 -23.74 -5.71 56.51
C PHE C 902 -22.70 -5.57 57.62
N ALA C 903 -23.14 -5.19 58.81
CA ALA C 903 -22.22 -5.05 59.94
C ALA C 903 -21.59 -6.39 60.31
N MET C 904 -22.29 -7.48 60.09
CA MET C 904 -21.71 -8.80 60.35
C MET C 904 -20.77 -9.23 59.23
N GLN C 905 -20.88 -8.62 58.05
CA GLN C 905 -19.77 -8.65 57.10
C GLN C 905 -18.55 -7.96 57.69
N MET C 906 -18.75 -6.73 58.16
CA MET C 906 -17.64 -5.87 58.56
C MET C 906 -16.91 -6.43 59.78
N ALA C 907 -17.64 -7.12 60.66
CA ALA C 907 -17.03 -7.67 61.87
C ALA C 907 -15.99 -8.74 61.53
N TYR C 908 -16.39 -9.74 60.74
CA TYR C 908 -15.44 -10.76 60.31
C TYR C 908 -14.37 -10.16 59.41
N ARG C 909 -14.67 -9.03 58.76
CA ARG C 909 -13.64 -8.37 57.95
C ARG C 909 -12.57 -7.75 58.85
N PHE C 910 -12.97 -7.17 59.98
CA PHE C 910 -11.99 -6.78 61.01
C PHE C 910 -11.20 -7.99 61.48
N ASN C 911 -11.90 -9.07 61.86
CA ASN C 911 -11.23 -10.24 62.42
C ASN C 911 -10.23 -10.82 61.44
N GLY C 912 -10.46 -10.65 60.13
CA GLY C 912 -9.53 -11.13 59.12
C GLY C 912 -8.32 -10.25 58.87
N ILE C 913 -8.27 -9.07 59.49
CA ILE C 913 -7.12 -8.17 59.34
C ILE C 913 -6.49 -7.82 60.68
N GLY C 914 -6.99 -8.36 61.79
CA GLY C 914 -6.39 -8.16 63.08
C GLY C 914 -7.09 -7.18 64.00
N VAL C 915 -8.41 -6.99 63.85
CA VAL C 915 -9.19 -6.11 64.71
C VAL C 915 -10.45 -6.85 65.12
N THR C 916 -10.94 -6.55 66.32
CA THR C 916 -12.13 -7.21 66.85
C THR C 916 -13.39 -6.55 66.27
N GLN C 917 -14.55 -6.98 66.76
CA GLN C 917 -15.83 -6.40 66.39
C GLN C 917 -16.44 -5.56 67.51
N ASN C 918 -15.63 -5.14 68.47
CA ASN C 918 -16.10 -4.21 69.50
C ASN C 918 -16.52 -2.89 68.84
N VAL C 919 -15.79 -2.50 67.81
CA VAL C 919 -16.06 -1.26 67.10
C VAL C 919 -17.46 -1.25 66.50
N LEU C 920 -18.09 -2.41 66.31
CA LEU C 920 -19.46 -2.39 65.83
C LEU C 920 -20.34 -1.60 66.80
N TYR C 921 -20.58 -2.16 67.99
CA TYR C 921 -21.44 -1.51 68.96
C TYR C 921 -20.84 -0.25 69.55
N GLU C 922 -19.54 -0.03 69.38
CA GLU C 922 -19.02 1.26 69.83
C GLU C 922 -19.19 2.37 68.81
N ASN C 923 -18.90 2.11 67.53
CA ASN C 923 -18.65 3.15 66.56
C ASN C 923 -19.25 2.79 65.20
N GLN C 924 -20.41 2.14 65.18
CA GLN C 924 -21.12 2.04 63.90
C GLN C 924 -21.26 3.41 63.24
N LYS C 925 -21.64 4.42 64.03
CA LYS C 925 -21.77 5.77 63.49
C LYS C 925 -20.44 6.30 62.99
N LEU C 926 -19.36 6.08 63.74
CA LEU C 926 -18.06 6.60 63.32
C LEU C 926 -17.57 5.93 62.03
N ILE C 927 -17.73 4.61 61.92
CA ILE C 927 -17.30 3.91 60.72
C ILE C 927 -18.17 4.32 59.53
N ALA C 928 -19.46 4.50 59.76
CA ALA C 928 -20.34 5.02 58.71
C ALA C 928 -19.90 6.40 58.27
N ASN C 929 -19.57 7.27 59.23
CA ASN C 929 -19.13 8.61 58.88
C ASN C 929 -17.81 8.56 58.11
N GLN C 930 -16.91 7.65 58.49
CA GLN C 930 -15.68 7.46 57.74
C GLN C 930 -15.97 7.08 56.29
N PHE C 931 -16.83 6.09 56.10
CA PHE C 931 -17.14 5.63 54.74
C PHE C 931 -17.79 6.73 53.91
N ASN C 932 -18.78 7.42 54.48
CA ASN C 932 -19.47 8.46 53.72
C ASN C 932 -18.60 9.70 53.53
N SER C 933 -17.68 9.98 54.46
CA SER C 933 -16.77 11.10 54.29
C SER C 933 -15.76 10.80 53.19
N ALA C 934 -15.27 9.56 53.12
CA ALA C 934 -14.45 9.16 51.99
C ALA C 934 -15.24 9.27 50.69
N ILE C 935 -16.52 8.87 50.74
CA ILE C 935 -17.40 9.00 49.59
C ILE C 935 -17.50 10.46 49.16
N GLY C 936 -17.66 11.37 50.12
CA GLY C 936 -17.75 12.78 49.80
C GLY C 936 -16.46 13.34 49.24
N LYS C 937 -15.32 12.89 49.77
CA LYS C 937 -14.04 13.29 49.20
C LYS C 937 -13.92 12.81 47.75
N ILE C 938 -14.39 11.59 47.47
CA ILE C 938 -14.43 11.10 46.10
C ILE C 938 -15.37 11.95 45.25
N GLN C 939 -16.51 12.35 45.82
CA GLN C 939 -17.45 13.18 45.08
C GLN C 939 -16.82 14.51 44.71
N ASP C 940 -16.10 15.11 45.65
CA ASP C 940 -15.39 16.36 45.37
C ASP C 940 -14.31 16.15 44.31
N SER C 941 -13.60 15.02 44.39
CA SER C 941 -12.56 14.74 43.41
C SER C 941 -13.14 14.64 42.01
N LEU C 942 -14.23 13.89 41.85
CA LEU C 942 -14.86 13.78 40.54
C LEU C 942 -15.46 15.11 40.08
N SER C 943 -16.12 15.84 40.96
CA SER C 943 -16.68 17.13 40.58
C SER C 943 -15.60 18.17 40.31
N SER C 944 -14.36 17.91 40.70
CA SER C 944 -13.25 18.83 40.47
C SER C 944 -12.21 18.29 39.49
N THR C 945 -11.67 17.10 39.74
CA THR C 945 -10.59 16.56 38.91
C THR C 945 -11.18 16.01 37.62
N ALA C 946 -10.77 16.59 36.49
CA ALA C 946 -11.24 16.09 35.20
C ALA C 946 -10.64 14.75 34.84
N SER C 947 -9.43 14.46 35.33
CA SER C 947 -8.74 13.22 35.01
C SER C 947 -9.07 12.09 35.98
N ALA C 948 -10.00 12.31 36.92
CA ALA C 948 -10.29 11.30 37.92
C ALA C 948 -10.82 10.01 37.29
N LEU C 949 -11.71 10.14 36.30
CA LEU C 949 -12.21 9.01 35.54
C LEU C 949 -11.37 8.71 34.31
N GLY C 950 -10.13 9.19 34.27
CA GLY C 950 -9.38 9.20 33.02
C GLY C 950 -9.37 7.88 32.29
N LYS C 951 -9.36 6.77 33.03
CA LYS C 951 -9.17 5.48 32.36
C LYS C 951 -10.39 5.10 31.52
N LEU C 952 -11.61 5.47 31.92
CA LEU C 952 -12.67 5.43 30.93
C LEU C 952 -12.53 6.54 29.90
N GLN C 953 -12.25 7.77 30.35
CA GLN C 953 -12.25 8.90 29.43
C GLN C 953 -11.32 8.65 28.26
N ASN C 954 -10.06 8.30 28.53
CA ASN C 954 -9.15 8.00 27.44
C ASN C 954 -9.66 6.82 26.61
N VAL C 955 -10.18 5.78 27.27
CA VAL C 955 -10.81 4.69 26.54
C VAL C 955 -11.97 5.20 25.70
N VAL C 956 -12.80 6.08 26.25
CA VAL C 956 -13.79 6.75 25.42
C VAL C 956 -13.08 7.54 24.32
N ASN C 957 -12.07 8.33 24.71
CA ASN C 957 -11.33 9.10 23.72
C ASN C 957 -10.60 8.19 22.75
N GLN C 958 -9.87 7.19 23.24
CA GLN C 958 -9.22 6.32 22.27
C GLN C 958 -10.24 5.48 21.51
N ASN C 959 -11.51 5.50 21.92
CA ASN C 959 -12.59 5.04 21.04
C ASN C 959 -13.05 6.18 20.13
N ALA C 960 -13.25 7.36 20.71
CA ALA C 960 -13.75 8.52 19.96
C ALA C 960 -12.88 8.87 18.77
N GLN C 961 -11.61 9.26 18.99
CA GLN C 961 -10.78 9.44 17.79
C GLN C 961 -10.35 8.12 17.19
N ALA C 962 -10.71 6.98 17.75
CA ALA C 962 -10.71 5.76 16.94
C ALA C 962 -11.71 5.90 15.81
N LEU C 963 -12.95 6.27 16.14
CA LEU C 963 -13.95 6.53 15.11
C LEU C 963 -13.62 7.81 14.35
N ASN C 964 -13.15 8.83 15.06
CA ASN C 964 -12.86 10.11 14.41
C ASN C 964 -11.74 9.97 13.39
N THR C 965 -10.64 9.29 13.78
CA THR C 965 -9.66 8.91 12.78
C THR C 965 -10.32 8.13 11.66
N LEU C 966 -11.21 7.19 12.02
CA LEU C 966 -11.92 6.41 11.02
C LEU C 966 -12.64 7.32 10.03
N VAL C 967 -13.19 8.44 10.49
CA VAL C 967 -13.81 9.34 9.54
C VAL C 967 -12.79 10.32 8.96
N LYS C 968 -11.77 10.70 9.75
CA LYS C 968 -10.66 11.45 9.16
C LYS C 968 -9.96 10.61 8.11
N GLN C 969 -9.88 9.29 8.35
CA GLN C 969 -9.38 8.39 7.32
C GLN C 969 -10.26 8.43 6.09
N LEU C 970 -11.57 8.59 6.28
CA LEU C 970 -12.45 8.81 5.14
C LEU C 970 -12.07 10.08 4.40
N SER C 971 -11.60 11.09 5.12
CA SER C 971 -11.08 12.32 4.52
C SER C 971 -9.61 12.23 4.18
N SER C 972 -8.94 11.14 4.54
CA SER C 972 -7.52 10.97 4.24
C SER C 972 -7.36 10.36 2.86
N ASN C 973 -6.36 10.85 2.12
CA ASN C 973 -6.20 10.45 0.72
C ASN C 973 -5.65 9.04 0.59
N PHE C 974 -4.69 8.66 1.45
CA PHE C 974 -3.95 7.40 1.33
C PHE C 974 -3.30 7.27 -0.04
N GLY C 975 -2.67 8.36 -0.48
CA GLY C 975 -1.98 8.36 -1.76
C GLY C 975 -2.90 8.45 -2.96
N ALA C 976 -4.19 8.63 -2.76
CA ALA C 976 -5.16 8.68 -3.84
C ALA C 976 -5.26 10.10 -4.39
N ILE C 977 -6.03 10.25 -5.47
CA ILE C 977 -6.26 11.58 -6.04
C ILE C 977 -7.05 12.44 -5.07
N SER C 978 -8.09 11.87 -4.47
CA SER C 978 -8.95 12.61 -3.55
C SER C 978 -9.60 11.61 -2.59
N SER C 979 -10.15 12.16 -1.51
CA SER C 979 -10.87 11.35 -0.53
C SER C 979 -12.36 11.23 -0.84
N VAL C 980 -12.85 11.93 -1.85
CA VAL C 980 -14.24 11.84 -2.27
C VAL C 980 -14.33 10.71 -3.31
N LEU C 981 -15.01 9.63 -2.95
CA LEU C 981 -15.15 8.49 -3.84
C LEU C 981 -16.04 8.78 -5.04
N ASN C 982 -16.84 9.85 -4.98
CA ASN C 982 -17.81 10.11 -6.04
C ASN C 982 -17.15 10.58 -7.33
N ASP C 983 -16.13 11.42 -7.23
CA ASP C 983 -15.65 12.17 -8.39
C ASP C 983 -15.00 11.28 -9.44
N ILE C 984 -14.23 10.27 -9.02
CA ILE C 984 -13.47 9.49 -9.99
C ILE C 984 -14.38 8.67 -10.90
N LEU C 985 -15.51 8.19 -10.38
CA LEU C 985 -16.48 7.52 -11.24
C LEU C 985 -16.91 8.40 -12.41
N SER C 986 -16.93 9.71 -12.20
CA SER C 986 -17.32 10.67 -13.22
C SER C 986 -16.12 11.30 -13.93
N ARG C 987 -14.92 10.81 -13.67
CA ARG C 987 -13.70 11.39 -14.23
C ARG C 987 -13.09 10.56 -15.35
N LEU C 988 -12.89 9.27 -15.13
CA LEU C 988 -12.28 8.39 -16.12
C LEU C 988 -13.33 7.44 -16.70
N ASP C 989 -12.91 6.69 -17.71
CA ASP C 989 -13.81 5.77 -18.39
C ASP C 989 -14.23 4.64 -17.45
N PRO C 990 -15.51 4.27 -17.41
CA PRO C 990 -16.00 3.31 -16.41
C PRO C 990 -15.22 2.01 -16.38
N PRO C 991 -14.86 1.40 -17.53
CA PRO C 991 -14.10 0.14 -17.44
C PRO C 991 -12.77 0.26 -16.73
N GLU C 992 -12.17 1.46 -16.71
CA GLU C 992 -11.02 1.73 -15.86
C GLU C 992 -11.39 2.52 -14.61
N ALA C 993 -12.36 3.42 -14.71
CA ALA C 993 -12.78 4.19 -13.54
C ALA C 993 -13.19 3.28 -12.40
N GLU C 994 -13.68 2.07 -12.71
CA GLU C 994 -13.91 1.11 -11.64
C GLU C 994 -12.61 0.69 -10.97
N VAL C 995 -11.51 0.60 -11.73
CA VAL C 995 -10.23 0.25 -11.13
C VAL C 995 -9.69 1.41 -10.28
N GLN C 996 -9.85 2.65 -10.78
CA GLN C 996 -9.46 3.78 -9.93
C GLN C 996 -10.42 3.99 -8.75
N ILE C 997 -11.60 3.37 -8.77
CA ILE C 997 -12.37 3.26 -7.54
C ILE C 997 -11.81 2.16 -6.65
N ASP C 998 -11.38 1.05 -7.26
CA ASP C 998 -10.86 -0.07 -6.49
C ASP C 998 -9.56 0.27 -5.78
N ARG C 999 -8.78 1.21 -6.32
CA ARG C 999 -7.62 1.69 -5.57
C ARG C 999 -8.06 2.46 -4.33
N LEU C 1000 -9.14 3.24 -4.43
CA LEU C 1000 -9.73 3.82 -3.23
C LEU C 1000 -10.19 2.74 -2.26
N ILE C 1001 -10.81 1.68 -2.79
CA ILE C 1001 -11.24 0.58 -1.95
C ILE C 1001 -10.05 -0.06 -1.26
N THR C 1002 -8.94 -0.21 -1.98
CA THR C 1002 -7.73 -0.77 -1.41
C THR C 1002 -7.22 0.08 -0.26
N GLY C 1003 -7.14 1.39 -0.47
CA GLY C 1003 -6.70 2.28 0.60
C GLY C 1003 -7.64 2.23 1.80
N ARG C 1004 -8.94 2.32 1.55
CA ARG C 1004 -9.90 2.38 2.64
C ARG C 1004 -10.04 1.04 3.34
N LEU C 1005 -9.80 -0.06 2.65
CA LEU C 1005 -9.84 -1.37 3.27
C LEU C 1005 -8.57 -1.67 4.04
N GLN C 1006 -7.42 -1.16 3.60
CA GLN C 1006 -6.26 -1.16 4.48
C GLN C 1006 -6.54 -0.33 5.72
N SER C 1007 -7.26 0.78 5.55
CA SER C 1007 -7.67 1.59 6.68
C SER C 1007 -8.56 0.80 7.63
N LEU C 1008 -9.54 0.07 7.08
CA LEU C 1008 -10.38 -0.78 7.91
C LEU C 1008 -9.59 -1.89 8.58
N GLN C 1009 -8.65 -2.50 7.85
CA GLN C 1009 -7.83 -3.56 8.44
C GLN C 1009 -7.07 -3.03 9.64
N THR C 1010 -6.39 -1.89 9.47
CA THR C 1010 -5.68 -1.27 10.59
C THR C 1010 -6.65 -0.91 11.71
N TYR C 1011 -7.81 -0.35 11.36
CA TYR C 1011 -8.77 0.06 12.37
C TYR C 1011 -9.28 -1.13 13.16
N VAL C 1012 -9.56 -2.25 12.48
CA VAL C 1012 -10.16 -3.38 13.18
C VAL C 1012 -9.09 -4.15 13.95
N THR C 1013 -7.86 -4.23 13.44
CA THR C 1013 -6.84 -4.92 14.21
C THR C 1013 -6.44 -4.11 15.43
N GLN C 1014 -6.37 -2.78 15.30
CA GLN C 1014 -6.12 -1.95 16.46
C GLN C 1014 -7.33 -1.94 17.39
N GLN C 1015 -8.54 -2.00 16.83
CA GLN C 1015 -9.75 -2.11 17.64
C GLN C 1015 -9.78 -3.43 18.39
N LEU C 1016 -9.27 -4.49 17.77
CA LEU C 1016 -9.28 -5.81 18.37
C LEU C 1016 -8.17 -5.95 19.39
N ILE C 1017 -7.03 -5.29 19.19
CA ILE C 1017 -6.01 -5.24 20.23
C ILE C 1017 -6.47 -4.38 21.39
N ARG C 1018 -7.14 -3.26 21.10
CA ARG C 1018 -7.74 -2.45 22.15
C ARG C 1018 -8.82 -3.23 22.89
N ALA C 1019 -9.61 -4.01 22.15
CA ALA C 1019 -10.62 -4.86 22.76
C ALA C 1019 -10.01 -6.06 23.44
N ALA C 1020 -8.78 -6.43 23.09
CA ALA C 1020 -8.03 -7.40 23.89
C ALA C 1020 -7.61 -6.78 25.20
N GLU C 1021 -7.19 -5.50 25.18
CA GLU C 1021 -6.92 -4.80 26.42
C GLU C 1021 -8.18 -4.71 27.26
N ILE C 1022 -9.32 -4.38 26.63
CA ILE C 1022 -10.59 -4.29 27.34
C ILE C 1022 -11.14 -5.66 27.68
N ARG C 1023 -10.74 -6.72 26.98
CA ARG C 1023 -11.18 -8.07 27.30
C ARG C 1023 -10.37 -8.62 28.47
N ALA C 1024 -9.08 -8.32 28.51
CA ALA C 1024 -8.30 -8.55 29.73
C ALA C 1024 -8.87 -7.72 30.87
N SER C 1025 -9.26 -6.47 30.59
CA SER C 1025 -9.90 -5.63 31.59
C SER C 1025 -11.29 -6.12 31.96
N ALA C 1026 -11.94 -6.88 31.10
CA ALA C 1026 -13.30 -7.36 31.35
C ALA C 1026 -13.31 -8.69 32.07
N ASN C 1027 -12.37 -9.59 31.75
CA ASN C 1027 -12.10 -10.71 32.64
C ASN C 1027 -11.58 -10.21 33.98
N LEU C 1028 -10.80 -9.12 33.94
CA LEU C 1028 -10.37 -8.44 35.15
C LEU C 1028 -11.56 -7.94 35.94
N ALA C 1029 -12.51 -7.30 35.26
CA ALA C 1029 -13.68 -6.76 35.92
C ALA C 1029 -14.64 -7.87 36.35
N ALA C 1030 -14.65 -9.00 35.66
CA ALA C 1030 -15.44 -10.13 36.13
C ALA C 1030 -14.82 -10.76 37.36
N THR C 1031 -13.50 -10.92 37.38
CA THR C 1031 -12.81 -11.42 38.55
C THR C 1031 -12.85 -10.41 39.69
N LYS C 1032 -13.12 -9.15 39.41
CA LYS C 1032 -13.40 -8.18 40.46
C LYS C 1032 -14.87 -8.17 40.88
N MET C 1033 -15.77 -8.37 39.92
CA MET C 1033 -17.20 -8.53 40.18
C MET C 1033 -17.47 -9.80 40.95
N SER C 1034 -16.47 -10.68 41.02
CA SER C 1034 -16.51 -11.89 41.83
C SER C 1034 -15.63 -11.83 43.06
N GLU C 1035 -14.42 -11.28 42.96
CA GLU C 1035 -13.55 -11.16 44.12
C GLU C 1035 -13.84 -9.90 44.92
N CYS C 1036 -13.80 -8.74 44.25
CA CYS C 1036 -14.07 -7.49 44.96
C CYS C 1036 -15.54 -7.41 45.37
N VAL C 1037 -16.44 -7.96 44.55
CA VAL C 1037 -17.87 -7.77 44.72
C VAL C 1037 -18.54 -8.96 45.39
N LEU C 1038 -18.23 -10.18 44.95
CA LEU C 1038 -18.87 -11.39 45.48
C LEU C 1038 -18.11 -11.99 46.65
N GLY C 1039 -17.34 -11.20 47.37
CA GLY C 1039 -16.65 -11.70 48.55
C GLY C 1039 -15.47 -10.81 48.92
N GLN C 1040 -14.62 -11.37 49.78
CA GLN C 1040 -13.35 -10.74 50.12
C GLN C 1040 -12.27 -11.25 49.17
N SER C 1041 -11.64 -10.33 48.46
CA SER C 1041 -10.53 -10.69 47.58
C SER C 1041 -9.28 -10.83 48.43
N LYS C 1042 -8.84 -12.07 48.65
CA LYS C 1042 -7.59 -12.30 49.38
C LYS C 1042 -6.37 -11.93 48.56
N ARG C 1043 -6.65 -11.45 47.36
CA ARG C 1043 -5.62 -10.90 46.48
C ARG C 1043 -5.27 -9.49 46.92
N VAL C 1044 -3.98 -9.21 46.99
CA VAL C 1044 -3.49 -7.91 47.46
C VAL C 1044 -3.25 -7.01 46.27
N ASP C 1045 -3.53 -5.71 46.45
CA ASP C 1045 -3.29 -4.70 45.43
C ASP C 1045 -3.96 -5.10 44.11
N PHE C 1046 -5.18 -5.62 44.23
CA PHE C 1046 -6.02 -5.96 43.09
C PHE C 1046 -7.34 -5.21 43.15
N CYS C 1047 -8.00 -5.22 44.31
CA CYS C 1047 -9.23 -4.49 44.54
C CYS C 1047 -8.97 -3.15 45.22
N GLY C 1048 -7.85 -2.53 44.91
CA GLY C 1048 -7.43 -1.30 45.57
C GLY C 1048 -6.28 -1.53 46.54
N LYS C 1049 -5.56 -0.46 46.82
CA LYS C 1049 -4.38 -0.55 47.67
C LYS C 1049 -4.77 -0.87 49.10
N GLY C 1050 -4.13 -1.86 49.69
CA GLY C 1050 -4.33 -2.22 51.08
C GLY C 1050 -5.08 -3.53 51.24
N TYR C 1051 -5.31 -3.88 52.50
CA TYR C 1051 -6.09 -5.07 52.82
C TYR C 1051 -7.54 -4.84 52.42
N HIS C 1052 -7.92 -5.30 51.24
CA HIS C 1052 -9.24 -4.99 50.70
C HIS C 1052 -10.35 -5.49 51.61
N LEU C 1053 -11.36 -4.64 51.80
CA LEU C 1053 -12.56 -5.01 52.54
C LEU C 1053 -13.71 -5.34 51.60
N MET C 1054 -14.16 -4.38 50.79
CA MET C 1054 -15.29 -4.60 49.90
C MET C 1054 -15.20 -3.67 48.71
N SER C 1055 -16.09 -3.87 47.75
CA SER C 1055 -16.17 -3.01 46.60
C SER C 1055 -17.63 -2.78 46.23
N PHE C 1056 -17.87 -1.68 45.53
CA PHE C 1056 -19.21 -1.28 45.11
C PHE C 1056 -19.12 -0.80 43.67
N PRO C 1057 -19.77 -1.47 42.73
CA PRO C 1057 -19.67 -1.05 41.33
C PRO C 1057 -20.69 0.02 40.99
N GLN C 1058 -20.31 0.87 40.04
CA GLN C 1058 -21.20 1.89 39.50
C GLN C 1058 -21.02 1.87 38.00
N SER C 1059 -22.13 1.83 37.27
CA SER C 1059 -22.04 1.86 35.82
C SER C 1059 -21.43 3.18 35.37
N ALA C 1060 -21.05 3.22 34.11
CA ALA C 1060 -20.50 4.42 33.49
C ALA C 1060 -20.42 4.16 31.99
N PRO C 1061 -20.39 5.21 31.16
CA PRO C 1061 -20.62 4.96 29.74
C PRO C 1061 -19.49 4.19 29.09
N HIS C 1062 -19.78 2.92 28.79
CA HIS C 1062 -18.79 1.96 28.31
C HIS C 1062 -17.71 1.72 29.36
N GLY C 1063 -18.15 1.46 30.59
CA GLY C 1063 -17.20 1.13 31.64
C GLY C 1063 -17.87 1.06 33.00
N VAL C 1064 -17.02 0.78 34.00
CA VAL C 1064 -17.44 0.68 35.39
C VAL C 1064 -16.50 1.48 36.26
N VAL C 1065 -16.98 1.79 37.45
CA VAL C 1065 -16.20 2.44 38.50
C VAL C 1065 -16.38 1.63 39.76
N PHE C 1066 -15.30 1.12 40.33
CA PHE C 1066 -15.35 0.39 41.58
C PHE C 1066 -14.94 1.33 42.71
N LEU C 1067 -15.86 1.54 43.66
CA LEU C 1067 -15.52 2.21 44.90
C LEU C 1067 -15.05 1.15 45.88
N HIS C 1068 -13.78 1.24 46.27
CA HIS C 1068 -13.12 0.18 47.02
C HIS C 1068 -12.98 0.58 48.47
N VAL C 1069 -13.72 -0.08 49.35
CA VAL C 1069 -13.55 0.06 50.78
C VAL C 1069 -12.33 -0.79 51.16
N THR C 1070 -11.20 -0.13 51.41
CA THR C 1070 -9.93 -0.80 51.65
C THR C 1070 -9.30 -0.26 52.94
N TYR C 1071 -8.89 -1.15 53.82
CA TYR C 1071 -8.19 -0.77 55.03
C TYR C 1071 -6.75 -0.40 54.69
N VAL C 1072 -6.32 0.80 55.08
CA VAL C 1072 -4.98 1.30 54.81
C VAL C 1072 -4.39 1.88 56.10
N PRO C 1073 -3.27 1.36 56.58
CA PRO C 1073 -2.64 1.96 57.77
C PRO C 1073 -2.18 3.38 57.47
N ALA C 1074 -2.31 4.25 58.48
CA ALA C 1074 -1.88 5.63 58.35
C ALA C 1074 -0.81 6.02 59.37
N GLN C 1075 -1.01 5.71 60.64
CA GLN C 1075 -0.15 6.20 61.70
C GLN C 1075 0.31 5.04 62.58
N GLU C 1076 1.51 5.19 63.12
CA GLU C 1076 2.12 4.19 63.98
C GLU C 1076 2.94 4.88 65.08
N LYS C 1077 3.23 4.14 66.13
CA LYS C 1077 4.06 4.65 67.22
C LYS C 1077 4.90 3.51 67.78
N ASN C 1078 6.18 3.77 68.01
CA ASN C 1078 7.11 2.70 68.36
C ASN C 1078 7.04 2.35 69.84
N PHE C 1079 6.80 1.08 70.12
CA PHE C 1079 6.80 0.51 71.47
C PHE C 1079 7.73 -0.71 71.52
N THR C 1080 7.67 -1.44 72.63
CA THR C 1080 8.53 -2.59 72.85
C THR C 1080 7.74 -3.87 72.61
N THR C 1081 8.40 -4.87 72.03
CA THR C 1081 7.85 -6.20 71.85
C THR C 1081 8.67 -7.20 72.68
N ALA C 1082 8.34 -8.48 72.55
CA ALA C 1082 9.02 -9.53 73.28
C ALA C 1082 9.45 -10.63 72.32
N PRO C 1083 10.76 -10.84 72.12
CA PRO C 1083 11.17 -11.98 71.29
C PRO C 1083 10.97 -13.32 71.98
N ALA C 1084 11.37 -13.44 73.23
CA ALA C 1084 11.20 -14.67 73.99
C ALA C 1084 10.85 -14.33 75.43
N ILE C 1085 9.98 -15.15 76.01
CA ILE C 1085 9.54 -15.00 77.39
C ILE C 1085 9.79 -16.30 78.13
N CYS C 1086 10.48 -16.23 79.26
CA CYS C 1086 10.91 -17.39 80.01
C CYS C 1086 10.45 -17.28 81.45
N HIS C 1087 10.08 -18.43 82.05
CA HIS C 1087 9.60 -18.42 83.43
C HIS C 1087 10.75 -18.43 84.43
N ASP C 1088 11.52 -19.51 84.44
CA ASP C 1088 12.70 -19.63 85.31
C ASP C 1088 13.81 -20.43 84.63
N GLY C 1089 13.89 -20.35 83.31
CA GLY C 1089 14.66 -21.29 82.51
C GLY C 1089 13.80 -22.19 81.66
N LYS C 1090 12.48 -22.14 81.86
CA LYS C 1090 11.51 -22.86 81.04
C LYS C 1090 10.71 -21.83 80.26
N ALA C 1091 10.65 -22.01 78.94
CA ALA C 1091 10.15 -20.97 78.06
C ALA C 1091 8.62 -21.02 77.94
N HIS C 1092 8.03 -19.85 77.76
CA HIS C 1092 6.62 -19.70 77.41
C HIS C 1092 6.53 -19.28 75.95
N PHE C 1093 5.83 -20.08 75.15
CA PHE C 1093 5.67 -19.81 73.72
C PHE C 1093 4.19 -19.75 73.38
N PRO C 1094 3.65 -18.58 73.06
CA PRO C 1094 2.21 -18.45 72.78
C PRO C 1094 1.87 -18.69 71.31
N ARG C 1095 0.66 -19.22 71.11
CA ARG C 1095 0.17 -19.46 69.75
C ARG C 1095 -0.34 -18.16 69.14
N GLU C 1096 -1.36 -17.56 69.75
CA GLU C 1096 -1.94 -16.30 69.31
C GLU C 1096 -1.94 -15.33 70.48
N GLY C 1097 -1.28 -14.21 70.31
CA GLY C 1097 -1.18 -13.21 71.36
C GLY C 1097 0.21 -13.19 71.98
N VAL C 1098 0.67 -11.99 72.32
CA VAL C 1098 2.02 -11.78 72.86
C VAL C 1098 1.97 -10.75 73.98
N PHE C 1099 2.89 -10.90 74.93
CA PHE C 1099 3.13 -9.88 75.94
C PHE C 1099 4.06 -8.82 75.38
N VAL C 1100 3.62 -7.55 75.38
CA VAL C 1100 4.44 -6.44 74.93
C VAL C 1100 4.35 -5.33 75.97
N SER C 1101 5.16 -4.30 75.75
CA SER C 1101 5.26 -3.16 76.67
C SER C 1101 4.87 -1.89 75.93
N ASN C 1102 3.92 -1.15 76.50
CA ASN C 1102 3.46 0.12 75.95
C ASN C 1102 4.17 1.32 76.58
N GLY C 1103 5.13 1.08 77.47
CA GLY C 1103 5.81 2.13 78.18
C GLY C 1103 5.30 2.38 79.58
N THR C 1104 4.11 1.89 79.90
CA THR C 1104 3.54 2.02 81.24
C THR C 1104 3.37 0.68 81.94
N HIS C 1105 2.68 -0.26 81.31
CA HIS C 1105 2.42 -1.56 81.89
C HIS C 1105 2.42 -2.58 80.76
N TRP C 1106 2.96 -3.77 81.05
CA TRP C 1106 2.98 -4.84 80.07
C TRP C 1106 1.57 -5.37 79.84
N PHE C 1107 1.20 -5.55 78.58
CA PHE C 1107 -0.12 -6.07 78.23
C PHE C 1107 0.00 -7.20 77.23
N VAL C 1108 -0.95 -8.12 77.28
CA VAL C 1108 -1.07 -9.16 76.27
C VAL C 1108 -2.02 -8.67 75.19
N THR C 1109 -1.61 -8.83 73.94
CA THR C 1109 -2.40 -8.30 72.83
C THR C 1109 -2.15 -9.13 71.59
N GLN C 1110 -2.90 -8.82 70.53
CA GLN C 1110 -2.78 -9.58 69.29
C GLN C 1110 -1.41 -9.37 68.65
N ARG C 1111 -0.98 -10.37 67.89
CA ARG C 1111 0.32 -10.35 67.25
C ARG C 1111 0.42 -9.27 66.18
N ASN C 1112 -0.70 -8.67 65.77
CA ASN C 1112 -0.71 -7.62 64.77
C ASN C 1112 -1.10 -6.25 65.30
N PHE C 1113 -1.88 -6.17 66.38
CA PHE C 1113 -2.48 -4.92 66.78
C PHE C 1113 -2.67 -4.89 68.30
N TYR C 1114 -2.80 -3.67 68.82
CA TYR C 1114 -3.07 -3.44 70.23
C TYR C 1114 -4.51 -3.87 70.53
N GLU C 1115 -4.65 -5.02 71.18
CA GLU C 1115 -5.97 -5.55 71.53
C GLU C 1115 -5.86 -6.35 72.81
N PRO C 1116 -6.31 -5.80 73.94
CA PRO C 1116 -6.29 -6.57 75.19
C PRO C 1116 -7.12 -7.83 75.08
N GLN C 1117 -6.66 -8.88 75.73
CA GLN C 1117 -7.26 -10.21 75.61
C GLN C 1117 -7.94 -10.60 76.92
N ILE C 1118 -8.94 -11.46 76.81
CA ILE C 1118 -9.55 -12.07 77.99
C ILE C 1118 -8.57 -13.12 78.53
N ILE C 1119 -8.04 -12.88 79.71
CA ILE C 1119 -6.95 -13.69 80.24
C ILE C 1119 -7.53 -15.03 80.68
N THR C 1120 -7.42 -16.03 79.81
CA THR C 1120 -7.85 -17.39 80.10
C THR C 1120 -6.71 -18.36 79.83
N THR C 1121 -6.99 -19.65 79.80
CA THR C 1121 -5.96 -20.66 79.61
C THR C 1121 -5.23 -20.50 78.28
N ASP C 1122 -5.81 -19.77 77.32
CA ASP C 1122 -5.17 -19.55 76.04
C ASP C 1122 -3.90 -18.70 76.12
N ASN C 1123 -3.68 -18.00 77.24
CA ASN C 1123 -2.48 -17.19 77.43
C ASN C 1123 -1.46 -17.85 78.35
N THR C 1124 -1.37 -19.18 78.32
CA THR C 1124 -0.36 -19.90 79.08
C THR C 1124 0.04 -21.16 78.32
N PHE C 1125 1.35 -21.42 78.29
CA PHE C 1125 1.89 -22.56 77.56
C PHE C 1125 3.35 -22.77 77.95
N VAL C 1126 3.75 -24.02 78.18
CA VAL C 1126 5.12 -24.36 78.55
C VAL C 1126 5.72 -25.20 77.43
N SER C 1127 6.80 -24.70 76.84
CA SER C 1127 7.48 -25.38 75.74
C SER C 1127 8.79 -24.66 75.46
N GLY C 1128 9.70 -25.36 74.80
CA GLY C 1128 10.95 -24.75 74.39
C GLY C 1128 11.96 -24.68 75.52
N ASN C 1129 12.98 -23.86 75.28
CA ASN C 1129 14.10 -23.71 76.22
C ASN C 1129 14.63 -22.28 76.13
N CYS C 1130 15.46 -21.93 77.12
CA CYS C 1130 15.97 -20.57 77.23
C CYS C 1130 17.49 -20.46 77.35
N ASP C 1131 18.22 -21.57 77.28
CA ASP C 1131 19.67 -21.54 77.45
C ASP C 1131 20.43 -21.36 76.16
N VAL C 1132 19.77 -21.38 75.00
CA VAL C 1132 20.44 -21.17 73.72
C VAL C 1132 19.77 -20.01 72.98
N VAL C 1133 18.92 -19.27 73.68
CA VAL C 1133 18.16 -18.17 73.10
C VAL C 1133 18.55 -16.89 73.79
N ILE C 1134 18.87 -15.87 73.01
CA ILE C 1134 19.25 -14.56 73.53
C ILE C 1134 18.01 -13.71 73.69
N GLY C 1135 17.87 -13.08 74.86
CA GLY C 1135 16.71 -12.25 75.13
C GLY C 1135 15.82 -12.81 76.22
N ILE C 1136 16.42 -13.46 77.21
CA ILE C 1136 15.65 -14.06 78.30
C ILE C 1136 15.08 -12.95 79.18
N VAL C 1137 13.80 -13.08 79.53
CA VAL C 1137 13.10 -12.11 80.36
C VAL C 1137 12.31 -12.86 81.42
N ASN C 1138 11.77 -12.11 82.39
CA ASN C 1138 11.00 -12.67 83.48
C ASN C 1138 9.65 -11.96 83.57
N ASN C 1139 8.58 -12.75 83.65
CA ASN C 1139 7.24 -12.18 83.82
C ASN C 1139 6.35 -13.25 84.43
N THR C 1140 5.21 -12.80 84.96
CA THR C 1140 4.26 -13.67 85.65
C THR C 1140 3.04 -13.91 84.78
N VAL C 1141 2.67 -15.18 84.62
CA VAL C 1141 1.52 -15.59 83.83
C VAL C 1141 0.40 -16.00 84.77
N TYR C 1142 -0.79 -15.45 84.56
CA TYR C 1142 -1.92 -15.70 85.44
C TYR C 1142 -2.53 -17.06 85.15
N ASP C 1143 -2.76 -17.85 86.22
CA ASP C 1143 -3.40 -19.15 86.08
C ASP C 1143 -4.91 -18.98 86.27
N PRO C 1144 -5.73 -19.26 85.24
CA PRO C 1144 -7.17 -19.08 85.40
C PRO C 1144 -7.80 -19.96 86.47
N LEU C 1145 -7.28 -21.17 86.66
CA LEU C 1145 -7.86 -22.08 87.66
C LEU C 1145 -7.31 -21.81 89.04
N GLU D 1 39.73 3.82 -71.04
CA GLU D 1 39.31 3.16 -69.82
C GLU D 1 38.72 4.16 -68.82
N VAL D 2 39.60 4.89 -68.13
CA VAL D 2 39.16 5.89 -67.17
C VAL D 2 38.57 7.08 -67.93
N GLN D 3 37.39 7.53 -67.49
CA GLN D 3 36.72 8.65 -68.14
C GLN D 3 35.64 9.18 -67.22
N LEU D 4 35.47 10.50 -67.22
CA LEU D 4 34.43 11.18 -66.44
C LEU D 4 33.58 11.99 -67.40
N LEU D 5 32.40 11.48 -67.74
CA LEU D 5 31.50 12.13 -68.67
C LEU D 5 30.41 12.90 -67.94
N GLU D 6 29.94 13.97 -68.57
CA GLU D 6 28.96 14.87 -67.97
C GLU D 6 27.59 14.67 -68.60
N SER D 7 26.55 14.79 -67.78
CA SER D 7 25.18 14.72 -68.26
C SER D 7 24.30 15.69 -67.48
N GLY D 8 23.30 16.24 -68.16
CA GLY D 8 22.39 17.19 -67.55
C GLY D 8 22.69 18.62 -67.98
N GLY D 9 21.90 19.52 -67.42
CA GLY D 9 22.01 20.94 -67.72
C GLY D 9 20.96 21.39 -68.73
N GLY D 10 20.59 22.67 -68.63
CA GLY D 10 19.58 23.22 -69.51
C GLY D 10 19.17 24.64 -69.18
N LEU D 11 17.88 24.92 -69.28
CA LEU D 11 17.32 26.25 -69.05
C LEU D 11 16.23 26.18 -67.99
N VAL D 12 16.54 25.52 -66.86
CA VAL D 12 15.57 25.41 -65.78
C VAL D 12 15.35 26.77 -65.14
N GLN D 13 14.12 27.00 -64.69
CA GLN D 13 13.75 28.25 -64.04
C GLN D 13 14.21 28.25 -62.57
N PRO D 14 14.34 29.43 -61.98
CA PRO D 14 14.65 29.48 -60.55
C PRO D 14 13.58 28.77 -59.74
N GLY D 15 14.03 28.01 -58.73
CA GLY D 15 13.11 27.17 -57.99
C GLY D 15 12.65 25.94 -58.73
N GLY D 16 13.27 25.62 -59.86
CA GLY D 16 12.88 24.49 -60.69
C GLY D 16 13.91 23.38 -60.60
N SER D 17 13.42 22.14 -60.52
CA SER D 17 14.30 21.00 -60.33
C SER D 17 15.08 20.69 -61.61
N LEU D 18 16.34 20.30 -61.44
CA LEU D 18 17.17 19.84 -62.54
C LEU D 18 18.12 18.77 -61.99
N ARG D 19 18.74 18.03 -62.91
CA ARG D 19 19.60 16.91 -62.55
C ARG D 19 20.91 17.03 -63.30
N LEU D 20 22.00 17.28 -62.57
CA LEU D 20 23.33 17.17 -63.13
C LEU D 20 24.00 15.90 -62.64
N SER D 21 24.85 15.32 -63.48
CA SER D 21 25.42 14.01 -63.15
C SER D 21 26.77 13.85 -63.80
N CYS D 22 27.68 13.19 -63.09
CA CYS D 22 29.02 12.89 -63.60
C CYS D 22 29.22 11.37 -63.50
N ALA D 23 29.37 10.72 -64.64
CA ALA D 23 29.55 9.28 -64.72
C ALA D 23 31.04 8.97 -64.86
N ALA D 24 31.58 8.21 -63.92
CA ALA D 24 33.00 7.90 -63.88
C ALA D 24 33.24 6.45 -64.26
N SER D 25 34.45 6.19 -64.77
CA SER D 25 34.87 4.84 -65.08
C SER D 25 36.37 4.75 -64.83
N GLY D 26 36.77 3.73 -64.06
CA GLY D 26 38.15 3.57 -63.66
C GLY D 26 38.46 3.97 -62.24
N VAL D 27 37.52 4.61 -61.54
CA VAL D 27 37.68 5.04 -60.16
C VAL D 27 36.50 4.55 -59.35
N THR D 28 36.49 4.91 -58.07
CA THR D 28 35.38 4.59 -57.16
C THR D 28 34.98 5.87 -56.44
N VAL D 29 33.79 6.37 -56.75
CA VAL D 29 33.34 7.65 -56.19
C VAL D 29 33.10 7.52 -54.68
N THR D 30 32.57 6.37 -54.24
CA THR D 30 32.21 6.22 -52.84
C THR D 30 33.42 6.29 -51.92
N SER D 31 34.54 5.68 -52.31
CA SER D 31 35.71 5.59 -51.45
C SER D 31 36.88 6.42 -51.98
N ASN D 32 36.59 7.51 -52.68
CA ASN D 32 37.64 8.42 -53.14
C ASN D 32 37.05 9.83 -53.26
N TYR D 33 37.95 10.81 -53.27
CA TYR D 33 37.54 12.20 -53.43
C TYR D 33 36.94 12.42 -54.81
N MET D 34 35.84 13.17 -54.87
CA MET D 34 35.42 13.76 -56.13
C MET D 34 34.67 15.04 -55.79
N SER D 35 34.54 15.94 -56.76
CA SER D 35 33.99 17.25 -56.44
C SER D 35 33.23 17.83 -57.61
N TRP D 36 32.34 18.77 -57.30
CA TRP D 36 31.67 19.59 -58.28
C TRP D 36 31.97 21.05 -57.98
N VAL D 37 32.18 21.84 -59.05
CA VAL D 37 32.62 23.23 -58.94
C VAL D 37 31.92 24.06 -60.00
N ARG D 38 31.60 25.31 -59.68
CA ARG D 38 31.03 26.25 -60.62
C ARG D 38 32.03 27.32 -61.02
N GLN D 39 31.76 27.96 -62.16
CA GLN D 39 32.52 29.11 -62.63
C GLN D 39 31.52 30.12 -63.17
N ALA D 40 31.39 31.26 -62.49
CA ALA D 40 30.45 32.28 -62.90
C ALA D 40 30.98 33.06 -64.11
N PRO D 41 30.09 33.53 -64.98
CA PRO D 41 30.54 34.34 -66.12
C PRO D 41 31.10 35.68 -65.64
N GLY D 42 32.32 35.99 -66.09
CA GLY D 42 32.99 37.20 -65.64
C GLY D 42 33.62 37.10 -64.27
N LYS D 43 33.62 35.93 -63.65
CA LYS D 43 34.17 35.73 -62.33
C LYS D 43 35.04 34.47 -62.33
N GLY D 44 35.88 34.35 -61.31
CA GLY D 44 36.72 33.18 -61.16
C GLY D 44 35.95 31.97 -60.64
N LEU D 45 36.68 30.88 -60.49
CA LEU D 45 36.08 29.61 -60.10
C LEU D 45 35.52 29.68 -58.68
N GLU D 46 34.48 28.90 -58.43
CA GLU D 46 33.85 28.81 -57.13
C GLU D 46 33.61 27.35 -56.75
N TRP D 47 34.11 26.95 -55.59
CA TRP D 47 33.93 25.60 -55.10
C TRP D 47 32.47 25.36 -54.69
N VAL D 48 31.95 24.18 -55.03
CA VAL D 48 30.55 23.83 -54.76
C VAL D 48 30.45 22.72 -53.72
N SER D 49 30.94 21.52 -54.04
CA SER D 49 30.71 20.41 -53.13
C SER D 49 31.76 19.32 -53.37
N VAL D 50 31.95 18.49 -52.34
CA VAL D 50 32.85 17.35 -52.42
C VAL D 50 32.19 16.11 -51.83
N ILE D 51 32.60 14.96 -52.33
CA ILE D 51 32.28 13.66 -51.74
C ILE D 51 33.59 12.98 -51.37
N TYR D 52 33.67 12.51 -50.12
CA TYR D 52 34.87 11.93 -49.54
C TYR D 52 34.72 10.42 -49.43
N SER D 53 35.70 9.78 -48.81
CA SER D 53 35.67 8.34 -48.56
C SER D 53 35.30 8.11 -47.10
N GLY D 54 34.12 7.54 -46.86
CA GLY D 54 33.70 7.24 -45.51
C GLY D 54 32.36 7.84 -45.14
N GLY D 55 31.57 8.22 -46.14
CA GLY D 55 30.25 8.77 -45.89
C GLY D 55 30.28 10.11 -45.16
N SER D 56 31.08 11.05 -45.66
CA SER D 56 31.18 12.39 -45.08
C SER D 56 30.94 13.40 -46.19
N THR D 57 29.85 14.15 -46.11
CA THR D 57 29.44 15.09 -47.14
C THR D 57 29.81 16.51 -46.72
N TYR D 58 30.45 17.24 -47.63
CA TYR D 58 30.80 18.63 -47.40
C TYR D 58 30.42 19.47 -48.61
N TYR D 59 29.79 20.61 -48.35
CA TYR D 59 29.24 21.49 -49.37
C TYR D 59 29.83 22.88 -49.21
N ALA D 60 29.50 23.76 -50.14
CA ALA D 60 29.86 25.17 -50.03
C ALA D 60 28.84 25.90 -49.17
N ASP D 61 29.01 27.23 -49.09
CA ASP D 61 28.09 28.02 -48.27
C ASP D 61 26.72 28.16 -48.94
N SER D 62 26.70 28.39 -50.25
CA SER D 62 25.45 28.66 -50.95
C SER D 62 24.70 27.40 -51.38
N VAL D 63 25.33 26.23 -51.33
CA VAL D 63 24.69 25.00 -51.77
C VAL D 63 24.61 24.01 -50.61
N LYS D 64 24.52 24.54 -49.39
CA LYS D 64 24.44 23.67 -48.23
C LYS D 64 23.15 22.85 -48.20
N GLY D 65 22.04 23.45 -48.62
CA GLY D 65 20.76 22.75 -48.57
C GLY D 65 19.98 22.78 -49.87
N ARG D 66 20.54 23.40 -50.91
CA ARG D 66 19.84 23.53 -52.17
C ARG D 66 20.13 22.39 -53.14
N PHE D 67 21.28 21.72 -53.01
CA PHE D 67 21.61 20.58 -53.84
C PHE D 67 21.45 19.29 -53.04
N THR D 68 21.22 18.19 -53.76
CA THR D 68 21.12 16.86 -53.16
C THR D 68 22.05 15.93 -53.92
N ILE D 69 22.97 15.29 -53.19
CA ILE D 69 24.02 14.47 -53.78
C ILE D 69 23.77 13.00 -53.43
N SER D 70 23.99 12.12 -54.40
CA SER D 70 23.86 10.68 -54.19
C SER D 70 24.79 9.95 -55.14
N ARG D 71 25.45 8.91 -54.63
CA ARG D 71 26.50 8.21 -55.36
C ARG D 71 26.16 6.74 -55.52
N HIS D 72 26.61 6.16 -56.63
CA HIS D 72 26.38 4.74 -56.88
C HIS D 72 27.62 4.13 -57.51
N ASN D 73 28.01 2.94 -57.03
CA ASN D 73 29.13 2.20 -57.59
C ASN D 73 28.71 1.21 -58.67
N SER D 74 27.40 1.05 -58.91
CA SER D 74 26.94 0.13 -59.95
C SER D 74 27.45 0.57 -61.32
N LYS D 75 27.39 1.87 -61.61
CA LYS D 75 27.96 2.44 -62.82
C LYS D 75 29.02 3.50 -62.50
N ASN D 76 29.39 3.65 -61.23
CA ASN D 76 30.36 4.65 -60.79
C ASN D 76 29.91 6.06 -61.20
N THR D 77 28.75 6.45 -60.68
CA THR D 77 28.11 7.69 -61.05
C THR D 77 27.81 8.52 -59.80
N LEU D 78 27.88 9.84 -59.97
CA LEU D 78 27.46 10.78 -58.93
C LEU D 78 26.36 11.67 -59.49
N TYR D 79 25.28 11.82 -58.74
CA TYR D 79 24.12 12.60 -59.16
C TYR D 79 23.89 13.73 -58.17
N LEU D 80 23.58 14.91 -58.69
CA LEU D 80 23.14 16.04 -57.88
C LEU D 80 21.84 16.56 -58.48
N GLN D 81 20.76 16.40 -57.72
CA GLN D 81 19.48 16.99 -58.06
C GLN D 81 19.40 18.36 -57.36
N MET D 82 19.15 19.40 -58.14
CA MET D 82 19.10 20.76 -57.63
C MET D 82 17.67 21.29 -57.72
N ASN D 83 17.14 21.71 -56.59
CA ASN D 83 15.81 22.30 -56.49
C ASN D 83 15.92 23.60 -55.70
N SER D 84 14.88 24.43 -55.81
CA SER D 84 14.86 25.75 -55.18
C SER D 84 16.07 26.59 -55.63
N LEU D 85 16.26 26.66 -56.94
CA LEU D 85 17.42 27.31 -57.51
C LEU D 85 17.27 28.83 -57.42
N ARG D 86 18.36 29.52 -57.78
CA ARG D 86 18.38 30.97 -57.80
C ARG D 86 18.84 31.45 -59.17
N ALA D 87 18.50 32.70 -59.50
CA ALA D 87 18.83 33.25 -60.82
C ALA D 87 20.33 33.36 -61.03
N GLU D 88 21.09 33.64 -59.98
CA GLU D 88 22.54 33.79 -60.10
C GLU D 88 23.24 32.48 -60.46
N ASP D 89 22.55 31.34 -60.32
CA ASP D 89 23.17 30.03 -60.52
C ASP D 89 23.63 29.79 -61.95
N THR D 90 23.22 30.61 -62.91
CA THR D 90 23.72 30.49 -64.27
C THR D 90 25.24 30.62 -64.31
N ALA D 91 25.92 29.54 -64.70
CA ALA D 91 27.37 29.46 -64.66
C ALA D 91 27.78 28.14 -65.29
N VAL D 92 29.08 27.99 -65.56
CA VAL D 92 29.61 26.78 -66.17
C VAL D 92 30.09 25.85 -65.06
N TYR D 93 29.50 24.66 -64.98
CA TYR D 93 29.81 23.71 -63.92
C TYR D 93 30.67 22.58 -64.45
N TYR D 94 31.57 22.09 -63.58
CA TYR D 94 32.46 20.97 -63.86
C TYR D 94 32.39 19.95 -62.75
N CYS D 95 32.53 18.68 -63.12
CA CYS D 95 32.84 17.61 -62.17
C CYS D 95 34.31 17.27 -62.30
N ALA D 96 35.00 17.18 -61.17
CA ALA D 96 36.44 17.00 -61.16
C ALA D 96 36.83 15.89 -60.21
N ARG D 97 37.91 15.19 -60.56
CA ARG D 97 38.49 14.16 -59.71
C ARG D 97 39.65 14.81 -58.96
N ASP D 98 39.31 15.59 -57.94
CA ASP D 98 40.30 16.33 -57.19
C ASP D 98 41.08 15.36 -56.30
N LEU D 99 42.40 15.54 -56.25
CA LEU D 99 43.29 14.59 -55.60
C LEU D 99 44.06 15.24 -54.48
N ARG D 100 43.34 15.94 -53.59
CA ARG D 100 43.89 16.68 -52.45
C ARG D 100 44.65 17.92 -52.90
N GLU D 101 45.89 18.04 -52.44
CA GLU D 101 46.73 19.22 -52.61
C GLU D 101 48.06 18.82 -53.27
N ALA D 102 48.03 18.74 -54.60
CA ALA D 102 49.21 18.52 -55.42
C ALA D 102 49.09 19.30 -56.72
N GLY D 103 48.44 20.45 -56.66
CA GLY D 103 48.05 21.17 -57.85
C GLY D 103 46.58 20.99 -58.12
N GLY D 104 45.79 22.05 -57.92
CA GLY D 104 44.35 21.93 -58.00
C GLY D 104 43.86 21.92 -59.43
N MET D 105 42.95 20.99 -59.72
CA MET D 105 42.31 20.87 -61.02
C MET D 105 43.34 20.70 -62.14
N ASP D 106 44.24 19.73 -61.94
CA ASP D 106 45.26 19.45 -62.95
C ASP D 106 44.64 18.93 -64.25
N VAL D 107 43.58 18.14 -64.13
CA VAL D 107 42.92 17.51 -65.27
C VAL D 107 41.57 18.20 -65.49
N TRP D 108 41.28 18.54 -66.75
CA TRP D 108 40.04 19.22 -67.10
C TRP D 108 39.33 18.46 -68.22
N GLY D 109 37.99 18.55 -68.19
CA GLY D 109 37.16 18.04 -69.25
C GLY D 109 36.58 19.16 -70.09
N GLN D 110 35.28 19.10 -70.34
CA GLN D 110 34.58 20.14 -71.10
C GLN D 110 33.76 21.06 -70.22
N GLY D 111 32.91 20.50 -69.34
CA GLY D 111 32.07 21.31 -68.48
C GLY D 111 30.81 21.79 -69.16
N THR D 112 29.71 21.82 -68.43
CA THR D 112 28.41 22.18 -69.01
C THR D 112 27.86 23.42 -68.30
N THR D 113 27.32 24.36 -69.06
CA THR D 113 26.76 25.56 -68.49
C THR D 113 25.30 25.35 -68.12
N VAL D 114 24.86 26.09 -67.09
CA VAL D 114 23.49 26.07 -66.63
C VAL D 114 22.98 27.51 -66.64
N THR D 115 21.94 27.77 -67.41
CA THR D 115 21.31 29.07 -67.48
C THR D 115 19.98 29.02 -66.72
N VAL D 116 19.80 29.95 -65.79
CA VAL D 116 18.62 29.93 -64.92
C VAL D 116 17.78 31.15 -65.26
N SER D 117 17.82 31.57 -66.52
CA SER D 117 17.03 32.69 -66.97
C SER D 117 15.55 32.33 -66.99
N SER D 118 14.70 33.35 -66.79
CA SER D 118 13.26 33.15 -66.80
C SER D 118 12.69 32.98 -68.22
N ALA D 119 13.51 33.20 -69.24
CA ALA D 119 13.05 33.06 -70.62
C ALA D 119 13.12 31.61 -71.07
N ASP E 1 39.94 31.59 -42.93
CA ASP E 1 39.75 31.90 -44.34
C ASP E 1 40.89 32.78 -44.86
N ILE E 2 41.35 32.46 -46.07
CA ILE E 2 42.42 33.21 -46.73
C ILE E 2 41.85 33.83 -48.00
N VAL E 3 41.96 35.15 -48.11
CA VAL E 3 41.47 35.88 -49.28
C VAL E 3 42.61 36.71 -49.83
N MET E 4 42.75 36.72 -51.15
CA MET E 4 43.84 37.41 -51.83
C MET E 4 43.31 38.69 -52.47
N THR E 5 43.99 39.81 -52.19
CA THR E 5 43.67 41.09 -52.79
C THR E 5 44.73 41.40 -53.85
N GLN E 6 44.51 40.85 -55.04
CA GLN E 6 45.43 41.04 -56.16
C GLN E 6 45.07 42.33 -56.89
N SER E 7 45.99 43.30 -56.86
CA SER E 7 45.71 44.60 -57.46
C SER E 7 45.45 44.52 -58.97
N PRO E 8 46.28 43.89 -59.79
CA PRO E 8 46.04 43.94 -61.24
C PRO E 8 44.96 42.96 -61.67
N SER E 9 44.06 43.41 -62.53
CA SER E 9 43.01 42.57 -63.09
C SER E 9 43.06 42.48 -64.61
N SER E 10 43.47 43.54 -65.31
CA SER E 10 43.53 43.54 -66.77
C SER E 10 44.60 44.54 -67.18
N LEU E 11 45.77 44.04 -67.57
CA LEU E 11 46.88 44.86 -68.01
C LEU E 11 47.14 44.64 -69.49
N SER E 12 47.41 45.72 -70.21
CA SER E 12 47.67 45.69 -71.65
C SER E 12 49.09 46.19 -71.91
N ALA E 13 49.83 45.46 -72.74
CA ALA E 13 51.19 45.82 -73.09
C ALA E 13 51.44 45.47 -74.54
N SER E 14 52.60 45.92 -75.05
CA SER E 14 52.99 45.67 -76.42
C SER E 14 53.68 44.30 -76.54
N VAL E 15 54.04 43.94 -77.77
CA VAL E 15 54.63 42.63 -78.02
C VAL E 15 56.07 42.61 -77.53
N GLY E 16 56.45 41.54 -76.83
CA GLY E 16 57.80 41.37 -76.36
C GLY E 16 58.09 41.88 -74.96
N ASP E 17 57.13 42.53 -74.32
CA ASP E 17 57.33 43.04 -72.98
C ASP E 17 57.28 41.91 -71.95
N ARG E 18 57.98 42.12 -70.84
CA ARG E 18 58.00 41.12 -69.77
C ARG E 18 56.63 41.06 -69.08
N VAL E 19 56.31 39.89 -68.54
CA VAL E 19 55.07 39.67 -67.80
C VAL E 19 55.43 39.34 -66.37
N THR E 20 55.05 40.21 -65.44
CA THR E 20 55.29 40.02 -64.01
C THR E 20 53.95 40.06 -63.30
N ILE E 21 53.61 38.97 -62.61
CA ILE E 21 52.35 38.83 -61.91
C ILE E 21 52.65 38.65 -60.42
N THR E 22 52.04 39.50 -59.60
CA THR E 22 52.18 39.45 -58.16
C THR E 22 50.82 39.23 -57.53
N CYS E 23 50.72 38.23 -56.66
CA CYS E 23 49.46 37.88 -56.00
C CYS E 23 49.70 37.90 -54.49
N GLN E 24 49.13 38.91 -53.82
CA GLN E 24 49.26 39.05 -52.38
C GLN E 24 48.09 38.36 -51.67
N ALA E 25 48.38 37.73 -50.54
CA ALA E 25 47.38 37.02 -49.76
C ALA E 25 47.25 37.63 -48.37
N SER E 26 46.07 37.48 -47.78
CA SER E 26 45.83 38.01 -46.44
C SER E 26 46.68 37.28 -45.40
N GLN E 27 46.79 35.96 -45.51
CA GLN E 27 47.58 35.15 -44.59
C GLN E 27 48.71 34.49 -45.37
N ASP E 28 49.56 33.78 -44.63
CA ASP E 28 50.75 33.17 -45.21
C ASP E 28 50.41 31.88 -45.93
N ILE E 29 50.74 31.81 -47.21
CA ILE E 29 50.60 30.57 -47.98
C ILE E 29 51.95 29.86 -47.97
N ASN E 30 51.95 28.61 -47.53
CA ASN E 30 53.18 27.87 -47.29
C ASN E 30 53.50 27.01 -48.51
N ASN E 31 54.17 27.61 -49.49
CA ASN E 31 54.66 26.90 -50.68
C ASN E 31 53.50 26.25 -51.44
N TYR E 32 52.30 26.82 -51.33
CA TYR E 32 51.05 26.15 -51.71
C TYR E 32 50.21 27.02 -52.64
N LEU E 33 50.84 27.58 -53.67
CA LEU E 33 50.12 28.39 -54.64
C LEU E 33 50.41 27.88 -56.05
N ASN E 34 49.42 28.05 -56.94
CA ASN E 34 49.46 27.50 -58.28
C ASN E 34 49.35 28.60 -59.32
N TRP E 35 49.90 28.33 -60.51
CA TRP E 35 49.79 29.24 -61.64
C TRP E 35 49.30 28.45 -62.85
N TYR E 36 48.27 28.97 -63.51
CA TYR E 36 47.58 28.29 -64.60
C TYR E 36 47.70 29.11 -65.88
N GLN E 37 47.37 28.45 -66.99
CA GLN E 37 47.18 29.13 -68.28
C GLN E 37 45.79 28.74 -68.79
N GLN E 38 44.91 29.73 -68.94
CA GLN E 38 43.51 29.44 -69.19
C GLN E 38 43.04 29.81 -70.60
N LYS E 39 43.71 30.78 -71.24
CA LYS E 39 43.51 31.15 -72.65
C LYS E 39 42.14 31.76 -72.89
N PRO E 40 41.96 32.58 -73.94
CA PRO E 40 40.67 33.25 -74.10
C PRO E 40 39.52 32.29 -74.38
N GLY E 41 38.66 32.11 -73.38
CA GLY E 41 37.50 31.23 -73.49
C GLY E 41 37.76 29.77 -73.22
N LYS E 42 39.01 29.34 -73.16
CA LYS E 42 39.34 27.94 -72.98
C LYS E 42 39.37 27.57 -71.49
N ALA E 43 39.37 26.27 -71.22
CA ALA E 43 39.43 25.79 -69.86
C ALA E 43 40.83 26.03 -69.28
N PRO E 44 40.92 26.30 -67.98
CA PRO E 44 42.24 26.52 -67.36
C PRO E 44 43.13 25.29 -67.47
N LYS E 45 44.42 25.53 -67.65
CA LYS E 45 45.44 24.47 -67.71
C LYS E 45 46.48 24.77 -66.65
N LEU E 46 46.69 23.82 -65.73
CA LEU E 46 47.63 24.02 -64.64
C LEU E 46 49.07 23.86 -65.13
N LEU E 47 49.91 24.83 -64.76
CA LEU E 47 51.32 24.80 -65.10
C LEU E 47 52.21 24.65 -63.88
N ILE E 48 52.07 25.52 -62.88
CA ILE E 48 52.93 25.52 -61.71
C ILE E 48 52.11 25.06 -60.51
N TYR E 49 52.54 23.99 -59.86
CA TYR E 49 52.00 23.54 -58.59
C TYR E 49 53.11 23.61 -57.54
N ASP E 50 52.68 23.50 -56.28
CA ASP E 50 53.45 23.46 -55.04
C ASP E 50 54.58 24.50 -55.04
N ALA E 51 54.39 25.58 -55.81
CA ALA E 51 55.17 26.81 -55.81
C ALA E 51 56.63 26.64 -56.19
N SER E 52 57.13 25.41 -56.36
CA SER E 52 58.54 25.22 -56.66
C SER E 52 58.83 24.22 -57.77
N ASN E 53 57.94 23.27 -58.07
CA ASN E 53 58.24 22.22 -59.02
C ASN E 53 57.55 22.50 -60.36
N LEU E 54 58.23 22.11 -61.43
CA LEU E 54 57.71 22.28 -62.79
C LEU E 54 57.07 20.98 -63.27
N GLU E 55 55.99 21.13 -64.04
CA GLU E 55 55.31 20.00 -64.63
C GLU E 55 55.82 19.74 -66.04
N THR E 56 55.90 18.47 -66.41
CA THR E 56 56.37 18.10 -67.73
C THR E 56 55.36 18.57 -68.78
N GLY E 57 55.81 19.43 -69.68
CA GLY E 57 54.97 20.03 -70.71
C GLY E 57 54.92 21.54 -70.64
N VAL E 58 55.09 22.11 -69.45
CA VAL E 58 55.06 23.57 -69.30
C VAL E 58 56.25 24.17 -70.04
N PRO E 59 56.05 25.21 -70.85
CA PRO E 59 57.18 25.82 -71.55
C PRO E 59 58.16 26.47 -70.58
N SER E 60 59.42 26.57 -71.00
CA SER E 60 60.46 27.16 -70.18
C SER E 60 60.31 28.67 -70.03
N ARG E 61 59.43 29.30 -70.80
CA ARG E 61 59.21 30.74 -70.69
C ARG E 61 58.36 31.13 -69.50
N PHE E 62 57.77 30.15 -68.80
CA PHE E 62 56.96 30.41 -67.62
C PHE E 62 57.75 30.04 -66.37
N SER E 63 57.64 30.87 -65.33
CA SER E 63 58.29 30.57 -64.07
C SER E 63 57.41 31.03 -62.92
N GLY E 64 57.38 30.24 -61.86
CA GLY E 64 56.64 30.60 -60.66
C GLY E 64 57.47 30.39 -59.42
N SER E 65 57.28 31.28 -58.45
CA SER E 65 58.08 31.22 -57.24
C SER E 65 57.31 31.85 -56.08
N GLY E 66 57.77 31.53 -54.87
CA GLY E 66 57.17 32.08 -53.68
C GLY E 66 57.04 31.08 -52.55
N SER E 67 57.32 31.52 -51.33
CA SER E 67 57.14 30.68 -50.14
C SER E 67 56.79 31.62 -48.98
N GLY E 68 55.49 31.82 -48.78
CA GLY E 68 55.04 32.74 -47.76
C GLY E 68 53.99 33.72 -48.25
N THR E 69 54.08 34.98 -47.80
CA THR E 69 53.11 35.98 -48.20
C THR E 69 53.25 36.36 -49.67
N ASP E 70 54.49 36.43 -50.16
CA ASP E 70 54.76 36.92 -51.50
C ASP E 70 54.82 35.77 -52.50
N PHE E 71 54.26 35.99 -53.69
CA PHE E 71 54.24 35.01 -54.75
C PHE E 71 54.42 35.74 -56.09
N THR E 72 55.27 35.19 -56.95
CA THR E 72 55.63 35.85 -58.20
C THR E 72 55.51 34.88 -59.37
N PHE E 73 55.06 35.41 -60.51
CA PHE E 73 55.00 34.67 -61.76
C PHE E 73 55.68 35.50 -62.83
N THR E 74 56.59 34.88 -63.57
CA THR E 74 57.46 35.58 -64.51
C THR E 74 57.40 34.94 -65.89
N ILE E 75 57.21 35.77 -66.91
CA ILE E 75 57.30 35.37 -68.31
C ILE E 75 58.24 36.34 -69.00
N SER E 76 59.36 35.81 -69.52
CA SER E 76 60.36 36.64 -70.16
C SER E 76 60.14 36.78 -71.66
N SER E 77 59.80 35.69 -72.35
CA SER E 77 59.61 35.69 -73.79
C SER E 77 58.11 35.82 -74.07
N LEU E 78 57.67 37.04 -74.37
CA LEU E 78 56.26 37.28 -74.63
C LEU E 78 55.85 36.69 -75.97
N GLN E 79 54.73 35.98 -75.97
CA GLN E 79 54.17 35.37 -77.17
C GLN E 79 52.68 35.65 -77.24
N PRO E 80 52.10 35.64 -78.45
CA PRO E 80 50.64 35.79 -78.55
C PRO E 80 49.88 34.68 -77.85
N GLU E 81 50.48 33.50 -77.70
CA GLU E 81 49.83 32.40 -76.98
C GLU E 81 49.68 32.70 -75.49
N ASP E 82 50.43 33.68 -74.97
CA ASP E 82 50.36 34.02 -73.56
C ASP E 82 49.23 34.99 -73.22
N ILE E 83 48.46 35.44 -74.21
CA ILE E 83 47.30 36.27 -73.95
C ILE E 83 46.26 35.41 -73.25
N ALA E 84 46.06 35.62 -71.96
CA ALA E 84 45.25 34.71 -71.15
C ALA E 84 44.94 35.42 -69.83
N THR E 85 44.41 34.65 -68.88
CA THR E 85 44.15 35.13 -67.52
C THR E 85 44.83 34.17 -66.55
N TYR E 86 45.86 34.66 -65.86
CA TYR E 86 46.61 33.84 -64.91
C TYR E 86 46.01 33.98 -63.52
N TYR E 87 45.72 32.85 -62.89
CA TYR E 87 45.09 32.82 -61.58
C TYR E 87 46.08 32.34 -60.53
N CYS E 88 45.92 32.88 -59.32
CA CYS E 88 46.63 32.38 -58.15
C CYS E 88 45.63 31.74 -57.21
N GLN E 89 45.89 30.49 -56.83
CA GLN E 89 44.99 29.73 -55.99
C GLN E 89 45.71 29.24 -54.75
N GLN E 90 45.04 29.30 -53.62
CA GLN E 90 45.58 28.83 -52.34
C GLN E 90 44.76 27.62 -51.89
N PHE E 91 45.36 26.44 -52.00
CA PHE E 91 44.79 25.21 -51.47
C PHE E 91 45.32 24.95 -50.05
N ASP E 92 45.20 25.94 -49.19
CA ASP E 92 45.86 25.93 -47.90
C ASP E 92 44.88 25.97 -46.73
N ASN E 93 43.95 26.91 -46.73
CA ASN E 93 43.00 27.09 -45.63
C ASN E 93 41.60 26.76 -46.14
N LEU E 94 40.93 25.82 -45.48
CA LEU E 94 39.56 25.47 -45.85
C LEU E 94 38.61 26.60 -45.46
N PRO E 95 37.67 26.99 -46.33
CA PRO E 95 37.50 26.43 -47.67
C PRO E 95 38.48 26.99 -48.69
N TRP E 96 38.83 26.17 -49.68
CA TRP E 96 39.85 26.53 -50.68
C TRP E 96 39.19 27.38 -51.76
N THR E 97 39.04 28.67 -51.46
CA THR E 97 38.49 29.61 -52.42
C THR E 97 39.50 29.89 -53.54
N PHE E 98 38.98 30.06 -54.75
CA PHE E 98 39.81 30.34 -55.91
C PHE E 98 40.09 31.84 -56.03
N GLY E 99 41.07 32.18 -56.87
CA GLY E 99 41.44 33.55 -57.10
C GLY E 99 40.74 34.16 -58.30
N GLN E 100 40.89 35.48 -58.43
CA GLN E 100 40.28 36.20 -59.54
C GLN E 100 41.15 36.19 -60.79
N GLY E 101 42.47 36.24 -60.64
CA GLY E 101 43.36 36.16 -61.78
C GLY E 101 43.51 37.46 -62.53
N THR E 102 44.74 37.78 -62.94
CA THR E 102 45.01 38.96 -63.75
C THR E 102 45.03 38.57 -65.22
N LYS E 103 44.38 39.38 -66.05
CA LYS E 103 44.25 39.09 -67.47
C LYS E 103 45.29 39.90 -68.25
N VAL E 104 46.19 39.20 -68.93
CA VAL E 104 47.17 39.82 -69.80
C VAL E 104 46.73 39.65 -71.25
N GLU E 105 46.65 40.76 -71.97
CA GLU E 105 46.28 40.79 -73.38
C GLU E 105 47.24 41.71 -74.12
N ILE E 106 47.80 41.24 -75.22
CA ILE E 106 48.81 42.00 -75.95
C ILE E 106 48.27 42.40 -77.32
N GLU F 1 6.65 40.24 -54.01
CA GLU F 1 5.30 40.68 -54.32
C GLU F 1 4.36 39.48 -54.35
N VAL F 2 3.05 39.72 -54.21
CA VAL F 2 2.08 38.64 -54.13
C VAL F 2 2.12 37.81 -55.41
N GLN F 3 2.25 36.50 -55.25
CA GLN F 3 2.24 35.59 -56.39
C GLN F 3 1.97 34.18 -55.90
N LEU F 4 1.11 33.46 -56.64
CA LEU F 4 0.71 32.11 -56.28
C LEU F 4 0.96 31.20 -57.47
N LEU F 5 1.89 30.26 -57.32
CA LEU F 5 2.19 29.27 -58.35
C LEU F 5 1.97 27.87 -57.81
N GLU F 6 1.86 26.91 -58.73
CA GLU F 6 1.64 25.51 -58.38
C GLU F 6 2.59 24.61 -59.15
N SER F 7 2.87 23.46 -58.56
CA SER F 7 3.71 22.45 -59.19
C SER F 7 3.21 21.07 -58.81
N GLY F 8 3.47 20.10 -59.68
CA GLY F 8 3.09 18.72 -59.43
C GLY F 8 2.10 18.17 -60.44
N GLY F 9 2.27 16.92 -60.81
CA GLY F 9 1.39 16.25 -61.76
C GLY F 9 2.10 15.89 -63.04
N GLY F 10 1.41 15.08 -63.86
CA GLY F 10 1.94 14.62 -65.12
C GLY F 10 1.14 13.48 -65.71
N LEU F 11 1.84 12.44 -66.16
CA LEU F 11 1.21 11.23 -66.71
C LEU F 11 1.80 10.00 -66.04
N VAL F 12 1.88 10.03 -64.71
CA VAL F 12 2.38 8.87 -63.97
C VAL F 12 1.37 7.73 -64.03
N GLN F 13 1.87 6.51 -63.79
CA GLN F 13 1.02 5.34 -63.85
C GLN F 13 0.03 5.35 -62.69
N PRO F 14 -1.11 4.68 -62.84
CA PRO F 14 -2.06 4.57 -61.72
C PRO F 14 -1.42 3.87 -60.54
N GLY F 15 -1.80 4.31 -59.34
CA GLY F 15 -1.15 3.84 -58.14
C GLY F 15 0.19 4.48 -57.86
N GLY F 16 0.49 5.60 -58.51
CA GLY F 16 1.73 6.31 -58.28
C GLY F 16 1.53 7.56 -57.46
N SER F 17 2.20 7.63 -56.32
CA SER F 17 2.02 8.76 -55.40
C SER F 17 2.59 10.03 -56.00
N LEU F 18 1.96 11.16 -55.65
CA LEU F 18 2.38 12.46 -56.13
C LEU F 18 2.31 13.47 -55.00
N ARG F 19 2.78 14.69 -55.29
CA ARG F 19 2.91 15.74 -54.29
C ARG F 19 2.68 17.08 -54.96
N LEU F 20 1.55 17.73 -54.67
CA LEU F 20 1.29 19.07 -55.16
C LEU F 20 1.98 20.09 -54.28
N SER F 21 2.46 21.17 -54.89
CA SER F 21 3.11 22.26 -54.17
C SER F 21 2.42 23.56 -54.55
N CYS F 22 2.02 24.33 -53.54
CA CYS F 22 1.40 25.64 -53.71
C CYS F 22 2.32 26.68 -53.09
N ALA F 23 3.00 27.44 -53.93
CA ALA F 23 3.94 28.47 -53.47
C ALA F 23 3.22 29.82 -53.53
N ALA F 24 2.93 30.37 -52.35
CA ALA F 24 2.28 31.67 -52.23
C ALA F 24 3.23 32.66 -51.58
N SER F 25 3.23 33.90 -52.08
CA SER F 25 4.06 34.95 -51.53
C SER F 25 3.23 36.23 -51.42
N GLY F 26 3.40 36.94 -50.31
CA GLY F 26 2.63 38.13 -50.02
C GLY F 26 1.56 37.96 -48.97
N VAL F 27 1.29 36.73 -48.53
CA VAL F 27 0.29 36.44 -47.52
C VAL F 27 0.93 35.56 -46.45
N THR F 28 0.15 35.26 -45.41
CA THR F 28 0.58 34.44 -44.29
C THR F 28 -0.20 33.13 -44.32
N VAL F 29 0.49 32.03 -44.60
CA VAL F 29 -0.16 30.72 -44.64
C VAL F 29 -0.62 30.29 -43.26
N THR F 30 0.16 30.65 -42.22
CA THR F 30 -0.12 30.16 -40.88
C THR F 30 -1.45 30.67 -40.34
N SER F 31 -1.78 31.94 -40.61
CA SER F 31 -2.95 32.58 -40.00
C SER F 31 -4.02 32.91 -41.04
N ASN F 32 -4.19 32.05 -42.04
CA ASN F 32 -5.21 32.27 -43.07
C ASN F 32 -5.89 30.96 -43.41
N TYR F 33 -7.14 31.05 -43.85
CA TYR F 33 -7.90 29.90 -44.31
C TYR F 33 -7.57 29.62 -45.77
N MET F 34 -7.57 28.34 -46.14
CA MET F 34 -7.25 27.96 -47.51
C MET F 34 -8.02 26.70 -47.87
N SER F 35 -8.17 26.48 -49.16
CA SER F 35 -8.92 25.32 -49.67
C SER F 35 -8.24 24.79 -50.92
N TRP F 36 -8.50 23.51 -51.21
CA TRP F 36 -8.11 22.88 -52.46
C TRP F 36 -9.36 22.49 -53.24
N VAL F 37 -9.35 22.81 -54.54
CA VAL F 37 -10.50 22.59 -55.42
C VAL F 37 -10.00 21.97 -56.72
N ARG F 38 -10.62 20.87 -57.14
CA ARG F 38 -10.33 20.25 -58.42
C ARG F 38 -11.48 20.49 -59.39
N GLN F 39 -11.14 20.71 -60.66
CA GLN F 39 -12.12 21.03 -61.69
C GLN F 39 -11.90 20.12 -62.89
N ALA F 40 -12.98 19.48 -63.34
CA ALA F 40 -12.90 18.64 -64.52
C ALA F 40 -12.73 19.51 -65.77
N PRO F 41 -12.08 18.98 -66.81
CA PRO F 41 -11.92 19.75 -68.05
C PRO F 41 -13.27 20.01 -68.71
N GLY F 42 -13.61 21.28 -68.86
CA GLY F 42 -14.87 21.66 -69.47
C GLY F 42 -16.09 21.45 -68.60
N LYS F 43 -15.96 21.62 -67.29
CA LYS F 43 -17.08 21.46 -66.37
C LYS F 43 -17.02 22.60 -65.35
N GLY F 44 -17.92 22.57 -64.38
CA GLY F 44 -18.02 23.60 -63.37
C GLY F 44 -17.10 23.34 -62.19
N LEU F 45 -17.28 24.17 -61.15
CA LEU F 45 -16.44 24.09 -59.96
C LEU F 45 -16.74 22.82 -59.18
N GLU F 46 -15.75 22.38 -58.41
CA GLU F 46 -15.91 21.18 -57.58
C GLU F 46 -14.94 21.30 -56.40
N TRP F 47 -15.48 21.62 -55.23
CA TRP F 47 -14.66 21.79 -54.03
C TRP F 47 -14.14 20.45 -53.52
N VAL F 48 -12.94 20.47 -52.93
CA VAL F 48 -12.33 19.25 -52.42
C VAL F 48 -12.13 19.30 -50.91
N SER F 49 -11.29 20.23 -50.43
CA SER F 49 -10.86 20.15 -49.04
C SER F 49 -10.55 21.53 -48.48
N VAL F 50 -10.52 21.61 -47.14
CA VAL F 50 -10.26 22.85 -46.43
C VAL F 50 -9.16 22.65 -45.39
N ILE F 51 -8.31 23.68 -45.25
CA ILE F 51 -7.33 23.81 -44.18
C ILE F 51 -7.56 25.15 -43.50
N TYR F 52 -7.61 25.12 -42.16
CA TYR F 52 -7.78 26.32 -41.37
C TYR F 52 -6.42 26.78 -40.85
N SER F 53 -6.42 27.75 -39.95
CA SER F 53 -5.21 28.25 -39.33
C SER F 53 -5.02 27.56 -37.98
N GLY F 54 -3.81 27.04 -37.76
CA GLY F 54 -3.50 26.33 -36.53
C GLY F 54 -3.43 24.83 -36.65
N GLY F 55 -3.43 24.27 -37.85
CA GLY F 55 -3.32 22.83 -38.03
C GLY F 55 -4.63 22.09 -37.87
N SER F 56 -5.61 22.42 -38.70
CA SER F 56 -6.93 21.76 -38.71
C SER F 56 -7.30 21.43 -40.14
N THR F 57 -7.25 20.14 -40.50
CA THR F 57 -7.50 19.68 -41.85
C THR F 57 -8.84 18.97 -41.92
N TYR F 58 -9.66 19.31 -42.90
CA TYR F 58 -10.89 18.55 -43.14
C TYR F 58 -11.20 18.47 -44.63
N TYR F 59 -11.99 17.46 -44.98
CA TYR F 59 -12.32 17.17 -46.36
C TYR F 59 -13.81 16.86 -46.50
N ALA F 60 -14.22 16.39 -47.67
CA ALA F 60 -15.51 15.74 -47.81
C ALA F 60 -15.41 14.29 -47.36
N ASP F 61 -16.56 13.63 -47.27
CA ASP F 61 -16.57 12.24 -46.81
C ASP F 61 -15.88 11.32 -47.81
N SER F 62 -16.03 11.58 -49.11
CA SER F 62 -15.42 10.75 -50.12
C SER F 62 -13.89 10.89 -50.15
N VAL F 63 -13.36 12.00 -49.66
CA VAL F 63 -11.92 12.27 -49.69
C VAL F 63 -11.40 12.37 -48.25
N LYS F 64 -12.00 11.56 -47.37
CA LYS F 64 -11.75 11.66 -45.93
C LYS F 64 -10.26 11.63 -45.58
N GLY F 65 -9.49 10.77 -46.22
CA GLY F 65 -8.09 10.63 -45.89
C GLY F 65 -7.13 10.97 -47.01
N ARG F 66 -7.63 11.71 -48.01
CA ARG F 66 -6.92 11.85 -49.28
C ARG F 66 -5.54 12.48 -49.11
N PHE F 67 -5.43 13.50 -48.26
CA PHE F 67 -4.27 14.37 -48.28
C PHE F 67 -3.36 14.12 -47.09
N THR F 68 -2.06 14.36 -47.30
CA THR F 68 -1.08 14.48 -46.23
C THR F 68 -0.42 15.84 -46.38
N ILE F 69 -0.67 16.74 -45.43
CA ILE F 69 -0.38 18.16 -45.59
C ILE F 69 0.82 18.55 -44.76
N SER F 70 1.69 19.39 -45.34
CA SER F 70 2.82 19.96 -44.61
C SER F 70 3.13 21.32 -45.19
N ARG F 71 3.83 22.14 -44.41
CA ARG F 71 4.15 23.50 -44.82
C ARG F 71 5.62 23.79 -44.57
N HIS F 72 6.18 24.69 -45.36
CA HIS F 72 7.55 25.15 -45.19
C HIS F 72 7.56 26.66 -45.12
N ASN F 73 8.15 27.20 -44.05
CA ASN F 73 8.19 28.63 -43.81
C ASN F 73 9.42 29.31 -44.40
N SER F 74 10.31 28.54 -45.05
CA SER F 74 11.45 29.15 -45.73
C SER F 74 10.99 30.05 -46.86
N LYS F 75 10.01 29.61 -47.64
CA LYS F 75 9.43 30.41 -48.70
C LYS F 75 7.92 30.55 -48.57
N ASN F 76 7.35 30.17 -47.43
CA ASN F 76 5.90 30.23 -47.17
C ASN F 76 5.13 29.45 -48.22
N THR F 77 5.40 28.14 -48.27
CA THR F 77 4.84 27.27 -49.29
C THR F 77 4.16 26.07 -48.63
N LEU F 78 3.23 25.47 -49.38
CA LEU F 78 2.52 24.28 -48.96
C LEU F 78 2.93 23.09 -49.82
N TYR F 79 3.14 21.95 -49.17
CA TYR F 79 3.33 20.68 -49.87
C TYR F 79 2.24 19.72 -49.41
N LEU F 80 1.72 18.93 -50.35
CA LEU F 80 0.49 18.18 -50.09
C LEU F 80 0.56 16.89 -50.89
N GLN F 81 0.71 15.76 -50.19
CA GLN F 81 1.02 14.48 -50.79
C GLN F 81 -0.22 13.59 -50.88
N MET F 82 -0.36 12.92 -52.01
CA MET F 82 -1.37 11.87 -52.22
C MET F 82 -0.64 10.58 -52.53
N ASN F 83 -0.95 9.53 -51.77
CA ASN F 83 -0.42 8.20 -52.07
C ASN F 83 -1.40 7.47 -52.97
N SER F 84 -0.90 6.91 -54.08
CA SER F 84 -1.68 6.08 -54.99
C SER F 84 -2.93 6.81 -55.50
N LEU F 85 -2.67 7.83 -56.31
CA LEU F 85 -3.74 8.65 -56.87
C LEU F 85 -4.75 7.79 -57.66
N ARG F 86 -5.92 8.36 -57.89
CA ARG F 86 -7.05 7.65 -58.46
C ARG F 86 -7.25 8.07 -59.92
N ALA F 87 -7.90 7.19 -60.69
CA ALA F 87 -7.97 7.35 -62.14
C ALA F 87 -8.79 8.55 -62.54
N GLU F 88 -10.02 8.68 -62.02
CA GLU F 88 -10.88 9.77 -62.46
C GLU F 88 -10.53 11.10 -61.81
N ASP F 89 -9.55 11.14 -60.92
CA ASP F 89 -9.08 12.40 -60.35
C ASP F 89 -8.29 13.23 -61.35
N THR F 90 -8.20 12.80 -62.61
CA THR F 90 -7.62 13.63 -63.67
C THR F 90 -8.39 14.93 -63.79
N ALA F 91 -7.77 16.04 -63.42
CA ALA F 91 -8.46 17.32 -63.35
C ALA F 91 -7.42 18.41 -63.10
N VAL F 92 -7.87 19.66 -63.19
CA VAL F 92 -7.02 20.81 -62.88
C VAL F 92 -7.23 21.20 -61.43
N TYR F 93 -6.14 21.31 -60.68
CA TYR F 93 -6.19 21.56 -59.25
C TYR F 93 -5.82 23.01 -58.97
N TYR F 94 -6.50 23.60 -57.97
CA TYR F 94 -6.26 24.95 -57.52
C TYR F 94 -6.15 24.98 -56.00
N CYS F 95 -5.16 25.72 -55.50
CA CYS F 95 -5.09 26.13 -54.10
C CYS F 95 -5.62 27.55 -54.00
N ALA F 96 -6.55 27.78 -53.08
CA ALA F 96 -7.31 29.02 -53.03
C ALA F 96 -7.35 29.56 -51.62
N ARG F 97 -7.44 30.89 -51.50
CA ARG F 97 -7.52 31.57 -50.22
C ARG F 97 -8.76 32.45 -50.23
N ASP F 98 -9.67 32.22 -49.30
CA ASP F 98 -10.95 32.91 -49.26
C ASP F 98 -10.98 33.91 -48.13
N LEU F 99 -11.39 35.14 -48.44
CA LEU F 99 -11.56 36.18 -47.44
C LEU F 99 -12.91 36.11 -46.73
N ARG F 100 -13.77 35.17 -47.13
CA ARG F 100 -15.02 34.87 -46.44
C ARG F 100 -16.01 36.05 -46.47
N GLU F 101 -16.29 36.62 -45.31
CA GLU F 101 -17.39 37.57 -45.15
C GLU F 101 -16.96 39.02 -45.37
N ALA F 102 -15.92 39.26 -46.16
CA ALA F 102 -15.53 40.60 -46.59
C ALA F 102 -15.19 40.59 -48.07
N GLY F 103 -16.01 39.92 -48.87
CA GLY F 103 -15.69 39.67 -50.26
C GLY F 103 -15.04 38.31 -50.38
N GLY F 104 -15.67 37.39 -51.10
CA GLY F 104 -15.21 36.01 -51.08
C GLY F 104 -14.55 35.51 -52.34
N MET F 105 -13.24 35.29 -52.26
CA MET F 105 -12.47 34.56 -53.27
C MET F 105 -12.64 35.18 -54.65
N ASP F 106 -12.10 36.40 -54.78
CA ASP F 106 -12.22 37.15 -56.03
C ASP F 106 -11.34 36.55 -57.13
N VAL F 107 -10.03 36.50 -56.89
CA VAL F 107 -9.06 36.06 -57.89
C VAL F 107 -8.60 34.65 -57.55
N TRP F 108 -8.41 33.84 -58.59
CA TRP F 108 -7.96 32.46 -58.44
C TRP F 108 -6.47 32.34 -58.74
N GLY F 109 -5.91 31.18 -58.37
CA GLY F 109 -4.51 30.90 -58.63
C GLY F 109 -4.26 30.49 -60.07
N GLN F 110 -3.34 29.54 -60.26
CA GLN F 110 -3.03 29.06 -61.61
C GLN F 110 -3.75 27.76 -61.93
N GLY F 111 -3.54 26.72 -61.13
CA GLY F 111 -4.19 25.44 -61.37
C GLY F 111 -3.40 24.57 -62.32
N THR F 112 -3.05 23.36 -61.89
CA THR F 112 -2.25 22.46 -62.70
C THR F 112 -3.04 21.19 -63.00
N THR F 113 -2.92 20.70 -64.23
CA THR F 113 -3.67 19.53 -64.67
C THR F 113 -2.91 18.26 -64.31
N VAL F 114 -3.60 17.34 -63.63
CA VAL F 114 -3.03 16.06 -63.23
C VAL F 114 -3.84 14.95 -63.89
N THR F 115 -3.14 14.07 -64.60
CA THR F 115 -3.75 12.93 -65.28
C THR F 115 -3.18 11.65 -64.67
N VAL F 116 -4.08 10.79 -64.19
CA VAL F 116 -3.67 9.52 -63.57
C VAL F 116 -4.32 8.41 -64.39
N SER F 117 -4.48 8.65 -65.69
CA SER F 117 -5.09 7.66 -66.57
C SER F 117 -4.16 6.46 -66.75
N SER F 118 -4.77 5.32 -67.07
CA SER F 118 -4.02 4.09 -67.28
C SER F 118 -3.58 3.96 -68.73
N ASP G 1 -26.28 17.98 -44.72
CA ASP G 1 -27.23 18.76 -43.93
C ASP G 1 -28.03 19.71 -44.82
N ILE G 2 -27.48 20.89 -45.05
CA ILE G 2 -28.13 21.92 -45.86
C ILE G 2 -27.70 21.74 -47.30
N VAL G 3 -28.67 21.56 -48.19
CA VAL G 3 -28.43 21.49 -49.63
C VAL G 3 -29.06 22.73 -50.26
N MET G 4 -28.27 23.43 -51.08
CA MET G 4 -28.68 24.69 -51.67
C MET G 4 -28.71 24.54 -53.18
N THR G 5 -29.91 24.54 -53.75
CA THR G 5 -30.12 24.32 -55.18
C THR G 5 -30.69 25.57 -55.80
N GLN G 6 -30.15 25.96 -56.96
CA GLN G 6 -30.65 27.12 -57.67
C GLN G 6 -32.06 26.88 -58.17
N SER G 7 -32.91 27.90 -58.03
CA SER G 7 -34.25 27.83 -58.63
C SER G 7 -34.19 27.71 -60.14
N PRO G 8 -33.40 28.50 -60.88
CA PRO G 8 -33.22 28.23 -62.30
C PRO G 8 -32.03 27.31 -62.55
N SER G 9 -32.18 26.42 -63.52
CA SER G 9 -31.15 25.44 -63.85
C SER G 9 -30.51 25.67 -65.21
N SER G 10 -31.28 26.09 -66.21
CA SER G 10 -30.76 26.29 -67.57
C SER G 10 -31.59 27.38 -68.24
N LEU G 11 -31.01 28.56 -68.37
CA LEU G 11 -31.66 29.69 -69.02
C LEU G 11 -30.84 30.12 -70.24
N SER G 12 -31.52 30.27 -71.38
CA SER G 12 -30.87 30.67 -72.62
C SER G 12 -31.59 31.89 -73.18
N ALA G 13 -30.81 32.91 -73.54
CA ALA G 13 -31.34 34.15 -74.08
C ALA G 13 -30.40 34.67 -75.16
N SER G 14 -30.74 35.83 -75.72
CA SER G 14 -29.95 36.48 -76.75
C SER G 14 -29.24 37.69 -76.16
N VAL G 15 -28.55 38.43 -77.03
CA VAL G 15 -27.79 39.59 -76.58
C VAL G 15 -28.75 40.73 -76.26
N GLY G 16 -28.61 41.31 -75.06
CA GLY G 16 -29.43 42.42 -74.64
C GLY G 16 -30.71 42.06 -73.92
N ASP G 17 -31.04 40.77 -73.81
CA ASP G 17 -32.26 40.36 -73.14
C ASP G 17 -32.05 40.34 -71.62
N ARG G 18 -33.15 40.54 -70.89
CA ARG G 18 -33.11 40.51 -69.44
C ARG G 18 -32.84 39.08 -68.95
N VAL G 19 -32.09 38.99 -67.85
CA VAL G 19 -31.83 37.71 -67.19
C VAL G 19 -32.21 37.86 -65.73
N THR G 20 -33.08 36.98 -65.24
CA THR G 20 -33.53 36.98 -63.86
C THR G 20 -33.10 35.68 -63.20
N ILE G 21 -32.35 35.79 -62.11
CA ILE G 21 -31.80 34.64 -61.41
C ILE G 21 -32.26 34.68 -59.96
N THR G 22 -32.82 33.57 -59.49
CA THR G 22 -33.24 33.42 -58.09
C THR G 22 -32.26 32.50 -57.38
N CYS G 23 -31.74 32.96 -56.25
CA CYS G 23 -30.75 32.22 -55.46
C CYS G 23 -31.35 31.93 -54.09
N GLN G 24 -31.96 30.75 -53.94
CA GLN G 24 -32.60 30.34 -52.71
C GLN G 24 -31.74 29.31 -51.99
N ALA G 25 -31.92 29.22 -50.67
CA ALA G 25 -31.24 28.25 -49.84
C ALA G 25 -32.27 27.43 -49.07
N SER G 26 -31.80 26.33 -48.47
CA SER G 26 -32.68 25.48 -47.69
C SER G 26 -33.35 26.27 -46.57
N GLN G 27 -32.56 27.03 -45.81
CA GLN G 27 -33.09 27.99 -44.85
C GLN G 27 -32.36 29.32 -45.02
N ASP G 28 -32.63 30.28 -44.16
CA ASP G 28 -32.17 31.65 -44.38
C ASP G 28 -30.65 31.73 -44.25
N ILE G 29 -30.01 32.32 -45.25
CA ILE G 29 -28.59 32.65 -45.20
C ILE G 29 -28.45 34.17 -45.24
N ASN G 30 -27.37 34.67 -44.64
CA ASN G 30 -27.14 36.10 -44.57
C ASN G 30 -25.65 36.38 -44.72
N ASN G 31 -25.32 37.37 -45.56
CA ASN G 31 -23.95 37.83 -45.80
C ASN G 31 -23.04 36.74 -46.34
N TYR G 32 -23.59 35.59 -46.72
CA TYR G 32 -22.81 34.47 -47.24
C TYR G 32 -23.22 34.16 -48.68
N LEU G 33 -23.54 35.20 -49.45
CA LEU G 33 -23.97 35.05 -50.84
C LEU G 33 -23.14 35.96 -51.73
N ASN G 34 -22.53 35.38 -52.76
CA ASN G 34 -21.70 36.12 -53.71
C ASN G 34 -22.12 35.77 -55.13
N TRP G 35 -21.97 36.75 -56.03
CA TRP G 35 -22.28 36.57 -57.44
C TRP G 35 -20.98 36.55 -58.25
N TYR G 36 -20.70 35.40 -58.86
CA TYR G 36 -19.44 35.06 -59.50
C TYR G 36 -19.59 35.09 -61.02
N GLN G 37 -18.44 35.03 -61.69
CA GLN G 37 -18.35 34.82 -63.14
C GLN G 37 -17.16 33.91 -63.40
N GLN G 38 -17.43 32.62 -63.62
CA GLN G 38 -16.35 31.67 -63.85
C GLN G 38 -15.88 31.70 -65.30
N LYS G 39 -16.82 31.67 -66.25
CA LYS G 39 -16.58 31.70 -67.70
C LYS G 39 -15.88 30.44 -68.17
N PRO G 40 -16.12 30.00 -69.41
CA PRO G 40 -15.43 28.81 -69.94
C PRO G 40 -13.92 29.03 -70.01
N GLY G 41 -13.18 28.10 -69.43
CA GLY G 41 -11.72 28.11 -69.52
C GLY G 41 -10.96 29.01 -68.57
N LYS G 42 -11.31 30.29 -68.52
CA LYS G 42 -10.58 31.24 -67.70
C LYS G 42 -10.90 31.04 -66.22
N ALA G 43 -10.03 31.60 -65.38
CA ALA G 43 -10.18 31.43 -63.94
C ALA G 43 -11.45 32.13 -63.45
N PRO G 44 -12.12 31.57 -62.44
CA PRO G 44 -13.34 32.22 -61.92
C PRO G 44 -13.03 33.58 -61.34
N LYS G 45 -14.00 34.49 -61.45
CA LYS G 45 -13.85 35.83 -60.91
C LYS G 45 -15.15 36.25 -60.23
N LEU G 46 -15.04 36.68 -58.97
CA LEU G 46 -16.17 37.27 -58.28
C LEU G 46 -16.41 38.67 -58.82
N LEU G 47 -17.68 38.97 -59.10
CA LEU G 47 -18.03 40.31 -59.58
C LEU G 47 -18.86 41.09 -58.57
N ILE G 48 -19.94 40.53 -58.04
CA ILE G 48 -20.87 41.29 -57.21
C ILE G 48 -20.93 40.69 -55.82
N TYR G 49 -20.74 41.55 -54.81
CA TYR G 49 -20.71 41.16 -53.41
C TYR G 49 -21.79 41.93 -52.66
N ASP G 50 -22.43 41.23 -51.72
CA ASP G 50 -23.50 41.77 -50.86
C ASP G 50 -24.75 42.18 -51.64
N ALA G 51 -24.76 41.98 -52.95
CA ALA G 51 -25.93 42.20 -53.81
C ALA G 51 -26.42 43.64 -53.81
N SER G 52 -25.62 44.58 -53.29
CA SER G 52 -26.07 45.97 -53.22
C SER G 52 -25.07 46.93 -53.84
N ASN G 53 -23.78 46.61 -53.75
CA ASN G 53 -22.72 47.50 -54.19
C ASN G 53 -22.09 46.99 -55.49
N LEU G 54 -21.91 47.90 -56.44
CA LEU G 54 -21.26 47.55 -57.70
C LEU G 54 -19.74 47.62 -57.56
N GLU G 55 -19.06 46.60 -58.09
CA GLU G 55 -17.61 46.53 -58.02
C GLU G 55 -16.98 47.15 -59.26
N THR G 56 -15.71 47.52 -59.13
CA THR G 56 -14.98 48.14 -60.23
C THR G 56 -14.85 47.21 -61.42
N GLY G 57 -15.48 47.57 -62.54
CA GLY G 57 -15.44 46.75 -63.72
C GLY G 57 -16.81 46.26 -64.15
N VAL G 58 -17.66 45.96 -63.18
CA VAL G 58 -19.01 45.48 -63.48
C VAL G 58 -19.84 46.63 -64.05
N PRO G 59 -20.49 46.46 -65.20
CA PRO G 59 -21.35 47.52 -65.73
C PRO G 59 -22.54 47.77 -64.81
N SER G 60 -23.06 49.00 -64.87
CA SER G 60 -24.18 49.39 -64.02
C SER G 60 -25.49 48.71 -64.41
N ARG G 61 -25.53 48.00 -65.53
CA ARG G 61 -26.75 47.31 -65.94
C ARG G 61 -27.12 46.16 -65.01
N PHE G 62 -26.14 45.57 -64.34
CA PHE G 62 -26.40 44.46 -63.43
C PHE G 62 -26.93 45.00 -62.10
N SER G 63 -27.91 44.29 -61.54
CA SER G 63 -28.50 44.70 -60.27
C SER G 63 -28.80 43.48 -59.41
N GLY G 64 -28.79 43.69 -58.11
CA GLY G 64 -29.14 42.63 -57.17
C GLY G 64 -30.04 43.19 -56.09
N SER G 65 -30.91 42.32 -55.58
CA SER G 65 -31.88 42.75 -54.58
C SER G 65 -32.22 41.59 -53.67
N GLY G 66 -32.76 41.92 -52.50
CA GLY G 66 -33.21 40.91 -51.55
C GLY G 66 -32.54 41.07 -50.19
N SER G 67 -33.28 40.71 -49.15
CA SER G 67 -32.78 40.73 -47.77
C SER G 67 -33.36 39.51 -47.06
N GLY G 68 -32.63 38.41 -47.11
CA GLY G 68 -33.09 37.18 -46.49
C GLY G 68 -32.77 35.94 -47.29
N THR G 69 -33.70 34.97 -47.26
CA THR G 69 -33.44 33.67 -47.88
C THR G 69 -33.24 33.80 -49.39
N ASP G 70 -34.09 34.57 -50.05
CA ASP G 70 -34.08 34.67 -51.51
C ASP G 70 -33.44 35.97 -51.95
N PHE G 71 -32.42 35.85 -52.81
CA PHE G 71 -31.77 36.99 -53.43
C PHE G 71 -31.97 36.91 -54.94
N THR G 72 -32.36 38.02 -55.55
CA THR G 72 -32.67 38.06 -56.97
C THR G 72 -31.62 38.89 -57.70
N PHE G 73 -31.30 38.48 -58.92
CA PHE G 73 -30.28 39.10 -59.74
C PHE G 73 -30.85 39.41 -61.11
N THR G 74 -30.66 40.65 -61.56
CA THR G 74 -31.27 41.14 -62.79
C THR G 74 -30.19 41.67 -63.73
N ILE G 75 -30.24 41.23 -64.98
CA ILE G 75 -29.40 41.73 -66.05
C ILE G 75 -30.33 42.41 -67.06
N SER G 76 -30.21 43.74 -67.17
CA SER G 76 -31.07 44.48 -68.09
C SER G 76 -30.65 44.27 -69.54
N SER G 77 -29.34 44.28 -69.81
CA SER G 77 -28.82 44.13 -71.16
C SER G 77 -27.74 43.06 -71.14
N LEU G 78 -28.04 41.89 -71.69
CA LEU G 78 -27.06 40.82 -71.78
C LEU G 78 -26.01 41.15 -72.83
N GLN G 79 -24.75 40.86 -72.51
CA GLN G 79 -23.62 41.18 -73.37
C GLN G 79 -22.79 39.92 -73.63
N PRO G 80 -22.02 39.91 -74.73
CA PRO G 80 -21.19 38.72 -75.02
C PRO G 80 -20.18 38.40 -73.93
N GLU G 81 -19.75 39.40 -73.15
CA GLU G 81 -18.82 39.14 -72.06
C GLU G 81 -19.45 38.38 -70.91
N ASP G 82 -20.77 38.21 -70.91
CA ASP G 82 -21.49 37.57 -69.81
C ASP G 82 -21.79 36.11 -70.08
N ILE G 83 -21.18 35.50 -71.10
CA ILE G 83 -21.36 34.07 -71.36
C ILE G 83 -20.66 33.34 -70.22
N ALA G 84 -21.42 32.80 -69.28
CA ALA G 84 -20.79 32.26 -68.08
C ALA G 84 -21.80 31.40 -67.32
N THR G 85 -21.40 30.95 -66.14
CA THR G 85 -22.27 30.22 -65.23
C THR G 85 -22.19 30.88 -63.86
N TYR G 86 -23.33 31.33 -63.36
CA TYR G 86 -23.42 31.89 -62.01
C TYR G 86 -23.63 30.77 -61.00
N TYR G 87 -22.80 30.77 -59.97
CA TYR G 87 -22.88 29.82 -58.87
C TYR G 87 -22.95 30.60 -57.57
N CYS G 88 -24.01 30.37 -56.79
CA CYS G 88 -24.13 30.89 -55.44
C CYS G 88 -24.40 29.72 -54.51
N GLN G 89 -23.56 29.58 -53.49
CA GLN G 89 -23.55 28.39 -52.65
C GLN G 89 -23.48 28.80 -51.19
N GLN G 90 -23.63 27.82 -50.32
CA GLN G 90 -23.58 28.01 -48.86
C GLN G 90 -22.22 27.52 -48.36
N PHE G 91 -21.28 28.44 -48.20
CA PHE G 91 -19.97 28.13 -47.63
C PHE G 91 -19.94 28.35 -46.12
N ASP G 92 -20.92 27.79 -45.44
CA ASP G 92 -21.04 27.89 -43.99
C ASP G 92 -21.03 26.53 -43.30
N ASN G 93 -21.87 25.60 -43.75
CA ASN G 93 -22.03 24.30 -43.10
C ASN G 93 -21.44 23.22 -44.01
N LEU G 94 -20.27 22.71 -43.62
CA LEU G 94 -19.67 21.61 -44.35
C LEU G 94 -20.46 20.32 -44.12
N PRO G 95 -20.53 19.43 -45.13
CA PRO G 95 -19.90 19.58 -46.45
C PRO G 95 -20.68 20.49 -47.38
N TRP G 96 -19.97 21.11 -48.34
CA TRP G 96 -20.56 22.05 -49.27
C TRP G 96 -21.24 21.29 -50.40
N THR G 97 -22.55 21.09 -50.30
CA THR G 97 -23.32 20.52 -51.39
C THR G 97 -23.41 21.51 -52.54
N PHE G 98 -23.45 20.99 -53.76
CA PHE G 98 -23.42 21.81 -54.95
C PHE G 98 -24.83 22.18 -55.39
N GLY G 99 -24.95 23.34 -56.06
CA GLY G 99 -26.20 23.82 -56.56
C GLY G 99 -26.44 23.46 -58.02
N GLN G 100 -27.56 23.95 -58.55
CA GLN G 100 -27.89 23.69 -59.95
C GLN G 100 -27.03 24.52 -60.89
N GLY G 101 -26.81 25.79 -60.56
CA GLY G 101 -26.01 26.66 -61.40
C GLY G 101 -26.79 27.29 -62.53
N THR G 102 -26.64 28.60 -62.72
CA THR G 102 -27.37 29.32 -63.76
C THR G 102 -26.42 29.58 -64.92
N LYS G 103 -26.50 28.74 -65.95
CA LYS G 103 -25.64 28.87 -67.12
C LYS G 103 -26.31 29.82 -68.11
N VAL G 104 -25.74 31.01 -68.28
CA VAL G 104 -26.27 32.01 -69.20
C VAL G 104 -25.38 32.05 -70.44
N GLU G 105 -25.99 31.72 -71.58
CA GLU G 105 -25.37 31.74 -72.90
C GLU G 105 -26.16 32.66 -73.80
N ILE G 106 -25.47 33.44 -74.63
CA ILE G 106 -26.14 34.37 -75.53
C ILE G 106 -26.48 33.67 -76.84
N ARG G 107 -27.51 34.16 -77.51
CA ARG G 107 -27.88 33.67 -78.83
C ARG G 107 -27.77 34.78 -79.87
#